data_7TR9
#
_entry.id   7TR9
#
_cell.length_a   1.00
_cell.length_b   1.00
_cell.length_c   1.00
_cell.angle_alpha   90.00
_cell.angle_beta   90.00
_cell.angle_gamma   90.00
#
_symmetry.space_group_name_H-M   'P 1'
#
loop_
_entity.id
_entity.type
_entity.pdbx_description
1 polymer Cas8a
2 polymer Cas11a
3 polymer Cas7a
4 polymer Cas5a
5 polymer 'crRNA (45-MER)'
6 polymer 'CRISPR-associated helicase Cas3'
7 polymer 'CRISPR-associated endonuclease Cas3-HD'
8 polymer 'Target strand DNA'
9 polymer 'Non-Target strand DNA'
10 non-polymer 'NICKEL (II) ION'
#
loop_
_entity_poly.entity_id
_entity_poly.type
_entity_poly.pdbx_seq_one_letter_code
_entity_poly.pdbx_strand_id
1 'polypeptide(L)'
;FNEFKTPQIDPIFDLYVAYGYVVSLIRGGAKEATLIPHGASYLIQTDVSNEEFRHGLVDALSSMLSLHIALARHSPREGG
KLVSDADFSAGANINNVYWDSVPRNLEKLMKDLEKKRSVKGTATIPITLMPSAGKYMLKHFGVQGGNPIKVDLLNYALAW
VGFHYYTPYIKYAKGDTTWIHIYQIAPVEEVDMISILSLKDLKMHLPHYYESNLDFLINRRLALLYHLLHSEALELFTEK
EFVIHSYTLERSGNNQAIRSFEEEEIGKLMDFLWKLKRRDFYHAIKFIDDLLKKATEGALALIDAIMNERLEGFYTALKL
GKKAGVVSSREIVAALEDIIC
;
C
2 'polypeptide(L)'
;GGWIRNIGRYLSYLVDDTFEEYAYDVVDGIAKARTQEELLEGVYKALRLAPKLKKKAESKGCPPPRIPSPEDIEALEEKV
EQLSNPKDLRKLAVSLALWAFASWNNCP
;
D,E,F,G,H
3 'polypeptide(L)'
;MYVRISGRIRLNAHSLNAQGGGGTNYIEITKTKVTVRTENGWTVVEVPAITGNMLKHWHFVGFVDYFKTTPYGVNLTERA
LRYNGTRFGQGETTATKANGATVQLNDEATIIKELADADVHGFLAPKTGRRRVSLVKASFILPTEDFIKEVEGERLITAI
KHNRVDVDEKGAIGSSKEGTAQMLFSREYATGLYGFSIVLDLGLVGIPQGLPVKFEENQPRPNIVIDPNERKARIESALK
ALIPMLSGYIGANLARSFPVFKVEELVAIASEGPIPALVHGFYEDYIEANRSIIKNARALGFNIEVFTYNVDLGEDIEAT
KVSSVEELVANLVKMV
;
I,J,K,L,M,N,O
4 'polypeptide(L)'
;MDILLVCLRFPFFSVAKRSYQVRTSFLLPPPSALKGALAKGLILLKPEKYASSSLDEAALKAIKEIESKLVDIKAVSVAP
LSPLIRNAFLLKRLRNLESGSNAEKSDAMRREYTFTRELLVAYIFKNLTQEEKNLYLKAAMLIDVIGDTESLATPVWASF
VKPEDKKAPLAFSAPYTEIYSLLSSKIQAKGKIRMYIEKMRVSPEYSKTKGPQEEIFYLPIEERRYKRIVYYARIYPPEV
EKALTVDGEVLGIWIP
;
P
5 'polyribonucleotide' AUUGAAAGAGUGCUUCCCCAAACCCUUAACUGGUUGUAACAGUUG R
6 'polypeptide(L)'
;ELTGFEPYDYQLRAWEKIREIMNNGGKVIIEVPTAGGKTETAVMPFFAGIYNNNWPVARLVYVLPTRSLVEKQAERLRNL
VYKLLQLKGKSKEEAEKLARELVVVEYGLEKTHAFLGWVVVTTWDAFLYGLAAHRTVGNRFTFPAGAIAQSLVIFDEVQM
YQDESMYMPRLLSLVVGILEEANVPLVIMSATIPSKLREMIAGDTEVITVDKNDKNKPSKGNVKVRLVEGDITDVLNDIK
KILKNGKKVLVVRNTVRKAVETYQVLKKKLNDTLANPSDALLIHSRFTIGDRREKERALDSARLIVATQVVEAGLDLPNV
GLVVTDIAPLDALIQRIGRCARRPGEEGEGIILIPAAAAAAAAAAAAAAAAAAAAAAAAAAAAVVTSTNEYDRVVEIHYG
EGKKNFVYVGDIDTARRVLEKKRSKKLPKDLYIIPYSVSPYPDPLVLLTTYDELSKIGEYLADTTKARKALDRVYKFHYE
NNIVPKEFASYIYFKELKLFSAPPEYEKAAAAAAAAAAAAAAAAAAAAAAAAAAAAAAAAAAAIDAKYYNSELAAAAAAA
AAAAAAAAAAAA
;
A
7 'polypeptide(L)'
;SCKAFQGQTLREHIEAMLAAWEIVKNKYIPSIIRVMKTVGVKFTEEDADKFMKTLIILHDVGKCSEVYQKHLSNNEPLRG
FRHELVSAYYAYNILKDMFKDETIAFIGALVVMMHHEPILMGQIRSLDKEELTPEVVLDKLRTFNGVMEGTESFIKSMIK
EKLGVIPKVPSPTQEDVLREVIRLSVLARHRPDSGKLRMVVGALLIPLVCDYKGAAAAAAAAAAAAAAAAAAAAAAA
;
Q
8 'polydeoxyribonucleotide'
;(DG)(DG)(DG)(DT)(DT)(DG)(DG)(DG)(DG)(DG)(DA)(DA)(DG)(DC)(DA)(DC)(DT)(DG)(DG)(DG)
(DT)(DC)
;
S
9 'polydeoxyribonucleotide' (DG)(DA)(DC)(DC)(DC)(DA)(DG)(DT) T
#
loop_
_chem_comp.id
_chem_comp.type
_chem_comp.name
_chem_comp.formula
A RNA linking ADENOSINE-5'-MONOPHOSPHATE 'C10 H14 N5 O7 P'
C RNA linking CYTIDINE-5'-MONOPHOSPHATE 'C9 H14 N3 O8 P'
DA DNA linking 2'-DEOXYADENOSINE-5'-MONOPHOSPHATE 'C10 H14 N5 O6 P'
DC DNA linking 2'-DEOXYCYTIDINE-5'-MONOPHOSPHATE 'C9 H14 N3 O7 P'
DG DNA linking 2'-DEOXYGUANOSINE-5'-MONOPHOSPHATE 'C10 H14 N5 O7 P'
DT DNA linking THYMIDINE-5'-MONOPHOSPHATE 'C10 H15 N2 O8 P'
G RNA linking GUANOSINE-5'-MONOPHOSPHATE 'C10 H14 N5 O8 P'
NI non-polymer 'NICKEL (II) ION' 'Ni 2'
U RNA linking URIDINE-5'-MONOPHOSPHATE 'C9 H13 N2 O9 P'
#
# COMPACT_ATOMS: atom_id res chain seq x y z
N PHE A 1 41.83 -8.21 61.65
CA PHE A 1 40.91 -7.19 61.19
C PHE A 1 41.44 -5.80 61.49
N ASN A 2 41.62 -5.00 60.44
CA ASN A 2 42.16 -3.65 60.56
C ASN A 2 41.12 -2.56 60.36
N GLU A 3 40.27 -2.68 59.35
CA GLU A 3 39.19 -1.74 59.09
C GLU A 3 39.73 -0.32 58.90
N PHE A 4 40.48 -0.15 57.81
CA PHE A 4 41.06 1.14 57.46
C PHE A 4 39.98 2.21 57.41
N LYS A 5 40.16 3.25 58.23
CA LYS A 5 39.21 4.35 58.26
C LYS A 5 39.26 5.16 56.97
N THR A 6 38.09 5.64 56.55
CA THR A 6 37.96 6.39 55.30
C THR A 6 37.23 7.69 55.60
N PRO A 7 37.85 8.85 55.38
CA PRO A 7 37.16 10.10 55.63
C PRO A 7 36.00 10.32 54.67
N GLN A 8 34.98 11.02 55.16
CA GLN A 8 33.77 11.33 54.40
C GLN A 8 33.80 12.79 54.01
N ILE A 9 33.89 13.06 52.71
CA ILE A 9 33.91 14.43 52.21
C ILE A 9 32.79 14.63 51.20
N ASP A 10 32.82 13.86 50.11
CA ASP A 10 31.84 13.95 49.04
C ASP A 10 31.37 12.55 48.66
N PRO A 11 30.09 12.39 48.33
CA PRO A 11 29.61 11.04 47.94
C PRO A 11 30.30 10.48 46.71
N ILE A 12 30.86 11.33 45.85
CA ILE A 12 31.58 10.87 44.66
C ILE A 12 33.08 10.76 44.91
N PHE A 13 33.65 11.75 45.59
CA PHE A 13 35.08 11.70 45.92
C PHE A 13 35.39 10.53 46.84
N ASP A 14 34.55 10.32 47.84
CA ASP A 14 34.77 9.21 48.77
C ASP A 14 34.66 7.88 48.03
N LEU A 15 33.73 7.78 47.08
CA LEU A 15 33.69 6.61 46.20
C LEU A 15 35.04 6.36 45.54
N TYR A 16 35.64 7.39 44.95
CA TYR A 16 36.91 7.19 44.25
C TYR A 16 38.03 6.82 45.21
N VAL A 17 38.13 7.50 46.36
CA VAL A 17 39.26 7.24 47.24
C VAL A 17 39.13 5.87 47.91
N ALA A 18 37.93 5.53 48.41
CA ALA A 18 37.77 4.25 49.09
C ALA A 18 37.77 3.08 48.11
N TYR A 19 37.14 3.26 46.95
CA TYR A 19 37.09 2.21 45.95
C TYR A 19 38.45 1.97 45.32
N GLY A 20 39.36 2.94 45.41
CA GLY A 20 40.73 2.79 44.97
C GLY A 20 41.65 2.16 45.98
N TYR A 21 41.13 1.75 47.13
CA TYR A 21 41.96 1.07 48.13
C TYR A 21 42.40 -0.30 47.66
N VAL A 22 41.56 -0.98 46.86
CA VAL A 22 41.83 -2.36 46.51
C VAL A 22 43.03 -2.48 45.56
N VAL A 23 43.25 -1.49 44.69
CA VAL A 23 44.33 -1.58 43.72
C VAL A 23 45.69 -1.64 44.39
N SER A 24 45.80 -1.15 45.62
CA SER A 24 47.03 -1.20 46.38
C SER A 24 47.17 -2.46 47.22
N LEU A 25 46.07 -2.92 47.83
CA LEU A 25 46.15 -4.13 48.65
C LEU A 25 46.29 -5.38 47.80
N ILE A 26 45.81 -5.35 46.56
CA ILE A 26 46.05 -6.47 45.64
C ILE A 26 47.54 -6.62 45.38
N ARG A 27 48.24 -5.50 45.15
CA ARG A 27 49.68 -5.54 44.98
C ARG A 27 50.39 -6.06 46.23
N GLY A 28 49.81 -5.86 47.41
CA GLY A 28 50.37 -6.37 48.65
C GLY A 28 49.71 -7.62 49.19
N GLY A 29 48.89 -8.31 48.41
CA GLY A 29 48.22 -9.51 48.89
C GLY A 29 46.85 -9.24 49.46
N ALA A 30 46.77 -9.17 50.80
CA ALA A 30 45.53 -8.90 51.52
C ALA A 30 44.43 -9.91 51.16
N LYS A 31 44.72 -11.18 51.45
CA LYS A 31 43.76 -12.24 51.23
C LYS A 31 42.58 -12.10 52.20
N GLU A 32 41.41 -12.53 51.74
CA GLU A 32 40.17 -12.48 52.54
C GLU A 32 39.84 -11.05 52.94
N ALA A 33 39.59 -10.22 51.93
CA ALA A 33 39.20 -8.83 52.11
C ALA A 33 37.76 -8.64 51.67
N THR A 34 37.16 -7.55 52.15
CA THR A 34 35.79 -7.21 51.75
C THR A 34 35.62 -5.70 51.83
N LEU A 35 34.55 -5.22 51.19
CA LEU A 35 34.22 -3.80 51.17
C LEU A 35 32.75 -3.65 51.55
N ILE A 36 32.49 -3.20 52.77
CA ILE A 36 31.13 -3.02 53.26
C ILE A 36 30.64 -1.65 52.79
N PRO A 37 29.54 -1.58 52.04
CA PRO A 37 29.03 -0.28 51.61
C PRO A 37 28.41 0.50 52.75
N HIS A 38 28.44 1.82 52.62
CA HIS A 38 27.78 2.73 53.54
C HIS A 38 27.07 3.87 52.81
N GLY A 39 26.84 3.74 51.52
CA GLY A 39 26.29 4.82 50.72
C GLY A 39 27.32 5.83 50.27
N ALA A 40 28.10 6.36 51.21
CA ALA A 40 29.18 7.28 50.88
C ALA A 40 30.49 6.95 51.56
N SER A 41 30.49 6.25 52.70
CA SER A 41 31.74 5.93 53.39
C SER A 41 32.47 4.79 52.69
N TYR A 42 31.77 3.67 52.45
CA TYR A 42 32.29 2.55 51.67
C TYR A 42 33.57 1.99 52.29
N LEU A 43 33.42 1.41 53.48
CA LEU A 43 34.58 1.08 54.29
C LEU A 43 35.14 -0.29 53.92
N ILE A 44 36.47 -0.40 53.89
CA ILE A 44 37.13 -1.66 53.57
C ILE A 44 37.43 -2.41 54.87
N GLN A 45 37.04 -3.67 54.91
CA GLN A 45 37.32 -4.56 56.04
C GLN A 45 38.32 -5.60 55.55
N THR A 46 39.56 -5.48 56.03
CA THR A 46 40.64 -6.38 55.64
C THR A 46 41.52 -6.65 56.85
N ASP A 47 41.91 -7.90 57.04
CA ASP A 47 42.78 -8.28 58.15
C ASP A 47 44.24 -8.29 57.69
N VAL A 48 44.73 -7.11 57.35
CA VAL A 48 46.09 -6.95 56.84
C VAL A 48 46.74 -5.77 57.54
N SER A 49 48.07 -5.78 57.55
CA SER A 49 48.85 -4.74 58.21
C SER A 49 48.91 -3.47 57.36
N ASN A 50 49.26 -2.37 58.01
CA ASN A 50 49.34 -1.07 57.33
C ASN A 50 50.62 -0.93 56.52
N GLU A 51 51.65 -1.73 56.81
CA GLU A 51 52.93 -1.56 56.14
C GLU A 51 52.83 -1.88 54.65
N GLU A 52 52.12 -2.96 54.30
CA GLU A 52 51.98 -3.35 52.90
C GLU A 52 51.10 -2.39 52.12
N PHE A 53 50.30 -1.57 52.79
CA PHE A 53 49.49 -0.58 52.09
C PHE A 53 50.37 0.40 51.33
N ARG A 54 51.44 0.87 51.97
CA ARG A 54 52.38 1.76 51.29
C ARG A 54 53.17 1.03 50.22
N HIS A 55 53.45 -0.26 50.40
CA HIS A 55 54.09 -1.05 49.36
C HIS A 55 53.19 -1.18 48.12
N GLY A 56 51.88 -1.21 48.32
CA GLY A 56 50.95 -1.14 47.21
C GLY A 56 50.99 0.20 46.51
N LEU A 57 51.00 1.28 47.31
CA LEU A 57 51.00 2.62 46.74
C LEU A 57 52.27 2.91 45.94
N VAL A 58 53.43 2.45 46.43
CA VAL A 58 54.66 2.73 45.69
C VAL A 58 54.66 2.03 44.33
N ASP A 59 54.18 0.79 44.25
CA ASP A 59 54.04 0.11 42.97
C ASP A 59 53.02 0.79 42.06
N ALA A 60 51.88 1.20 42.62
CA ALA A 60 50.87 1.89 41.82
C ALA A 60 51.41 3.19 41.24
N LEU A 61 52.10 3.98 42.05
CA LEU A 61 52.66 5.24 41.57
C LEU A 61 53.84 5.02 40.64
N SER A 62 54.58 3.92 40.80
CA SER A 62 55.59 3.57 39.80
C SER A 62 54.95 3.31 38.45
N SER A 63 53.82 2.60 38.44
CA SER A 63 53.09 2.40 37.20
C SER A 63 52.60 3.73 36.63
N MET A 64 52.08 4.61 37.49
CA MET A 64 51.61 5.92 37.02
C MET A 64 52.75 6.72 36.40
N LEU A 65 53.91 6.76 37.05
CA LEU A 65 55.01 7.54 36.51
C LEU A 65 55.56 6.92 35.22
N SER A 66 55.57 5.59 35.15
CA SER A 66 55.98 4.94 33.90
C SER A 66 55.03 5.29 32.76
N LEU A 67 53.73 5.33 33.03
CA LEU A 67 52.78 5.75 32.00
C LEU A 67 52.97 7.22 31.63
N HIS A 68 53.20 8.08 32.64
CA HIS A 68 53.25 9.52 32.39
C HIS A 68 54.50 9.91 31.60
N ILE A 69 55.67 9.44 32.04
CA ILE A 69 56.91 9.86 31.39
C ILE A 69 57.00 9.30 29.97
N ALA A 70 56.33 8.17 29.71
CA ALA A 70 56.40 7.58 28.37
C ALA A 70 55.82 8.51 27.32
N LEU A 71 54.69 9.15 27.62
CA LEU A 71 54.04 10.05 26.68
C LEU A 71 54.36 11.50 27.00
N ALA A 72 54.09 12.37 26.02
CA ALA A 72 54.31 13.80 26.18
C ALA A 72 53.41 14.60 25.25
N LYS A 81 58.05 22.01 32.26
CA LYS A 81 56.68 21.51 32.31
C LYS A 81 56.44 20.44 31.25
N LEU A 82 55.99 19.27 31.68
CA LEU A 82 55.72 18.15 30.79
C LEU A 82 54.29 17.69 31.00
N VAL A 83 53.55 17.54 29.90
CA VAL A 83 52.16 17.11 29.92
C VAL A 83 52.03 15.85 29.09
N SER A 84 51.50 14.79 29.68
CA SER A 84 51.27 13.54 28.97
C SER A 84 49.87 13.53 28.38
N ASP A 85 49.43 12.37 27.89
CA ASP A 85 48.11 12.19 27.31
C ASP A 85 47.38 11.04 27.99
N ALA A 86 47.66 10.83 29.27
CA ALA A 86 47.07 9.73 30.03
C ALA A 86 45.79 10.21 30.72
N ASP A 87 45.14 9.27 31.42
CA ASP A 87 43.91 9.60 32.13
C ASP A 87 44.16 10.63 33.23
N PHE A 88 45.26 10.47 33.97
CA PHE A 88 45.58 11.35 35.08
C PHE A 88 46.34 12.60 34.67
N SER A 89 46.67 12.75 33.40
CA SER A 89 47.44 13.89 32.92
C SER A 89 46.62 14.80 32.01
N ALA A 90 46.10 14.28 30.89
CA ALA A 90 45.31 15.09 29.99
C ALA A 90 44.08 14.39 29.43
N GLY A 91 43.84 13.13 29.78
CA GLY A 91 42.69 12.41 29.25
C GLY A 91 41.37 12.94 29.79
N ALA A 92 41.13 12.71 31.08
CA ALA A 92 39.93 13.23 31.73
C ALA A 92 40.14 14.61 32.36
N ASN A 93 41.37 15.11 32.36
CA ASN A 93 41.68 16.40 32.96
C ASN A 93 41.26 17.51 32.01
N ILE A 94 40.32 18.35 32.45
CA ILE A 94 39.83 19.43 31.61
C ILE A 94 40.61 20.72 31.83
N ASN A 95 41.23 20.89 32.99
CA ASN A 95 41.98 22.10 33.31
C ASN A 95 43.46 21.88 33.05
N ASN A 96 44.07 22.83 32.33
CA ASN A 96 45.48 22.68 31.96
C ASN A 96 46.40 22.91 33.17
N VAL A 97 45.96 23.68 34.16
CA VAL A 97 46.79 23.96 35.31
C VAL A 97 47.08 22.68 36.10
N TYR A 98 46.19 21.70 36.01
CA TYR A 98 46.40 20.41 36.65
C TYR A 98 47.09 19.40 35.75
N TRP A 99 47.41 19.78 34.50
CA TRP A 99 48.12 18.87 33.61
C TRP A 99 49.51 18.57 34.13
N ASP A 100 50.18 19.54 34.74
CA ASP A 100 51.50 19.35 35.32
C ASP A 100 51.50 19.31 36.85
N SER A 101 50.54 19.98 37.50
CA SER A 101 50.49 19.97 38.96
C SER A 101 50.16 18.58 39.50
N VAL A 102 49.21 17.89 38.87
CA VAL A 102 48.83 16.56 39.35
C VAL A 102 49.98 15.57 39.28
N PRO A 103 50.69 15.40 38.15
CA PRO A 103 51.83 14.47 38.16
C PRO A 103 52.91 14.87 39.14
N ARG A 104 53.13 16.16 39.35
CA ARG A 104 54.15 16.61 40.28
C ARG A 104 53.88 16.08 41.68
N ASN A 105 52.62 16.08 42.10
CA ASN A 105 52.27 15.46 43.37
C ASN A 105 52.53 13.96 43.34
N LEU A 106 52.20 13.30 42.21
CA LEU A 106 52.33 11.85 42.13
C LEU A 106 53.78 11.42 42.30
N GLU A 107 54.71 12.12 41.64
CA GLU A 107 56.12 11.83 41.84
C GLU A 107 56.64 12.32 43.18
N LYS A 108 55.93 13.28 43.80
CA LYS A 108 56.37 13.81 45.08
C LYS A 108 56.39 12.74 46.15
N LEU A 109 55.40 11.83 46.12
CA LEU A 109 55.37 10.73 47.08
C LEU A 109 56.57 9.81 46.92
N MET A 110 57.25 9.84 45.77
CA MET A 110 58.49 9.08 45.61
C MET A 110 59.56 9.53 46.58
N LYS A 111 59.50 10.79 47.02
CA LYS A 111 60.41 11.30 48.04
C LYS A 111 59.83 11.18 49.44
N ASP A 112 58.65 10.59 49.58
CA ASP A 112 57.97 10.46 50.86
C ASP A 112 57.65 9.03 51.24
N LEU A 113 57.20 8.19 50.30
CA LEU A 113 56.78 6.84 50.61
C LEU A 113 57.91 5.83 50.56
N GLU A 114 58.95 6.08 49.76
CA GLU A 114 60.02 5.10 49.60
C GLU A 114 60.79 4.89 50.89
N LYS A 115 61.07 5.97 51.63
CA LYS A 115 61.83 5.89 52.87
C LYS A 115 60.94 5.86 54.10
N LYS A 116 59.68 5.47 53.96
CA LYS A 116 58.75 5.26 55.07
C LYS A 116 58.57 6.54 55.90
N ARG A 117 58.02 7.57 55.24
CA ARG A 117 57.67 8.82 55.90
C ARG A 117 56.24 9.17 55.56
N SER A 118 55.50 9.62 56.58
CA SER A 118 54.10 9.99 56.39
C SER A 118 53.99 11.30 55.61
N VAL A 119 52.78 11.53 55.08
CA VAL A 119 52.55 12.74 54.30
C VAL A 119 52.42 13.95 55.22
N LYS A 120 52.92 15.09 54.75
CA LYS A 120 52.82 16.35 55.48
C LYS A 120 52.19 17.47 54.68
N GLY A 121 52.21 17.42 53.35
CA GLY A 121 51.60 18.45 52.54
C GLY A 121 50.11 18.24 52.35
N THR A 122 49.49 19.20 51.67
CA THR A 122 48.05 19.16 51.42
C THR A 122 47.78 19.89 50.12
N ALA A 123 47.21 19.20 49.14
CA ALA A 123 47.03 19.74 47.79
C ALA A 123 45.57 20.13 47.57
N THR A 124 45.30 20.59 46.35
CA THR A 124 43.97 21.02 45.95
C THR A 124 43.37 20.02 44.96
N ILE A 125 42.18 19.53 45.27
CA ILE A 125 41.53 18.53 44.41
C ILE A 125 40.95 19.24 43.18
N PRO A 126 41.16 18.73 41.98
CA PRO A 126 40.52 19.30 40.79
C PRO A 126 39.07 18.85 40.70
N ILE A 127 38.41 19.32 39.64
CA ILE A 127 36.99 19.03 39.46
C ILE A 127 36.78 17.63 38.86
N THR A 128 37.77 17.10 38.16
CA THR A 128 37.59 15.82 37.46
C THR A 128 37.32 14.69 38.43
N LEU A 129 38.08 14.62 39.53
CA LEU A 129 37.85 13.57 40.51
C LEU A 129 36.62 13.83 41.36
N MET A 130 36.23 15.09 41.51
CA MET A 130 35.09 15.42 42.36
C MET A 130 34.41 16.67 41.83
N PRO A 131 33.21 16.53 41.26
CA PRO A 131 32.57 17.66 40.57
C PRO A 131 32.12 18.78 41.48
N SER A 132 31.89 18.51 42.77
CA SER A 132 31.42 19.54 43.69
C SER A 132 32.48 20.59 43.99
N ALA A 133 33.73 20.38 43.57
CA ALA A 133 34.78 21.37 43.78
C ALA A 133 34.50 22.62 42.93
N GLY A 134 35.28 23.67 43.19
CA GLY A 134 35.09 24.90 42.46
C GLY A 134 35.94 26.02 43.01
N LYS A 135 35.47 27.25 42.79
CA LYS A 135 36.22 28.43 43.18
C LYS A 135 35.35 29.36 44.03
N TYR A 136 34.03 29.27 43.86
CA TYR A 136 33.10 30.22 44.46
C TYR A 136 32.10 29.45 45.32
N MET A 137 32.43 29.26 46.60
CA MET A 137 31.53 28.65 47.56
C MET A 137 30.67 29.71 48.23
N LEU A 138 29.66 29.25 48.95
CA LEU A 138 28.74 30.11 49.71
C LEU A 138 28.74 29.64 51.16
N LYS A 139 29.07 30.55 52.08
CA LYS A 139 29.07 30.23 53.50
C LYS A 139 28.02 30.99 54.28
N HIS A 140 28.03 32.32 54.26
CA HIS A 140 26.97 33.13 54.84
C HIS A 140 26.52 34.25 53.92
N PHE A 141 27.44 34.88 53.20
CA PHE A 141 27.14 35.99 52.31
C PHE A 141 28.26 36.11 51.29
N GLY A 142 27.90 36.06 50.02
CA GLY A 142 28.89 36.22 48.97
C GLY A 142 29.78 34.99 48.83
N VAL A 143 30.81 35.16 48.01
CA VAL A 143 31.71 34.07 47.65
C VAL A 143 33.11 34.35 48.20
N GLN A 144 34.02 33.41 47.99
CA GLN A 144 35.39 33.53 48.49
C GLN A 144 36.39 33.40 47.35
N GLY A 145 37.68 33.34 47.68
CA GLY A 145 38.73 33.21 46.69
C GLY A 145 39.42 31.87 46.79
N GLY A 146 39.86 31.36 45.65
CA GLY A 146 40.52 30.07 45.61
C GLY A 146 39.54 28.92 45.80
N ASN A 147 40.11 27.75 46.07
CA ASN A 147 39.31 26.56 46.32
C ASN A 147 39.35 26.21 47.80
N PRO A 148 38.28 26.46 48.56
CA PRO A 148 38.29 26.11 49.99
C PRO A 148 38.45 24.62 50.25
N ILE A 149 38.07 23.77 49.30
CA ILE A 149 38.19 22.33 49.48
C ILE A 149 39.65 21.95 49.26
N LYS A 150 40.35 21.62 50.34
CA LYS A 150 41.76 21.26 50.30
C LYS A 150 41.92 19.86 50.85
N VAL A 151 42.55 18.97 50.06
CA VAL A 151 42.60 17.55 50.37
C VAL A 151 44.04 17.18 50.70
N ASP A 152 44.22 16.43 51.79
CA ASP A 152 45.54 15.96 52.17
C ASP A 152 46.11 15.01 51.11
N LEU A 153 47.44 14.98 51.02
CA LEU A 153 48.10 14.18 50.00
C LEU A 153 47.78 12.69 50.14
N LEU A 154 47.56 12.23 51.37
CA LEU A 154 47.26 10.82 51.59
C LEU A 154 45.98 10.41 50.85
N ASN A 155 44.90 11.15 51.08
CA ASN A 155 43.65 10.88 50.36
C ASN A 155 43.71 11.36 48.92
N TYR A 156 44.59 12.31 48.61
CA TYR A 156 44.69 12.80 47.24
C TYR A 156 45.27 11.75 46.31
N ALA A 157 46.32 11.06 46.75
CA ALA A 157 46.96 10.06 45.90
C ALA A 157 46.10 8.80 45.77
N LEU A 158 45.30 8.50 46.80
CA LEU A 158 44.47 7.30 46.78
C LEU A 158 43.30 7.40 45.82
N ALA A 159 43.03 8.59 45.26
CA ALA A 159 41.91 8.76 44.35
C ALA A 159 42.31 8.51 42.89
N TRP A 160 43.47 9.03 42.48
CA TRP A 160 43.89 8.88 41.08
C TRP A 160 44.18 7.43 40.73
N VAL A 161 44.71 6.66 41.69
CA VAL A 161 45.02 5.27 41.43
C VAL A 161 43.76 4.46 41.15
N GLY A 162 42.66 4.77 41.84
CA GLY A 162 41.40 4.10 41.58
C GLY A 162 40.68 4.68 40.37
N PHE A 163 40.98 5.95 40.06
CA PHE A 163 40.35 6.59 38.91
C PHE A 163 40.91 6.08 37.59
N HIS A 164 42.23 5.89 37.52
CA HIS A 164 42.84 5.53 36.24
C HIS A 164 42.48 4.11 35.84
N TYR A 165 42.48 3.17 36.79
CA TYR A 165 42.32 1.76 36.45
C TYR A 165 40.87 1.32 36.37
N TYR A 166 40.02 1.79 37.28
CA TYR A 166 38.68 1.24 37.44
C TYR A 166 37.61 2.00 36.67
N THR A 167 37.42 3.28 36.96
CA THR A 167 36.35 4.04 36.34
C THR A 167 36.74 4.43 34.92
N PRO A 168 35.91 4.15 33.92
CA PRO A 168 36.23 4.54 32.54
C PRO A 168 35.80 5.97 32.26
N TYR A 169 36.24 6.47 31.10
CA TYR A 169 35.84 7.79 30.65
C TYR A 169 35.92 7.83 29.13
N ILE A 170 35.15 8.73 28.54
CA ILE A 170 35.07 8.91 27.09
C ILE A 170 35.36 10.36 26.78
N LYS A 171 36.28 10.60 25.84
CA LYS A 171 36.67 11.94 25.44
C LYS A 171 36.40 12.12 23.96
N TYR A 172 35.74 13.23 23.61
CA TYR A 172 35.45 13.57 22.22
C TYR A 172 35.67 15.07 22.07
N ALA A 173 36.74 15.45 21.39
CA ALA A 173 37.17 16.84 21.38
C ALA A 173 36.55 17.63 20.22
N LYS A 174 36.84 17.26 18.98
CA LYS A 174 36.35 18.09 17.84
C LYS A 174 37.00 19.46 17.93
N GLY A 175 38.33 19.54 17.89
CA GLY A 175 39.08 20.80 17.88
C GLY A 175 38.96 21.57 19.19
N ASP A 176 38.48 22.80 19.12
CA ASP A 176 38.53 23.70 20.28
C ASP A 176 37.67 23.17 21.43
N THR A 177 36.47 22.69 21.14
CA THR A 177 35.61 22.16 22.19
C THR A 177 36.12 20.80 22.66
N THR A 178 35.51 20.30 23.74
CA THR A 178 35.91 19.02 24.32
C THR A 178 34.80 18.53 25.24
N TRP A 179 34.38 17.28 25.06
CA TRP A 179 33.39 16.64 25.91
C TRP A 179 34.04 15.44 26.59
N ILE A 180 33.97 15.40 27.92
CA ILE A 180 34.51 14.30 28.70
C ILE A 180 33.38 13.75 29.57
N HIS A 181 33.09 12.46 29.41
CA HIS A 181 32.06 11.79 30.20
C HIS A 181 32.71 10.73 31.07
N ILE A 182 32.44 10.78 32.38
CA ILE A 182 33.03 9.86 33.35
C ILE A 182 31.91 9.04 33.97
N TYR A 183 32.08 7.72 33.94
CA TYR A 183 31.13 6.77 34.50
C TYR A 183 31.84 5.94 35.55
N GLN A 184 31.14 5.64 36.66
CA GLN A 184 31.68 4.73 37.65
C GLN A 184 30.55 3.94 38.32
N ILE A 185 30.87 2.69 38.65
CA ILE A 185 29.95 1.78 39.32
C ILE A 185 30.17 1.89 40.82
N ALA A 186 29.08 2.04 41.57
CA ALA A 186 29.14 2.14 43.02
C ALA A 186 28.34 1.01 43.64
N PRO A 187 28.95 0.14 44.44
CA PRO A 187 28.18 -0.89 45.13
C PRO A 187 27.25 -0.28 46.16
N VAL A 188 26.10 -0.92 46.35
CA VAL A 188 25.09 -0.38 47.26
C VAL A 188 24.63 -1.37 48.32
N GLU A 189 24.74 -2.68 48.11
CA GLU A 189 24.32 -3.61 49.15
C GLU A 189 25.44 -4.51 49.64
N GLU A 190 26.17 -5.17 48.75
CA GLU A 190 27.38 -5.91 49.09
C GLU A 190 28.28 -5.93 47.86
N VAL A 191 29.55 -6.22 48.09
CA VAL A 191 30.53 -6.32 47.01
C VAL A 191 31.73 -7.09 47.55
N ASP A 192 32.45 -7.76 46.65
CA ASP A 192 33.62 -8.54 46.99
C ASP A 192 34.69 -8.32 45.93
N MET A 193 35.82 -9.04 46.10
CA MET A 193 36.92 -8.92 45.16
C MET A 193 36.55 -9.39 43.75
N ILE A 194 35.52 -10.23 43.63
CA ILE A 194 35.11 -10.71 42.31
C ILE A 194 34.53 -9.57 41.47
N SER A 195 33.81 -8.64 42.08
CA SER A 195 33.14 -7.58 41.33
C SER A 195 34.02 -6.35 41.13
N ILE A 196 34.73 -5.92 42.18
CA ILE A 196 35.53 -4.71 42.08
C ILE A 196 36.68 -4.90 41.09
N LEU A 197 37.29 -6.08 41.07
CA LEU A 197 38.33 -6.35 40.10
C LEU A 197 37.77 -6.47 38.69
N SER A 198 36.56 -7.02 38.55
CA SER A 198 35.94 -7.14 37.23
C SER A 198 35.60 -5.78 36.66
N LEU A 199 35.17 -4.84 37.51
CA LEU A 199 34.85 -3.49 37.05
C LEU A 199 36.07 -2.78 36.49
N LYS A 200 37.28 -3.23 36.85
CA LYS A 200 38.49 -2.61 36.31
C LYS A 200 38.62 -2.82 34.82
N ASP A 201 38.05 -3.91 34.29
CA ASP A 201 38.15 -4.22 32.87
C ASP A 201 37.43 -3.22 31.99
N LEU A 202 36.51 -2.43 32.55
CA LEU A 202 35.71 -1.51 31.76
C LEU A 202 36.48 -0.26 31.33
N LYS A 203 37.66 -0.02 31.88
CA LYS A 203 38.39 1.21 31.62
C LYS A 203 38.84 1.29 30.17
N MET A 204 38.63 2.45 29.55
CA MET A 204 39.06 2.73 28.18
C MET A 204 40.28 3.64 28.25
N HIS A 205 41.46 3.06 28.04
CA HIS A 205 42.68 3.86 27.98
C HIS A 205 42.79 4.58 26.64
N LEU A 206 43.15 5.87 26.69
CA LEU A 206 43.28 6.72 25.52
C LEU A 206 42.03 6.70 24.67
N PRO A 207 40.90 7.22 25.17
CA PRO A 207 39.65 7.26 24.40
C PRO A 207 39.51 8.51 23.54
N HIS A 208 40.56 8.81 22.77
CA HIS A 208 40.59 10.00 21.91
C HIS A 208 40.13 9.57 20.52
N TYR A 209 38.88 9.89 20.19
CA TYR A 209 38.27 9.44 18.94
C TYR A 209 38.37 10.48 17.82
N TYR A 210 38.00 11.72 18.10
CA TYR A 210 38.00 12.83 17.15
C TYR A 210 37.49 12.45 15.76
N GLU A 211 38.10 13.02 14.73
CA GLU A 211 37.54 13.03 13.37
C GLU A 211 36.10 13.51 13.35
N SER A 212 35.34 13.12 12.32
CA SER A 212 33.97 13.56 12.19
C SER A 212 33.04 12.36 12.01
N ASN A 213 33.58 11.25 11.49
CA ASN A 213 32.77 10.06 11.31
C ASN A 213 32.31 9.50 12.66
N LEU A 214 33.17 9.55 13.67
CA LEU A 214 32.82 9.07 15.01
C LEU A 214 32.09 10.14 15.82
N ASP A 215 30.99 10.66 15.28
CA ASP A 215 30.33 11.77 16.02
C ASP A 215 29.33 11.18 17.02
N PHE A 216 29.03 9.89 16.90
CA PHE A 216 28.02 9.29 17.76
C PHE A 216 28.29 9.52 19.23
N LEU A 217 29.48 9.98 19.61
CA LEU A 217 29.80 10.26 21.01
C LEU A 217 29.07 11.46 21.56
N ILE A 218 28.19 12.10 20.79
CA ILE A 218 27.38 13.19 21.31
C ILE A 218 26.49 12.67 22.42
N ASN A 219 26.39 13.45 23.50
CA ASN A 219 25.58 13.14 24.67
C ASN A 219 26.18 12.00 25.48
N ARG A 220 26.09 12.12 26.81
CA ARG A 220 26.64 11.11 27.71
C ARG A 220 25.85 9.81 27.65
N ARG A 221 24.51 9.92 27.65
CA ARG A 221 23.66 8.73 27.63
C ARG A 221 23.86 7.91 26.37
N LEU A 222 24.39 8.51 25.31
CA LEU A 222 24.72 7.77 24.09
C LEU A 222 26.15 7.27 24.08
N ALA A 223 27.07 7.98 24.73
CA ALA A 223 28.46 7.52 24.79
C ALA A 223 28.61 6.32 25.72
N LEU A 224 27.76 6.22 26.75
CA LEU A 224 27.85 5.07 27.65
C LEU A 224 27.56 3.76 26.90
N LEU A 225 26.60 3.78 25.98
CA LEU A 225 26.31 2.58 25.21
C LEU A 225 27.50 2.17 24.36
N TYR A 226 28.16 3.14 23.72
CA TYR A 226 29.31 2.80 22.89
C TYR A 226 30.47 2.29 23.72
N HIS A 227 30.67 2.89 24.91
CA HIS A 227 31.70 2.38 25.82
C HIS A 227 31.41 0.94 26.23
N LEU A 228 30.15 0.64 26.54
CA LEU A 228 29.77 -0.68 27.00
C LEU A 228 29.77 -1.72 25.89
N LEU A 229 29.56 -1.30 24.64
CA LEU A 229 29.40 -2.26 23.55
C LEU A 229 30.65 -3.11 23.37
N HIS A 230 31.81 -2.47 23.28
CA HIS A 230 33.05 -3.18 22.98
C HIS A 230 33.74 -3.75 24.21
N SER A 231 33.01 -3.90 25.33
CA SER A 231 33.56 -4.46 26.56
C SER A 231 32.58 -5.50 27.08
N GLU A 232 32.74 -6.75 26.63
CA GLU A 232 31.91 -7.86 27.10
C GLU A 232 32.52 -8.41 28.40
N ALA A 233 32.39 -7.61 29.46
CA ALA A 233 32.98 -7.94 30.75
C ALA A 233 32.08 -8.94 31.48
N LEU A 234 32.34 -9.12 32.77
CA LEU A 234 31.55 -10.06 33.56
C LEU A 234 30.11 -9.59 33.67
N GLU A 235 29.19 -10.55 33.56
CA GLU A 235 27.74 -10.28 33.61
C GLU A 235 27.14 -10.66 34.96
N LEU A 236 27.88 -10.44 36.05
CA LEU A 236 27.40 -10.80 37.38
C LEU A 236 26.23 -9.94 37.84
N PHE A 237 25.94 -8.85 37.14
CA PHE A 237 24.89 -7.92 37.58
C PHE A 237 23.51 -8.54 37.52
N THR A 238 23.34 -9.64 36.79
CA THR A 238 22.05 -10.33 36.77
C THR A 238 21.68 -10.91 38.12
N GLU A 239 22.68 -11.18 38.98
CA GLU A 239 22.44 -11.64 40.33
C GLU A 239 22.85 -10.63 41.40
N LYS A 240 23.65 -9.63 41.04
CA LYS A 240 24.07 -8.60 41.98
C LYS A 240 23.27 -7.31 41.73
N GLU A 241 23.62 -6.27 42.49
CA GLU A 241 22.94 -4.99 42.39
C GLU A 241 23.98 -3.88 42.42
N PHE A 242 23.97 -3.02 41.40
CA PHE A 242 24.95 -1.94 41.29
C PHE A 242 24.31 -0.74 40.62
N VAL A 243 24.92 0.43 40.85
CA VAL A 243 24.42 1.70 40.36
C VAL A 243 25.53 2.40 39.59
N ILE A 244 25.13 3.07 38.50
CA ILE A 244 26.05 3.84 37.67
C ILE A 244 25.89 5.31 38.00
N HIS A 245 27.01 6.00 38.22
CA HIS A 245 27.04 7.44 38.43
C HIS A 245 27.91 8.05 37.34
N SER A 246 27.40 9.10 36.69
CA SER A 246 28.07 9.68 35.54
C SER A 246 28.06 11.20 35.63
N TYR A 247 29.13 11.82 35.15
CA TYR A 247 29.20 13.27 35.10
C TYR A 247 30.03 13.72 33.91
N THR A 248 29.75 14.93 33.43
CA THR A 248 30.37 15.47 32.23
C THR A 248 31.19 16.71 32.56
N LEU A 249 32.27 16.90 31.82
CA LEU A 249 33.14 18.08 31.92
C LEU A 249 33.20 18.71 30.53
N GLU A 250 32.23 19.58 30.25
CA GLU A 250 32.17 20.23 28.93
C GLU A 250 33.17 21.38 28.86
N ARG A 251 33.79 21.53 27.69
CA ARG A 251 34.74 22.59 27.41
C ARG A 251 34.42 23.23 26.06
N SER A 252 33.14 23.54 25.86
CA SER A 252 32.70 24.14 24.59
C SER A 252 33.27 25.55 24.47
N GLY A 253 34.07 25.77 23.43
CA GLY A 253 34.71 27.06 23.27
C GLY A 253 35.67 27.42 24.39
N ASN A 254 36.43 26.44 24.87
CA ASN A 254 37.37 26.64 25.97
C ASN A 254 36.66 27.18 27.22
N ASN A 255 35.49 26.63 27.52
CA ASN A 255 34.69 27.03 28.67
C ASN A 255 34.49 25.79 29.55
N GLN A 256 35.34 25.64 30.56
CA GLN A 256 35.30 24.48 31.43
C GLN A 256 34.13 24.60 32.40
N ALA A 257 33.10 23.78 32.20
CA ALA A 257 31.94 23.77 33.09
C ALA A 257 31.22 22.45 32.93
N ILE A 258 30.42 22.11 33.94
CA ILE A 258 29.62 20.89 33.93
C ILE A 258 28.18 21.26 33.58
N ARG A 259 27.64 20.65 32.53
CA ARG A 259 26.29 20.93 32.09
C ARG A 259 25.37 19.71 32.13
N SER A 260 25.90 18.52 32.38
CA SER A 260 25.09 17.31 32.44
C SER A 260 25.55 16.46 33.62
N PHE A 261 24.61 16.13 34.51
CA PHE A 261 24.90 15.29 35.67
C PHE A 261 23.60 14.59 36.07
N GLU A 262 23.48 13.31 35.71
CA GLU A 262 22.30 12.53 36.01
C GLU A 262 22.71 11.23 36.68
N GLU A 263 21.77 10.65 37.42
CA GLU A 263 21.98 9.39 38.13
C GLU A 263 21.09 8.33 37.51
N GLU A 264 21.70 7.23 37.07
CA GLU A 264 20.95 6.11 36.50
C GLU A 264 21.35 4.80 37.16
N GLU A 265 20.84 3.69 36.64
CA GLU A 265 21.19 2.37 37.13
C GLU A 265 21.68 1.51 35.98
N ILE A 266 22.69 0.68 36.25
CA ILE A 266 23.37 -0.09 35.22
C ILE A 266 22.85 -1.53 35.11
N GLY A 267 22.10 -2.01 36.11
CA GLY A 267 21.69 -3.41 36.10
C GLY A 267 20.80 -3.76 34.92
N LYS A 268 19.83 -2.90 34.62
CA LYS A 268 18.93 -3.17 33.50
C LYS A 268 19.67 -3.10 32.17
N LEU A 269 20.64 -2.21 32.04
CA LEU A 269 21.46 -2.18 30.83
C LEU A 269 22.31 -3.45 30.70
N MET A 270 22.88 -3.90 31.82
CA MET A 270 23.56 -5.19 31.84
C MET A 270 22.66 -6.30 31.33
N ASP A 271 21.43 -6.38 31.88
CA ASP A 271 20.52 -7.44 31.47
C ASP A 271 20.11 -7.30 30.01
N PHE A 272 19.90 -6.08 29.54
CA PHE A 272 19.54 -5.86 28.15
C PHE A 272 20.62 -6.38 27.21
N LEU A 273 21.87 -5.99 27.45
CA LEU A 273 22.94 -6.45 26.56
C LEU A 273 23.19 -7.95 26.71
N TRP A 274 23.06 -8.49 27.93
CA TRP A 274 23.26 -9.92 28.14
C TRP A 274 22.20 -10.74 27.41
N LYS A 275 20.95 -10.28 27.43
CA LYS A 275 19.87 -10.96 26.72
C LYS A 275 19.92 -10.71 25.23
N LEU A 276 20.56 -9.63 24.79
CA LEU A 276 20.67 -9.34 23.36
C LEU A 276 21.77 -10.17 22.71
N LYS A 277 22.99 -10.13 23.27
CA LYS A 277 24.13 -10.83 22.69
C LYS A 277 24.23 -12.26 23.22
N ARG A 278 23.21 -13.05 22.90
CA ARG A 278 23.20 -14.46 23.29
C ARG A 278 22.95 -15.40 22.12
N ARG A 279 22.07 -15.03 21.18
CA ARG A 279 21.79 -15.90 20.05
C ARG A 279 22.91 -15.85 19.02
N ASP A 280 23.48 -14.67 18.81
CA ASP A 280 24.61 -14.50 17.90
C ASP A 280 25.44 -13.33 18.39
N PHE A 281 26.69 -13.30 17.94
CA PHE A 281 27.61 -12.26 18.40
C PHE A 281 28.21 -11.48 17.24
N TYR A 282 28.38 -12.13 16.08
CA TYR A 282 29.01 -11.45 14.95
C TYR A 282 28.17 -10.28 14.46
N HIS A 283 26.84 -10.45 14.43
CA HIS A 283 25.96 -9.45 13.84
C HIS A 283 25.44 -8.42 14.83
N ALA A 284 25.41 -8.73 16.13
CA ALA A 284 24.85 -7.79 17.10
C ALA A 284 25.68 -6.51 17.17
N ILE A 285 27.00 -6.65 17.29
CA ILE A 285 27.88 -5.48 17.33
C ILE A 285 27.79 -4.69 16.04
N LYS A 286 27.73 -5.38 14.89
CA LYS A 286 27.62 -4.68 13.62
C LYS A 286 26.32 -3.88 13.55
N PHE A 287 25.20 -4.48 13.98
CA PHE A 287 23.92 -3.79 13.98
C PHE A 287 23.95 -2.55 14.88
N ILE A 288 24.42 -2.71 16.11
CA ILE A 288 24.38 -1.59 17.04
C ILE A 288 25.34 -0.50 16.60
N ASP A 289 26.52 -0.88 16.09
CA ASP A 289 27.46 0.12 15.60
C ASP A 289 26.90 0.87 14.40
N ASP A 290 26.22 0.16 13.49
CA ASP A 290 25.61 0.82 12.34
C ASP A 290 24.54 1.81 12.78
N LEU A 291 23.66 1.40 13.70
CA LEU A 291 22.62 2.32 14.14
C LEU A 291 23.22 3.51 14.90
N LEU A 292 24.34 3.29 15.60
CA LEU A 292 24.94 4.38 16.35
C LEU A 292 25.64 5.37 15.42
N LYS A 293 26.35 4.87 14.42
CA LYS A 293 27.07 5.75 13.50
C LYS A 293 26.13 6.47 12.56
N LYS A 294 25.16 5.76 11.99
CA LYS A 294 24.27 6.37 11.01
C LYS A 294 23.09 7.08 11.68
N ALA A 295 22.32 6.34 12.48
CA ALA A 295 21.16 6.91 13.17
C ALA A 295 21.64 7.58 14.45
N THR A 296 22.23 8.76 14.30
CA THR A 296 22.75 9.50 15.44
C THR A 296 21.63 9.92 16.38
N GLU A 297 20.56 10.50 15.83
CA GLU A 297 19.45 10.93 16.68
C GLU A 297 18.55 9.77 17.06
N GLY A 298 18.59 8.67 16.32
CA GLY A 298 17.72 7.54 16.59
C GLY A 298 18.17 6.64 17.72
N ALA A 299 19.47 6.55 17.99
CA ALA A 299 19.95 5.68 19.05
C ALA A 299 19.58 6.22 20.43
N LEU A 300 19.25 7.50 20.53
CA LEU A 300 18.72 8.04 21.78
C LEU A 300 17.41 7.37 22.16
N ALA A 301 16.53 7.15 21.19
CA ALA A 301 15.29 6.44 21.46
C ALA A 301 15.53 5.00 21.89
N LEU A 302 16.62 4.38 21.40
CA LEU A 302 16.94 3.03 21.83
C LEU A 302 17.48 3.01 23.26
N ILE A 303 18.39 3.94 23.58
CA ILE A 303 18.96 3.95 24.93
C ILE A 303 17.91 4.34 25.97
N ASP A 304 17.00 5.26 25.61
CA ASP A 304 16.00 5.71 26.58
C ASP A 304 15.03 4.59 26.95
N ALA A 305 14.77 3.67 26.02
CA ALA A 305 13.85 2.57 26.26
C ALA A 305 14.39 1.53 27.24
N ILE A 306 15.67 1.63 27.61
CA ILE A 306 16.30 0.59 28.42
C ILE A 306 16.04 0.79 29.91
N MET A 307 16.10 2.03 30.41
CA MET A 307 15.90 2.26 31.83
C MET A 307 14.44 2.36 32.22
N ASN A 308 13.51 2.26 31.28
CA ASN A 308 12.09 2.33 31.60
C ASN A 308 11.26 1.24 30.95
N GLU A 309 11.88 0.35 30.17
CA GLU A 309 11.18 -0.70 29.43
C GLU A 309 10.10 -0.08 28.52
N ARG A 310 10.56 0.80 27.64
CA ARG A 310 9.67 1.50 26.72
C ARG A 310 9.54 0.70 25.43
N LEU A 311 8.30 0.36 25.07
CA LEU A 311 8.07 -0.48 23.90
C LEU A 311 8.31 0.30 22.60
N GLU A 312 7.89 1.56 22.55
CA GLU A 312 8.05 2.35 21.33
C GLU A 312 9.51 2.68 21.04
N GLY A 313 10.37 2.68 22.06
CA GLY A 313 11.79 2.91 21.82
C GLY A 313 12.45 1.79 21.04
N PHE A 314 12.01 0.55 21.26
CA PHE A 314 12.55 -0.59 20.53
C PHE A 314 12.22 -0.55 19.05
N TYR A 315 11.24 0.27 18.65
CA TYR A 315 10.85 0.39 17.25
C TYR A 315 11.30 1.68 16.60
N THR A 316 11.28 2.80 17.34
CA THR A 316 11.62 4.09 16.74
C THR A 316 13.06 4.13 16.27
N ALA A 317 13.98 3.60 17.08
CA ALA A 317 15.39 3.60 16.69
C ALA A 317 15.61 2.78 15.42
N LEU A 318 15.00 1.60 15.35
CA LEU A 318 15.15 0.76 14.16
C LEU A 318 14.53 1.44 12.95
N LYS A 319 13.38 2.08 13.13
CA LYS A 319 12.73 2.78 12.02
C LYS A 319 13.60 3.90 11.49
N LEU A 320 14.20 4.67 12.39
CA LEU A 320 15.03 5.79 11.97
C LEU A 320 16.38 5.34 11.43
N GLY A 321 16.87 4.17 11.83
CA GLY A 321 18.16 3.69 11.37
C GLY A 321 18.12 2.89 10.08
N LYS A 322 17.02 2.18 9.83
CA LYS A 322 16.92 1.37 8.62
C LYS A 322 16.96 2.23 7.37
N LYS A 323 16.51 3.48 7.45
CA LYS A 323 16.46 4.33 6.28
C LYS A 323 17.85 4.67 5.75
N ALA A 324 18.86 4.69 6.61
CA ALA A 324 20.22 4.99 6.17
C ALA A 324 21.00 3.71 5.83
N GLY A 325 21.21 2.85 6.81
CA GLY A 325 21.80 1.56 6.56
C GLY A 325 21.79 0.66 7.78
N VAL A 326 21.26 -0.56 7.63
CA VAL A 326 21.12 -1.51 8.73
C VAL A 326 21.19 -2.92 8.16
N VAL A 327 22.02 -3.77 8.78
CA VAL A 327 22.11 -5.16 8.35
C VAL A 327 20.83 -5.92 8.73
N SER A 328 20.29 -5.66 9.93
CA SER A 328 19.04 -6.24 10.40
C SER A 328 19.08 -7.76 10.41
N SER A 329 19.97 -8.29 11.24
CA SER A 329 20.15 -9.73 11.35
C SER A 329 18.91 -10.39 11.94
N ARG A 330 18.80 -11.70 11.73
CA ARG A 330 17.64 -12.46 12.16
C ARG A 330 17.71 -12.90 13.62
N GLU A 331 18.87 -13.40 14.06
CA GLU A 331 18.98 -13.95 15.40
C GLU A 331 18.88 -12.88 16.49
N ILE A 332 19.17 -11.61 16.15
CA ILE A 332 19.11 -10.56 17.15
C ILE A 332 17.68 -10.10 17.39
N VAL A 333 16.80 -10.26 16.40
CA VAL A 333 15.40 -9.90 16.60
C VAL A 333 14.76 -10.78 17.66
N ALA A 334 15.08 -12.08 17.64
CA ALA A 334 14.57 -12.99 18.66
C ALA A 334 15.15 -12.68 20.03
N ALA A 335 16.27 -11.95 20.10
CA ALA A 335 16.83 -11.57 21.39
C ALA A 335 16.01 -10.49 22.07
N LEU A 336 15.44 -9.55 21.31
CA LEU A 336 14.62 -8.51 21.91
C LEU A 336 13.34 -9.09 22.52
N GLU A 337 12.70 -10.02 21.81
CA GLU A 337 11.49 -10.63 22.35
C GLU A 337 11.76 -11.53 23.54
N ASP A 338 13.02 -11.95 23.75
CA ASP A 338 13.36 -12.64 24.99
C ASP A 338 13.17 -11.74 26.20
N ILE A 339 13.55 -10.48 26.10
CA ILE A 339 13.21 -9.49 27.11
C ILE A 339 11.73 -9.16 27.08
N ILE A 340 11.13 -9.09 25.88
CA ILE A 340 9.73 -8.73 25.75
C ILE A 340 8.83 -9.90 26.17
N CYS A 341 8.89 -11.00 25.42
CA CYS A 341 7.99 -12.14 25.63
C CYS A 341 6.53 -11.72 25.63
N GLY B 2 5.76 -20.49 18.82
CA GLY B 2 5.44 -19.12 19.19
C GLY B 2 4.68 -18.37 18.13
N TRP B 3 4.41 -19.05 17.01
CA TRP B 3 3.67 -18.51 15.87
C TRP B 3 4.15 -17.11 15.46
N ILE B 4 5.42 -16.81 15.72
CA ILE B 4 6.02 -15.52 15.39
C ILE B 4 7.15 -15.66 14.39
N ARG B 5 8.02 -16.65 14.58
CA ARG B 5 9.13 -16.87 13.65
C ARG B 5 8.62 -17.19 12.25
N ASN B 6 7.44 -17.79 12.13
CA ASN B 6 6.87 -18.14 10.85
C ASN B 6 6.06 -17.03 10.21
N ILE B 7 5.89 -15.90 10.89
CA ILE B 7 5.19 -14.76 10.31
C ILE B 7 6.04 -13.51 10.23
N GLY B 8 7.12 -13.41 11.02
CA GLY B 8 7.96 -12.23 10.97
C GLY B 8 8.79 -12.14 9.70
N ARG B 9 9.13 -13.28 9.10
CA ARG B 9 9.93 -13.25 7.89
C ARG B 9 9.15 -12.69 6.70
N TYR B 10 7.82 -12.87 6.67
CA TYR B 10 7.02 -12.23 5.63
C TYR B 10 6.96 -10.72 5.83
N LEU B 11 6.84 -10.28 7.09
CA LEU B 11 6.87 -8.85 7.38
C LEU B 11 8.22 -8.25 7.00
N SER B 12 9.30 -9.02 7.14
CA SER B 12 10.63 -8.57 6.76
C SER B 12 10.81 -8.48 5.25
N TYR B 13 9.91 -9.04 4.46
CA TYR B 13 10.05 -9.03 3.00
C TYR B 13 9.87 -7.64 2.39
N LEU B 14 9.26 -6.72 3.12
CA LEU B 14 8.96 -5.40 2.59
C LEU B 14 9.91 -4.31 3.11
N VAL B 15 10.99 -4.69 3.78
CA VAL B 15 11.93 -3.71 4.33
C VAL B 15 13.33 -4.00 3.79
N ASP B 16 13.60 -5.25 3.43
CA ASP B 16 14.94 -5.65 3.02
C ASP B 16 15.34 -4.99 1.70
N ASP B 17 16.65 -4.75 1.56
CA ASP B 17 17.16 -4.09 0.37
C ASP B 17 17.04 -4.98 -0.87
N THR B 18 17.03 -6.30 -0.68
CA THR B 18 16.94 -7.21 -1.82
C THR B 18 15.58 -7.11 -2.53
N PHE B 19 14.57 -6.56 -1.87
CA PHE B 19 13.27 -6.28 -2.48
C PHE B 19 13.03 -4.78 -2.36
N GLU B 20 13.29 -4.05 -3.44
CA GLU B 20 13.24 -2.58 -3.43
C GLU B 20 11.82 -2.12 -3.74
N GLU B 21 10.98 -2.05 -2.70
CA GLU B 21 9.69 -1.40 -2.82
C GLU B 21 9.53 -0.39 -1.69
N TYR B 22 10.05 -0.73 -0.51
CA TYR B 22 10.26 0.21 0.60
C TYR B 22 8.96 0.90 1.01
N ALA B 23 8.05 0.08 1.55
CA ALA B 23 6.77 0.58 2.09
C ALA B 23 6.82 0.48 3.62
N TYR B 24 7.18 1.58 4.27
CA TYR B 24 7.17 1.66 5.73
C TYR B 24 5.84 2.12 6.31
N ASP B 25 4.88 2.51 5.48
CA ASP B 25 3.61 2.99 6.00
C ASP B 25 2.88 1.91 6.78
N VAL B 26 2.89 0.67 6.27
CA VAL B 26 2.25 -0.44 6.97
C VAL B 26 2.95 -0.72 8.28
N VAL B 27 4.28 -0.65 8.29
CA VAL B 27 5.04 -0.90 9.52
C VAL B 27 4.73 0.16 10.55
N ASP B 28 4.65 1.43 10.12
CA ASP B 28 4.28 2.50 11.03
C ASP B 28 2.85 2.33 11.56
N GLY B 29 1.92 1.90 10.72
CA GLY B 29 0.56 1.66 11.16
C GLY B 29 0.44 0.55 12.17
N ILE B 30 1.16 -0.55 11.95
CA ILE B 30 1.08 -1.68 12.88
C ILE B 30 1.87 -1.40 14.17
N ALA B 31 2.93 -0.59 14.10
CA ALA B 31 3.70 -0.30 15.29
C ALA B 31 2.92 0.57 16.28
N LYS B 32 2.11 1.49 15.78
CA LYS B 32 1.34 2.41 16.61
C LYS B 32 -0.11 1.99 16.74
N ALA B 33 -0.35 0.68 16.82
CA ALA B 33 -1.70 0.13 16.95
C ALA B 33 -2.01 -0.10 18.42
N ARG B 34 -3.10 0.47 18.90
CA ARG B 34 -3.27 0.46 20.34
C ARG B 34 -4.58 -0.13 20.84
N THR B 35 -5.72 0.18 20.21
CA THR B 35 -6.96 -0.10 20.93
C THR B 35 -7.60 -1.46 20.62
N GLN B 36 -8.16 -1.63 19.42
CA GLN B 36 -8.71 -2.94 19.09
C GLN B 36 -8.57 -3.32 17.61
N GLU B 37 -8.50 -2.32 16.74
CA GLU B 37 -8.83 -2.52 15.33
C GLU B 37 -7.66 -2.25 14.39
N GLU B 38 -6.93 -1.16 14.59
CA GLU B 38 -5.86 -0.80 13.65
C GLU B 38 -4.74 -1.82 13.65
N LEU B 39 -4.64 -2.66 14.69
CA LEU B 39 -3.66 -3.74 14.66
C LEU B 39 -4.02 -4.79 13.62
N LEU B 40 -5.31 -5.12 13.51
CA LEU B 40 -5.74 -6.06 12.47
C LEU B 40 -5.80 -5.39 11.10
N GLU B 41 -6.01 -4.07 11.06
CA GLU B 41 -6.06 -3.36 9.78
C GLU B 41 -4.66 -3.20 9.19
N GLY B 42 -3.66 -2.91 10.02
CA GLY B 42 -2.32 -2.71 9.51
C GLY B 42 -1.71 -3.96 8.92
N VAL B 43 -1.85 -5.09 9.62
CA VAL B 43 -1.30 -6.35 9.12
C VAL B 43 -1.94 -6.75 7.79
N TYR B 44 -3.17 -6.29 7.54
CA TYR B 44 -3.80 -6.53 6.24
C TYR B 44 -3.00 -5.92 5.12
N LYS B 45 -2.51 -4.69 5.30
CA LYS B 45 -1.75 -4.03 4.25
C LYS B 45 -0.45 -4.78 3.96
N ALA B 46 0.23 -5.26 5.00
CA ALA B 46 1.46 -6.04 4.80
C ALA B 46 1.16 -7.36 4.10
N LEU B 47 0.13 -8.08 4.55
CA LEU B 47 -0.17 -9.38 3.97
C LEU B 47 -0.76 -9.27 2.57
N ARG B 48 -1.26 -8.09 2.19
CA ARG B 48 -1.84 -7.92 0.87
C ARG B 48 -0.77 -7.92 -0.22
N LEU B 49 0.40 -7.35 0.07
CA LEU B 49 1.44 -7.16 -0.93
C LEU B 49 2.26 -8.44 -1.13
N ALA B 50 1.55 -9.52 -1.39
CA ALA B 50 2.17 -10.82 -1.69
C ALA B 50 2.65 -10.90 -3.14
N PRO B 51 1.79 -10.56 -4.14
CA PRO B 51 2.20 -10.58 -5.54
C PRO B 51 3.53 -9.83 -5.69
N LYS B 52 3.60 -8.67 -5.06
CA LYS B 52 4.78 -7.81 -5.22
C LYS B 52 6.02 -8.69 -5.03
N LEU B 53 6.13 -9.29 -3.85
CA LEU B 53 7.28 -10.12 -3.50
C LEU B 53 7.41 -11.33 -4.42
N LYS B 54 6.28 -11.92 -4.79
CA LYS B 54 6.31 -13.10 -5.66
C LYS B 54 6.96 -12.78 -7.00
N LYS B 55 6.62 -11.61 -7.54
CA LYS B 55 7.18 -11.20 -8.86
C LYS B 55 8.62 -10.74 -8.67
N LYS B 56 8.90 -10.06 -7.56
CA LYS B 56 10.22 -9.47 -7.38
C LYS B 56 11.29 -10.53 -7.12
N ALA B 57 10.95 -11.61 -6.42
CA ALA B 57 11.91 -12.69 -6.24
C ALA B 57 12.24 -13.36 -7.57
N GLU B 58 11.23 -13.57 -8.42
CA GLU B 58 11.46 -14.18 -9.72
C GLU B 58 12.17 -13.25 -10.69
N SER B 59 12.04 -11.94 -10.51
CA SER B 59 12.70 -10.97 -11.39
C SER B 59 14.22 -10.97 -11.23
N LYS B 60 14.76 -11.59 -10.19
CA LYS B 60 16.19 -11.63 -9.98
C LYS B 60 16.78 -13.03 -10.09
N GLY B 61 16.06 -14.07 -9.68
CA GLY B 61 16.55 -15.43 -9.82
C GLY B 61 16.26 -16.32 -8.63
N CYS B 62 16.10 -15.72 -7.45
CA CYS B 62 15.83 -16.49 -6.25
C CYS B 62 14.42 -17.06 -6.28
N PRO B 63 14.17 -18.14 -5.55
CA PRO B 63 12.84 -18.74 -5.56
C PRO B 63 11.83 -17.79 -4.94
N PRO B 64 10.56 -17.91 -5.32
CA PRO B 64 9.55 -17.00 -4.79
C PRO B 64 9.45 -17.16 -3.28
N PRO B 65 9.15 -16.08 -2.56
CA PRO B 65 9.06 -16.16 -1.10
C PRO B 65 7.88 -17.00 -0.66
N ARG B 66 8.02 -17.63 0.50
CA ARG B 66 6.96 -18.45 1.06
C ARG B 66 5.97 -17.60 1.84
N ILE B 67 4.68 -17.73 1.50
CA ILE B 67 3.60 -17.02 2.15
C ILE B 67 3.32 -17.71 3.49
N PRO B 68 3.10 -16.96 4.58
CA PRO B 68 2.85 -17.61 5.87
C PRO B 68 1.60 -18.48 5.84
N SER B 69 1.68 -19.61 6.53
CA SER B 69 0.60 -20.59 6.57
C SER B 69 -0.56 -20.09 7.43
N PRO B 70 -1.79 -20.43 7.06
CA PRO B 70 -2.95 -20.07 7.89
C PRO B 70 -3.14 -20.94 9.13
N GLU B 71 -2.20 -21.84 9.42
CA GLU B 71 -2.31 -22.70 10.59
C GLU B 71 -2.15 -21.94 11.90
N ASP B 72 -1.64 -20.72 11.86
CA ASP B 72 -1.40 -19.95 13.08
C ASP B 72 -1.88 -18.51 13.02
N ILE B 73 -2.53 -18.10 11.92
CA ILE B 73 -3.02 -16.72 11.84
C ILE B 73 -4.10 -16.46 12.88
N GLU B 74 -4.93 -17.47 13.16
CA GLU B 74 -6.03 -17.30 14.12
C GLU B 74 -5.52 -17.06 15.53
N ALA B 75 -4.24 -17.32 15.80
CA ALA B 75 -3.68 -17.08 17.12
C ALA B 75 -3.66 -15.61 17.50
N LEU B 76 -3.70 -14.70 16.51
CA LEU B 76 -3.81 -13.28 16.79
C LEU B 76 -5.24 -12.86 17.10
N GLU B 77 -6.20 -13.37 16.32
CA GLU B 77 -7.60 -13.05 16.57
C GLU B 77 -8.07 -13.61 17.92
N GLU B 78 -7.66 -14.83 18.25
CA GLU B 78 -8.10 -15.42 19.52
C GLU B 78 -7.41 -14.77 20.71
N LYS B 79 -6.30 -14.07 20.50
CA LYS B 79 -5.58 -13.44 21.59
C LYS B 79 -5.97 -11.98 21.77
N VAL B 80 -6.32 -11.29 20.69
CA VAL B 80 -6.68 -9.88 20.78
C VAL B 80 -8.04 -9.67 21.44
N GLU B 81 -8.87 -10.72 21.50
CA GLU B 81 -10.21 -10.57 22.05
C GLU B 81 -10.17 -10.33 23.55
N GLN B 82 -9.63 -11.29 24.31
CA GLN B 82 -9.58 -11.15 25.76
C GLN B 82 -8.52 -10.16 26.22
N LEU B 83 -7.54 -9.86 25.38
CA LEU B 83 -6.53 -8.85 25.69
C LEU B 83 -6.95 -7.48 25.17
N SER B 84 -8.15 -7.04 25.57
CA SER B 84 -8.69 -5.79 25.06
C SER B 84 -7.91 -4.57 25.56
N ASN B 85 -7.43 -4.62 26.80
CA ASN B 85 -6.75 -3.46 27.36
C ASN B 85 -5.40 -3.23 26.67
N PRO B 86 -4.96 -1.96 26.60
CA PRO B 86 -3.64 -1.67 26.03
C PRO B 86 -2.48 -2.12 26.89
N LYS B 87 -2.74 -2.69 28.08
CA LYS B 87 -1.66 -3.07 28.98
C LYS B 87 -0.77 -4.14 28.36
N ASP B 88 -1.38 -5.17 27.77
CA ASP B 88 -0.64 -6.29 27.20
C ASP B 88 -0.87 -6.39 25.69
N LEU B 89 -1.75 -5.56 25.13
CA LEU B 89 -1.96 -5.59 23.69
C LEU B 89 -0.78 -4.98 22.95
N ARG B 90 -0.31 -3.81 23.42
CA ARG B 90 0.92 -3.25 22.88
C ARG B 90 2.09 -4.20 23.05
N LYS B 91 2.07 -5.01 24.12
CA LYS B 91 3.17 -5.92 24.43
C LYS B 91 3.49 -6.85 23.27
N LEU B 92 2.48 -7.19 22.45
CA LEU B 92 2.68 -7.98 21.24
C LEU B 92 2.56 -7.17 19.96
N ALA B 93 1.80 -6.06 19.99
CA ALA B 93 1.71 -5.20 18.80
C ALA B 93 3.07 -4.63 18.43
N VAL B 94 3.85 -4.22 19.43
CA VAL B 94 5.19 -3.71 19.15
C VAL B 94 6.11 -4.82 18.64
N SER B 95 5.97 -6.06 19.13
CA SER B 95 6.80 -7.15 18.63
C SER B 95 6.46 -7.49 17.20
N LEU B 96 5.19 -7.36 16.80
CA LEU B 96 4.82 -7.62 15.42
C LEU B 96 5.58 -6.70 14.46
N ALA B 97 5.67 -5.42 14.79
CA ALA B 97 6.45 -4.50 13.96
C ALA B 97 7.95 -4.67 14.16
N LEU B 98 8.38 -5.12 15.35
CA LEU B 98 9.80 -5.36 15.59
C LEU B 98 10.33 -6.46 14.68
N TRP B 99 9.56 -7.53 14.50
CA TRP B 99 9.98 -8.62 13.64
C TRP B 99 9.97 -8.25 12.16
N ALA B 100 9.41 -7.10 11.79
CA ALA B 100 9.41 -6.69 10.40
C ALA B 100 10.78 -6.15 9.94
N PHE B 101 11.62 -5.73 10.88
CA PHE B 101 12.94 -5.19 10.54
C PHE B 101 14.02 -6.25 10.70
N ALA B 102 14.05 -7.18 9.74
CA ALA B 102 15.06 -8.21 9.65
C ALA B 102 15.56 -8.29 8.22
N SER B 103 16.57 -9.15 7.99
CA SER B 103 17.17 -9.31 6.67
C SER B 103 16.61 -10.52 5.94
N TRP B 104 16.75 -11.71 6.51
CA TRP B 104 16.32 -12.96 5.89
C TRP B 104 16.91 -13.11 4.49
N ASN B 105 18.24 -13.23 4.45
CA ASN B 105 18.96 -13.28 3.19
C ASN B 105 18.68 -14.59 2.46
N ASN B 106 17.68 -14.58 1.57
CA ASN B 106 17.34 -15.74 0.77
C ASN B 106 17.43 -15.47 -0.73
N CYS B 107 17.87 -14.28 -1.13
CA CYS B 107 17.99 -13.90 -2.54
C CYS B 107 19.40 -13.41 -2.79
N PRO B 108 20.37 -14.33 -2.97
CA PRO B 108 21.76 -13.97 -3.20
C PRO B 108 22.00 -13.36 -4.58
N GLY C 1 -15.64 -17.80 15.09
CA GLY C 1 -14.95 -18.96 15.60
C GLY C 1 -15.24 -20.23 14.81
N GLY C 2 -14.35 -20.55 13.87
CA GLY C 2 -14.50 -21.74 13.06
C GLY C 2 -14.90 -21.43 11.63
N TRP C 3 -15.79 -20.46 11.45
CA TRP C 3 -16.25 -20.06 10.13
C TRP C 3 -15.29 -19.07 9.45
N ILE C 4 -14.44 -18.40 10.23
CA ILE C 4 -13.48 -17.46 9.65
C ILE C 4 -12.51 -18.17 8.72
N ARG C 5 -11.99 -19.32 9.15
CA ARG C 5 -11.09 -20.09 8.29
C ARG C 5 -11.81 -20.57 7.04
N ASN C 6 -13.06 -21.01 7.18
CA ASN C 6 -13.81 -21.52 6.04
C ASN C 6 -14.05 -20.42 5.00
N ILE C 7 -14.43 -19.22 5.44
CA ILE C 7 -14.64 -18.15 4.48
C ILE C 7 -13.32 -17.65 3.92
N GLY C 8 -12.25 -17.66 4.72
CA GLY C 8 -10.96 -17.26 4.21
C GLY C 8 -10.42 -18.20 3.15
N ARG C 9 -10.70 -19.49 3.28
CA ARG C 9 -10.31 -20.43 2.23
C ARG C 9 -10.99 -20.08 0.91
N TYR C 10 -12.28 -19.74 0.95
CA TYR C 10 -12.97 -19.30 -0.26
C TYR C 10 -12.35 -18.02 -0.82
N LEU C 11 -12.08 -17.04 0.04
CA LEU C 11 -11.46 -15.80 -0.41
C LEU C 11 -10.05 -16.02 -0.95
N SER C 12 -9.38 -17.10 -0.56
CA SER C 12 -8.03 -17.36 -1.04
C SER C 12 -7.98 -17.66 -2.54
N TYR C 13 -9.04 -18.27 -3.08
CA TYR C 13 -9.04 -18.63 -4.50
C TYR C 13 -9.13 -17.44 -5.43
N LEU C 14 -9.38 -16.23 -4.90
CA LEU C 14 -9.49 -15.04 -5.73
C LEU C 14 -8.17 -14.31 -5.92
N VAL C 15 -7.20 -14.52 -5.02
CA VAL C 15 -5.92 -13.81 -5.09
C VAL C 15 -4.75 -14.73 -5.37
N ASP C 16 -4.94 -16.04 -5.36
CA ASP C 16 -3.85 -16.97 -5.60
C ASP C 16 -3.59 -17.13 -7.09
N ASP C 17 -2.53 -17.84 -7.47
CA ASP C 17 -2.31 -17.91 -8.93
C ASP C 17 -2.98 -19.18 -9.46
N THR C 18 -2.36 -19.83 -10.45
CA THR C 18 -2.91 -21.04 -11.07
C THR C 18 -4.41 -20.94 -11.30
N PHE C 19 -4.96 -19.74 -11.38
CA PHE C 19 -6.38 -19.53 -11.63
C PHE C 19 -6.68 -18.47 -12.66
N GLU C 20 -5.71 -17.62 -13.03
CA GLU C 20 -5.90 -16.54 -14.01
C GLU C 20 -7.04 -15.62 -13.61
N GLU C 21 -7.24 -15.42 -12.30
CA GLU C 21 -8.29 -14.56 -11.78
C GLU C 21 -7.71 -13.73 -10.64
N TYR C 22 -7.60 -12.42 -10.86
CA TYR C 22 -7.01 -11.52 -9.83
C TYR C 22 -7.92 -10.32 -9.69
N ALA C 23 -8.72 -10.30 -8.65
CA ALA C 23 -9.67 -9.21 -8.37
C ALA C 23 -9.40 -8.71 -6.96
N TYR C 24 -8.51 -7.73 -6.81
CA TYR C 24 -8.16 -7.22 -5.48
C TYR C 24 -9.18 -6.16 -5.05
N ASP C 25 -9.89 -5.58 -6.01
CA ASP C 25 -10.78 -4.48 -5.67
C ASP C 25 -11.75 -4.86 -4.56
N VAL C 26 -12.37 -6.04 -4.68
CA VAL C 26 -13.38 -6.44 -3.70
C VAL C 26 -12.75 -6.77 -2.35
N VAL C 27 -11.59 -7.43 -2.36
CA VAL C 27 -10.95 -7.77 -1.09
C VAL C 27 -10.42 -6.51 -0.42
N ASP C 28 -10.01 -5.50 -1.19
CA ASP C 28 -9.64 -4.22 -0.61
C ASP C 28 -10.86 -3.52 -0.02
N GLY C 29 -11.97 -3.51 -0.74
CA GLY C 29 -13.19 -2.86 -0.24
C GLY C 29 -13.79 -3.52 0.98
N ILE C 30 -13.65 -4.83 1.11
CA ILE C 30 -14.16 -5.54 2.29
C ILE C 30 -13.43 -5.09 3.56
N ALA C 31 -12.09 -4.99 3.49
CA ALA C 31 -11.31 -4.75 4.69
C ALA C 31 -11.34 -3.28 5.09
N LYS C 32 -10.81 -2.40 4.25
CA LYS C 32 -10.69 -0.99 4.59
C LYS C 32 -11.98 -0.21 4.32
N ALA C 33 -13.09 -0.74 4.82
CA ALA C 33 -14.38 -0.08 4.69
C ALA C 33 -14.58 0.92 5.82
N ARG C 34 -15.68 1.65 5.73
CA ARG C 34 -16.03 2.67 6.72
C ARG C 34 -17.38 2.45 7.37
N THR C 35 -18.31 1.79 6.69
CA THR C 35 -19.67 1.63 7.15
C THR C 35 -20.09 0.17 7.03
N GLN C 36 -20.99 -0.25 7.91
CA GLN C 36 -21.40 -1.66 7.95
C GLN C 36 -22.10 -2.07 6.66
N GLU C 37 -22.76 -1.13 5.99
CA GLU C 37 -23.55 -1.48 4.80
C GLU C 37 -22.66 -2.03 3.68
N GLU C 38 -21.51 -1.41 3.44
CA GLU C 38 -20.65 -1.85 2.35
C GLU C 38 -19.92 -3.15 2.66
N LEU C 39 -19.89 -3.58 3.93
CA LEU C 39 -19.26 -4.85 4.27
C LEU C 39 -19.96 -6.00 3.56
N LEU C 40 -21.28 -6.08 3.70
CA LEU C 40 -22.01 -7.16 3.06
C LEU C 40 -22.02 -7.02 1.55
N GLU C 41 -21.95 -5.79 1.05
CA GLU C 41 -21.81 -5.58 -0.40
C GLU C 41 -20.52 -6.21 -0.91
N GLY C 42 -19.41 -5.94 -0.22
CA GLY C 42 -18.15 -6.56 -0.60
C GLY C 42 -18.18 -8.07 -0.45
N VAL C 43 -18.84 -8.57 0.59
CA VAL C 43 -18.98 -10.01 0.77
C VAL C 43 -19.73 -10.62 -0.41
N TYR C 44 -20.81 -9.96 -0.85
CA TYR C 44 -21.55 -10.46 -2.01
C TYR C 44 -20.69 -10.43 -3.28
N LYS C 45 -19.95 -9.34 -3.48
CA LYS C 45 -19.12 -9.26 -4.68
C LYS C 45 -18.05 -10.34 -4.70
N ALA C 46 -17.48 -10.64 -3.53
CA ALA C 46 -16.49 -11.72 -3.46
C ALA C 46 -17.14 -13.08 -3.66
N LEU C 47 -18.32 -13.30 -3.07
CA LEU C 47 -18.97 -14.62 -3.12
C LEU C 47 -19.60 -14.90 -4.47
N ARG C 48 -19.91 -13.87 -5.26
CA ARG C 48 -20.61 -14.08 -6.52
C ARG C 48 -19.83 -14.97 -7.46
N LEU C 49 -18.51 -14.92 -7.43
CA LEU C 49 -17.67 -15.66 -8.37
C LEU C 49 -17.44 -17.09 -7.86
N ALA C 50 -18.52 -17.76 -7.46
CA ALA C 50 -18.46 -19.16 -7.04
C ALA C 50 -18.54 -20.13 -8.21
N PRO C 51 -19.52 -20.02 -9.12
CA PRO C 51 -19.63 -21.04 -10.17
C PRO C 51 -18.53 -20.96 -11.20
N LYS C 52 -18.04 -19.75 -11.50
CA LYS C 52 -16.99 -19.60 -12.50
C LYS C 52 -15.66 -20.19 -12.03
N LEU C 53 -15.46 -20.30 -10.72
CA LEU C 53 -14.24 -20.90 -10.18
C LEU C 53 -14.44 -22.34 -9.73
N LYS C 54 -15.67 -22.78 -9.49
CA LYS C 54 -15.93 -24.14 -9.06
C LYS C 54 -15.72 -25.16 -10.17
N LYS C 55 -15.58 -24.72 -11.43
CA LYS C 55 -15.47 -25.63 -12.56
C LYS C 55 -14.12 -25.55 -13.27
N LYS C 56 -13.43 -24.41 -13.21
CA LYS C 56 -12.17 -24.28 -13.92
C LYS C 56 -11.02 -24.97 -13.22
N ALA C 57 -11.08 -25.13 -11.89
CA ALA C 57 -9.99 -25.77 -11.17
C ALA C 57 -9.81 -27.22 -11.60
N GLU C 58 -10.92 -27.96 -11.72
CA GLU C 58 -10.82 -29.35 -12.16
C GLU C 58 -10.41 -29.45 -13.62
N SER C 59 -10.78 -28.46 -14.44
CA SER C 59 -10.33 -28.46 -15.83
C SER C 59 -8.82 -28.23 -15.92
N LYS C 60 -8.28 -27.39 -15.04
CA LYS C 60 -6.85 -27.13 -15.00
C LYS C 60 -6.07 -28.18 -14.22
N GLY C 61 -6.76 -29.15 -13.62
CA GLY C 61 -6.13 -30.20 -12.86
C GLY C 61 -6.12 -30.00 -11.36
N CYS C 62 -6.48 -28.81 -10.88
CA CYS C 62 -6.53 -28.55 -9.44
C CYS C 62 -7.79 -29.15 -8.84
N PRO C 63 -7.77 -29.50 -7.56
CA PRO C 63 -8.99 -29.96 -6.90
C PRO C 63 -10.03 -28.85 -6.86
N PRO C 64 -11.31 -29.19 -6.88
CA PRO C 64 -12.33 -28.15 -6.87
C PRO C 64 -12.30 -27.39 -5.56
N PRO C 65 -12.61 -26.09 -5.59
CA PRO C 65 -12.59 -25.31 -4.35
C PRO C 65 -13.78 -25.66 -3.48
N ARG C 66 -13.54 -25.70 -2.17
CA ARG C 66 -14.59 -26.04 -1.21
C ARG C 66 -15.43 -24.80 -0.94
N ILE C 67 -16.69 -24.84 -1.37
CA ILE C 67 -17.61 -23.72 -1.14
C ILE C 67 -17.88 -23.60 0.35
N PRO C 68 -17.87 -22.39 0.91
CA PRO C 68 -18.16 -22.25 2.35
C PRO C 68 -19.55 -22.78 2.69
N SER C 69 -19.65 -23.40 3.86
CA SER C 69 -20.90 -24.02 4.28
C SER C 69 -21.97 -22.96 4.51
N PRO C 70 -23.23 -23.28 4.20
CA PRO C 70 -24.31 -22.30 4.43
C PRO C 70 -24.50 -21.96 5.89
N GLU C 71 -24.05 -22.80 6.82
CA GLU C 71 -24.16 -22.49 8.24
C GLU C 71 -23.31 -21.28 8.61
N ASP C 72 -22.14 -21.12 7.98
CA ASP C 72 -21.31 -19.95 8.23
C ASP C 72 -21.99 -18.66 7.78
N ILE C 73 -22.87 -18.74 6.78
CA ILE C 73 -23.64 -17.57 6.37
C ILE C 73 -24.51 -17.09 7.53
N GLU C 74 -25.12 -18.01 8.27
CA GLU C 74 -25.91 -17.63 9.43
C GLU C 74 -25.07 -16.89 10.46
N ALA C 75 -23.85 -17.38 10.72
CA ALA C 75 -23.00 -16.74 11.71
C ALA C 75 -22.58 -15.35 11.26
N LEU C 76 -22.16 -15.21 10.00
CA LEU C 76 -21.72 -13.91 9.52
C LEU C 76 -22.88 -12.92 9.43
N GLU C 77 -24.09 -13.41 9.17
CA GLU C 77 -25.26 -12.54 9.21
C GLU C 77 -25.58 -12.10 10.62
N GLU C 78 -25.63 -13.04 11.57
CA GLU C 78 -26.06 -12.76 12.93
C GLU C 78 -24.98 -12.09 13.77
N LYS C 79 -23.75 -11.97 13.26
CA LYS C 79 -22.71 -11.24 13.98
C LYS C 79 -22.78 -9.73 13.78
N VAL C 80 -23.37 -9.26 12.68
CA VAL C 80 -23.21 -7.86 12.31
C VAL C 80 -24.34 -6.95 12.80
N GLU C 81 -25.55 -7.48 13.01
CA GLU C 81 -26.66 -6.60 13.38
C GLU C 81 -26.46 -6.00 14.77
N GLN C 82 -26.12 -6.84 15.76
CA GLN C 82 -25.99 -6.36 17.13
C GLN C 82 -24.74 -5.51 17.33
N LEU C 83 -23.79 -5.54 16.40
CA LEU C 83 -22.56 -4.79 16.50
C LEU C 83 -22.63 -3.69 15.44
N SER C 84 -23.08 -2.50 15.85
CA SER C 84 -23.21 -1.38 14.94
C SER C 84 -22.18 -0.28 15.15
N ASN C 85 -21.54 -0.23 16.32
CA ASN C 85 -20.55 0.81 16.57
C ASN C 85 -19.31 0.59 15.70
N PRO C 86 -18.75 1.66 15.14
CA PRO C 86 -17.54 1.49 14.30
C PRO C 86 -16.26 1.25 15.08
N LYS C 87 -16.31 1.28 16.42
CA LYS C 87 -15.10 1.10 17.21
C LYS C 87 -14.50 -0.29 17.00
N ASP C 88 -15.33 -1.33 17.13
CA ASP C 88 -14.91 -2.71 16.92
C ASP C 88 -15.57 -3.34 15.71
N LEU C 89 -15.90 -2.54 14.70
CA LEU C 89 -16.44 -3.04 13.44
C LEU C 89 -15.35 -3.29 12.41
N ARG C 90 -14.33 -2.43 12.38
CA ARG C 90 -13.24 -2.60 11.41
C ARG C 90 -12.46 -3.89 11.67
N LYS C 91 -12.36 -4.31 12.95
CA LYS C 91 -11.62 -5.53 13.25
C LYS C 91 -12.28 -6.75 12.60
N LEU C 92 -13.62 -6.85 12.68
CA LEU C 92 -14.28 -7.95 11.99
C LEU C 92 -14.36 -7.72 10.50
N ALA C 93 -14.35 -6.46 10.06
CA ALA C 93 -14.32 -6.17 8.62
C ALA C 93 -13.02 -6.67 7.99
N VAL C 94 -11.92 -6.61 8.73
CA VAL C 94 -10.63 -7.06 8.20
C VAL C 94 -10.28 -8.49 8.60
N SER C 95 -10.98 -9.06 9.58
CA SER C 95 -10.65 -10.41 10.02
C SER C 95 -10.85 -11.43 8.89
N LEU C 96 -11.98 -11.34 8.18
CA LEU C 96 -12.25 -12.31 7.12
C LEU C 96 -11.39 -12.04 5.90
N ALA C 97 -11.03 -10.77 5.66
CA ALA C 97 -10.19 -10.43 4.52
C ALA C 97 -8.72 -10.78 4.77
N LEU C 98 -8.31 -10.93 6.02
CA LEU C 98 -6.94 -11.32 6.31
C LEU C 98 -6.62 -12.70 5.76
N TRP C 99 -7.54 -13.64 5.90
CA TRP C 99 -7.30 -15.02 5.48
C TRP C 99 -7.31 -15.19 3.97
N ALA C 100 -7.53 -14.13 3.20
CA ALA C 100 -7.46 -14.24 1.75
C ALA C 100 -6.06 -14.60 1.28
N PHE C 101 -5.03 -14.07 1.92
CA PHE C 101 -3.64 -14.34 1.56
C PHE C 101 -3.06 -15.30 2.59
N ALA C 102 -2.83 -16.55 2.17
CA ALA C 102 -2.29 -17.56 3.06
C ALA C 102 -1.65 -18.65 2.20
N SER C 103 -1.31 -19.78 2.84
CA SER C 103 -0.62 -20.88 2.18
C SER C 103 -1.57 -22.05 1.90
N TRP C 104 -2.81 -21.75 1.53
CA TRP C 104 -3.77 -22.80 1.23
C TRP C 104 -3.31 -23.61 0.02
N ASN C 105 -3.43 -24.93 0.13
CA ASN C 105 -2.99 -25.85 -0.92
C ASN C 105 -4.10 -25.97 -1.97
N ASN C 106 -4.24 -24.89 -2.75
CA ASN C 106 -5.28 -24.86 -3.77
C ASN C 106 -4.97 -25.79 -4.93
N CYS C 107 -3.71 -25.80 -5.38
CA CYS C 107 -3.29 -26.59 -6.53
C CYS C 107 -2.05 -27.40 -6.15
N PRO C 108 -2.24 -28.54 -5.46
CA PRO C 108 -1.11 -29.41 -5.10
C PRO C 108 -0.51 -30.11 -6.32
N GLY D 2 -35.12 -19.24 8.47
CA GLY D 2 -35.36 -18.25 9.50
C GLY D 2 -35.75 -16.89 8.94
N TRP D 3 -36.68 -16.90 7.97
CA TRP D 3 -37.27 -15.70 7.38
C TRP D 3 -36.26 -14.99 6.48
N ILE D 4 -35.00 -15.45 6.49
CA ILE D 4 -33.97 -14.94 5.59
C ILE D 4 -33.33 -16.13 4.89
N ARG D 5 -32.93 -17.13 5.69
CA ARG D 5 -32.36 -18.35 5.13
C ARG D 5 -33.33 -19.06 4.19
N ASN D 6 -34.60 -19.14 4.58
CA ASN D 6 -35.58 -19.81 3.73
C ASN D 6 -35.81 -19.04 2.43
N ILE D 7 -35.64 -17.72 2.44
CA ILE D 7 -35.79 -16.94 1.22
C ILE D 7 -34.69 -17.28 0.23
N GLY D 8 -33.43 -17.29 0.70
CA GLY D 8 -32.31 -17.61 -0.14
C GLY D 8 -32.09 -19.07 -0.42
N ARG D 9 -32.85 -19.95 0.24
CA ARG D 9 -32.70 -21.38 0.00
C ARG D 9 -32.95 -21.73 -1.47
N TYR D 10 -34.02 -21.16 -2.06
CA TYR D 10 -34.22 -21.36 -3.48
C TYR D 10 -33.30 -20.49 -4.33
N LEU D 11 -33.00 -19.27 -3.86
CA LEU D 11 -32.11 -18.38 -4.61
C LEU D 11 -30.75 -19.01 -4.86
N SER D 12 -30.30 -19.87 -3.97
CA SER D 12 -29.05 -20.60 -4.19
C SER D 12 -29.18 -21.70 -5.22
N TYR D 13 -30.40 -22.10 -5.59
CA TYR D 13 -30.60 -23.18 -6.55
C TYR D 13 -30.50 -22.72 -8.00
N LEU D 14 -30.57 -21.42 -8.26
CA LEU D 14 -30.54 -20.94 -9.63
C LEU D 14 -29.17 -21.19 -10.28
N VAL D 15 -28.09 -20.96 -9.54
CA VAL D 15 -26.74 -21.16 -10.03
C VAL D 15 -26.02 -22.07 -9.04
N ASP D 16 -25.87 -23.34 -9.40
CA ASP D 16 -25.26 -24.34 -8.54
C ASP D 16 -24.88 -25.54 -9.38
N ASP D 17 -24.52 -26.64 -8.72
CA ASP D 17 -24.21 -27.88 -9.43
C ASP D 17 -25.45 -28.40 -10.13
N THR D 18 -25.24 -28.99 -11.30
CA THR D 18 -26.31 -29.47 -12.19
C THR D 18 -27.24 -28.28 -12.46
N PHE D 19 -28.52 -28.53 -12.66
CA PHE D 19 -29.52 -27.47 -12.84
C PHE D 19 -29.13 -26.54 -13.98
N GLU D 20 -29.18 -27.09 -15.19
CA GLU D 20 -28.57 -26.45 -16.35
C GLU D 20 -29.31 -25.18 -16.75
N GLU D 21 -29.24 -24.18 -15.88
CA GLU D 21 -29.74 -22.84 -16.16
C GLU D 21 -28.95 -21.87 -15.30
N TYR D 22 -28.81 -20.64 -15.79
CA TYR D 22 -28.01 -19.63 -15.11
C TYR D 22 -28.69 -18.28 -15.25
N ALA D 23 -29.11 -17.70 -14.12
CA ALA D 23 -29.74 -16.38 -14.07
C ALA D 23 -29.05 -15.58 -12.98
N TYR D 24 -28.03 -14.82 -13.37
CA TYR D 24 -27.29 -13.99 -12.44
C TYR D 24 -27.83 -12.57 -12.34
N ASP D 25 -28.55 -12.11 -13.36
CA ASP D 25 -29.11 -10.76 -13.31
C ASP D 25 -30.18 -10.64 -12.25
N VAL D 26 -30.92 -11.73 -11.99
CA VAL D 26 -31.97 -11.71 -10.96
C VAL D 26 -31.42 -11.72 -9.55
N VAL D 27 -30.11 -11.91 -9.37
CA VAL D 27 -29.51 -11.84 -8.05
C VAL D 27 -28.53 -10.69 -7.91
N ASP D 28 -27.93 -10.20 -9.00
CA ASP D 28 -27.02 -9.08 -8.91
C ASP D 28 -27.74 -7.82 -8.42
N GLY D 29 -28.96 -7.59 -8.90
CA GLY D 29 -29.70 -6.40 -8.50
C GLY D 29 -30.22 -6.45 -7.09
N ILE D 30 -30.19 -7.61 -6.44
CA ILE D 30 -30.66 -7.72 -5.07
C ILE D 30 -29.69 -7.01 -4.13
N ALA D 31 -28.38 -7.21 -4.31
CA ALA D 31 -27.40 -6.64 -3.40
C ALA D 31 -27.30 -5.13 -3.59
N LYS D 32 -26.90 -4.68 -4.77
CA LYS D 32 -26.79 -3.25 -5.03
C LYS D 32 -28.17 -2.69 -5.33
N ALA D 33 -28.52 -1.59 -4.67
CA ALA D 33 -29.83 -0.97 -4.83
C ALA D 33 -29.72 0.48 -4.38
N ARG D 34 -29.80 1.40 -5.35
CA ARG D 34 -29.75 2.82 -5.01
C ARG D 34 -31.03 3.30 -4.33
N THR D 35 -32.12 2.54 -4.44
CA THR D 35 -33.37 2.91 -3.81
C THR D 35 -34.12 1.65 -3.43
N GLN D 36 -35.27 1.82 -2.77
CA GLN D 36 -36.11 0.70 -2.36
C GLN D 36 -36.78 0.00 -3.53
N GLU D 37 -36.99 0.70 -4.64
CA GLU D 37 -37.75 0.13 -5.74
C GLU D 37 -36.93 -0.85 -6.58
N GLU D 38 -35.61 -0.71 -6.62
CA GLU D 38 -34.77 -1.52 -7.49
C GLU D 38 -34.15 -2.72 -6.77
N LEU D 39 -34.54 -2.98 -5.53
CA LEU D 39 -34.07 -4.14 -4.80
C LEU D 39 -35.05 -5.31 -4.83
N LEU D 40 -36.15 -5.19 -5.56
CA LEU D 40 -37.20 -6.20 -5.56
C LEU D 40 -37.40 -6.90 -6.89
N GLU D 41 -37.04 -6.25 -8.01
CA GLU D 41 -37.21 -6.89 -9.31
C GLU D 41 -36.38 -8.15 -9.44
N GLY D 42 -35.19 -8.16 -8.82
CA GLY D 42 -34.35 -9.35 -8.91
C GLY D 42 -35.02 -10.57 -8.31
N VAL D 43 -35.56 -10.44 -7.09
CA VAL D 43 -36.23 -11.57 -6.47
C VAL D 43 -37.55 -11.87 -7.18
N TYR D 44 -38.22 -10.82 -7.68
CA TYR D 44 -39.47 -11.03 -8.40
C TYR D 44 -39.26 -11.89 -9.63
N LYS D 45 -38.20 -11.63 -10.40
CA LYS D 45 -37.91 -12.42 -11.59
C LYS D 45 -37.30 -13.77 -11.23
N ALA D 46 -36.51 -13.83 -10.17
CA ALA D 46 -35.88 -15.09 -9.77
C ALA D 46 -36.92 -16.11 -9.33
N LEU D 47 -37.93 -15.67 -8.56
CA LEU D 47 -38.96 -16.58 -8.10
C LEU D 47 -39.83 -17.09 -9.24
N ARG D 48 -39.83 -16.41 -10.39
CA ARG D 48 -40.65 -16.84 -11.52
C ARG D 48 -40.21 -18.22 -12.03
N LEU D 49 -38.95 -18.56 -11.82
CA LEU D 49 -38.37 -19.77 -12.40
C LEU D 49 -38.56 -21.02 -11.54
N ALA D 50 -39.41 -20.95 -10.52
CA ALA D 50 -39.61 -22.11 -9.64
C ALA D 50 -40.17 -23.32 -10.39
N PRO D 51 -41.25 -23.21 -11.18
CA PRO D 51 -41.69 -24.37 -11.95
C PRO D 51 -40.68 -24.84 -12.98
N LYS D 52 -39.80 -23.96 -13.47
CA LYS D 52 -38.76 -24.40 -14.40
C LYS D 52 -37.85 -25.44 -13.75
N LEU D 53 -37.47 -25.24 -12.50
CA LEU D 53 -36.69 -26.23 -11.77
C LEU D 53 -37.54 -27.40 -11.28
N LYS D 54 -38.80 -27.15 -10.93
CA LYS D 54 -39.67 -28.23 -10.46
C LYS D 54 -40.03 -29.22 -11.56
N LYS D 55 -40.01 -28.79 -12.83
CA LYS D 55 -40.29 -29.69 -13.94
C LYS D 55 -39.06 -30.42 -14.44
N LYS D 56 -37.86 -30.01 -14.03
CA LYS D 56 -36.63 -30.64 -14.48
C LYS D 56 -35.92 -31.43 -13.39
N ALA D 57 -36.22 -31.19 -12.12
CA ALA D 57 -35.59 -31.95 -11.06
C ALA D 57 -35.92 -33.44 -11.17
N GLU D 58 -37.19 -33.77 -11.40
CA GLU D 58 -37.56 -35.17 -11.61
C GLU D 58 -37.11 -35.69 -12.96
N SER D 59 -36.91 -34.81 -13.95
CA SER D 59 -36.45 -35.22 -15.26
C SER D 59 -34.95 -35.46 -15.31
N LYS D 60 -34.20 -34.99 -14.31
CA LYS D 60 -32.76 -35.20 -14.26
C LYS D 60 -32.31 -36.20 -13.21
N GLY D 61 -33.16 -36.58 -12.27
CA GLY D 61 -32.79 -37.51 -11.23
C GLY D 61 -32.50 -36.89 -9.88
N CYS D 62 -33.11 -35.76 -9.55
CA CYS D 62 -32.88 -35.08 -8.29
C CYS D 62 -34.21 -34.76 -7.62
N PRO D 63 -34.22 -34.65 -6.29
CA PRO D 63 -35.45 -34.28 -5.60
C PRO D 63 -35.88 -32.87 -5.96
N PRO D 64 -37.17 -32.56 -5.89
CA PRO D 64 -37.64 -31.22 -6.23
C PRO D 64 -37.00 -30.16 -5.34
N PRO D 65 -36.72 -28.99 -5.90
CA PRO D 65 -36.04 -27.95 -5.11
C PRO D 65 -36.92 -27.44 -3.98
N ARG D 66 -36.27 -26.90 -2.96
CA ARG D 66 -36.98 -26.38 -1.79
C ARG D 66 -37.73 -25.11 -2.16
N ILE D 67 -39.00 -25.25 -2.50
CA ILE D 67 -39.82 -24.09 -2.87
C ILE D 67 -39.92 -23.14 -1.68
N PRO D 68 -39.73 -21.84 -1.86
CA PRO D 68 -39.79 -20.92 -0.72
C PRO D 68 -41.17 -20.88 -0.09
N SER D 69 -41.20 -20.67 1.22
CA SER D 69 -42.44 -20.57 1.96
C SER D 69 -43.17 -19.28 1.60
N PRO D 70 -44.49 -19.24 1.83
CA PRO D 70 -45.24 -18.01 1.52
C PRO D 70 -45.14 -16.95 2.60
N GLU D 71 -45.00 -17.36 3.87
CA GLU D 71 -45.08 -16.41 4.96
C GLU D 71 -43.88 -15.46 5.00
N ASP D 72 -42.69 -15.93 4.60
CA ASP D 72 -41.51 -15.07 4.65
C ASP D 72 -41.64 -13.88 3.70
N ILE D 73 -42.19 -14.09 2.50
CA ILE D 73 -42.43 -12.99 1.58
C ILE D 73 -43.72 -12.25 1.90
N GLU D 74 -44.68 -12.91 2.55
CA GLU D 74 -45.87 -12.19 3.01
C GLU D 74 -45.51 -11.13 4.04
N ALA D 75 -44.63 -11.49 4.97
CA ALA D 75 -44.15 -10.54 5.99
C ALA D 75 -42.89 -9.82 5.52
N LEU D 76 -42.94 -9.25 4.33
CA LEU D 76 -41.82 -8.53 3.75
C LEU D 76 -42.18 -7.12 3.31
N GLU D 77 -43.36 -6.94 2.71
CA GLU D 77 -43.75 -5.62 2.21
C GLU D 77 -44.11 -4.65 3.32
N GLU D 78 -44.34 -5.13 4.54
CA GLU D 78 -44.56 -4.24 5.68
C GLU D 78 -43.28 -3.93 6.44
N LYS D 79 -42.23 -4.72 6.25
CA LYS D 79 -40.92 -4.45 6.84
C LYS D 79 -39.95 -3.81 5.86
N VAL D 80 -40.32 -3.69 4.59
CA VAL D 80 -39.51 -2.97 3.62
C VAL D 80 -40.11 -1.61 3.24
N GLU D 81 -41.43 -1.48 3.19
CA GLU D 81 -42.05 -0.23 2.79
C GLU D 81 -42.14 0.77 3.95
N GLN D 82 -41.00 0.97 4.62
CA GLN D 82 -40.86 2.05 5.58
C GLN D 82 -39.45 2.64 5.58
N LEU D 83 -38.56 2.17 4.70
CA LEU D 83 -37.16 2.59 4.69
C LEU D 83 -36.99 3.74 3.70
N SER D 84 -37.50 4.91 4.10
CA SER D 84 -37.33 6.12 3.31
C SER D 84 -35.91 6.65 3.35
N ASN D 85 -35.07 6.14 4.24
CA ASN D 85 -33.67 6.56 4.34
C ASN D 85 -32.77 5.46 3.78
N PRO D 86 -31.95 5.76 2.77
CA PRO D 86 -31.05 4.74 2.22
C PRO D 86 -29.97 4.27 3.19
N LYS D 87 -29.97 4.76 4.43
CA LYS D 87 -28.90 4.40 5.36
C LYS D 87 -28.91 2.91 5.66
N ASP D 88 -30.06 2.37 6.06
CA ASP D 88 -30.22 0.94 6.29
C ASP D 88 -30.87 0.22 5.11
N LEU D 89 -31.29 0.96 4.08
CA LEU D 89 -31.82 0.32 2.88
C LEU D 89 -30.77 -0.56 2.22
N ARG D 90 -29.52 -0.08 2.18
CA ARG D 90 -28.45 -0.86 1.58
C ARG D 90 -28.25 -2.19 2.30
N LYS D 91 -28.18 -2.16 3.64
CA LYS D 91 -27.98 -3.40 4.37
C LYS D 91 -29.19 -4.33 4.26
N LEU D 92 -30.40 -3.78 4.28
CA LEU D 92 -31.58 -4.63 4.10
C LEU D 92 -31.59 -5.29 2.73
N ALA D 93 -31.19 -4.56 1.68
CA ALA D 93 -31.18 -5.12 0.34
C ALA D 93 -30.08 -6.18 0.20
N VAL D 94 -28.91 -5.94 0.80
CA VAL D 94 -27.81 -6.86 0.58
C VAL D 94 -27.92 -8.09 1.48
N SER D 95 -28.65 -8.00 2.60
CA SER D 95 -28.77 -9.14 3.50
C SER D 95 -29.50 -10.32 2.84
N LEU D 96 -30.32 -10.06 1.84
CA LEU D 96 -31.06 -11.11 1.15
C LEU D 96 -30.29 -11.68 -0.04
N ALA D 97 -29.08 -11.19 -0.32
CA ALA D 97 -28.30 -11.65 -1.45
C ALA D 97 -27.15 -12.56 -1.08
N LEU D 98 -26.83 -12.70 0.21
CA LEU D 98 -25.72 -13.51 0.66
C LEU D 98 -26.08 -14.99 0.81
N TRP D 99 -27.24 -15.40 0.29
CA TRP D 99 -27.70 -16.78 0.39
C TRP D 99 -27.86 -17.45 -0.96
N ALA D 100 -27.36 -16.83 -2.03
CA ALA D 100 -27.49 -17.37 -3.37
C ALA D 100 -26.32 -18.26 -3.78
N PHE D 101 -25.31 -18.40 -2.92
CA PHE D 101 -24.13 -19.22 -3.24
C PHE D 101 -23.76 -20.00 -1.98
N ALA D 102 -24.20 -21.25 -1.91
CA ALA D 102 -23.89 -22.11 -0.78
C ALA D 102 -23.89 -23.56 -1.28
N SER D 103 -23.86 -24.50 -0.33
CA SER D 103 -23.85 -25.94 -0.63
C SER D 103 -24.98 -26.59 0.14
N TRP D 104 -26.14 -26.72 -0.51
CA TRP D 104 -27.31 -27.34 0.08
C TRP D 104 -27.46 -28.77 -0.42
N ASN D 105 -28.58 -29.40 -0.07
CA ASN D 105 -28.90 -30.74 -0.54
C ASN D 105 -29.62 -30.64 -1.89
N ASN D 106 -28.84 -30.23 -2.90
CA ASN D 106 -29.41 -30.01 -4.23
C ASN D 106 -29.81 -31.32 -4.87
N CYS D 107 -28.84 -32.22 -5.10
CA CYS D 107 -29.08 -33.53 -5.69
C CYS D 107 -28.36 -34.59 -4.87
N PRO D 108 -28.89 -34.92 -3.67
CA PRO D 108 -28.27 -35.92 -2.81
C PRO D 108 -28.40 -37.34 -3.38
N GLY E 2 -55.09 -9.70 3.73
CA GLY E 2 -55.88 -8.95 2.78
C GLY E 2 -55.11 -7.80 2.13
N TRP E 3 -55.85 -6.81 1.63
CA TRP E 3 -55.27 -5.61 1.02
C TRP E 3 -54.47 -5.98 -0.23
N ILE E 4 -53.31 -6.61 -0.05
CA ILE E 4 -52.60 -7.21 -1.18
C ILE E 4 -52.51 -8.73 -1.05
N ARG E 5 -52.61 -9.29 0.16
CA ARG E 5 -52.61 -10.74 0.31
C ARG E 5 -53.79 -11.37 -0.41
N ASN E 6 -54.97 -10.75 -0.30
CA ASN E 6 -56.16 -11.30 -0.93
C ASN E 6 -56.04 -11.32 -2.45
N ILE E 7 -55.49 -10.24 -3.03
CA ILE E 7 -55.34 -10.16 -4.49
C ILE E 7 -54.09 -10.85 -4.99
N GLY E 8 -53.15 -11.18 -4.11
CA GLY E 8 -51.90 -11.80 -4.54
C GLY E 8 -51.92 -13.32 -4.40
N ARG E 9 -52.55 -13.81 -3.33
CA ARG E 9 -52.64 -15.26 -3.15
C ARG E 9 -53.63 -15.88 -4.13
N TYR E 10 -54.66 -15.14 -4.52
CA TYR E 10 -55.63 -15.68 -5.47
C TYR E 10 -54.97 -15.97 -6.82
N LEU E 11 -54.13 -15.05 -7.30
CA LEU E 11 -53.44 -15.25 -8.56
C LEU E 11 -52.31 -16.27 -8.47
N SER E 12 -52.18 -16.96 -7.34
CA SER E 12 -51.20 -18.02 -7.16
C SER E 12 -51.79 -19.42 -7.25
N TYR E 13 -53.12 -19.54 -7.20
CA TYR E 13 -53.76 -20.85 -7.25
C TYR E 13 -54.12 -21.29 -8.66
N LEU E 14 -54.45 -20.36 -9.55
CA LEU E 14 -54.84 -20.69 -10.90
C LEU E 14 -53.69 -20.57 -11.90
N VAL E 15 -52.48 -20.27 -11.43
CA VAL E 15 -51.32 -20.19 -12.30
C VAL E 15 -50.37 -21.36 -12.10
N ASP E 16 -50.26 -21.91 -10.89
CA ASP E 16 -49.37 -23.03 -10.62
C ASP E 16 -49.98 -24.34 -11.10
N ASP E 17 -49.43 -25.45 -10.65
CA ASP E 17 -49.85 -26.77 -11.11
C ASP E 17 -51.27 -27.07 -10.65
N THR E 18 -51.75 -28.28 -10.97
CA THR E 18 -53.10 -28.80 -10.77
C THR E 18 -54.11 -28.16 -11.70
N PHE E 19 -53.70 -27.23 -12.56
CA PHE E 19 -54.56 -26.70 -13.61
C PHE E 19 -53.90 -26.69 -14.99
N GLU E 20 -52.58 -26.51 -15.06
CA GLU E 20 -51.79 -26.79 -16.27
C GLU E 20 -52.22 -25.91 -17.45
N GLU E 21 -52.06 -24.60 -17.27
CA GLU E 21 -52.10 -23.69 -18.41
C GLU E 21 -50.96 -22.68 -18.30
N TYR E 22 -50.50 -22.43 -17.08
CA TYR E 22 -49.34 -21.59 -16.80
C TYR E 22 -49.38 -20.27 -17.57
N ALA E 23 -50.39 -19.46 -17.24
CA ALA E 23 -50.53 -18.13 -17.83
C ALA E 23 -49.44 -17.23 -17.25
N TYR E 24 -48.38 -17.02 -18.03
CA TYR E 24 -47.22 -16.27 -17.56
C TYR E 24 -47.08 -14.90 -18.19
N ASP E 25 -47.68 -14.68 -19.36
CA ASP E 25 -47.57 -13.39 -20.03
C ASP E 25 -48.24 -12.28 -19.24
N VAL E 26 -49.21 -12.61 -18.38
CA VAL E 26 -49.91 -11.59 -17.62
C VAL E 26 -49.00 -10.97 -16.55
N VAL E 27 -48.15 -11.76 -15.90
CA VAL E 27 -47.30 -11.22 -14.85
C VAL E 27 -46.03 -10.58 -15.41
N ASP E 28 -45.67 -10.87 -16.66
CA ASP E 28 -44.48 -10.26 -17.25
C ASP E 28 -44.67 -8.77 -17.45
N GLY E 29 -45.85 -8.36 -17.93
CA GLY E 29 -46.11 -6.94 -18.15
C GLY E 29 -46.37 -6.14 -16.90
N ILE E 30 -46.72 -6.81 -15.80
CA ILE E 30 -46.96 -6.10 -14.55
C ILE E 30 -45.64 -5.54 -14.00
N ALA E 31 -44.56 -6.28 -14.14
CA ALA E 31 -43.27 -5.84 -13.61
C ALA E 31 -42.82 -4.55 -14.28
N LYS E 32 -42.53 -4.61 -15.58
CA LYS E 32 -41.98 -3.46 -16.30
C LYS E 32 -43.08 -2.42 -16.46
N ALA E 33 -43.04 -1.38 -15.65
CA ALA E 33 -44.03 -0.32 -15.65
C ALA E 33 -43.48 0.89 -16.39
N ARG E 34 -44.18 1.33 -17.44
CA ARG E 34 -43.81 2.51 -18.20
C ARG E 34 -44.86 3.61 -18.18
N THR E 35 -46.11 3.29 -17.89
CA THR E 35 -47.18 4.28 -17.85
C THR E 35 -48.20 3.84 -16.80
N GLN E 36 -49.39 4.45 -16.84
CA GLN E 36 -50.43 4.20 -15.85
C GLN E 36 -51.50 3.22 -16.34
N GLU E 37 -51.55 2.93 -17.63
CA GLU E 37 -52.64 2.14 -18.21
C GLU E 37 -52.27 0.69 -18.45
N GLU E 38 -51.01 0.40 -18.76
CA GLU E 38 -50.63 -0.98 -19.05
C GLU E 38 -50.68 -1.86 -17.80
N LEU E 39 -50.36 -1.29 -16.63
CA LEU E 39 -50.49 -2.04 -15.39
C LEU E 39 -51.95 -2.41 -15.13
N LEU E 40 -52.85 -1.46 -15.34
CA LEU E 40 -54.28 -1.73 -15.15
C LEU E 40 -54.78 -2.76 -16.15
N GLU E 41 -54.31 -2.68 -17.40
CA GLU E 41 -54.72 -3.66 -18.39
C GLU E 41 -54.18 -5.04 -18.06
N GLY E 42 -52.97 -5.10 -17.52
CA GLY E 42 -52.41 -6.38 -17.11
C GLY E 42 -53.17 -7.01 -15.95
N VAL E 43 -53.51 -6.20 -14.94
CA VAL E 43 -54.27 -6.76 -13.83
C VAL E 43 -55.68 -7.12 -14.29
N TYR E 44 -56.22 -6.40 -15.29
CA TYR E 44 -57.48 -6.81 -15.90
C TYR E 44 -57.36 -8.18 -16.57
N LYS E 45 -56.27 -8.41 -17.30
CA LYS E 45 -56.05 -9.73 -17.90
C LYS E 45 -55.94 -10.80 -16.81
N ALA E 46 -55.27 -10.47 -15.71
CA ALA E 46 -55.17 -11.42 -14.60
C ALA E 46 -56.55 -11.76 -14.05
N LEU E 47 -57.41 -10.75 -13.91
CA LEU E 47 -58.78 -11.00 -13.45
C LEU E 47 -59.58 -11.79 -14.46
N ARG E 48 -59.28 -11.66 -15.75
CA ARG E 48 -60.01 -12.39 -16.78
C ARG E 48 -59.89 -13.90 -16.64
N LEU E 49 -58.84 -14.39 -15.99
CA LEU E 49 -58.66 -15.83 -15.84
C LEU E 49 -59.47 -16.41 -14.68
N ALA E 50 -60.13 -15.57 -13.88
CA ALA E 50 -60.93 -16.08 -12.77
C ALA E 50 -62.06 -16.98 -13.21
N PRO E 51 -62.90 -16.64 -14.19
CA PRO E 51 -63.94 -17.59 -14.62
C PRO E 51 -63.40 -18.75 -15.45
N LYS E 52 -62.15 -18.66 -15.91
CA LYS E 52 -61.58 -19.75 -16.71
C LYS E 52 -61.39 -21.03 -15.91
N LEU E 53 -61.33 -20.95 -14.58
CA LEU E 53 -61.16 -22.12 -13.73
C LEU E 53 -62.19 -22.05 -12.60
N LYS E 54 -63.38 -22.60 -12.86
CA LYS E 54 -64.41 -22.73 -11.85
C LYS E 54 -64.78 -24.19 -11.59
N LYS E 55 -65.10 -24.94 -12.65
CA LYS E 55 -65.39 -26.37 -12.52
C LYS E 55 -64.15 -27.25 -12.57
N LYS E 56 -63.05 -26.75 -13.12
CA LYS E 56 -61.84 -27.57 -13.26
C LYS E 56 -61.20 -27.90 -11.92
N ALA E 57 -61.50 -27.14 -10.86
CA ALA E 57 -60.87 -27.36 -9.58
C ALA E 57 -61.29 -28.71 -8.98
N GLU E 58 -62.58 -28.96 -8.92
CA GLU E 58 -63.08 -30.19 -8.30
C GLU E 58 -63.10 -31.37 -9.26
N SER E 59 -62.87 -31.15 -10.56
CA SER E 59 -62.82 -32.26 -11.50
C SER E 59 -61.67 -33.20 -11.20
N LYS E 60 -60.50 -32.64 -10.85
CA LYS E 60 -59.32 -33.44 -10.55
C LYS E 60 -59.25 -33.86 -9.08
N GLY E 61 -59.92 -33.15 -8.19
CA GLY E 61 -59.89 -33.50 -6.78
C GLY E 61 -59.34 -32.39 -5.91
N CYS E 62 -59.45 -31.15 -6.36
CA CYS E 62 -58.95 -30.00 -5.63
C CYS E 62 -60.10 -29.10 -5.18
N PRO E 63 -59.97 -28.45 -4.01
CA PRO E 63 -61.03 -27.55 -3.57
C PRO E 63 -61.10 -26.33 -4.46
N PRO E 64 -62.28 -25.72 -4.60
CA PRO E 64 -62.40 -24.50 -5.41
C PRO E 64 -61.59 -23.37 -4.82
N PRO E 65 -61.01 -22.52 -5.66
CA PRO E 65 -60.21 -21.41 -5.14
C PRO E 65 -61.07 -20.39 -4.41
N ARG E 66 -60.45 -19.70 -3.44
CA ARG E 66 -61.14 -18.69 -2.65
C ARG E 66 -61.23 -17.42 -3.47
N ILE E 67 -62.39 -17.18 -4.07
CA ILE E 67 -62.59 -15.99 -4.90
C ILE E 67 -62.53 -14.75 -3.99
N PRO E 68 -61.75 -13.73 -4.35
CA PRO E 68 -61.65 -12.55 -3.48
C PRO E 68 -62.99 -11.84 -3.36
N SER E 69 -63.26 -11.36 -2.15
CA SER E 69 -64.47 -10.58 -1.90
C SER E 69 -64.29 -9.15 -2.41
N PRO E 70 -65.39 -8.49 -2.79
CA PRO E 70 -65.27 -7.16 -3.43
C PRO E 70 -65.05 -6.02 -2.44
N GLU E 71 -63.86 -6.00 -1.82
CA GLU E 71 -63.42 -4.83 -1.06
C GLU E 71 -61.95 -4.53 -1.32
N ASP E 72 -61.31 -5.25 -2.24
CA ASP E 72 -59.89 -5.07 -2.53
C ASP E 72 -59.63 -4.28 -3.81
N ILE E 73 -60.64 -4.11 -4.67
CA ILE E 73 -60.44 -3.33 -5.89
C ILE E 73 -60.22 -1.86 -5.55
N GLU E 74 -61.06 -1.29 -4.67
CA GLU E 74 -60.86 0.09 -4.28
C GLU E 74 -59.57 0.29 -3.50
N ALA E 75 -59.02 -0.77 -2.90
CA ALA E 75 -57.73 -0.66 -2.23
C ALA E 75 -56.64 -0.22 -3.20
N LEU E 76 -56.61 -0.79 -4.40
CA LEU E 76 -55.68 -0.33 -5.41
C LEU E 76 -56.18 0.91 -6.13
N GLU E 77 -57.49 1.10 -6.22
CA GLU E 77 -58.04 2.28 -6.89
C GLU E 77 -57.64 3.57 -6.15
N GLU E 78 -57.68 3.55 -4.82
CA GLU E 78 -57.37 4.75 -4.06
C GLU E 78 -55.90 5.13 -4.12
N LYS E 79 -55.00 4.17 -4.34
CA LYS E 79 -53.57 4.45 -4.39
C LYS E 79 -53.00 4.42 -5.80
N VAL E 80 -53.83 4.18 -6.80
CA VAL E 80 -53.39 4.25 -8.19
C VAL E 80 -53.60 5.64 -8.79
N GLU E 81 -54.52 6.44 -8.26
CA GLU E 81 -54.83 7.75 -8.82
C GLU E 81 -53.95 8.86 -8.24
N GLN E 82 -53.93 8.98 -6.91
CA GLN E 82 -53.12 10.03 -6.29
C GLN E 82 -51.62 9.79 -6.50
N LEU E 83 -51.20 8.53 -6.52
CA LEU E 83 -49.79 8.20 -6.75
C LEU E 83 -49.56 8.22 -8.26
N SER E 84 -48.88 9.27 -8.74
CA SER E 84 -48.67 9.46 -10.16
C SER E 84 -47.21 9.39 -10.59
N ASN E 85 -46.27 9.51 -9.67
CA ASN E 85 -44.87 9.46 -10.06
C ASN E 85 -44.47 8.06 -10.50
N PRO E 86 -43.66 7.93 -11.55
CA PRO E 86 -43.23 6.59 -12.00
C PRO E 86 -42.43 5.82 -10.96
N LYS E 87 -41.71 6.52 -10.07
CA LYS E 87 -40.82 5.86 -9.13
C LYS E 87 -41.59 4.90 -8.22
N ASP E 88 -42.72 5.34 -7.67
CA ASP E 88 -43.57 4.48 -6.87
C ASP E 88 -44.61 3.74 -7.71
N LEU E 89 -44.92 4.23 -8.90
CA LEU E 89 -45.84 3.53 -9.79
C LEU E 89 -45.27 2.19 -10.22
N ARG E 90 -43.97 2.15 -10.54
CA ARG E 90 -43.33 0.90 -10.92
C ARG E 90 -43.21 -0.04 -9.73
N LYS E 91 -43.44 0.46 -8.51
CA LYS E 91 -43.29 -0.32 -7.30
C LYS E 91 -44.60 -0.94 -6.83
N LEU E 92 -45.66 -0.14 -6.69
CA LEU E 92 -46.85 -0.69 -6.04
C LEU E 92 -47.53 -1.72 -6.92
N ALA E 93 -47.52 -1.54 -8.24
CA ALA E 93 -48.18 -2.49 -9.13
C ALA E 93 -47.43 -3.82 -9.16
N VAL E 94 -46.10 -3.79 -9.16
CA VAL E 94 -45.34 -5.04 -9.12
C VAL E 94 -45.37 -5.65 -7.73
N SER E 95 -45.73 -4.87 -6.71
CA SER E 95 -45.87 -5.43 -5.37
C SER E 95 -47.07 -6.36 -5.22
N LEU E 96 -47.92 -6.45 -6.24
CA LEU E 96 -49.15 -7.22 -6.15
C LEU E 96 -48.99 -8.69 -6.52
N ALA E 97 -47.81 -9.11 -6.97
CA ALA E 97 -47.64 -10.47 -7.49
C ALA E 97 -46.34 -11.08 -6.98
N LEU E 98 -46.02 -10.87 -5.70
CA LEU E 98 -44.85 -11.51 -5.12
C LEU E 98 -45.13 -12.98 -4.80
N TRP E 99 -46.10 -13.24 -3.93
CA TRP E 99 -46.42 -14.61 -3.53
C TRP E 99 -47.31 -15.28 -4.58
N ALA E 100 -46.75 -15.40 -5.78
CA ALA E 100 -47.43 -16.04 -6.90
C ALA E 100 -47.01 -17.48 -7.10
N PHE E 101 -45.75 -17.83 -6.82
CA PHE E 101 -45.27 -19.19 -6.93
C PHE E 101 -44.77 -19.73 -5.59
N ALA E 102 -45.27 -19.19 -4.48
CA ALA E 102 -44.87 -19.66 -3.16
C ALA E 102 -45.47 -21.03 -2.88
N SER E 103 -45.03 -21.64 -1.77
CA SER E 103 -45.46 -22.98 -1.39
C SER E 103 -46.83 -22.94 -0.70
N TRP E 104 -47.83 -22.49 -1.47
CA TRP E 104 -49.19 -22.47 -0.97
C TRP E 104 -49.78 -23.87 -0.95
N ASN E 105 -50.37 -24.25 0.18
CA ASN E 105 -50.92 -25.59 0.36
C ASN E 105 -52.26 -25.67 -0.37
N ASN E 106 -52.20 -26.02 -1.65
CA ASN E 106 -53.37 -26.16 -2.50
C ASN E 106 -53.57 -27.62 -2.88
N CYS E 107 -54.84 -27.99 -3.09
CA CYS E 107 -55.24 -29.33 -3.45
C CYS E 107 -54.68 -30.36 -2.48
N PRO E 108 -55.20 -30.43 -1.24
CA PRO E 108 -54.72 -31.39 -0.24
C PRO E 108 -54.90 -32.84 -0.68
N GLY F 2 -66.89 6.13 -6.64
CA GLY F 2 -67.03 6.52 -8.02
C GLY F 2 -68.11 5.74 -8.76
N TRP F 3 -69.21 5.46 -8.05
CA TRP F 3 -70.37 4.74 -8.57
C TRP F 3 -69.97 3.52 -9.41
N ILE F 4 -68.90 2.85 -9.00
CA ILE F 4 -68.40 1.71 -9.77
C ILE F 4 -68.98 0.37 -9.32
N ARG F 5 -69.48 0.29 -8.08
CA ARG F 5 -70.00 -0.97 -7.57
C ARG F 5 -71.36 -1.32 -8.19
N ASN F 6 -72.25 -0.32 -8.30
CA ASN F 6 -73.59 -0.59 -8.81
C ASN F 6 -73.56 -1.08 -10.26
N ILE F 7 -72.75 -0.44 -11.11
CA ILE F 7 -72.59 -0.92 -12.47
C ILE F 7 -71.78 -2.21 -12.50
N GLY F 8 -70.85 -2.38 -11.55
CA GLY F 8 -70.05 -3.59 -11.52
C GLY F 8 -70.88 -4.83 -11.28
N ARG F 9 -71.85 -4.74 -10.36
CA ARG F 9 -72.75 -5.87 -10.15
C ARG F 9 -73.54 -6.20 -11.41
N TYR F 10 -74.03 -5.16 -12.11
CA TYR F 10 -74.79 -5.36 -13.33
C TYR F 10 -73.96 -6.07 -14.39
N LEU F 11 -72.71 -5.62 -14.58
CA LEU F 11 -71.86 -6.19 -15.61
C LEU F 11 -71.19 -7.48 -15.17
N SER F 12 -71.29 -7.85 -13.90
CA SER F 12 -70.77 -9.11 -13.42
C SER F 12 -71.85 -10.17 -13.23
N TYR F 13 -73.13 -9.81 -13.29
CA TYR F 13 -74.18 -10.80 -13.22
C TYR F 13 -74.10 -11.84 -14.34
N LEU F 14 -73.45 -11.50 -15.46
CA LEU F 14 -73.31 -12.43 -16.57
C LEU F 14 -72.01 -13.23 -16.52
N VAL F 15 -71.20 -13.06 -15.47
CA VAL F 15 -69.93 -13.75 -15.33
C VAL F 15 -69.96 -14.78 -14.21
N ASP F 16 -70.61 -14.46 -13.09
CA ASP F 16 -70.63 -15.34 -11.94
C ASP F 16 -71.50 -16.57 -12.21
N ASP F 17 -71.61 -17.44 -11.21
CA ASP F 17 -72.38 -18.66 -11.33
C ASP F 17 -73.86 -18.36 -11.13
N THR F 18 -74.68 -19.41 -11.07
CA THR F 18 -76.13 -19.30 -10.91
C THR F 18 -76.76 -18.43 -12.01
N PHE F 19 -76.23 -18.55 -13.23
CA PHE F 19 -76.77 -17.82 -14.37
C PHE F 19 -76.54 -18.65 -15.63
N GLU F 20 -77.29 -18.32 -16.67
CA GLU F 20 -77.25 -19.04 -17.93
C GLU F 20 -76.62 -18.25 -19.07
N GLU F 21 -76.89 -16.95 -19.15
CA GLU F 21 -76.39 -16.12 -20.26
C GLU F 21 -74.97 -15.67 -19.93
N TYR F 22 -74.00 -16.49 -20.33
CA TYR F 22 -72.58 -16.15 -20.16
C TYR F 22 -72.03 -15.57 -21.47
N ALA F 23 -72.58 -14.40 -21.82
CA ALA F 23 -72.17 -13.69 -23.03
C ALA F 23 -71.01 -12.77 -22.66
N TYR F 24 -69.79 -13.23 -22.94
CA TYR F 24 -68.59 -12.46 -22.64
C TYR F 24 -68.16 -11.54 -23.77
N ASP F 25 -68.93 -11.49 -24.86
CA ASP F 25 -68.61 -10.55 -25.94
C ASP F 25 -68.82 -9.11 -25.49
N VAL F 26 -69.84 -8.87 -24.67
CA VAL F 26 -70.17 -7.50 -24.24
C VAL F 26 -69.27 -6.99 -23.14
N VAL F 27 -68.28 -7.75 -22.71
CA VAL F 27 -67.36 -7.30 -21.67
C VAL F 27 -65.93 -7.15 -22.17
N ASP F 28 -65.54 -7.83 -23.25
CA ASP F 28 -64.18 -7.74 -23.75
C ASP F 28 -63.90 -6.41 -24.43
N GLY F 29 -64.91 -5.75 -24.96
CA GLY F 29 -64.73 -4.55 -25.74
C GLY F 29 -64.53 -3.27 -24.97
N ILE F 30 -64.60 -3.31 -23.64
CA ILE F 30 -64.41 -2.10 -22.84
C ILE F 30 -62.94 -1.83 -22.57
N ALA F 31 -62.17 -2.86 -22.24
CA ALA F 31 -60.75 -2.67 -21.97
C ALA F 31 -60.02 -2.17 -23.21
N LYS F 32 -60.33 -2.72 -24.38
CA LYS F 32 -59.74 -2.28 -25.63
C LYS F 32 -60.45 -1.02 -26.10
N ALA F 33 -59.93 0.13 -25.65
CA ALA F 33 -60.53 1.43 -25.96
C ALA F 33 -59.48 2.32 -26.60
N ARG F 34 -59.69 2.65 -27.88
CA ARG F 34 -58.79 3.51 -28.64
C ARG F 34 -59.39 4.88 -28.90
N THR F 35 -60.58 4.95 -29.48
CA THR F 35 -61.24 6.19 -29.83
C THR F 35 -62.46 6.41 -28.94
N GLN F 36 -63.19 7.49 -29.22
CA GLN F 36 -64.34 7.87 -28.42
C GLN F 36 -65.64 7.22 -28.89
N GLU F 37 -65.81 7.07 -30.21
CA GLU F 37 -67.05 6.55 -30.76
C GLU F 37 -67.20 5.04 -30.60
N GLU F 38 -66.16 4.33 -30.18
CA GLU F 38 -66.24 2.89 -30.03
C GLU F 38 -66.66 2.45 -28.64
N LEU F 39 -66.28 3.21 -27.60
CA LEU F 39 -66.67 2.83 -26.24
C LEU F 39 -68.16 2.96 -26.03
N LEU F 40 -68.80 3.93 -26.70
CA LEU F 40 -70.25 4.07 -26.60
C LEU F 40 -70.95 2.82 -27.13
N GLU F 41 -70.55 2.36 -28.32
CA GLU F 41 -71.13 1.14 -28.86
C GLU F 41 -70.76 -0.08 -28.03
N GLY F 42 -69.58 -0.07 -27.41
CA GLY F 42 -69.21 -1.16 -26.51
C GLY F 42 -70.13 -1.25 -25.30
N VAL F 43 -70.50 -0.10 -24.73
CA VAL F 43 -71.32 -0.11 -23.52
C VAL F 43 -72.81 -0.18 -23.80
N TYR F 44 -73.26 0.19 -24.99
CA TYR F 44 -74.68 0.14 -25.30
C TYR F 44 -75.25 -1.26 -25.12
N LYS F 45 -74.76 -2.23 -25.90
CA LYS F 45 -75.30 -3.59 -25.79
C LYS F 45 -74.95 -4.24 -24.46
N ALA F 46 -73.89 -3.79 -23.80
CA ALA F 46 -73.56 -4.29 -22.47
C ALA F 46 -74.58 -3.83 -21.43
N LEU F 47 -75.16 -2.65 -21.60
CA LEU F 47 -76.17 -2.15 -20.67
C LEU F 47 -77.60 -2.51 -21.07
N ARG F 48 -77.85 -2.80 -22.35
CA ARG F 48 -79.19 -3.10 -22.81
C ARG F 48 -79.61 -4.55 -22.59
N LEU F 49 -78.89 -5.31 -21.77
CA LEU F 49 -79.19 -6.72 -21.54
C LEU F 49 -79.94 -6.97 -20.24
N ALA F 50 -80.44 -5.91 -19.59
CA ALA F 50 -81.20 -6.10 -18.35
C ALA F 50 -82.44 -6.96 -18.53
N PRO F 51 -83.32 -6.71 -19.50
CA PRO F 51 -84.51 -7.58 -19.62
C PRO F 51 -84.20 -9.03 -19.89
N LYS F 52 -83.09 -9.32 -20.59
CA LYS F 52 -82.73 -10.71 -20.84
C LYS F 52 -82.48 -11.47 -19.54
N LEU F 53 -81.80 -10.83 -18.59
CA LEU F 53 -81.59 -11.45 -17.29
C LEU F 53 -82.84 -11.43 -16.42
N LYS F 54 -83.63 -10.35 -16.50
CA LYS F 54 -84.80 -10.21 -15.65
C LYS F 54 -85.96 -11.10 -16.07
N LYS F 55 -85.99 -11.56 -17.32
CA LYS F 55 -87.04 -12.45 -17.78
C LYS F 55 -86.78 -13.92 -17.44
N LYS F 56 -85.58 -14.25 -16.96
CA LYS F 56 -85.25 -15.62 -16.59
C LYS F 56 -84.69 -15.73 -15.18
N ALA F 57 -84.51 -14.63 -14.45
CA ALA F 57 -84.04 -14.71 -13.08
C ALA F 57 -85.04 -15.42 -12.16
N GLU F 58 -86.34 -15.38 -12.48
CA GLU F 58 -87.32 -16.01 -11.60
C GLU F 58 -87.30 -17.52 -11.71
N SER F 59 -86.86 -18.07 -12.85
CA SER F 59 -86.85 -19.51 -13.05
C SER F 59 -85.87 -20.23 -12.14
N LYS F 60 -84.87 -19.51 -11.60
CA LYS F 60 -83.88 -20.13 -10.74
C LYS F 60 -84.38 -20.32 -9.31
N GLY F 61 -85.55 -19.80 -8.98
CA GLY F 61 -86.07 -19.92 -7.63
C GLY F 61 -85.56 -18.88 -6.65
N CYS F 62 -84.89 -17.84 -7.11
CA CYS F 62 -84.35 -16.79 -6.26
C CYS F 62 -84.82 -15.44 -6.77
N PRO F 63 -84.92 -14.45 -5.88
CA PRO F 63 -85.38 -13.13 -6.31
C PRO F 63 -84.42 -12.53 -7.31
N PRO F 64 -84.94 -11.75 -8.27
CA PRO F 64 -84.05 -11.15 -9.26
C PRO F 64 -83.19 -10.07 -8.63
N PRO F 65 -82.01 -9.80 -9.20
CA PRO F 65 -81.14 -8.77 -8.63
C PRO F 65 -81.63 -7.35 -8.90
N ARG F 66 -80.86 -6.36 -8.45
CA ARG F 66 -81.23 -4.97 -8.62
C ARG F 66 -80.98 -4.50 -10.05
N ILE F 67 -81.53 -3.33 -10.37
CA ILE F 67 -81.38 -2.71 -11.67
C ILE F 67 -80.72 -1.35 -11.46
N PRO F 68 -79.62 -1.04 -12.15
CA PRO F 68 -78.99 0.27 -11.97
C PRO F 68 -79.90 1.40 -12.38
N SER F 69 -79.79 2.52 -11.66
CA SER F 69 -80.62 3.68 -11.94
C SER F 69 -80.20 4.33 -13.25
N PRO F 70 -81.15 4.89 -14.01
CA PRO F 70 -80.78 5.58 -15.25
C PRO F 70 -79.99 6.86 -15.04
N GLU F 71 -79.96 7.39 -13.82
CA GLU F 71 -79.19 8.58 -13.48
C GLU F 71 -77.71 8.30 -13.29
N ASP F 72 -77.20 7.20 -13.80
CA ASP F 72 -75.81 6.83 -13.58
C ASP F 72 -74.96 6.91 -14.84
N ILE F 73 -75.59 6.89 -16.03
CA ILE F 73 -74.82 6.81 -17.27
C ILE F 73 -74.41 8.19 -17.77
N GLU F 74 -75.20 9.22 -17.47
CA GLU F 74 -74.84 10.55 -17.95
C GLU F 74 -73.60 11.09 -17.25
N ALA F 75 -73.32 10.63 -16.02
CA ALA F 75 -72.05 10.98 -15.38
C ALA F 75 -70.87 10.44 -16.17
N LEU F 76 -70.97 9.19 -16.62
CA LEU F 76 -69.93 8.62 -17.46
C LEU F 76 -69.81 9.40 -18.77
N GLU F 77 -70.95 9.74 -19.36
CA GLU F 77 -70.93 10.47 -20.62
C GLU F 77 -70.25 11.83 -20.47
N GLU F 78 -70.59 12.55 -19.40
CA GLU F 78 -70.02 13.88 -19.22
C GLU F 78 -68.55 13.82 -18.81
N LYS F 79 -68.13 12.78 -18.10
CA LYS F 79 -66.73 12.66 -17.72
C LYS F 79 -65.87 12.06 -18.83
N VAL F 80 -66.48 11.46 -19.86
CA VAL F 80 -65.68 11.00 -21.00
C VAL F 80 -65.67 12.02 -22.13
N GLU F 81 -66.72 12.85 -22.24
CA GLU F 81 -66.75 13.84 -23.31
C GLU F 81 -65.81 15.02 -23.04
N GLN F 82 -65.41 15.22 -21.79
CA GLN F 82 -64.56 16.35 -21.44
C GLN F 82 -63.08 16.10 -21.68
N LEU F 83 -62.69 14.87 -22.03
CA LEU F 83 -61.30 14.52 -22.22
C LEU F 83 -61.08 14.01 -23.64
N SER F 84 -59.93 14.36 -24.21
CA SER F 84 -59.53 13.87 -25.53
C SER F 84 -58.24 13.06 -25.50
N ASN F 85 -57.48 13.12 -24.42
CA ASN F 85 -56.24 12.35 -24.33
C ASN F 85 -56.57 10.88 -24.07
N PRO F 86 -56.09 9.95 -24.89
CA PRO F 86 -56.38 8.53 -24.66
C PRO F 86 -55.81 8.00 -23.35
N LYS F 87 -54.84 8.71 -22.75
CA LYS F 87 -54.23 8.23 -21.52
C LYS F 87 -55.26 8.08 -20.41
N ASP F 88 -56.08 9.11 -20.20
CA ASP F 88 -57.13 9.02 -19.19
C ASP F 88 -58.31 8.19 -19.68
N LEU F 89 -58.55 8.17 -20.99
CA LEU F 89 -59.65 7.39 -21.54
C LEU F 89 -59.46 5.90 -21.29
N ARG F 90 -58.24 5.41 -21.47
CA ARG F 90 -57.97 4.00 -21.20
C ARG F 90 -58.09 3.68 -19.72
N LYS F 91 -57.65 4.59 -18.84
CA LYS F 91 -57.84 4.39 -17.42
C LYS F 91 -59.32 4.28 -17.08
N LEU F 92 -60.15 5.19 -17.61
CA LEU F 92 -61.57 5.14 -17.35
C LEU F 92 -62.19 3.85 -17.89
N ALA F 93 -61.78 3.43 -19.08
CA ALA F 93 -62.33 2.21 -19.66
C ALA F 93 -61.96 0.98 -18.84
N VAL F 94 -60.69 0.86 -18.44
CA VAL F 94 -60.26 -0.31 -17.70
C VAL F 94 -60.86 -0.32 -16.30
N SER F 95 -61.13 0.85 -15.72
CA SER F 95 -61.77 0.91 -14.41
C SER F 95 -63.23 0.46 -14.43
N LEU F 96 -63.84 0.35 -15.60
CA LEU F 96 -65.25 0.01 -15.71
C LEU F 96 -65.51 -1.49 -15.67
N ALA F 97 -64.48 -2.34 -15.62
CA ALA F 97 -64.69 -3.77 -15.64
C ALA F 97 -63.82 -4.54 -14.66
N LEU F 98 -63.14 -3.87 -13.73
CA LEU F 98 -62.35 -4.57 -12.73
C LEU F 98 -63.21 -5.21 -11.66
N TRP F 99 -64.49 -4.85 -11.58
CA TRP F 99 -65.41 -5.40 -10.58
C TRP F 99 -66.21 -6.58 -11.10
N ALA F 100 -65.85 -7.13 -12.26
CA ALA F 100 -66.57 -8.24 -12.85
C ALA F 100 -66.17 -9.60 -12.28
N PHE F 101 -65.17 -9.63 -11.38
CA PHE F 101 -64.64 -10.88 -10.86
C PHE F 101 -64.44 -10.73 -9.35
N ALA F 102 -65.42 -11.22 -8.58
CA ALA F 102 -65.35 -11.18 -7.13
C ALA F 102 -66.23 -12.30 -6.58
N SER F 103 -66.40 -12.33 -5.27
CA SER F 103 -67.23 -13.33 -4.59
C SER F 103 -68.31 -12.62 -3.80
N TRP F 104 -69.56 -12.77 -4.23
CA TRP F 104 -70.70 -12.15 -3.57
C TRP F 104 -71.86 -13.14 -3.59
N ASN F 105 -73.02 -12.68 -3.11
CA ASN F 105 -74.24 -13.48 -3.10
C ASN F 105 -75.26 -12.77 -3.96
N ASN F 106 -75.38 -13.19 -5.22
CA ASN F 106 -76.33 -12.57 -6.14
C ASN F 106 -77.77 -12.78 -5.67
N CYS F 107 -78.11 -14.00 -5.23
CA CYS F 107 -79.44 -14.30 -4.73
C CYS F 107 -79.40 -15.61 -3.97
N PRO F 108 -79.92 -15.67 -2.74
CA PRO F 108 -80.08 -16.83 -1.86
C PRO F 108 -80.23 -18.17 -2.57
N MET G 1 -3.75 38.96 48.63
CA MET G 1 -3.29 39.08 50.01
C MET G 1 -2.49 37.84 50.40
N TYR G 2 -3.19 36.74 50.66
CA TYR G 2 -2.55 35.45 50.89
C TYR G 2 -3.28 34.43 50.04
N VAL G 3 -2.71 34.12 48.86
CA VAL G 3 -3.37 33.22 47.91
C VAL G 3 -2.47 32.04 47.61
N ARG G 4 -3.05 30.84 47.70
CA ARG G 4 -2.40 29.58 47.38
C ARG G 4 -3.21 28.94 46.25
N ILE G 5 -2.64 28.92 45.05
CA ILE G 5 -3.25 28.27 43.90
C ILE G 5 -2.55 26.95 43.64
N SER G 6 -3.31 25.94 43.19
CA SER G 6 -2.73 24.67 42.82
C SER G 6 -3.71 23.95 41.91
N GLY G 7 -3.23 22.92 41.24
CA GLY G 7 -4.10 22.11 40.42
C GLY G 7 -3.32 21.33 39.38
N ARG G 8 -4.06 20.77 38.43
CA ARG G 8 -3.50 19.95 37.37
C ARG G 8 -3.63 20.67 36.03
N ILE G 9 -2.62 20.48 35.19
CA ILE G 9 -2.52 21.17 33.90
C ILE G 9 -2.29 20.13 32.81
N ARG G 10 -2.94 20.32 31.67
CA ARG G 10 -2.79 19.45 30.51
C ARG G 10 -2.13 20.25 29.40
N LEU G 11 -0.80 20.21 29.35
CA LEU G 11 -0.04 20.83 28.27
C LEU G 11 0.88 19.79 27.66
N ASN G 12 1.02 19.84 26.33
CA ASN G 12 1.79 18.86 25.60
C ASN G 12 2.54 19.53 24.46
N ALA G 13 3.57 18.85 23.97
CA ALA G 13 4.37 19.29 22.83
C ALA G 13 4.98 20.67 23.08
N HIS G 14 5.83 20.72 24.10
CA HIS G 14 6.46 21.96 24.52
C HIS G 14 7.94 21.73 24.80
N SER G 15 8.76 22.70 24.40
CA SER G 15 10.21 22.65 24.62
C SER G 15 10.52 23.54 25.82
N LEU G 16 10.68 22.92 26.98
CA LEU G 16 10.98 23.61 28.22
C LEU G 16 12.21 23.00 28.86
N ASN G 17 13.09 23.86 29.39
CA ASN G 17 14.32 23.44 30.06
C ASN G 17 15.20 22.61 29.13
N ALA G 18 15.66 23.26 28.06
CA ALA G 18 16.58 22.63 27.12
C ALA G 18 17.99 22.61 27.69
N GLN G 19 18.93 22.09 26.91
CA GLN G 19 20.32 21.96 27.33
C GLN G 19 21.21 23.04 26.71
N GLY G 20 20.62 24.11 26.20
CA GLY G 20 21.40 25.20 25.64
C GLY G 20 21.68 25.07 24.16
N GLY G 21 22.87 24.56 23.82
CA GLY G 21 23.27 24.51 22.39
C GLY G 21 24.58 25.22 22.19
N GLY G 22 25.42 25.24 23.23
CA GLY G 22 26.78 25.82 23.10
C GLY G 22 27.61 25.06 22.09
N GLY G 23 27.53 23.72 22.14
CA GLY G 23 28.22 22.84 21.18
C GLY G 23 27.41 21.58 20.90
N THR G 24 26.56 21.15 21.85
CA THR G 24 25.70 19.96 21.61
C THR G 24 24.73 20.28 20.47
N ASN G 25 24.58 19.36 19.51
CA ASN G 25 23.69 19.63 18.35
C ASN G 25 22.34 19.02 18.67
N TYR G 26 22.33 17.74 19.02
CA TYR G 26 21.05 17.18 19.47
C TYR G 26 20.67 17.81 20.81
N ILE G 27 19.67 18.70 20.76
CA ILE G 27 19.23 19.40 22.01
C ILE G 27 18.14 18.56 22.68
N GLU G 28 18.54 17.51 23.40
CA GLU G 28 17.60 16.67 24.11
C GLU G 28 17.00 17.42 25.29
N ILE G 29 15.70 17.21 25.50
CA ILE G 29 14.97 17.89 26.57
C ILE G 29 15.26 17.18 27.88
N THR G 30 15.16 17.92 28.98
CA THR G 30 15.48 17.37 30.28
C THR G 30 14.58 16.17 30.60
N LYS G 31 15.18 15.15 31.20
CA LYS G 31 14.49 13.91 31.54
C LYS G 31 14.57 13.68 33.05
N THR G 32 13.43 13.33 33.63
CA THR G 32 13.33 13.14 35.07
C THR G 32 12.79 11.75 35.36
N LYS G 33 12.72 11.40 36.65
CA LYS G 33 12.19 10.14 37.10
C LYS G 33 11.16 10.37 38.19
N VAL G 34 10.08 9.60 38.16
CA VAL G 34 9.05 9.63 39.20
C VAL G 34 8.67 8.20 39.57
N THR G 35 8.40 8.01 40.85
CA THR G 35 7.99 6.72 41.38
C THR G 35 6.47 6.65 41.45
N VAL G 36 5.94 5.45 41.22
CA VAL G 36 4.50 5.23 41.26
C VAL G 36 4.24 3.85 41.84
N ARG G 37 3.17 3.75 42.64
CA ARG G 37 2.79 2.53 43.33
C ARG G 37 1.81 1.74 42.46
N THR G 38 2.20 0.52 42.09
CA THR G 38 1.34 -0.36 41.33
C THR G 38 1.76 -1.81 41.58
N GLU G 39 0.80 -2.72 41.43
CA GLU G 39 0.95 -4.16 41.68
C GLU G 39 1.79 -4.43 42.94
N ASN G 40 1.43 -3.76 44.02
CA ASN G 40 2.07 -3.93 45.33
C ASN G 40 3.58 -3.72 45.24
N GLY G 41 3.98 -2.70 44.51
CA GLY G 41 5.39 -2.36 44.37
C GLY G 41 5.52 -0.95 43.84
N TRP G 42 6.77 -0.51 43.69
CA TRP G 42 7.06 0.82 43.19
C TRP G 42 7.88 0.72 41.92
N THR G 43 7.49 1.50 40.91
CA THR G 43 8.21 1.53 39.64
C THR G 43 8.45 2.96 39.21
N VAL G 44 9.54 3.17 38.48
CA VAL G 44 9.93 4.50 38.01
C VAL G 44 9.83 4.53 36.50
N VAL G 45 9.74 5.75 35.96
CA VAL G 45 9.63 5.97 34.52
C VAL G 45 10.47 7.18 34.16
N GLU G 46 11.06 7.16 32.96
CA GLU G 46 11.85 8.28 32.46
C GLU G 46 10.90 9.26 31.79
N VAL G 47 10.39 10.20 32.59
CA VAL G 47 9.43 11.19 32.13
C VAL G 47 9.98 12.58 32.43
N PRO G 48 9.85 13.53 31.50
CA PRO G 48 10.39 14.87 31.76
C PRO G 48 9.56 15.63 32.80
N ALA G 49 10.22 16.56 33.47
CA ALA G 49 9.57 17.49 34.39
C ALA G 49 10.19 18.87 34.20
N ILE G 50 9.38 19.90 34.41
CA ILE G 50 9.81 21.28 34.22
C ILE G 50 10.08 21.91 35.59
N THR G 51 11.22 22.57 35.72
CA THR G 51 11.54 23.25 36.97
C THR G 51 10.68 24.49 37.14
N GLY G 52 10.51 24.90 38.40
CA GLY G 52 9.77 26.09 38.72
C GLY G 52 10.50 27.39 38.51
N ASN G 53 11.78 27.31 38.13
CA ASN G 53 12.52 28.52 37.79
C ASN G 53 11.92 29.20 36.58
N MET G 54 11.40 28.42 35.63
CA MET G 54 10.66 28.99 34.51
C MET G 54 9.45 29.78 35.02
N LEU G 55 8.73 29.20 35.98
CA LEU G 55 7.56 29.86 36.55
C LEU G 55 7.94 31.16 37.24
N LYS G 56 9.03 31.14 38.02
CA LYS G 56 9.46 32.35 38.71
C LYS G 56 9.92 33.42 37.72
N HIS G 57 10.65 33.02 36.68
CA HIS G 57 11.10 33.97 35.68
C HIS G 57 9.92 34.59 34.95
N TRP G 58 8.91 33.79 34.61
CA TRP G 58 7.73 34.34 33.96
C TRP G 58 6.92 35.21 34.90
N HIS G 59 6.91 34.91 36.21
CA HIS G 59 6.29 35.81 37.17
C HIS G 59 7.00 37.16 37.18
N PHE G 60 8.34 37.14 37.17
CA PHE G 60 9.11 38.37 37.07
C PHE G 60 8.79 39.12 35.79
N VAL G 61 8.66 38.40 34.68
CA VAL G 61 8.34 39.02 33.39
C VAL G 61 6.98 39.70 33.44
N GLY G 62 5.97 39.00 33.96
CA GLY G 62 4.64 39.55 34.01
C GLY G 62 4.46 40.65 35.04
N PHE G 63 5.29 40.67 36.09
CA PHE G 63 5.18 41.70 37.10
C PHE G 63 5.42 43.09 36.51
N VAL G 64 6.51 43.24 35.75
CA VAL G 64 6.78 44.53 35.13
C VAL G 64 5.75 44.87 34.06
N ASP G 65 5.26 43.87 33.32
CA ASP G 65 4.27 44.12 32.29
C ASP G 65 2.98 44.68 32.89
N TYR G 66 2.53 44.12 34.02
CA TYR G 66 1.35 44.67 34.69
C TYR G 66 1.67 45.86 35.57
N PHE G 67 2.95 46.13 35.83
CA PHE G 67 3.34 47.29 36.61
C PHE G 67 3.47 48.54 35.76
N LYS G 68 3.74 48.39 34.47
CA LYS G 68 3.83 49.54 33.57
C LYS G 68 2.48 50.12 33.20
N THR G 69 1.38 49.40 33.46
CA THR G 69 0.05 49.93 33.16
C THR G 69 -0.30 51.09 34.07
N THR G 70 -0.10 50.92 35.38
CA THR G 70 -0.42 51.98 36.32
C THR G 70 0.58 53.12 36.18
N PRO G 71 0.16 54.36 36.46
CA PRO G 71 1.10 55.49 36.43
C PRO G 71 2.20 55.42 37.49
N TYR G 72 2.24 54.37 38.30
CA TYR G 72 3.26 54.17 39.32
C TYR G 72 4.48 53.41 38.78
N GLY G 73 4.71 53.46 37.46
CA GLY G 73 5.80 52.72 36.88
C GLY G 73 7.17 53.31 37.07
N VAL G 74 7.27 54.47 37.71
CA VAL G 74 8.57 55.10 37.95
C VAL G 74 9.42 54.23 38.87
N ASN G 75 8.83 53.73 39.96
CA ASN G 75 9.57 52.95 40.95
C ASN G 75 9.79 51.55 40.42
N LEU G 76 10.82 51.42 39.58
CA LEU G 76 11.21 50.13 39.02
C LEU G 76 12.64 50.23 38.52
N THR G 77 13.42 49.18 38.76
CA THR G 77 14.82 49.18 38.35
C THR G 77 14.94 49.00 36.83
N GLU G 78 16.03 49.54 36.29
CA GLU G 78 16.29 49.38 34.86
C GLU G 78 16.52 47.92 34.49
N ARG G 79 17.24 47.19 35.35
CA ARG G 79 17.52 45.78 35.06
C ARG G 79 16.26 44.93 35.03
N ALA G 80 15.19 45.37 35.69
CA ALA G 80 13.94 44.63 35.64
C ALA G 80 13.29 44.68 34.26
N LEU G 81 13.45 45.78 33.53
CA LEU G 81 12.88 45.91 32.20
C LEU G 81 13.64 45.11 31.15
N ARG G 82 14.92 44.81 31.39
CA ARG G 82 15.71 44.00 30.47
C ARG G 82 15.77 42.54 30.90
N TYR G 83 14.94 42.14 31.87
CA TYR G 83 14.82 40.75 32.32
C TYR G 83 16.16 40.25 32.86
N ASN G 84 16.88 41.11 33.57
CA ASN G 84 18.18 40.75 34.11
C ASN G 84 18.05 39.91 35.37
N GLY G 85 17.39 40.44 36.39
CA GLY G 85 17.21 39.74 37.65
C GLY G 85 18.49 39.46 38.40
N THR G 86 19.41 40.43 38.44
CA THR G 86 20.65 40.28 39.19
C THR G 86 20.52 40.79 40.62
N ARG G 87 19.76 41.87 40.82
CA ARG G 87 19.49 42.42 42.15
C ARG G 87 20.78 42.80 42.87
N PHE G 88 21.48 43.78 42.29
CA PHE G 88 22.72 44.31 42.83
C PHE G 88 23.82 43.26 42.85
N GLY G 89 24.74 43.37 43.80
CA GLY G 89 25.84 42.44 43.85
C GLY G 89 26.64 42.60 45.13
N GLN G 90 27.85 42.02 45.12
CA GLN G 90 28.69 42.06 46.30
C GLN G 90 29.23 43.45 46.59
N GLY G 91 29.26 44.33 45.58
CA GLY G 91 29.79 45.66 45.77
C GLY G 91 28.91 46.73 45.16
N GLU G 92 27.84 46.34 44.50
CA GLU G 92 26.91 47.28 43.87
C GLU G 92 25.98 47.82 44.94
N THR G 93 26.16 49.10 45.29
CA THR G 93 25.32 49.76 46.28
C THR G 93 24.28 50.68 45.65
N THR G 94 24.60 51.31 44.53
CA THR G 94 23.65 52.18 43.85
C THR G 94 22.70 51.37 42.98
N ALA G 95 21.56 51.97 42.67
CA ALA G 95 20.53 51.33 41.87
C ALA G 95 20.36 52.08 40.55
N THR G 96 19.90 51.36 39.53
CA THR G 96 19.63 51.92 38.21
C THR G 96 18.14 51.77 37.95
N LYS G 97 17.40 52.88 38.08
CA LYS G 97 15.97 52.88 37.83
C LYS G 97 15.69 53.28 36.38
N ALA G 98 14.40 53.43 36.07
CA ALA G 98 14.01 53.89 34.74
C ALA G 98 14.44 55.32 34.48
N ASN G 99 14.45 56.16 35.50
CA ASN G 99 14.88 57.56 35.36
C ASN G 99 16.33 57.78 35.75
N GLY G 100 17.01 56.75 36.24
CA GLY G 100 18.41 56.88 36.64
C GLY G 100 18.64 57.29 38.08
N ALA G 101 17.63 57.20 38.93
CA ALA G 101 17.79 57.59 40.32
C ALA G 101 18.72 56.62 41.06
N THR G 102 19.37 57.14 42.09
CA THR G 102 20.34 56.38 42.89
C THR G 102 19.71 56.03 44.23
N VAL G 103 19.86 54.77 44.63
CA VAL G 103 19.29 54.27 45.88
C VAL G 103 20.44 53.76 46.74
N GLN G 104 20.46 54.17 48.01
CA GLN G 104 21.48 53.77 48.96
C GLN G 104 20.99 52.56 49.75
N LEU G 105 21.83 51.53 49.85
CA LEU G 105 21.48 50.30 50.55
C LEU G 105 21.79 50.48 52.03
N ASN G 106 20.77 50.78 52.81
CA ASN G 106 20.89 50.86 54.26
C ASN G 106 19.88 50.00 54.99
N ASP G 107 18.65 49.90 54.48
CA ASP G 107 17.62 49.06 55.07
C ASP G 107 16.54 48.82 54.02
N GLU G 108 15.69 47.82 54.31
CA GLU G 108 14.59 47.52 53.40
C GLU G 108 13.57 48.63 53.31
N ALA G 109 13.51 49.51 54.30
CA ALA G 109 12.52 50.58 54.30
C ALA G 109 12.73 51.53 53.12
N THR G 110 13.98 51.87 52.83
CA THR G 110 14.30 52.77 51.73
C THR G 110 14.49 52.03 50.41
N ILE G 111 14.30 50.72 50.39
CA ILE G 111 14.48 49.90 49.19
C ILE G 111 13.14 49.46 48.62
N ILE G 112 12.28 48.87 49.47
CA ILE G 112 10.98 48.42 49.00
C ILE G 112 10.06 49.58 48.67
N LYS G 113 10.39 50.79 49.13
CA LYS G 113 9.59 51.96 48.80
C LYS G 113 9.95 52.50 47.43
N GLU G 114 11.24 52.80 47.22
CA GLU G 114 11.69 53.34 45.94
C GLU G 114 11.76 52.29 44.84
N LEU G 115 11.84 51.01 45.20
CA LEU G 115 11.91 49.92 44.23
C LEU G 115 10.81 48.90 44.53
N ALA G 116 10.22 48.37 43.48
CA ALA G 116 9.15 47.37 43.62
C ALA G 116 9.57 45.97 43.21
N ASP G 117 10.45 45.84 42.21
CA ASP G 117 10.89 44.51 41.78
C ASP G 117 11.73 43.83 42.86
N ALA G 118 12.53 44.60 43.59
CA ALA G 118 13.40 44.04 44.62
C ALA G 118 12.63 43.51 45.82
N ASP G 119 11.33 43.82 45.94
CA ASP G 119 10.53 43.36 47.05
C ASP G 119 9.78 42.07 46.78
N VAL G 120 9.29 41.87 45.56
CA VAL G 120 8.51 40.68 45.25
C VAL G 120 9.40 39.44 45.27
N HIS G 121 10.56 39.52 44.63
CA HIS G 121 11.47 38.39 44.55
C HIS G 121 12.67 38.50 45.48
N GLY G 122 12.79 39.59 46.23
CA GLY G 122 13.89 39.76 47.14
C GLY G 122 15.17 40.19 46.45
N PHE G 123 16.21 40.37 47.27
CA PHE G 123 17.52 40.78 46.78
C PHE G 123 18.56 40.38 47.82
N LEU G 124 19.82 40.75 47.57
CA LEU G 124 20.90 40.48 48.50
C LEU G 124 22.04 41.45 48.24
N ALA G 125 22.76 41.79 49.30
CA ALA G 125 23.89 42.70 49.23
C ALA G 125 24.96 42.25 50.20
N PRO G 126 25.89 41.39 49.76
CA PRO G 126 26.89 40.85 50.69
C PRO G 126 27.79 41.91 51.32
N LYS G 127 27.90 43.09 50.71
CA LYS G 127 28.70 44.16 51.30
C LYS G 127 28.12 44.60 52.64
N THR G 128 26.80 44.75 52.72
CA THR G 128 26.13 45.22 53.93
C THR G 128 25.05 44.27 54.42
N GLY G 129 25.06 43.02 53.94
CA GLY G 129 24.01 42.09 54.32
C GLY G 129 22.67 42.54 53.76
N ARG G 130 21.66 42.61 54.64
CA ARG G 130 20.33 43.08 54.29
C ARG G 130 19.75 42.25 53.13
N ARG G 131 19.60 40.96 53.40
CA ARG G 131 19.02 40.04 52.43
C ARG G 131 17.49 40.08 52.53
N ARG G 132 16.83 39.99 51.37
CA ARG G 132 15.38 40.02 51.30
C ARG G 132 14.88 38.69 50.76
N VAL G 133 14.02 38.03 51.53
CA VAL G 133 13.45 36.76 51.11
C VAL G 133 12.45 36.99 49.98
N SER G 134 12.46 36.10 48.99
CA SER G 134 11.51 36.21 47.90
C SER G 134 10.08 36.04 48.41
N LEU G 135 9.24 37.04 48.12
CA LEU G 135 7.86 36.98 48.56
C LEU G 135 7.03 36.00 47.73
N VAL G 136 7.42 35.79 46.48
CA VAL G 136 6.74 34.84 45.60
C VAL G 136 7.60 33.58 45.50
N LYS G 137 6.96 32.43 45.61
CA LYS G 137 7.65 31.14 45.51
C LYS G 137 6.97 30.29 44.46
N ALA G 138 7.77 29.61 43.65
CA ALA G 138 7.28 28.74 42.60
C ALA G 138 7.46 27.29 42.99
N SER G 139 6.84 26.40 42.20
CA SER G 139 6.95 24.97 42.40
C SER G 139 7.32 24.29 41.08
N PHE G 140 7.99 23.15 41.20
CA PHE G 140 8.41 22.41 40.03
C PHE G 140 7.21 21.85 39.29
N ILE G 141 7.25 21.92 37.96
CA ILE G 141 6.17 21.44 37.11
C ILE G 141 6.52 20.01 36.71
N LEU G 142 5.88 19.05 37.34
CA LEU G 142 6.17 17.65 37.09
C LEU G 142 4.89 16.88 36.76
N PRO G 143 4.97 15.84 35.95
CA PRO G 143 3.76 15.09 35.57
C PRO G 143 3.26 14.22 36.71
N THR G 144 1.94 14.17 36.86
CA THR G 144 1.32 13.38 37.91
C THR G 144 1.52 11.89 37.65
N GLU G 145 1.52 11.10 38.73
CA GLU G 145 1.66 9.67 38.58
C GLU G 145 0.35 8.98 38.23
N ASP G 146 -0.76 9.71 38.20
CA ASP G 146 -1.99 9.14 37.64
C ASP G 146 -1.84 8.92 36.14
N PHE G 147 -1.23 9.89 35.45
CA PHE G 147 -0.92 9.70 34.03
C PHE G 147 0.01 8.53 33.82
N ILE G 148 0.94 8.30 34.75
CA ILE G 148 1.82 7.14 34.64
C ILE G 148 1.04 5.86 34.90
N LYS G 149 0.13 5.87 35.88
CA LYS G 149 -0.72 4.71 36.14
C LYS G 149 -1.54 4.33 34.92
N GLU G 150 -2.01 5.31 34.16
CA GLU G 150 -2.78 5.02 32.95
C GLU G 150 -1.92 4.90 31.70
N VAL G 151 -0.62 5.14 31.79
CA VAL G 151 0.29 5.03 30.65
C VAL G 151 1.45 4.08 30.96
N GLU G 152 2.20 4.36 32.04
CA GLU G 152 3.41 3.64 32.43
C GLU G 152 4.28 3.23 31.25
N GLY G 153 4.44 4.12 30.29
CA GLY G 153 5.27 3.83 29.13
C GLY G 153 5.16 4.86 28.03
N GLU G 154 5.23 4.39 26.78
CA GLU G 154 5.13 5.24 25.59
C GLU G 154 6.28 6.23 25.50
N ARG G 155 6.54 6.75 24.29
CA ARG G 155 7.65 7.67 24.11
C ARG G 155 7.40 8.99 24.83
N LEU G 156 6.23 9.59 24.61
CA LEU G 156 5.83 10.88 25.19
C LEU G 156 6.93 11.94 25.09
N ILE G 157 7.83 11.78 24.11
CA ILE G 157 8.90 12.73 23.85
C ILE G 157 9.00 12.91 22.34
N THR G 158 8.49 14.02 21.83
CA THR G 158 8.41 14.23 20.39
C THR G 158 9.70 14.87 19.91
N ALA G 159 10.51 14.10 19.19
CA ALA G 159 11.79 14.56 18.67
C ALA G 159 11.59 14.97 17.21
N ILE G 160 11.70 16.27 16.94
CA ILE G 160 11.51 16.82 15.60
C ILE G 160 12.81 17.49 15.17
N LYS G 161 13.18 17.39 13.90
CA LYS G 161 14.38 18.14 13.43
C LYS G 161 13.96 19.55 12.99
N HIS G 162 14.85 20.54 13.11
CA HIS G 162 14.56 21.89 12.57
C HIS G 162 15.75 22.34 11.74
N ASN G 163 15.55 23.03 10.62
CA ASN G 163 16.68 23.35 9.71
C ASN G 163 16.88 24.85 9.59
N ARG G 164 18.14 25.33 9.54
CA ARG G 164 18.20 26.79 9.35
C ARG G 164 18.82 27.01 7.98
N VAL G 165 17.99 27.35 7.01
CA VAL G 165 18.46 27.59 5.66
C VAL G 165 19.37 28.82 5.63
N ASP G 166 20.32 28.82 4.70
CA ASP G 166 21.27 29.92 4.58
C ASP G 166 21.54 30.18 3.11
N VAL G 167 21.90 31.42 2.80
CA VAL G 167 22.18 31.84 1.43
C VAL G 167 23.55 32.50 1.38
N ASP G 168 24.22 32.34 0.23
CA ASP G 168 25.49 32.99 -0.03
C ASP G 168 25.23 34.33 -0.71
N GLU G 169 26.29 34.92 -1.26
CA GLU G 169 26.14 36.18 -1.99
C GLU G 169 25.21 36.03 -3.20
N LYS G 170 25.07 34.83 -3.74
CA LYS G 170 24.15 34.57 -4.83
C LYS G 170 23.18 33.42 -4.57
N GLY G 171 23.37 32.65 -3.50
CA GLY G 171 22.47 31.55 -3.20
C GLY G 171 23.16 30.21 -3.15
N ALA G 172 24.46 30.21 -2.87
CA ALA G 172 25.23 28.97 -2.80
C ALA G 172 25.18 28.40 -1.38
N ILE G 173 25.60 27.15 -1.26
CA ILE G 173 25.64 26.42 0.01
C ILE G 173 27.07 25.98 0.27
N GLY G 174 27.61 26.36 1.43
CA GLY G 174 28.93 25.93 1.83
C GLY G 174 28.90 24.73 2.75
N SER G 175 30.09 24.14 2.95
CA SER G 175 30.22 22.98 3.81
C SER G 175 31.05 23.27 5.06
N SER G 176 32.32 23.64 4.89
CA SER G 176 33.14 23.97 6.05
C SER G 176 34.09 25.14 5.83
N LYS G 177 34.07 25.79 4.66
CA LYS G 177 35.02 26.86 4.37
C LYS G 177 34.40 28.05 3.65
N GLU G 178 33.15 27.96 3.19
CA GLU G 178 32.54 29.05 2.45
C GLU G 178 31.89 30.10 3.35
N GLY G 179 31.94 29.92 4.66
CA GLY G 179 31.36 30.87 5.58
C GLY G 179 29.84 30.82 5.59
N THR G 180 29.28 29.64 5.78
CA THR G 180 27.84 29.43 5.80
C THR G 180 27.37 29.15 7.22
N ALA G 181 26.08 29.34 7.44
CA ALA G 181 25.46 29.09 8.74
C ALA G 181 24.37 28.02 8.67
N GLN G 182 24.44 27.14 7.67
CA GLN G 182 23.46 26.08 7.52
C GLN G 182 23.60 25.09 8.67
N MET G 183 22.47 24.83 9.32
CA MET G 183 22.50 23.98 10.52
C MET G 183 21.29 23.06 10.56
N LEU G 184 21.45 21.83 11.03
CA LEU G 184 20.33 20.85 11.10
C LEU G 184 20.37 20.21 12.48
N PHE G 185 19.55 20.68 13.39
CA PHE G 185 19.52 20.24 14.81
C PHE G 185 18.20 19.60 15.17
N SER G 186 18.12 19.06 16.38
CA SER G 186 16.93 18.36 16.84
C SER G 186 16.35 19.07 18.05
N ARG G 187 15.05 18.87 18.28
CA ARG G 187 14.40 19.43 19.45
C ARG G 187 13.41 18.40 19.97
N GLU G 188 13.46 18.14 21.28
CA GLU G 188 12.52 17.25 21.94
C GLU G 188 11.50 18.06 22.72
N TYR G 189 10.22 17.80 22.47
CA TYR G 189 9.12 18.43 23.18
C TYR G 189 8.45 17.41 24.09
N ALA G 190 8.03 17.88 25.26
CA ALA G 190 7.45 17.04 26.29
C ALA G 190 5.93 17.11 26.27
N THR G 191 5.30 15.99 26.63
CA THR G 191 3.85 15.87 26.71
C THR G 191 3.47 15.33 28.08
N GLY G 192 2.18 15.08 28.27
CA GLY G 192 1.66 14.53 29.50
C GLY G 192 0.88 15.55 30.30
N LEU G 193 0.33 15.09 31.42
CA LEU G 193 -0.45 15.91 32.33
C LEU G 193 0.41 16.21 33.56
N TYR G 194 0.67 17.49 33.80
CA TYR G 194 1.53 17.93 34.88
C TYR G 194 0.70 18.58 35.97
N GLY G 195 1.37 19.10 37.01
CA GLY G 195 0.70 19.82 38.07
C GLY G 195 1.40 21.13 38.37
N PHE G 196 0.64 22.06 38.95
CA PHE G 196 1.16 23.38 39.28
C PHE G 196 0.70 23.76 40.68
N SER G 197 1.52 24.59 41.32
CA SER G 197 1.23 25.11 42.66
C SER G 197 2.02 26.38 42.85
N ILE G 198 1.34 27.49 43.15
CA ILE G 198 1.98 28.79 43.33
C ILE G 198 1.44 29.41 44.62
N VAL G 199 2.35 29.96 45.42
CA VAL G 199 2.00 30.67 46.65
C VAL G 199 2.41 32.14 46.49
N LEU G 200 1.52 33.04 46.92
CA LEU G 200 1.80 34.46 46.89
C LEU G 200 1.74 35.02 48.30
N ASP G 201 2.69 35.91 48.61
CA ASP G 201 2.77 36.58 49.90
C ASP G 201 2.67 38.08 49.64
N LEU G 202 1.44 38.58 49.55
CA LEU G 202 1.23 40.00 49.33
C LEU G 202 1.15 40.79 50.63
N GLY G 203 1.13 40.12 51.78
CA GLY G 203 1.09 40.82 53.04
C GLY G 203 2.40 41.49 53.42
N LEU G 204 3.51 41.03 52.85
CA LEU G 204 4.81 41.63 53.12
C LEU G 204 5.20 42.68 52.10
N VAL G 205 4.34 42.95 51.12
CA VAL G 205 4.63 43.98 50.12
C VAL G 205 4.54 45.35 50.77
N GLY G 206 5.68 46.02 50.87
CA GLY G 206 5.75 47.30 51.54
C GLY G 206 5.87 47.23 53.04
N ILE G 207 5.90 46.03 53.61
CA ILE G 207 6.08 45.82 55.05
C ILE G 207 7.38 45.06 55.25
N PRO G 208 8.38 45.64 55.89
CA PRO G 208 9.64 44.92 56.11
C PRO G 208 9.44 43.74 57.06
N GLN G 209 10.21 42.69 56.82
CA GLN G 209 10.11 41.49 57.65
C GLN G 209 10.73 41.72 59.03
N GLY G 210 11.72 42.61 59.12
CA GLY G 210 12.35 42.86 60.41
C GLY G 210 11.39 43.51 61.40
N LEU G 211 10.58 44.46 60.94
CA LEU G 211 9.59 45.15 61.77
C LEU G 211 8.24 45.06 61.08
N PRO G 212 7.59 43.90 61.15
CA PRO G 212 6.29 43.75 60.46
C PRO G 212 5.18 44.61 61.05
N VAL G 213 5.32 45.08 62.28
CA VAL G 213 4.27 45.83 62.95
C VAL G 213 4.83 47.16 63.44
N LYS G 214 3.91 48.11 63.64
CA LYS G 214 4.30 49.43 64.13
C LYS G 214 4.62 49.39 65.63
N PHE G 215 3.62 49.02 66.44
CA PHE G 215 3.79 48.80 67.87
C PHE G 215 4.33 50.03 68.58
N GLU G 216 3.53 51.10 68.55
CA GLU G 216 3.80 52.28 69.37
C GLU G 216 2.56 52.82 70.05
N GLU G 217 1.40 52.19 69.89
CA GLU G 217 0.17 52.62 70.54
C GLU G 217 -0.53 51.45 71.22
N ASN G 218 0.22 50.39 71.56
CA ASN G 218 -0.34 49.16 72.13
C ASN G 218 -1.39 48.54 71.22
N GLN G 219 -1.18 48.64 69.91
CA GLN G 219 -2.09 48.07 68.91
C GLN G 219 -1.26 47.57 67.73
N PRO G 220 -1.02 46.27 67.65
CA PRO G 220 -0.23 45.73 66.53
C PRO G 220 -0.97 45.90 65.21
N ARG G 221 -0.39 46.69 64.31
CA ARG G 221 -0.93 46.90 62.98
C ARG G 221 0.18 46.72 61.96
N PRO G 222 -0.15 46.35 60.73
CA PRO G 222 0.90 46.14 59.71
C PRO G 222 1.73 47.40 59.51
N ASN G 223 3.05 47.18 59.36
CA ASN G 223 4.00 48.29 59.23
C ASN G 223 4.21 48.58 57.74
N ILE G 224 3.22 49.22 57.14
CA ILE G 224 3.27 49.63 55.74
C ILE G 224 4.14 50.88 55.67
N VAL G 225 5.41 50.72 55.31
CA VAL G 225 6.35 51.84 55.29
C VAL G 225 6.25 52.55 53.95
N ILE G 226 5.30 52.12 53.11
CA ILE G 226 5.07 52.74 51.81
C ILE G 226 3.66 53.31 51.78
N ASP G 227 3.34 54.05 50.72
CA ASP G 227 2.03 54.71 50.62
C ASP G 227 0.96 53.68 50.33
N PRO G 228 -0.14 53.66 51.08
CA PRO G 228 -1.17 52.61 50.90
C PRO G 228 -1.80 52.58 49.52
N ASN G 229 -2.03 53.74 48.90
CA ASN G 229 -2.74 53.76 47.63
C ASN G 229 -1.94 53.05 46.54
N GLU G 230 -0.65 53.31 46.46
CA GLU G 230 0.21 52.58 45.54
C GLU G 230 0.53 51.16 46.03
N ARG G 231 0.43 50.90 47.33
CA ARG G 231 0.53 49.52 47.80
C ARG G 231 -0.60 48.67 47.24
N LYS G 232 -1.81 49.21 47.23
CA LYS G 232 -2.94 48.48 46.64
C LYS G 232 -2.71 48.22 45.15
N ALA G 233 -2.15 49.20 44.44
CA ALA G 233 -1.83 48.99 43.03
C ALA G 233 -0.77 47.91 42.87
N ARG G 234 0.25 47.91 43.74
CA ARG G 234 1.27 46.86 43.71
C ARG G 234 0.68 45.49 43.98
N ILE G 235 -0.39 45.41 44.76
CA ILE G 235 -1.04 44.11 45.00
C ILE G 235 -1.48 43.50 43.67
N GLU G 236 -2.19 44.27 42.85
CA GLU G 236 -2.67 43.73 41.57
C GLU G 236 -1.54 43.46 40.60
N SER G 237 -0.46 44.25 40.66
CA SER G 237 0.65 44.04 39.74
C SER G 237 1.26 42.66 39.90
N ALA G 238 1.26 42.12 41.12
CA ALA G 238 1.73 40.76 41.36
C ALA G 238 0.62 39.73 41.28
N LEU G 239 -0.63 40.12 41.56
CA LEU G 239 -1.74 39.17 41.46
C LEU G 239 -2.02 38.80 40.01
N LYS G 240 -1.92 39.76 39.10
CA LYS G 240 -2.15 39.49 37.68
C LYS G 240 -0.95 38.88 36.99
N ALA G 241 0.21 38.82 37.66
CA ALA G 241 1.39 38.21 37.05
C ALA G 241 1.24 36.71 36.87
N LEU G 242 0.32 36.08 37.60
CA LEU G 242 0.05 34.66 37.41
C LEU G 242 -0.99 34.40 36.32
N ILE G 243 -1.64 35.46 35.81
CA ILE G 243 -2.55 35.28 34.67
C ILE G 243 -1.84 34.74 33.44
N PRO G 244 -0.66 35.26 33.04
CA PRO G 244 0.01 34.68 31.86
C PRO G 244 0.38 33.22 32.03
N MET G 245 0.54 32.74 33.26
CA MET G 245 0.82 31.32 33.47
C MET G 245 -0.32 30.47 32.95
N LEU G 246 -1.56 30.84 33.28
CA LEU G 246 -2.73 30.07 32.88
C LEU G 246 -3.10 30.27 31.43
N SER G 247 -2.26 30.96 30.66
CA SER G 247 -2.50 31.19 29.24
C SER G 247 -1.50 30.50 28.33
N GLY G 248 -0.28 30.26 28.80
CA GLY G 248 0.70 29.56 28.00
C GLY G 248 2.12 30.09 28.14
N TYR G 249 2.27 31.22 28.82
CA TYR G 249 3.58 31.84 29.01
C TYR G 249 4.34 31.10 30.10
N ILE G 250 4.74 29.87 29.78
CA ILE G 250 5.48 29.00 30.69
C ILE G 250 6.73 28.52 29.98
N GLY G 251 7.88 28.60 30.64
CA GLY G 251 9.11 28.07 30.09
C GLY G 251 9.67 28.95 28.98
N ALA G 252 10.38 28.31 28.06
CA ALA G 252 11.05 28.97 26.95
C ALA G 252 10.51 28.43 25.63
N ASN G 253 11.16 28.86 24.54
CA ASN G 253 10.77 28.48 23.18
C ASN G 253 9.33 28.89 22.87
N LEU G 254 8.86 29.96 23.51
CA LEU G 254 7.48 30.41 23.30
C LEU G 254 7.25 30.84 21.86
N ALA G 255 8.26 31.42 21.21
CA ALA G 255 8.10 31.84 19.82
C ALA G 255 8.00 30.64 18.88
N ARG G 256 8.61 29.52 19.23
CA ARG G 256 8.63 28.35 18.37
C ARG G 256 7.80 27.18 18.88
N SER G 257 7.49 27.14 20.17
CA SER G 257 6.67 26.06 20.73
C SER G 257 5.33 26.59 21.23
N PHE G 258 5.33 27.56 22.16
CA PHE G 258 4.12 28.11 22.76
C PHE G 258 3.22 26.99 23.25
N PRO G 259 3.55 26.36 24.40
CA PRO G 259 2.85 25.16 24.85
C PRO G 259 1.33 25.22 24.74
N VAL G 260 0.72 24.13 24.31
CA VAL G 260 -0.73 24.03 24.20
C VAL G 260 -1.27 23.93 25.62
N PHE G 261 -1.72 25.06 26.17
CA PHE G 261 -1.94 25.21 27.60
C PHE G 261 -3.43 25.34 27.87
N LYS G 262 -3.93 24.51 28.78
CA LYS G 262 -5.31 24.61 29.27
C LYS G 262 -5.42 23.85 30.57
N VAL G 263 -5.80 24.55 31.64
CA VAL G 263 -5.95 23.91 32.94
C VAL G 263 -7.28 23.17 32.97
N GLU G 264 -7.24 21.94 33.47
CA GLU G 264 -8.45 21.11 33.56
C GLU G 264 -9.13 21.25 34.92
N GLU G 265 -8.36 21.46 35.98
CA GLU G 265 -8.89 21.44 37.34
C GLU G 265 -7.92 22.17 38.26
N LEU G 266 -8.48 23.00 39.14
CA LEU G 266 -7.63 23.69 40.12
C LEU G 266 -8.42 24.04 41.37
N VAL G 267 -7.68 24.24 42.45
CA VAL G 267 -8.20 24.67 43.74
C VAL G 267 -7.29 25.75 44.30
N ALA G 268 -7.89 26.75 44.94
CA ALA G 268 -7.13 27.84 45.54
C ALA G 268 -7.77 28.22 46.85
N ILE G 269 -6.96 28.82 47.73
CA ILE G 269 -7.46 29.42 48.96
C ILE G 269 -6.91 30.84 49.07
N ALA G 270 -7.78 31.77 49.44
CA ALA G 270 -7.43 33.17 49.63
C ALA G 270 -7.79 33.58 51.04
N SER G 271 -6.89 34.32 51.69
CA SER G 271 -7.09 34.72 53.07
C SER G 271 -6.29 35.98 53.36
N GLU G 272 -6.70 36.67 54.43
CA GLU G 272 -6.04 37.88 54.89
C GLU G 272 -4.74 37.60 55.62
N GLY G 273 -4.56 36.40 56.17
CA GLY G 273 -3.38 36.07 56.92
C GLY G 273 -2.66 34.85 56.36
N PRO G 274 -1.52 34.50 56.96
CA PRO G 274 -0.74 33.36 56.45
C PRO G 274 -1.55 32.07 56.50
N ILE G 275 -1.40 31.27 55.44
CA ILE G 275 -2.20 30.05 55.29
C ILE G 275 -1.35 28.99 54.61
N PRO G 276 -1.61 27.72 54.94
CA PRO G 276 -0.82 26.63 54.35
C PRO G 276 -1.20 26.36 52.90
N ALA G 277 -0.25 25.77 52.17
CA ALA G 277 -0.51 25.30 50.82
C ALA G 277 -1.28 23.99 50.85
N LEU G 278 -2.13 23.78 49.85
CA LEU G 278 -3.02 22.62 49.87
C LEU G 278 -2.29 21.35 49.48
N VAL G 279 -1.86 21.27 48.23
CA VAL G 279 -1.21 20.07 47.71
C VAL G 279 -0.57 20.42 46.37
N HIS G 280 0.47 19.70 46.00
CA HIS G 280 1.04 19.80 44.67
C HIS G 280 0.20 18.98 43.70
N GLY G 281 0.11 19.45 42.46
CA GLY G 281 -0.71 18.77 41.47
C GLY G 281 -0.10 17.48 40.96
N PHE G 282 0.35 16.63 41.89
CA PHE G 282 1.02 15.38 41.56
C PHE G 282 0.27 14.15 42.03
N TYR G 283 -0.04 14.07 43.32
CA TYR G 283 -0.61 12.86 43.88
C TYR G 283 -2.07 12.70 43.48
N GLU G 284 -2.50 11.43 43.37
CA GLU G 284 -3.90 11.15 43.06
C GLU G 284 -4.81 11.65 44.18
N ASP G 285 -4.41 11.45 45.42
CA ASP G 285 -5.19 11.90 46.59
C ASP G 285 -4.91 13.37 46.87
N TYR G 286 -5.17 14.20 45.86
CA TYR G 286 -4.99 15.64 45.97
C TYR G 286 -6.30 16.39 46.16
N ILE G 287 -7.44 15.71 46.06
CA ILE G 287 -8.72 16.35 46.34
C ILE G 287 -9.10 16.15 47.80
N GLU G 288 -9.29 14.89 48.21
CA GLU G 288 -9.75 14.60 49.56
C GLU G 288 -8.78 15.09 50.61
N ALA G 289 -7.48 15.02 50.34
CA ALA G 289 -6.49 15.59 51.26
C ALA G 289 -6.76 17.06 51.49
N ASN G 290 -7.03 17.80 50.40
CA ASN G 290 -7.43 19.19 50.56
C ASN G 290 -8.73 19.30 51.36
N ARG G 291 -9.68 18.39 51.10
CA ARG G 291 -10.90 18.35 51.89
C ARG G 291 -10.58 18.21 53.37
N SER G 292 -9.47 17.55 53.70
CA SER G 292 -9.03 17.51 55.09
C SER G 292 -8.39 18.82 55.51
N ILE G 293 -7.46 19.33 54.70
CA ILE G 293 -6.63 20.45 55.15
C ILE G 293 -7.49 21.67 55.44
N ILE G 294 -8.58 21.85 54.69
CA ILE G 294 -9.48 22.97 54.96
C ILE G 294 -10.03 22.88 56.38
N LYS G 295 -10.54 21.71 56.75
CA LYS G 295 -11.05 21.57 58.11
C LYS G 295 -9.91 21.55 59.14
N ASN G 296 -8.67 21.42 58.68
CA ASN G 296 -7.54 21.55 59.59
C ASN G 296 -7.16 23.01 59.80
N ALA G 297 -7.69 23.93 59.00
CA ALA G 297 -7.39 25.34 59.13
C ALA G 297 -8.56 26.16 59.66
N ARG G 298 -9.80 25.74 59.39
CA ARG G 298 -10.95 26.47 59.88
C ARG G 298 -11.06 26.42 61.40
N ALA G 299 -10.71 25.29 62.01
CA ALA G 299 -10.76 25.16 63.46
C ALA G 299 -9.71 26.03 64.15
N LEU G 300 -8.67 26.44 63.44
CA LEU G 300 -7.61 27.27 64.01
C LEU G 300 -7.93 28.75 63.96
N GLY G 301 -9.01 29.15 63.29
CA GLY G 301 -9.39 30.55 63.24
C GLY G 301 -8.87 31.29 62.03
N PHE G 302 -9.01 30.68 60.86
CA PHE G 302 -8.58 31.29 59.60
C PHE G 302 -9.80 31.55 58.72
N ASN G 303 -9.95 32.79 58.27
CA ASN G 303 -11.04 33.17 57.38
C ASN G 303 -10.62 32.88 55.93
N ILE G 304 -10.62 31.60 55.60
CA ILE G 304 -10.14 31.12 54.31
C ILE G 304 -11.31 31.00 53.34
N GLU G 305 -11.15 31.56 52.15
CA GLU G 305 -12.13 31.43 51.07
C GLU G 305 -11.58 30.49 50.02
N VAL G 306 -12.35 29.45 49.69
CA VAL G 306 -11.92 28.40 48.78
C VAL G 306 -12.53 28.65 47.41
N PHE G 307 -11.68 28.63 46.38
CA PHE G 307 -12.11 28.82 45.00
C PHE G 307 -11.80 27.54 44.23
N THR G 308 -12.82 26.99 43.58
CA THR G 308 -12.70 25.71 42.89
C THR G 308 -13.03 25.87 41.41
N TYR G 309 -12.22 25.24 40.55
CA TYR G 309 -12.40 25.29 39.11
C TYR G 309 -12.42 23.86 38.59
N ASN G 310 -13.58 23.44 38.10
CA ASN G 310 -13.82 22.07 37.61
C ASN G 310 -13.50 21.02 38.67
N VAL G 311 -13.98 21.24 39.89
CA VAL G 311 -13.92 20.25 40.95
C VAL G 311 -15.08 20.50 41.91
N ASP G 312 -15.77 19.42 42.28
CA ASP G 312 -16.88 19.55 43.23
C ASP G 312 -16.37 19.85 44.63
N LEU G 313 -15.32 19.13 45.05
CA LEU G 313 -14.73 19.29 46.38
C LEU G 313 -15.80 19.16 47.47
N GLY G 314 -16.66 18.16 47.31
CA GLY G 314 -17.72 17.93 48.27
C GLY G 314 -18.78 19.02 48.22
N GLU G 315 -19.52 19.14 49.32
CA GLU G 315 -20.61 20.10 49.41
C GLU G 315 -20.63 20.94 50.68
N ASP G 316 -20.01 20.51 51.77
CA ASP G 316 -20.08 21.29 53.01
C ASP G 316 -19.27 22.58 52.92
N ILE G 317 -18.16 22.58 52.20
CA ILE G 317 -17.34 23.77 52.07
C ILE G 317 -18.06 24.80 51.22
N GLU G 318 -17.99 26.06 51.64
CA GLU G 318 -18.62 27.17 50.91
C GLU G 318 -17.74 27.65 49.76
N ALA G 319 -17.32 26.72 48.91
CA ALA G 319 -16.45 27.04 47.79
C ALA G 319 -17.22 27.80 46.71
N THR G 320 -16.48 28.55 45.91
CA THR G 320 -17.03 29.32 44.81
C THR G 320 -16.70 28.63 43.49
N LYS G 321 -17.73 28.48 42.65
CA LYS G 321 -17.55 27.85 41.34
C LYS G 321 -16.79 28.79 40.43
N VAL G 322 -15.53 28.48 40.16
CA VAL G 322 -14.67 29.30 39.32
C VAL G 322 -14.55 28.66 37.94
N SER G 323 -14.66 29.47 36.90
CA SER G 323 -14.56 28.99 35.53
C SER G 323 -13.30 29.44 34.81
N SER G 324 -12.50 30.32 35.41
CA SER G 324 -11.22 30.74 34.84
C SER G 324 -10.43 31.49 35.91
N VAL G 325 -9.14 31.68 35.64
CA VAL G 325 -8.27 32.33 36.60
C VAL G 325 -8.62 33.80 36.75
N GLU G 326 -9.10 34.42 35.68
CA GLU G 326 -9.32 35.87 35.66
C GLU G 326 -10.39 36.31 36.67
N GLU G 327 -11.50 35.59 36.80
CA GLU G 327 -12.50 36.01 37.78
C GLU G 327 -12.05 35.67 39.19
N LEU G 328 -11.17 34.67 39.34
CA LEU G 328 -10.52 34.45 40.63
C LEU G 328 -9.72 35.68 41.05
N VAL G 329 -8.92 36.21 40.12
CA VAL G 329 -8.18 37.44 40.41
C VAL G 329 -9.14 38.59 40.68
N ALA G 330 -10.21 38.70 39.89
CA ALA G 330 -11.17 39.78 40.07
C ALA G 330 -11.86 39.70 41.43
N ASN G 331 -12.05 38.49 41.94
CA ASN G 331 -12.59 38.29 43.27
C ASN G 331 -11.54 38.44 44.36
N LEU G 332 -10.26 38.46 44.00
CA LEU G 332 -9.22 38.65 45.00
C LEU G 332 -8.73 40.08 45.08
N VAL G 333 -8.87 40.84 43.99
CA VAL G 333 -8.35 42.21 43.96
C VAL G 333 -9.10 43.12 44.93
N LYS G 334 -10.35 42.79 45.26
CA LYS G 334 -11.10 43.63 46.19
C LYS G 334 -10.46 43.65 47.56
N MET G 335 -9.98 42.51 48.03
CA MET G 335 -9.32 42.43 49.33
C MET G 335 -7.85 42.07 49.18
N MET H 1 0.39 47.17 22.48
CA MET H 1 -0.53 46.57 21.50
C MET H 1 -0.25 45.09 21.31
N TYR H 2 -0.85 44.26 22.17
CA TYR H 2 -0.70 42.82 22.08
C TYR H 2 -2.02 42.21 21.62
N VAL H 3 -1.95 41.36 20.60
CA VAL H 3 -3.13 40.74 20.00
C VAL H 3 -2.98 39.24 20.07
N ARG H 4 -4.07 38.55 20.40
CA ARG H 4 -4.10 37.10 20.51
C ARG H 4 -5.14 36.56 19.53
N ILE H 5 -4.70 35.68 18.63
CA ILE H 5 -5.60 34.98 17.72
C ILE H 5 -5.57 33.50 18.06
N SER H 6 -6.76 32.89 18.15
CA SER H 6 -6.85 31.46 18.43
C SER H 6 -8.09 30.91 17.77
N GLY H 7 -7.94 29.75 17.15
CA GLY H 7 -9.09 29.14 16.50
C GLY H 7 -8.73 27.84 15.82
N ARG H 8 -9.65 27.38 15.00
CA ARG H 8 -9.59 26.10 14.33
C ARG H 8 -9.31 26.28 12.85
N ILE H 9 -8.96 25.18 12.20
CA ILE H 9 -8.67 25.14 10.78
C ILE H 9 -8.85 23.71 10.27
N ARG H 10 -9.57 23.55 9.17
CA ARG H 10 -9.76 22.23 8.57
C ARG H 10 -8.63 21.97 7.57
N LEU H 11 -7.41 22.04 8.09
CA LEU H 11 -6.21 21.88 7.29
C LEU H 11 -5.99 20.40 6.99
N ASN H 12 -5.92 20.07 5.71
CA ASN H 12 -5.76 18.68 5.28
C ASN H 12 -5.02 18.64 3.95
N ALA H 13 -4.53 17.44 3.63
CA ALA H 13 -3.77 17.18 2.41
C ALA H 13 -2.50 18.03 2.37
N HIS H 14 -1.62 17.79 3.33
CA HIS H 14 -0.39 18.54 3.48
C HIS H 14 0.75 17.64 3.91
N SER H 15 1.87 17.74 3.19
CA SER H 15 3.12 17.13 3.61
C SER H 15 4.01 18.14 4.34
N LEU H 16 3.46 18.80 5.35
CA LEU H 16 4.20 19.80 6.10
C LEU H 16 5.01 19.15 7.21
N ASN H 17 6.09 19.81 7.61
CA ASN H 17 6.88 19.28 8.74
C ASN H 17 7.22 17.82 8.47
N ALA H 18 8.23 17.61 7.63
CA ALA H 18 8.56 16.23 7.26
C ALA H 18 9.96 15.86 7.76
N GLN H 19 10.07 14.70 8.38
CA GLN H 19 11.39 14.23 8.83
C GLN H 19 11.96 13.35 7.73
N GLY H 20 12.96 13.85 7.00
CA GLY H 20 13.64 13.06 5.96
C GLY H 20 15.01 13.67 5.73
N GLY H 21 15.96 12.95 5.12
CA GLY H 21 17.26 13.57 4.81
C GLY H 21 17.76 13.18 3.41
N GLY H 22 18.79 13.87 2.87
CA GLY H 22 19.30 13.41 1.60
C GLY H 22 19.42 11.90 1.53
N GLY H 23 20.23 11.33 2.42
CA GLY H 23 20.38 9.89 2.47
C GLY H 23 19.35 9.23 3.36
N THR H 24 18.08 9.51 3.10
CA THR H 24 16.99 8.96 3.91
C THR H 24 15.75 8.87 3.03
N ASN H 25 15.39 7.66 2.65
CA ASN H 25 14.19 7.43 1.85
C ASN H 25 12.95 7.54 2.74
N TYR H 26 11.78 7.61 2.09
CA TYR H 26 10.48 7.65 2.77
C TYR H 26 10.41 8.85 3.71
N ILE H 27 10.41 10.04 3.09
CA ILE H 27 10.26 11.28 3.85
C ILE H 27 8.90 11.26 4.52
N GLU H 28 8.89 11.19 5.85
CA GLU H 28 7.68 10.98 6.63
C GLU H 28 7.35 12.23 7.44
N ILE H 29 6.10 12.29 7.88
CA ILE H 29 5.55 13.50 8.49
C ILE H 29 5.77 13.45 10.01
N THR H 30 5.80 14.62 10.62
CA THR H 30 5.97 14.70 12.07
C THR H 30 4.73 14.17 12.78
N LYS H 31 4.96 13.43 13.86
CA LYS H 31 3.88 12.89 14.69
C LYS H 31 4.15 13.27 16.14
N THR H 32 3.16 13.88 16.79
CA THR H 32 3.28 14.31 18.17
C THR H 32 2.24 13.57 19.01
N LYS H 33 2.71 12.94 20.09
CA LYS H 33 1.81 12.29 21.03
C LYS H 33 1.01 13.34 21.78
N VAL H 34 -0.28 13.07 21.99
CA VAL H 34 -1.16 13.99 22.70
C VAL H 34 -1.96 13.22 23.74
N THR H 35 -2.55 13.98 24.66
CA THR H 35 -3.33 13.42 25.77
C THR H 35 -4.80 13.70 25.53
N VAL H 36 -5.61 12.64 25.54
CA VAL H 36 -7.05 12.74 25.35
C VAL H 36 -7.75 11.94 26.44
N ARG H 37 -9.08 11.88 26.35
CA ARG H 37 -9.91 11.20 27.34
C ARG H 37 -10.52 9.91 26.79
N THR H 38 -11.25 10.00 25.67
CA THR H 38 -11.92 8.85 25.07
C THR H 38 -12.77 8.10 26.09
N GLU H 39 -13.68 8.84 26.75
CA GLU H 39 -14.55 8.36 27.82
C GLU H 39 -13.83 7.46 28.80
N ASN H 40 -12.56 7.75 29.06
CA ASN H 40 -11.77 7.02 30.05
C ASN H 40 -10.71 7.98 30.59
N GLY H 41 -9.68 7.43 31.22
CA GLY H 41 -8.60 8.24 31.76
C GLY H 41 -7.83 9.03 30.72
N TRP H 42 -6.90 9.85 31.17
CA TRP H 42 -6.12 10.72 30.28
C TRP H 42 -5.10 9.86 29.52
N THR H 43 -5.59 9.19 28.49
CA THR H 43 -4.75 8.32 27.69
C THR H 43 -3.93 9.13 26.70
N VAL H 44 -2.94 8.48 26.09
CA VAL H 44 -2.05 9.09 25.11
C VAL H 44 -2.30 8.45 23.75
N VAL H 45 -2.36 9.29 22.72
CA VAL H 45 -2.63 8.84 21.36
C VAL H 45 -1.70 9.55 20.40
N GLU H 46 -1.27 8.84 19.36
CA GLU H 46 -0.42 9.39 18.32
C GLU H 46 -1.26 10.15 17.30
N VAL H 47 -0.72 11.25 16.80
CA VAL H 47 -1.40 12.08 15.82
C VAL H 47 -0.40 13.00 15.14
N PRO H 48 -0.48 13.21 13.82
CA PRO H 48 0.41 14.17 13.17
C PRO H 48 0.18 15.59 13.66
N ALA H 49 1.25 16.38 13.67
CA ALA H 49 1.21 17.74 14.16
C ALA H 49 2.16 18.60 13.34
N ILE H 50 2.12 19.92 13.59
CA ILE H 50 2.93 20.89 12.86
C ILE H 50 3.66 21.76 13.88
N THR H 51 4.92 22.07 13.54
CA THR H 51 5.81 22.84 14.44
C THR H 51 5.58 24.33 14.31
N GLY H 52 5.83 25.03 15.41
CA GLY H 52 5.61 26.46 15.42
C GLY H 52 6.75 27.23 14.76
N ASN H 53 7.83 26.49 14.55
CA ASN H 53 8.98 27.07 13.82
C ASN H 53 8.42 27.41 12.45
N MET H 54 7.81 26.43 11.82
CA MET H 54 7.32 26.66 10.44
C MET H 54 6.47 27.92 10.47
N LEU H 55 5.48 27.94 11.34
CA LEU H 55 4.59 29.10 11.36
C LEU H 55 5.38 30.40 11.50
N LYS H 56 6.42 30.40 12.33
CA LYS H 56 7.23 31.60 12.49
C LYS H 56 7.95 31.96 11.20
N HIS H 57 8.52 30.97 10.51
CA HIS H 57 9.20 31.23 9.25
C HIS H 57 8.23 31.76 8.20
N TRP H 58 7.03 31.18 8.13
CA TRP H 58 6.08 31.67 7.13
C TRP H 58 5.49 33.01 7.52
N HIS H 59 5.41 33.32 8.82
CA HIS H 59 5.07 34.66 9.25
C HIS H 59 6.13 35.66 8.81
N PHE H 60 7.40 35.29 8.91
CA PHE H 60 8.47 36.13 8.40
C PHE H 60 8.32 36.34 6.90
N VAL H 61 8.02 35.27 6.17
CA VAL H 61 7.88 35.36 4.71
C VAL H 61 6.74 36.30 4.34
N GLY H 62 5.59 36.17 5.02
CA GLY H 62 4.49 37.08 4.78
C GLY H 62 4.78 38.50 5.19
N PHE H 63 5.49 38.69 6.30
CA PHE H 63 5.78 40.03 6.79
C PHE H 63 6.67 40.78 5.82
N VAL H 64 7.70 40.12 5.28
CA VAL H 64 8.57 40.82 4.34
C VAL H 64 7.81 41.16 3.06
N ASP H 65 6.93 40.27 2.60
CA ASP H 65 6.15 40.55 1.40
C ASP H 65 5.24 41.75 1.61
N TYR H 66 4.57 41.81 2.77
CA TYR H 66 3.69 42.94 3.04
C TYR H 66 4.46 44.21 3.37
N PHE H 67 5.71 44.09 3.81
CA PHE H 67 6.54 45.27 4.08
C PHE H 67 7.21 45.80 2.83
N LYS H 68 7.26 45.02 1.75
CA LYS H 68 7.79 45.54 0.49
C LYS H 68 6.96 46.71 -0.01
N THR H 69 5.62 46.60 0.07
CA THR H 69 4.75 47.65 -0.43
C THR H 69 4.82 48.92 0.40
N THR H 70 5.29 48.86 1.63
CA THR H 70 5.36 50.04 2.47
C THR H 70 6.37 51.03 1.90
N PRO H 71 6.12 52.33 2.02
CA PRO H 71 7.11 53.32 1.56
C PRO H 71 8.45 53.22 2.26
N TYR H 72 8.47 52.70 3.49
CA TYR H 72 9.71 52.50 4.24
C TYR H 72 10.26 51.10 4.07
N GLY H 73 9.98 50.44 2.94
CA GLY H 73 10.46 49.10 2.71
C GLY H 73 11.95 49.00 2.48
N VAL H 74 12.61 50.13 2.19
CA VAL H 74 14.06 50.13 2.00
C VAL H 74 14.76 49.76 3.31
N ASN H 75 14.14 50.04 4.45
CA ASN H 75 14.71 49.74 5.76
C ASN H 75 14.43 48.28 6.12
N LEU H 76 15.15 47.39 5.46
CA LEU H 76 15.00 45.95 5.70
C LEU H 76 16.27 45.24 5.27
N THR H 77 16.53 44.09 5.88
CA THR H 77 17.71 43.31 5.56
C THR H 77 17.60 42.72 4.16
N GLU H 78 18.72 42.73 3.44
CA GLU H 78 18.73 42.13 2.10
C GLU H 78 18.45 40.64 2.16
N ARG H 79 19.02 39.95 3.15
CA ARG H 79 18.77 38.51 3.29
C ARG H 79 17.31 38.22 3.61
N ALA H 80 16.63 39.16 4.26
CA ALA H 80 15.20 38.99 4.52
C ALA H 80 14.41 38.93 3.23
N LEU H 81 14.76 39.77 2.25
CA LEU H 81 14.11 39.74 0.96
C LEU H 81 14.36 38.45 0.20
N ARG H 82 15.43 37.72 0.54
CA ARG H 82 15.77 36.47 -0.11
C ARG H 82 14.99 35.28 0.43
N TYR H 83 13.89 35.53 1.17
CA TYR H 83 13.09 34.48 1.78
C TYR H 83 13.92 33.59 2.70
N ASN H 84 14.89 34.17 3.39
CA ASN H 84 15.77 33.44 4.30
C ASN H 84 15.58 33.98 5.70
N GLY H 85 15.38 33.06 6.65
CA GLY H 85 15.16 33.45 8.03
C GLY H 85 16.42 33.49 8.87
N THR H 86 17.58 33.44 8.21
CA THR H 86 18.87 33.45 8.90
C THR H 86 19.17 34.89 9.32
N ARG H 87 18.64 35.26 10.49
CA ARG H 87 18.85 36.60 11.04
C ARG H 87 20.10 36.55 11.91
N PHE H 88 21.22 37.01 11.35
CA PHE H 88 22.50 37.10 12.06
C PHE H 88 22.94 35.72 12.57
N GLY H 89 23.21 34.83 11.62
CA GLY H 89 23.73 33.51 11.95
C GLY H 89 25.19 33.55 12.34
N GLN H 90 25.91 32.47 12.04
CA GLN H 90 27.34 32.38 12.35
C GLN H 90 28.16 32.43 11.07
N GLY H 91 29.18 33.27 11.06
CA GLY H 91 30.04 33.40 9.91
C GLY H 91 30.23 34.85 9.47
N GLU H 92 29.38 35.73 9.97
CA GLU H 92 29.44 37.15 9.62
C GLU H 92 29.28 37.99 10.88
N THR H 93 29.93 39.16 10.88
CA THR H 93 29.80 40.11 11.97
C THR H 93 28.75 41.18 11.72
N THR H 94 28.15 41.20 10.53
CA THR H 94 27.13 42.18 10.20
C THR H 94 26.26 41.64 9.08
N ALA H 95 25.07 42.24 8.93
CA ALA H 95 24.13 41.86 7.89
C ALA H 95 24.21 42.88 6.75
N THR H 96 23.35 42.72 5.75
CA THR H 96 23.31 43.59 4.59
C THR H 96 21.92 44.17 4.43
N LYS H 97 21.84 45.49 4.26
CA LYS H 97 20.57 46.16 4.06
C LYS H 97 20.07 45.91 2.64
N ALA H 98 18.77 46.19 2.43
CA ALA H 98 18.16 45.95 1.13
C ALA H 98 18.80 46.83 0.05
N ASN H 99 19.09 48.09 0.37
CA ASN H 99 19.74 48.97 -0.59
C ASN H 99 21.21 48.64 -0.80
N GLY H 100 21.78 47.76 0.01
CA GLY H 100 23.18 47.40 -0.09
C GLY H 100 24.05 47.88 1.04
N ALA H 101 23.48 48.59 2.02
CA ALA H 101 24.24 49.06 3.16
C ALA H 101 24.40 47.95 4.19
N THR H 102 25.17 48.25 5.23
CA THR H 102 25.43 47.32 6.32
C THR H 102 24.77 47.82 7.61
N VAL H 103 24.91 47.02 8.66
CA VAL H 103 24.35 47.34 9.97
C VAL H 103 25.46 47.19 11.01
N GLN H 104 25.50 48.11 11.96
CA GLN H 104 26.56 48.16 12.97
C GLN H 104 26.10 47.44 14.24
N LEU H 105 27.06 46.80 14.92
CA LEU H 105 26.72 45.81 15.95
C LEU H 105 27.20 46.13 17.36
N ASN H 106 26.92 47.33 17.87
CA ASN H 106 27.11 47.62 19.29
C ASN H 106 25.80 47.93 19.99
N ASP H 107 24.99 48.85 19.46
CA ASP H 107 23.74 49.23 20.10
C ASP H 107 22.59 48.41 19.52
N GLU H 108 21.64 48.07 20.39
CA GLU H 108 20.50 47.27 19.95
C GLU H 108 19.50 48.10 19.14
N ALA H 109 19.29 49.35 19.54
CA ALA H 109 18.30 50.18 18.85
C ALA H 109 18.73 50.49 17.42
N THR H 110 20.03 50.75 17.21
CA THR H 110 20.51 51.05 15.87
C THR H 110 20.44 49.84 14.95
N ILE H 111 20.31 48.63 15.48
CA ILE H 111 20.10 47.46 14.64
C ILE H 111 18.72 47.50 14.02
N ILE H 112 17.71 47.90 14.78
CA ILE H 112 16.32 47.84 14.35
C ILE H 112 15.82 49.16 13.81
N LYS H 113 16.61 50.23 13.90
CA LYS H 113 16.14 51.51 13.36
C LYS H 113 16.10 51.48 11.83
N GLU H 114 17.03 50.79 11.19
CA GLU H 114 17.05 50.66 9.74
C GLU H 114 16.70 49.24 9.28
N LEU H 115 16.36 48.35 10.19
CA LEU H 115 15.98 46.98 9.85
C LEU H 115 14.65 46.64 10.52
N ALA H 116 13.72 46.10 9.74
CA ALA H 116 12.40 45.75 10.24
C ALA H 116 12.24 44.25 10.48
N ASP H 117 13.30 43.47 10.32
CA ASP H 117 13.23 42.03 10.52
C ASP H 117 13.55 41.62 11.95
N ALA H 118 14.64 42.14 12.51
CA ALA H 118 14.97 41.91 13.91
C ALA H 118 14.01 42.63 14.85
N ASP H 119 13.30 43.64 14.37
CA ASP H 119 12.30 44.35 15.15
C ASP H 119 10.94 43.67 15.09
N VAL H 120 10.81 42.60 14.31
CA VAL H 120 9.56 41.86 14.22
C VAL H 120 9.70 40.39 14.59
N HIS H 121 10.89 39.79 14.48
CA HIS H 121 11.05 38.40 14.84
C HIS H 121 12.28 38.14 15.72
N GLY H 122 12.89 39.19 16.27
CA GLY H 122 14.05 39.02 17.12
C GLY H 122 15.31 38.72 16.32
N PHE H 123 16.42 38.59 17.05
CA PHE H 123 17.70 38.29 16.45
C PHE H 123 18.63 37.75 17.52
N LEU H 124 19.81 37.31 17.10
CA LEU H 124 20.87 36.88 18.00
C LEU H 124 22.20 37.35 17.43
N ALA H 125 23.06 37.87 18.29
CA ALA H 125 24.36 38.38 17.86
C ALA H 125 25.47 37.55 18.49
N PRO H 126 25.83 36.36 17.95
CA PRO H 126 26.82 35.48 18.59
C PRO H 126 28.12 36.20 18.97
N LYS H 127 28.83 36.77 17.98
CA LYS H 127 30.14 37.39 18.28
C LYS H 127 29.97 38.57 19.25
N THR H 128 28.99 39.44 19.00
CA THR H 128 28.81 40.64 19.86
C THR H 128 28.37 40.23 21.28
N GLY H 129 27.42 39.31 21.39
CA GLY H 129 26.94 38.85 22.71
C GLY H 129 25.52 39.28 23.03
N ARG H 130 25.01 40.35 22.41
CA ARG H 130 23.68 40.82 22.79
C ARG H 130 22.60 39.97 22.12
N ARG H 131 21.39 40.09 22.65
CA ARG H 131 20.27 39.28 22.17
C ARG H 131 18.98 40.06 22.39
N ARG H 132 17.94 39.63 21.67
CA ARG H 132 16.62 40.26 21.76
C ARG H 132 15.56 39.18 21.85
N VAL H 133 14.57 39.41 22.73
CA VAL H 133 13.46 38.48 22.85
C VAL H 133 12.56 38.59 21.62
N SER H 134 11.90 37.48 21.28
CA SER H 134 11.07 37.44 20.09
C SER H 134 9.80 38.26 20.29
N LEU H 135 9.23 38.72 19.17
CA LEU H 135 7.98 39.47 19.16
C LEU H 135 6.77 38.54 19.04
N VAL H 136 6.69 37.81 17.93
CA VAL H 136 5.53 36.96 17.67
C VAL H 136 5.81 35.56 18.19
N LYS H 137 4.82 34.99 18.89
CA LYS H 137 4.93 33.63 19.42
C LYS H 137 3.88 32.75 18.72
N ALA H 138 4.36 31.72 18.05
CA ALA H 138 3.50 30.79 17.33
C ALA H 138 3.41 29.47 18.08
N SER H 139 2.19 28.92 18.13
CA SER H 139 1.92 27.67 18.81
C SER H 139 1.88 26.53 17.80
N PHE H 140 1.96 25.30 18.31
CA PHE H 140 1.88 24.15 17.46
C PHE H 140 0.46 24.00 16.89
N ILE H 141 0.34 23.20 15.85
CA ILE H 141 -0.93 22.99 15.15
C ILE H 141 -1.38 21.57 15.45
N LEU H 142 -2.38 21.44 16.31
CA LEU H 142 -2.89 20.14 16.75
C LEU H 142 -4.39 20.05 16.47
N PRO H 143 -4.88 18.85 16.17
CA PRO H 143 -6.31 18.69 15.89
C PRO H 143 -7.13 18.72 17.17
N THR H 144 -8.45 18.80 16.98
CA THR H 144 -9.38 18.80 18.09
C THR H 144 -9.39 17.45 18.79
N GLU H 145 -9.63 17.49 20.10
CA GLU H 145 -9.69 16.25 20.88
C GLU H 145 -10.85 15.36 20.43
N ASP H 146 -12.02 15.94 20.18
CA ASP H 146 -13.17 15.13 19.82
C ASP H 146 -13.00 14.48 18.45
N PHE H 147 -12.26 15.13 17.55
CA PHE H 147 -12.04 14.55 16.22
C PHE H 147 -11.31 13.22 16.32
N ILE H 148 -10.26 13.16 17.15
CA ILE H 148 -9.52 11.91 17.33
C ILE H 148 -10.18 11.00 18.35
N LYS H 149 -11.12 11.51 19.16
CA LYS H 149 -11.88 10.65 20.04
C LYS H 149 -12.92 9.85 19.27
N GLU H 150 -13.60 10.50 18.31
CA GLU H 150 -14.63 9.82 17.54
C GLU H 150 -14.02 8.77 16.61
N VAL H 151 -12.88 9.08 16.01
CA VAL H 151 -12.22 8.15 15.08
C VAL H 151 -11.20 7.25 15.77
N GLU H 152 -10.98 7.44 17.08
CA GLU H 152 -10.06 6.67 17.91
C GLU H 152 -8.72 6.39 17.21
N GLY H 153 -8.25 7.35 16.41
CA GLY H 153 -6.96 7.24 15.78
C GLY H 153 -6.82 6.11 14.77
N GLU H 154 -7.53 6.21 13.66
CA GLU H 154 -7.45 5.22 12.58
C GLU H 154 -6.42 5.70 11.56
N ARG H 155 -5.15 5.40 11.83
CA ARG H 155 -4.04 5.73 10.93
C ARG H 155 -3.88 7.23 10.76
N LEU H 156 -4.83 7.86 10.06
CA LEU H 156 -4.88 9.31 9.87
C LEU H 156 -3.67 9.81 9.06
N ILE H 157 -2.95 8.90 8.43
CA ILE H 157 -1.77 9.22 7.62
C ILE H 157 -1.92 8.52 6.28
N THR H 158 -1.71 9.27 5.19
CA THR H 158 -1.78 8.72 3.85
C THR H 158 -0.40 8.85 3.20
N ALA H 159 0.20 7.72 2.87
CA ALA H 159 1.52 7.70 2.24
C ALA H 159 1.35 7.49 0.74
N ILE H 160 1.81 8.46 -0.04
CA ILE H 160 1.74 8.39 -1.50
C ILE H 160 3.16 8.35 -2.03
N LYS H 161 3.41 7.43 -2.95
CA LYS H 161 4.73 7.40 -3.60
C LYS H 161 4.73 8.35 -4.79
N HIS H 162 5.83 9.07 -4.99
CA HIS H 162 5.96 10.00 -6.15
C HIS H 162 7.26 9.65 -6.86
N ASN H 163 7.34 9.85 -8.17
CA ASN H 163 8.64 9.62 -8.85
C ASN H 163 8.83 10.67 -9.93
N ARG H 164 9.99 10.65 -10.59
CA ARG H 164 10.12 11.57 -11.72
C ARG H 164 10.30 10.78 -13.02
N VAL H 165 10.50 11.51 -14.11
CA VAL H 165 10.61 10.93 -15.44
C VAL H 165 11.95 11.28 -16.07
N ASP H 166 13.01 11.33 -15.25
CA ASP H 166 14.31 11.78 -15.71
C ASP H 166 14.87 10.74 -16.68
N VAL H 167 14.48 10.90 -17.95
CA VAL H 167 14.89 10.03 -19.03
C VAL H 167 16.00 10.72 -19.81
N ASP H 168 16.95 9.94 -20.31
CA ASP H 168 18.11 10.48 -21.00
C ASP H 168 17.70 11.10 -22.34
N GLU H 169 18.64 11.82 -22.96
CA GLU H 169 18.38 12.47 -24.24
C GLU H 169 18.02 11.45 -25.31
N LYS H 170 18.66 10.27 -25.29
CA LYS H 170 18.35 9.24 -26.26
C LYS H 170 16.91 8.75 -26.10
N GLY H 171 16.39 8.74 -24.87
CA GLY H 171 15.02 8.30 -24.64
C GLY H 171 14.94 6.95 -23.96
N ALA H 172 15.88 6.67 -23.07
CA ALA H 172 15.89 5.40 -22.34
C ALA H 172 16.31 5.67 -20.91
N ILE H 173 15.68 4.94 -19.98
CA ILE H 173 16.04 5.01 -18.54
C ILE H 173 16.57 3.62 -18.17
N GLY H 174 17.89 3.46 -18.02
CA GLY H 174 18.42 2.11 -17.78
C GLY H 174 18.87 1.87 -16.36
N SER H 175 20.16 2.05 -16.08
CA SER H 175 20.73 1.75 -14.75
C SER H 175 20.98 2.99 -13.91
N SER H 176 21.14 2.81 -12.60
CA SER H 176 21.51 3.96 -11.74
C SER H 176 22.89 4.43 -12.23
N LYS H 177 23.87 3.51 -12.30
CA LYS H 177 25.18 3.87 -12.82
C LYS H 177 25.11 4.48 -14.21
N GLU H 178 23.94 4.48 -14.84
CA GLU H 178 23.82 5.07 -16.18
C GLU H 178 23.87 6.59 -16.12
N GLY H 179 23.27 7.18 -15.09
CA GLY H 179 23.25 8.63 -14.95
C GLY H 179 21.85 9.20 -14.89
N THR H 180 20.88 8.34 -14.53
CA THR H 180 19.45 8.78 -14.44
C THR H 180 19.05 8.93 -12.96
N ALA H 181 19.12 10.14 -12.41
CA ALA H 181 18.78 10.40 -11.01
C ALA H 181 17.25 10.38 -10.87
N GLN H 182 16.65 9.20 -11.10
CA GLN H 182 15.16 9.10 -11.12
C GLN H 182 14.73 8.04 -10.11
N MET H 183 13.77 8.32 -9.23
CA MET H 183 13.49 7.30 -8.18
C MET H 183 12.11 7.44 -7.52
N LEU H 184 11.77 6.45 -6.69
CA LEU H 184 10.47 6.45 -5.96
C LEU H 184 10.65 6.90 -4.51
N PHE H 185 10.07 8.02 -4.11
CA PHE H 185 10.02 8.60 -2.79
C PHE H 185 8.57 8.74 -2.36
N SER H 186 8.34 8.61 -1.06
CA SER H 186 6.99 8.64 -0.50
C SER H 186 6.80 9.87 0.37
N ARG H 187 5.62 10.48 0.26
CA ARG H 187 5.24 11.65 1.04
C ARG H 187 4.02 11.31 1.88
N GLU H 188 4.03 11.74 3.13
CA GLU H 188 2.92 11.50 4.05
C GLU H 188 2.05 12.75 4.16
N TYR H 189 0.74 12.56 4.07
CA TYR H 189 -0.23 13.63 4.15
C TYR H 189 -1.21 13.33 5.28
N ALA H 190 -1.72 14.40 5.90
CA ALA H 190 -2.55 14.27 7.08
C ALA H 190 -3.78 15.16 6.97
N THR H 191 -4.72 14.95 7.89
CA THR H 191 -5.96 15.69 7.95
C THR H 191 -6.36 15.82 9.42
N GLY H 192 -7.27 16.74 9.69
CA GLY H 192 -7.79 16.90 11.03
C GLY H 192 -8.28 18.32 11.28
N LEU H 193 -9.04 18.46 12.36
CA LEU H 193 -9.57 19.76 12.80
C LEU H 193 -8.49 20.46 13.63
N TYR H 194 -7.46 20.93 12.94
CA TYR H 194 -6.28 21.49 13.60
C TYR H 194 -6.64 22.81 14.27
N GLY H 195 -5.73 23.30 15.09
CA GLY H 195 -5.95 24.55 15.80
C GLY H 195 -4.66 25.33 15.95
N PHE H 196 -4.79 26.65 16.05
CA PHE H 196 -3.64 27.52 16.24
C PHE H 196 -3.98 28.61 17.25
N SER H 197 -2.94 29.12 17.91
CA SER H 197 -3.07 30.11 18.98
C SER H 197 -1.98 31.16 18.87
N ILE H 198 -1.79 31.70 17.66
CA ILE H 198 -0.73 32.67 17.42
C ILE H 198 -0.96 33.91 18.28
N VAL H 199 0.13 34.52 18.75
CA VAL H 199 0.05 35.76 19.51
C VAL H 199 1.13 36.72 19.00
N LEU H 200 0.78 37.99 18.92
CA LEU H 200 1.70 39.04 18.51
C LEU H 200 1.76 40.10 19.58
N ASP H 201 2.95 40.70 19.79
CA ASP H 201 3.15 41.71 20.81
C ASP H 201 3.72 42.96 20.14
N LEU H 202 2.84 43.79 19.59
CA LEU H 202 3.27 44.96 18.84
C LEU H 202 3.59 46.16 19.72
N GLY H 203 3.45 46.03 21.03
CA GLY H 203 3.86 47.09 21.93
C GLY H 203 5.35 47.16 22.20
N LEU H 204 6.12 46.22 21.66
CA LEU H 204 7.56 46.18 21.85
C LEU H 204 8.35 46.52 20.59
N VAL H 205 7.66 46.89 19.50
CA VAL H 205 8.37 47.21 18.26
C VAL H 205 9.11 48.53 18.42
N GLY H 206 10.36 48.55 17.97
CA GLY H 206 11.19 49.73 18.11
C GLY H 206 11.62 50.05 19.52
N ILE H 207 11.48 49.09 20.44
CA ILE H 207 11.84 49.32 21.85
C ILE H 207 13.04 48.45 22.18
N PRO H 208 14.24 49.01 22.28
CA PRO H 208 15.40 48.20 22.64
C PRO H 208 15.29 47.66 24.06
N GLN H 209 15.83 46.45 24.25
CA GLN H 209 15.75 45.82 25.56
C GLN H 209 16.66 46.50 26.58
N GLY H 210 17.83 46.97 26.15
CA GLY H 210 18.76 47.62 27.06
C GLY H 210 18.20 48.91 27.63
N LEU H 211 17.65 49.76 26.78
CA LEU H 211 17.09 51.06 27.17
C LEU H 211 15.67 51.17 26.64
N PRO H 212 14.71 50.51 27.28
CA PRO H 212 13.33 50.58 26.79
C PRO H 212 12.63 51.90 27.09
N VAL H 213 13.13 52.68 28.06
CA VAL H 213 12.52 53.95 28.43
C VAL H 213 13.61 55.01 28.56
N LYS H 214 13.18 56.28 28.55
CA LYS H 214 14.08 57.41 28.68
C LYS H 214 13.82 58.21 29.95
N PHE H 215 12.57 58.62 30.19
CA PHE H 215 12.19 59.38 31.39
C PHE H 215 13.01 60.65 31.52
N GLU H 216 12.92 61.51 30.49
CA GLU H 216 13.68 62.74 30.49
C GLU H 216 13.08 63.80 31.41
N GLU H 217 11.75 63.81 31.59
CA GLU H 217 11.12 64.63 32.61
C GLU H 217 10.40 63.77 33.65
N ASN H 218 10.83 62.51 33.77
CA ASN H 218 10.24 61.54 34.69
C ASN H 218 8.75 61.34 34.38
N GLN H 219 8.50 60.83 33.18
CA GLN H 219 7.16 60.56 32.69
C GLN H 219 7.13 59.21 32.01
N PRO H 220 5.98 58.53 32.00
CA PRO H 220 5.90 57.24 31.31
C PRO H 220 6.01 57.39 29.80
N ARG H 221 7.16 56.98 29.25
CA ARG H 221 7.39 57.09 27.82
C ARG H 221 8.41 56.04 27.39
N PRO H 222 7.98 54.96 26.73
CA PRO H 222 8.95 53.99 26.22
C PRO H 222 9.87 54.60 25.18
N ASN H 223 11.12 54.14 25.18
CA ASN H 223 12.15 54.69 24.30
C ASN H 223 11.97 54.08 22.90
N ILE H 224 11.37 54.84 22.01
CA ILE H 224 11.18 54.42 20.62
C ILE H 224 12.38 54.88 19.80
N VAL H 225 12.84 54.03 18.88
CA VAL H 225 13.99 54.38 18.07
C VAL H 225 13.59 54.81 16.66
N ILE H 226 12.44 54.35 16.17
CA ILE H 226 12.02 54.66 14.82
C ILE H 226 10.94 55.75 14.86
N ASP H 227 10.64 56.31 13.70
CA ASP H 227 9.62 57.35 13.62
C ASP H 227 8.25 56.77 13.99
N PRO H 228 7.40 57.54 14.67
CA PRO H 228 6.06 57.00 15.02
C PRO H 228 5.25 56.58 13.80
N ASN H 229 5.37 57.32 12.69
CA ASN H 229 4.73 56.87 11.46
C ASN H 229 5.35 55.57 10.95
N GLU H 230 6.67 55.45 11.05
CA GLU H 230 7.33 54.21 10.69
C GLU H 230 6.89 53.06 11.60
N ARG H 231 6.75 53.33 12.89
CA ARG H 231 6.27 52.31 13.81
C ARG H 231 4.85 51.88 13.46
N LYS H 232 3.98 52.84 13.13
CA LYS H 232 2.62 52.50 12.74
C LYS H 232 2.61 51.67 11.47
N ALA H 233 3.43 52.03 10.49
CA ALA H 233 3.49 51.26 9.25
C ALA H 233 4.00 49.85 9.51
N ARG H 234 5.01 49.71 10.37
CA ARG H 234 5.53 48.38 10.69
C ARG H 234 4.49 47.53 11.42
N ILE H 235 3.74 48.14 12.34
CA ILE H 235 2.66 47.42 13.03
C ILE H 235 1.59 46.99 12.04
N GLU H 236 1.23 47.88 11.11
CA GLU H 236 0.23 47.53 10.11
C GLU H 236 0.71 46.39 9.23
N SER H 237 1.99 46.40 8.84
CA SER H 237 2.53 45.31 8.04
C SER H 237 2.53 43.99 8.82
N ALA H 238 2.88 44.06 10.10
CA ALA H 238 2.86 42.85 10.93
C ALA H 238 1.44 42.29 11.03
N LEU H 239 0.45 43.17 11.20
CA LEU H 239 -0.93 42.71 11.28
C LEU H 239 -1.40 42.14 9.94
N LYS H 240 -1.01 42.78 8.84
CA LYS H 240 -1.34 42.28 7.51
C LYS H 240 -0.64 40.96 7.19
N ALA H 241 0.44 40.63 7.89
CA ALA H 241 1.08 39.34 7.71
C ALA H 241 0.25 38.18 8.23
N LEU H 242 -0.93 38.45 8.81
CA LEU H 242 -1.77 37.37 9.34
C LEU H 242 -2.69 36.78 8.28
N ILE H 243 -3.02 37.54 7.24
CA ILE H 243 -3.90 37.01 6.18
C ILE H 243 -3.29 35.77 5.51
N PRO H 244 -2.01 35.76 5.13
CA PRO H 244 -1.46 34.53 4.52
C PRO H 244 -1.49 33.33 5.44
N MET H 245 -1.59 33.52 6.76
CA MET H 245 -1.65 32.40 7.69
C MET H 245 -2.86 31.52 7.41
N LEU H 246 -4.04 32.13 7.24
CA LEU H 246 -5.24 31.40 6.89
C LEU H 246 -5.45 31.32 5.38
N SER H 247 -4.65 32.05 4.60
CA SER H 247 -4.81 32.07 3.15
C SER H 247 -4.13 30.90 2.46
N GLY H 248 -3.69 29.89 3.20
CA GLY H 248 -3.04 28.73 2.63
C GLY H 248 -1.54 28.72 2.78
N TYR H 249 -0.94 29.85 3.13
CA TYR H 249 0.51 29.91 3.35
C TYR H 249 0.87 29.48 4.78
N ILE H 250 0.35 28.33 5.20
CA ILE H 250 0.69 27.81 6.51
C ILE H 250 2.10 27.24 6.50
N GLY H 251 2.43 26.44 5.49
CA GLY H 251 3.71 25.78 5.45
C GLY H 251 4.31 25.69 4.05
N ALA H 252 5.43 24.96 3.95
CA ALA H 252 6.14 24.80 2.69
C ALA H 252 5.46 23.71 1.85
N ASN H 253 6.13 23.27 0.79
CA ASN H 253 5.62 22.24 -0.11
C ASN H 253 4.31 22.65 -0.76
N LEU H 254 4.02 23.95 -0.83
CA LEU H 254 2.82 24.42 -1.50
C LEU H 254 2.86 24.11 -2.99
N ALA H 255 4.06 23.98 -3.56
CA ALA H 255 4.20 23.61 -4.96
C ALA H 255 3.66 22.22 -5.24
N ARG H 256 3.64 21.34 -4.24
CA ARG H 256 3.17 19.98 -4.42
C ARG H 256 2.04 19.56 -3.50
N SER H 257 1.84 20.23 -2.36
CA SER H 257 0.78 19.87 -1.42
C SER H 257 -0.29 20.95 -1.32
N PHE H 258 0.08 22.17 -0.92
CA PHE H 258 -0.83 23.30 -0.76
C PHE H 258 -2.09 22.89 -0.01
N PRO H 259 -2.03 22.71 1.31
CA PRO H 259 -3.16 22.13 2.05
C PRO H 259 -4.43 22.95 1.92
N VAL H 260 -5.55 22.25 2.03
CA VAL H 260 -6.87 22.87 1.93
C VAL H 260 -7.20 23.53 3.26
N PHE H 261 -7.83 24.70 3.19
CA PHE H 261 -8.10 25.50 4.37
C PHE H 261 -9.53 26.02 4.34
N LYS H 262 -10.06 26.33 5.52
CA LYS H 262 -11.36 26.97 5.65
C LYS H 262 -11.39 27.74 6.96
N VAL H 263 -12.03 28.90 6.94
CA VAL H 263 -12.13 29.73 8.13
C VAL H 263 -13.15 29.12 9.10
N GLU H 264 -12.64 28.53 10.17
CA GLU H 264 -13.46 27.93 11.20
C GLU H 264 -13.76 28.97 12.28
N GLU H 265 -14.19 28.52 13.45
CA GLU H 265 -14.39 29.45 14.57
C GLU H 265 -13.06 30.07 14.98
N LEU H 266 -13.03 31.40 15.02
CA LEU H 266 -11.85 32.15 15.43
C LEU H 266 -12.22 33.16 16.49
N VAL H 267 -11.28 33.43 17.39
CA VAL H 267 -11.42 34.47 18.39
C VAL H 267 -10.12 35.28 18.44
N ALA H 268 -10.26 36.60 18.39
CA ALA H 268 -9.13 37.52 18.46
C ALA H 268 -9.42 38.55 19.53
N ILE H 269 -8.45 38.77 20.41
CA ILE H 269 -8.57 39.76 21.47
C ILE H 269 -7.39 40.73 21.40
N ALA H 270 -7.70 42.02 21.44
CA ALA H 270 -6.69 43.06 21.36
C ALA H 270 -7.24 44.34 21.98
N SER H 271 -6.48 44.92 22.91
CA SER H 271 -6.90 46.14 23.58
C SER H 271 -5.75 47.13 23.79
N GLU H 272 -4.63 46.94 23.10
CA GLU H 272 -3.45 47.81 23.23
C GLU H 272 -2.96 47.86 24.68
N GLY H 273 -2.54 46.70 25.17
CA GLY H 273 -2.02 46.58 26.51
C GLY H 273 -1.68 45.14 26.86
N PRO H 274 -1.16 44.92 28.07
CA PRO H 274 -0.84 43.55 28.50
C PRO H 274 -2.07 42.66 28.53
N ILE H 275 -2.07 41.61 27.71
CA ILE H 275 -3.22 40.76 27.50
C ILE H 275 -2.78 39.31 27.63
N PRO H 276 -3.48 38.48 28.39
CA PRO H 276 -3.15 37.05 28.44
C PRO H 276 -3.47 36.36 27.13
N ALA H 277 -2.77 35.26 26.88
CA ALA H 277 -3.01 34.47 25.68
C ALA H 277 -4.33 33.71 25.78
N LEU H 278 -4.80 33.24 24.63
CA LEU H 278 -6.06 32.54 24.52
C LEU H 278 -5.88 31.05 24.80
N VAL H 279 -6.95 30.28 24.66
CA VAL H 279 -6.95 28.84 24.89
C VAL H 279 -6.85 28.14 23.54
N HIS H 280 -5.95 27.16 23.45
CA HIS H 280 -5.73 26.46 22.19
C HIS H 280 -6.93 25.60 21.83
N GLY H 281 -7.08 25.36 20.53
CA GLY H 281 -8.16 24.56 20.00
C GLY H 281 -7.94 23.07 20.00
N PHE H 282 -6.81 22.60 20.52
CA PHE H 282 -6.57 21.16 20.61
C PHE H 282 -7.59 20.48 21.52
N TYR H 283 -8.08 21.20 22.53
CA TYR H 283 -9.06 20.65 23.46
C TYR H 283 -10.46 20.94 22.94
N GLU H 284 -11.31 19.91 22.93
CA GLU H 284 -12.65 20.04 22.36
C GLU H 284 -13.49 21.04 23.14
N ASP H 285 -13.41 21.02 24.46
CA ASP H 285 -14.22 21.90 25.31
C ASP H 285 -13.49 23.20 25.66
N TYR H 286 -12.96 23.88 24.66
CA TYR H 286 -12.25 25.13 24.90
C TYR H 286 -13.12 26.36 24.69
N ILE H 287 -14.19 26.22 23.89
CA ILE H 287 -15.05 27.35 23.58
C ILE H 287 -15.67 27.92 24.86
N GLU H 288 -16.18 27.03 25.72
CA GLU H 288 -16.72 27.49 27.01
C GLU H 288 -15.65 28.17 27.83
N ALA H 289 -14.39 27.74 27.71
CA ALA H 289 -13.29 28.43 28.38
C ALA H 289 -13.18 29.86 27.91
N ASN H 290 -13.34 30.09 26.60
CA ASN H 290 -13.33 31.44 26.08
C ASN H 290 -14.52 32.26 26.58
N ARG H 291 -15.55 31.60 27.11
CA ARG H 291 -16.66 32.30 27.73
C ARG H 291 -16.37 32.73 29.15
N SER H 292 -15.20 32.38 29.69
CA SER H 292 -14.80 32.78 31.02
C SER H 292 -13.49 33.55 31.07
N ILE H 293 -12.64 33.44 30.04
CA ILE H 293 -11.38 34.17 30.04
C ILE H 293 -11.61 35.67 29.89
N ILE H 294 -12.53 36.06 29.00
CA ILE H 294 -12.76 37.47 28.71
C ILE H 294 -14.10 37.96 29.22
N LYS H 295 -14.87 37.12 29.91
CA LYS H 295 -16.18 37.54 30.40
C LYS H 295 -16.06 38.64 31.46
N ASN H 296 -15.22 38.41 32.47
CA ASN H 296 -15.00 39.39 33.51
C ASN H 296 -13.74 40.22 33.29
N ALA H 297 -12.83 39.77 32.43
CA ALA H 297 -11.63 40.55 32.14
C ALA H 297 -11.98 41.90 31.52
N ARG H 298 -13.10 41.97 30.82
CA ARG H 298 -13.57 43.27 30.30
C ARG H 298 -13.92 44.21 31.45
N ALA H 299 -14.50 43.68 32.53
CA ALA H 299 -14.87 44.50 33.67
C ALA H 299 -13.67 44.93 34.50
N LEU H 300 -12.48 44.40 34.23
CA LEU H 300 -11.27 44.79 34.95
C LEU H 300 -10.76 46.17 34.57
N GLY H 301 -11.38 46.81 33.59
CA GLY H 301 -10.93 48.11 33.13
C GLY H 301 -10.22 48.11 31.78
N PHE H 302 -10.24 47.00 31.06
CA PHE H 302 -9.57 46.89 29.77
C PHE H 302 -10.61 46.99 28.66
N ASN H 303 -10.35 47.86 27.69
CA ASN H 303 -11.23 48.01 26.53
C ASN H 303 -10.90 46.92 25.51
N ILE H 304 -11.21 45.68 25.92
CA ILE H 304 -10.86 44.52 25.11
C ILE H 304 -11.68 44.51 23.83
N GLU H 305 -10.99 44.45 22.69
CA GLU H 305 -11.62 44.34 21.39
C GLU H 305 -11.62 42.86 21.02
N VAL H 306 -12.82 42.29 20.89
CA VAL H 306 -12.99 40.87 20.59
C VAL H 306 -13.64 40.74 19.23
N PHE H 307 -13.02 39.95 18.35
CA PHE H 307 -13.53 39.66 17.03
C PHE H 307 -13.65 38.15 16.89
N THR H 308 -14.87 37.67 16.62
CA THR H 308 -15.15 36.25 16.62
C THR H 308 -15.83 35.84 15.32
N TYR H 309 -15.60 34.59 14.93
CA TYR H 309 -16.22 34.02 13.74
C TYR H 309 -16.62 32.58 14.02
N ASN H 310 -17.78 32.21 13.47
CA ASN H 310 -18.34 30.85 13.58
C ASN H 310 -18.53 30.43 15.03
N VAL H 311 -18.96 31.36 15.88
CA VAL H 311 -19.27 31.06 17.27
C VAL H 311 -20.21 32.13 17.81
N ASP H 312 -21.26 31.71 18.52
CA ASP H 312 -22.24 32.62 19.08
C ASP H 312 -21.86 33.16 20.45
N LEU H 313 -20.83 32.60 21.08
CA LEU H 313 -20.35 33.02 22.40
C LEU H 313 -21.49 32.89 23.41
N GLY H 314 -21.46 33.69 24.46
CA GLY H 314 -22.51 33.69 25.47
C GLY H 314 -23.51 34.81 25.26
N GLU H 315 -23.52 35.38 24.05
CA GLU H 315 -24.40 36.48 23.64
C GLU H 315 -24.56 37.54 24.73
N ASP H 316 -23.47 37.88 25.42
CA ASP H 316 -23.52 38.87 26.48
C ASP H 316 -22.40 39.90 26.42
N ILE H 317 -21.38 39.72 25.59
CA ILE H 317 -20.28 40.66 25.49
C ILE H 317 -20.30 41.31 24.11
N GLU H 318 -19.44 42.32 23.93
CA GLU H 318 -19.35 43.04 22.67
C GLU H 318 -18.36 42.33 21.72
N ALA H 319 -18.75 41.11 21.33
CA ALA H 319 -17.95 40.30 20.41
C ALA H 319 -18.38 40.61 18.98
N THR H 320 -17.50 41.26 18.23
CA THR H 320 -17.81 41.61 16.84
C THR H 320 -17.81 40.36 15.97
N LYS H 321 -18.86 40.20 15.18
CA LYS H 321 -19.00 39.06 14.27
C LYS H 321 -18.23 39.38 12.99
N VAL H 322 -16.91 39.23 13.07
CA VAL H 322 -16.05 39.53 11.93
C VAL H 322 -16.25 38.46 10.86
N SER H 323 -16.19 38.88 9.59
CA SER H 323 -16.39 37.95 8.49
C SER H 323 -15.17 37.06 8.28
N SER H 324 -14.01 37.66 8.04
CA SER H 324 -12.78 36.91 7.82
C SER H 324 -11.62 37.68 8.44
N VAL H 325 -10.42 37.10 8.33
CA VAL H 325 -9.26 37.64 9.04
C VAL H 325 -8.82 38.98 8.46
N GLU H 326 -9.04 39.20 7.16
CA GLU H 326 -8.64 40.48 6.58
C GLU H 326 -9.46 41.63 7.16
N GLU H 327 -10.77 41.44 7.35
CA GLU H 327 -11.56 42.44 8.06
C GLU H 327 -11.15 42.55 9.52
N LEU H 328 -10.75 41.42 10.12
CA LEU H 328 -10.30 41.43 11.51
C LEU H 328 -9.08 42.34 11.68
N VAL H 329 -8.11 42.22 10.78
CA VAL H 329 -6.91 43.03 10.89
C VAL H 329 -7.16 44.45 10.40
N ALA H 330 -8.14 44.63 9.51
CA ALA H 330 -8.55 46.00 9.16
C ALA H 330 -9.13 46.72 10.36
N ASN H 331 -9.91 46.01 11.19
CA ASN H 331 -10.43 46.59 12.41
C ASN H 331 -9.36 46.82 13.46
N LEU H 332 -8.21 46.15 13.35
CA LEU H 332 -7.10 46.35 14.28
C LEU H 332 -6.19 47.49 13.86
N VAL H 333 -5.92 47.63 12.56
CA VAL H 333 -5.04 48.70 12.09
C VAL H 333 -5.67 50.07 12.17
N LYS H 334 -6.98 50.15 12.36
CA LYS H 334 -7.67 51.43 12.42
C LYS H 334 -7.69 52.04 13.82
N MET H 335 -7.27 51.30 14.84
CA MET H 335 -7.25 51.79 16.21
C MET H 335 -5.85 52.10 16.71
N VAL H 336 -4.82 51.88 15.91
CA VAL H 336 -3.45 52.16 16.33
C VAL H 336 -3.05 53.57 15.95
N MET I 1 3.12 40.30 -10.02
CA MET I 1 1.69 40.28 -10.26
C MET I 1 1.17 38.90 -9.85
N TYR I 2 0.24 38.88 -8.90
CA TYR I 2 -0.23 37.65 -8.27
C TYR I 2 -1.62 37.28 -8.76
N VAL I 3 -1.83 35.96 -8.90
CA VAL I 3 -3.08 35.39 -9.38
C VAL I 3 -3.49 34.27 -8.44
N ARG I 4 -4.78 34.20 -8.10
CA ARG I 4 -5.33 33.10 -7.32
C ARG I 4 -6.54 32.56 -8.07
N ILE I 5 -6.51 31.27 -8.41
CA ILE I 5 -7.62 30.59 -9.07
C ILE I 5 -8.10 29.48 -8.14
N SER I 6 -9.42 29.29 -8.09
CA SER I 6 -10.01 28.22 -7.31
C SER I 6 -11.39 27.93 -7.88
N GLY I 7 -12.01 26.88 -7.37
CA GLY I 7 -13.39 26.61 -7.72
C GLY I 7 -13.72 25.13 -7.63
N ARG I 8 -14.91 24.81 -8.12
CA ARG I 8 -15.47 23.47 -8.09
C ARG I 8 -15.61 22.93 -9.51
N ILE I 9 -15.12 21.70 -9.70
CA ILE I 9 -15.20 20.98 -10.96
C ILE I 9 -15.85 19.64 -10.68
N ARG I 10 -16.17 18.91 -11.75
CA ARG I 10 -16.72 17.56 -11.62
C ARG I 10 -15.90 16.61 -12.47
N LEU I 11 -15.45 15.52 -11.86
CA LEU I 11 -14.71 14.47 -12.54
C LEU I 11 -15.55 13.21 -12.59
N ASN I 12 -15.33 12.40 -13.61
CA ASN I 12 -16.12 11.19 -13.79
C ASN I 12 -15.22 10.06 -14.30
N ALA I 13 -14.88 9.13 -13.41
CA ALA I 13 -14.18 7.90 -13.78
C ALA I 13 -12.84 8.21 -14.45
N HIS I 14 -11.92 8.76 -13.65
CA HIS I 14 -10.57 9.04 -14.13
C HIS I 14 -9.55 8.23 -13.34
N SER I 15 -8.60 7.64 -14.05
CA SER I 15 -7.44 7.01 -13.41
C SER I 15 -6.23 7.93 -13.46
N LEU I 16 -6.37 9.07 -12.78
CA LEU I 16 -5.28 10.04 -12.67
C LEU I 16 -4.53 9.82 -11.36
N ASN I 17 -3.22 9.92 -11.39
CA ASN I 17 -2.44 9.78 -10.14
C ASN I 17 -2.63 8.40 -9.52
N ALA I 18 -2.04 7.36 -10.11
CA ALA I 18 -2.10 5.99 -9.51
C ALA I 18 -0.70 5.65 -9.02
N GLN I 19 -0.59 4.79 -8.00
CA GLN I 19 0.74 4.52 -7.39
C GLN I 19 1.70 3.92 -8.40
N GLY I 20 1.19 3.10 -9.32
CA GLY I 20 2.08 2.36 -10.23
C GLY I 20 2.06 0.91 -9.81
N GLY I 21 1.12 0.13 -10.35
CA GLY I 21 0.95 -1.24 -9.91
C GLY I 21 2.25 -1.89 -9.49
N GLY I 22 3.00 -2.30 -10.51
CA GLY I 22 4.18 -3.15 -10.27
C GLY I 22 3.76 -4.50 -10.80
N GLY I 23 4.20 -5.59 -10.16
CA GLY I 23 3.69 -6.90 -10.58
C GLY I 23 2.20 -6.94 -10.32
N THR I 24 1.78 -6.30 -9.22
CA THR I 24 0.36 -6.35 -8.83
C THR I 24 -0.49 -5.78 -9.96
N ASN I 25 -1.66 -6.39 -10.16
CA ASN I 25 -2.55 -5.95 -11.24
C ASN I 25 -3.48 -4.84 -10.76
N TYR I 26 -4.18 -5.01 -9.63
CA TYR I 26 -5.02 -3.86 -9.30
C TYR I 26 -4.12 -2.64 -9.16
N ILE I 27 -4.23 -1.69 -10.09
CA ILE I 27 -3.39 -0.45 -10.06
C ILE I 27 -4.02 0.49 -9.02
N GLU I 28 -3.68 0.34 -7.74
CA GLU I 28 -4.36 1.05 -6.67
C GLU I 28 -4.17 2.55 -6.82
N ILE I 29 -5.27 3.30 -6.67
CA ILE I 29 -5.26 4.74 -6.85
C ILE I 29 -4.88 5.38 -5.51
N THR I 30 -4.39 6.62 -5.59
CA THR I 30 -3.99 7.34 -4.39
C THR I 30 -5.21 7.66 -3.54
N LYS I 31 -5.20 7.19 -2.30
CA LYS I 31 -6.29 7.42 -1.36
C LYS I 31 -5.82 8.42 -0.30
N THR I 32 -6.61 9.47 -0.08
CA THR I 32 -6.29 10.49 0.91
C THR I 32 -7.43 10.56 1.90
N LYS I 33 -7.10 10.64 3.18
CA LYS I 33 -8.09 10.77 4.24
C LYS I 33 -8.38 12.24 4.49
N VAL I 34 -9.66 12.60 4.54
CA VAL I 34 -10.09 13.98 4.72
C VAL I 34 -11.21 14.02 5.76
N THR I 35 -11.38 15.20 6.35
CA THR I 35 -12.40 15.40 7.36
C THR I 35 -13.78 15.54 6.74
N VAL I 36 -14.79 15.11 7.50
CA VAL I 36 -16.19 15.27 7.14
C VAL I 36 -16.91 15.82 8.36
N ARG I 37 -17.70 16.88 8.15
CA ARG I 37 -18.38 17.56 9.25
C ARG I 37 -19.34 16.63 9.96
N THR I 38 -20.39 16.18 9.24
CA THR I 38 -21.40 15.25 9.75
C THR I 38 -22.22 15.87 10.87
N GLU I 39 -23.54 15.68 10.82
CA GLU I 39 -24.41 16.20 11.87
C GLU I 39 -24.13 15.56 13.23
N ASN I 40 -23.49 14.39 13.25
CA ASN I 40 -23.13 13.77 14.52
C ASN I 40 -21.83 14.36 15.06
N GLY I 41 -20.73 14.22 14.31
CA GLY I 41 -19.46 14.74 14.75
C GLY I 41 -18.44 14.65 13.63
N TRP I 42 -17.34 15.38 13.82
CA TRP I 42 -16.28 15.45 12.81
C TRP I 42 -15.62 14.08 12.69
N THR I 43 -15.76 13.46 11.52
CA THR I 43 -15.17 12.16 11.23
C THR I 43 -14.14 12.30 10.12
N VAL I 44 -13.55 11.18 9.74
CA VAL I 44 -12.55 11.13 8.67
C VAL I 44 -12.91 10.00 7.72
N VAL I 45 -12.75 10.25 6.42
CA VAL I 45 -13.03 9.24 5.41
C VAL I 45 -11.95 9.31 4.33
N GLU I 46 -11.60 8.15 3.78
CA GLU I 46 -10.61 8.07 2.72
C GLU I 46 -11.31 8.09 1.36
N VAL I 47 -10.80 8.94 0.47
CA VAL I 47 -11.37 9.09 -0.87
C VAL I 47 -10.23 9.12 -1.88
N PRO I 48 -10.47 8.70 -3.12
CA PRO I 48 -9.45 8.87 -4.17
C PRO I 48 -9.27 10.34 -4.50
N ALA I 49 -8.01 10.76 -4.63
CA ALA I 49 -7.69 12.16 -4.86
C ALA I 49 -6.52 12.26 -5.83
N ILE I 50 -6.18 13.49 -6.19
CA ILE I 50 -5.07 13.78 -7.10
C ILE I 50 -4.09 14.68 -6.37
N THR I 51 -2.82 14.29 -6.38
CA THR I 51 -1.79 15.09 -5.72
C THR I 51 -1.46 16.32 -6.56
N GLY I 52 -0.76 17.27 -5.92
CA GLY I 52 -0.35 18.49 -6.60
C GLY I 52 0.78 18.30 -7.57
N ASN I 53 1.50 17.19 -7.39
CA ASN I 53 2.68 16.99 -8.26
C ASN I 53 2.13 17.03 -9.67
N MET I 54 0.99 16.37 -9.86
CA MET I 54 0.44 16.29 -11.23
C MET I 54 0.16 17.72 -11.69
N LEU I 55 -0.77 18.38 -11.01
CA LEU I 55 -1.12 19.73 -11.43
C LEU I 55 0.12 20.53 -11.80
N LYS I 56 1.18 20.41 -10.99
CA LYS I 56 2.40 21.17 -11.28
C LYS I 56 3.07 20.70 -12.55
N HIS I 57 3.15 19.37 -12.77
CA HIS I 57 3.76 18.86 -13.98
C HIS I 57 2.97 19.28 -15.21
N TRP I 58 1.64 19.20 -15.15
CA TRP I 58 0.84 19.61 -16.29
C TRP I 58 0.91 21.12 -16.53
N HIS I 59 0.98 21.91 -15.46
CA HIS I 59 1.17 23.35 -15.61
C HIS I 59 2.50 23.65 -16.28
N PHE I 60 3.56 22.92 -15.91
CA PHE I 60 4.85 23.10 -16.56
C PHE I 60 4.79 22.70 -18.03
N VAL I 61 4.08 21.61 -18.34
CA VAL I 61 3.95 21.19 -19.72
C VAL I 61 3.22 22.24 -20.55
N GLY I 62 2.12 22.77 -20.00
CA GLY I 62 1.41 23.84 -20.70
C GLY I 62 2.24 25.09 -20.85
N PHE I 63 3.02 25.43 -19.81
CA PHE I 63 3.88 26.61 -19.87
C PHE I 63 4.91 26.48 -20.99
N VAL I 64 5.56 25.32 -21.08
CA VAL I 64 6.57 25.15 -22.13
C VAL I 64 5.90 25.09 -23.51
N ASP I 65 4.72 24.46 -23.61
CA ASP I 65 4.03 24.39 -24.89
C ASP I 65 3.64 25.77 -25.40
N TYR I 66 3.13 26.62 -24.52
CA TYR I 66 2.76 27.97 -24.93
C TYR I 66 3.96 28.91 -25.03
N PHE I 67 5.08 28.57 -24.38
CA PHE I 67 6.29 29.36 -24.54
C PHE I 67 7.01 29.06 -25.84
N LYS I 68 6.84 27.84 -26.39
CA LYS I 68 7.39 27.56 -27.72
C LYS I 68 6.81 28.49 -28.77
N THR I 69 5.58 28.98 -28.56
CA THR I 69 4.97 29.90 -29.52
C THR I 69 5.71 31.23 -29.56
N THR I 70 6.16 31.71 -28.41
CA THR I 70 6.81 33.02 -28.36
C THR I 70 8.13 32.99 -29.13
N PRO I 71 8.51 34.09 -29.77
CA PRO I 71 9.79 34.11 -30.51
C PRO I 71 11.00 33.93 -29.60
N TYR I 72 10.87 34.20 -28.30
CA TYR I 72 11.98 34.07 -27.36
C TYR I 72 12.01 32.70 -26.69
N GLY I 73 11.54 31.65 -27.36
CA GLY I 73 11.55 30.33 -26.81
C GLY I 73 12.88 29.60 -26.87
N VAL I 74 13.90 30.23 -27.47
CA VAL I 74 15.22 29.60 -27.55
C VAL I 74 15.81 29.44 -26.16
N ASN I 75 15.68 30.45 -25.30
CA ASN I 75 16.19 30.40 -23.93
C ASN I 75 15.27 29.48 -23.12
N LEU I 76 15.52 28.18 -23.23
CA LEU I 76 14.69 27.17 -22.60
C LEU I 76 15.60 26.01 -22.18
N THR I 77 15.00 24.95 -21.65
CA THR I 77 15.73 23.78 -21.19
C THR I 77 15.46 22.62 -22.14
N GLU I 78 16.53 21.88 -22.48
CA GLU I 78 16.35 20.69 -23.31
C GLU I 78 15.48 19.66 -22.64
N ARG I 79 15.58 19.54 -21.31
CA ARG I 79 14.68 18.66 -20.58
C ARG I 79 13.24 19.14 -20.67
N ALA I 80 13.04 20.47 -20.61
CA ALA I 80 11.70 21.02 -20.75
C ALA I 80 11.10 20.71 -22.12
N LEU I 81 11.91 20.80 -23.17
CA LEU I 81 11.43 20.48 -24.51
C LEU I 81 11.05 19.01 -24.62
N ARG I 82 11.70 18.15 -23.85
CA ARG I 82 11.39 16.73 -23.83
C ARG I 82 10.30 16.38 -22.83
N TYR I 83 9.58 17.38 -22.32
CA TYR I 83 8.50 17.17 -21.36
C TYR I 83 8.99 16.43 -20.11
N ASN I 84 10.13 16.88 -19.59
CA ASN I 84 10.74 16.31 -18.40
C ASN I 84 10.67 17.35 -17.28
N GLY I 85 10.15 16.93 -16.12
CA GLY I 85 9.94 17.86 -15.03
C GLY I 85 11.06 17.90 -14.01
N THR I 86 11.99 16.95 -14.10
CA THR I 86 13.11 16.92 -13.17
C THR I 86 14.02 18.12 -13.39
N ARG I 87 14.65 18.58 -12.31
CA ARG I 87 15.49 19.77 -12.34
C ARG I 87 16.88 19.40 -11.81
N PHE I 88 17.81 19.15 -12.74
CA PHE I 88 19.22 18.95 -12.44
C PHE I 88 19.42 17.82 -11.43
N GLY I 89 19.08 16.61 -11.87
CA GLY I 89 19.35 15.43 -11.05
C GLY I 89 20.83 15.26 -10.81
N GLN I 90 21.16 14.73 -9.63
CA GLN I 90 22.55 14.60 -9.24
C GLN I 90 23.28 13.64 -10.16
N GLY I 91 24.47 14.05 -10.61
CA GLY I 91 25.25 13.26 -11.54
C GLY I 91 25.96 14.13 -12.58
N GLU I 92 25.46 15.34 -12.76
CA GLU I 92 26.06 16.30 -13.69
C GLU I 92 26.15 17.66 -13.01
N THR I 93 27.26 18.37 -13.25
CA THR I 93 27.45 19.68 -12.65
C THR I 93 26.73 20.76 -13.45
N THR I 94 26.99 20.83 -14.76
CA THR I 94 26.38 21.83 -15.62
C THR I 94 25.09 21.25 -16.23
N ALA I 95 24.51 21.97 -17.17
CA ALA I 95 23.29 21.55 -17.85
C ALA I 95 23.43 21.85 -19.33
N THR I 96 22.39 21.51 -20.10
CA THR I 96 22.37 21.73 -21.54
C THR I 96 21.22 22.66 -21.90
N LYS I 97 21.54 23.71 -22.65
CA LYS I 97 20.51 24.62 -23.12
C LYS I 97 19.67 23.95 -24.21
N ALA I 98 18.41 24.38 -24.31
CA ALA I 98 17.52 23.86 -25.35
C ALA I 98 18.04 24.17 -26.74
N ASN I 99 18.77 25.28 -26.89
CA ASN I 99 19.38 25.59 -28.18
C ASN I 99 20.47 24.59 -28.54
N GLY I 100 21.03 23.90 -27.55
CA GLY I 100 22.09 22.96 -27.78
C GLY I 100 23.40 23.38 -27.13
N ALA I 101 23.35 24.48 -26.38
CA ALA I 101 24.51 25.01 -25.69
C ALA I 101 24.61 24.41 -24.29
N THR I 102 25.63 24.84 -23.55
CA THR I 102 25.87 24.37 -22.20
C THR I 102 25.65 25.52 -21.22
N VAL I 103 24.83 25.29 -20.21
CA VAL I 103 24.49 26.30 -19.21
C VAL I 103 25.33 26.04 -17.97
N GLN I 104 26.09 27.05 -17.55
CA GLN I 104 26.90 26.94 -16.36
C GLN I 104 26.05 27.25 -15.12
N LEU I 105 26.07 26.34 -14.15
CA LEU I 105 25.27 26.49 -12.93
C LEU I 105 26.12 27.13 -11.84
N ASN I 106 26.47 28.40 -12.09
CA ASN I 106 27.25 29.18 -11.15
C ASN I 106 26.60 30.48 -10.73
N ASP I 107 25.50 30.89 -11.37
CA ASP I 107 24.82 32.14 -11.03
C ASP I 107 23.33 31.95 -11.23
N GLU I 108 22.56 32.28 -10.20
CA GLU I 108 21.10 32.12 -10.28
C GLU I 108 20.50 33.04 -11.33
N ALA I 109 21.01 34.27 -11.43
CA ALA I 109 20.50 35.21 -12.43
C ALA I 109 20.72 34.69 -13.84
N THR I 110 21.90 34.16 -14.14
CA THR I 110 22.13 33.57 -15.45
C THR I 110 21.22 32.37 -15.70
N ILE I 111 20.99 31.55 -14.69
CA ILE I 111 20.12 30.38 -14.84
C ILE I 111 18.70 30.81 -15.19
N ILE I 112 18.17 31.80 -14.45
CA ILE I 112 16.80 32.22 -14.73
C ILE I 112 16.73 32.98 -16.05
N LYS I 113 17.80 33.67 -16.45
CA LYS I 113 17.82 34.35 -17.73
C LYS I 113 17.78 33.36 -18.89
N GLU I 114 18.57 32.28 -18.79
CA GLU I 114 18.67 31.31 -19.88
C GLU I 114 17.70 30.15 -19.74
N LEU I 115 16.99 30.04 -18.62
CA LEU I 115 16.02 28.96 -18.40
C LEU I 115 14.71 29.61 -17.94
N ALA I 116 13.75 29.71 -18.85
CA ALA I 116 12.47 30.33 -18.50
C ALA I 116 11.62 29.43 -17.62
N ASP I 117 11.63 28.12 -17.88
CA ASP I 117 10.81 27.20 -17.09
C ASP I 117 11.26 27.15 -15.64
N ALA I 118 12.58 27.11 -15.41
CA ALA I 118 13.09 27.03 -14.05
C ALA I 118 12.90 28.34 -13.29
N ASP I 119 12.73 29.46 -13.99
CA ASP I 119 12.51 30.73 -13.31
C ASP I 119 11.16 30.75 -12.59
N VAL I 120 10.15 30.12 -13.18
CA VAL I 120 8.80 30.15 -12.62
C VAL I 120 8.55 28.89 -11.80
N HIS I 121 9.18 27.78 -12.17
CA HIS I 121 8.99 26.51 -11.48
C HIS I 121 10.09 26.19 -10.50
N GLY I 122 11.03 27.10 -10.28
CA GLY I 122 12.13 26.83 -9.37
C GLY I 122 13.06 25.77 -9.95
N PHE I 123 14.03 25.36 -9.13
CA PHE I 123 14.95 24.30 -9.53
C PHE I 123 15.69 23.80 -8.29
N LEU I 124 16.59 22.85 -8.52
CA LEU I 124 17.40 22.26 -7.46
C LEU I 124 18.72 21.81 -8.06
N ALA I 125 19.82 22.35 -7.56
CA ALA I 125 21.17 22.01 -8.00
C ALA I 125 21.99 21.67 -6.77
N PRO I 126 21.89 20.44 -6.27
CA PRO I 126 22.69 20.05 -5.10
C PRO I 126 24.19 20.06 -5.37
N LYS I 127 24.60 19.89 -6.63
CA LYS I 127 26.02 19.88 -6.95
C LYS I 127 26.67 21.21 -6.63
N THR I 128 25.99 22.31 -6.96
CA THR I 128 26.45 23.64 -6.61
C THR I 128 25.56 24.32 -5.59
N GLY I 129 24.46 23.70 -5.19
CA GLY I 129 23.60 24.26 -4.16
C GLY I 129 22.67 25.36 -4.61
N ARG I 130 22.33 25.43 -5.90
CA ARG I 130 21.46 26.49 -6.39
C ARG I 130 19.99 26.10 -6.20
N ARG I 131 19.26 26.93 -5.46
CA ARG I 131 17.86 26.63 -5.19
C ARG I 131 17.00 27.85 -5.50
N ARG I 132 15.80 27.58 -6.01
CA ARG I 132 14.82 28.63 -6.27
C ARG I 132 13.43 28.02 -6.19
N VAL I 133 12.61 28.57 -5.29
CA VAL I 133 11.27 28.05 -5.09
C VAL I 133 10.38 28.40 -6.28
N SER I 134 9.47 27.50 -6.61
CA SER I 134 8.57 27.71 -7.74
C SER I 134 7.64 28.88 -7.48
N LEU I 135 7.30 29.59 -8.55
CA LEU I 135 6.34 30.68 -8.49
C LEU I 135 4.89 30.19 -8.59
N VAL I 136 4.68 28.90 -8.77
CA VAL I 136 3.35 28.32 -8.88
C VAL I 136 3.15 27.32 -7.75
N LYS I 137 2.00 27.40 -7.09
CA LYS I 137 1.63 26.50 -6.01
C LYS I 137 0.38 25.74 -6.44
N ALA I 138 0.46 24.42 -6.39
CA ALA I 138 -0.63 23.54 -6.82
C ALA I 138 -1.13 22.74 -5.63
N SER I 139 -2.45 22.72 -5.47
CA SER I 139 -3.09 21.98 -4.39
C SER I 139 -3.58 20.62 -4.90
N PHE I 140 -4.20 19.87 -4.00
CA PHE I 140 -4.73 18.56 -4.36
C PHE I 140 -6.10 18.71 -5.01
N ILE I 141 -6.70 17.58 -5.37
CA ILE I 141 -8.02 17.53 -5.98
C ILE I 141 -8.86 16.59 -5.14
N LEU I 142 -9.75 17.16 -4.31
CA LEU I 142 -10.58 16.39 -3.39
C LEU I 142 -12.07 16.66 -3.62
N PRO I 143 -12.92 15.66 -3.42
CA PRO I 143 -14.36 15.91 -3.45
C PRO I 143 -14.80 16.81 -2.30
N THR I 144 -15.84 17.59 -2.56
CA THR I 144 -16.33 18.52 -1.56
C THR I 144 -17.00 17.77 -0.41
N GLU I 145 -17.03 18.43 0.76
CA GLU I 145 -17.58 17.79 1.96
C GLU I 145 -19.05 17.48 1.79
N ASP I 146 -19.82 18.39 1.20
CA ASP I 146 -21.25 18.15 1.00
C ASP I 146 -21.49 16.99 0.05
N PHE I 147 -20.61 16.80 -0.93
CA PHE I 147 -20.74 15.65 -1.83
C PHE I 147 -20.60 14.34 -1.05
N ILE I 148 -19.60 14.26 -0.18
CA ILE I 148 -19.41 13.06 0.62
C ILE I 148 -20.57 12.88 1.58
N LYS I 149 -21.10 13.98 2.12
CA LYS I 149 -22.28 13.90 2.99
C LYS I 149 -23.49 13.33 2.25
N GLU I 150 -23.72 13.75 1.00
CA GLU I 150 -24.90 13.31 0.27
C GLU I 150 -24.73 11.98 -0.45
N VAL I 151 -23.51 11.48 -0.61
CA VAL I 151 -23.30 10.19 -1.24
C VAL I 151 -22.75 9.13 -0.29
N GLU I 152 -22.16 9.54 0.84
CA GLU I 152 -21.58 8.61 1.82
C GLU I 152 -20.50 7.73 1.20
N GLY I 153 -19.84 8.22 0.17
CA GLY I 153 -18.73 7.51 -0.45
C GLY I 153 -19.15 6.33 -1.32
N GLU I 154 -19.67 5.27 -0.69
CA GLU I 154 -20.05 4.04 -1.39
C GLU I 154 -18.88 3.50 -2.22
N ARG I 155 -17.68 3.56 -1.62
CA ARG I 155 -16.41 2.95 -2.03
C ARG I 155 -15.90 3.49 -3.37
N LEU I 156 -16.72 4.31 -4.05
CA LEU I 156 -16.29 5.28 -5.07
C LEU I 156 -15.11 4.79 -5.91
N ILE I 157 -15.22 3.57 -6.44
CA ILE I 157 -14.19 2.99 -7.29
C ILE I 157 -14.86 2.23 -8.43
N THR I 158 -14.39 2.45 -9.65
CA THR I 158 -14.88 1.75 -10.84
C THR I 158 -13.73 0.91 -11.41
N ALA I 159 -13.79 -0.40 -11.18
CA ALA I 159 -12.71 -1.29 -11.58
C ALA I 159 -13.06 -1.99 -12.89
N ILE I 160 -12.19 -1.83 -13.88
CA ILE I 160 -12.34 -2.47 -15.18
C ILE I 160 -11.08 -3.29 -15.45
N LYS I 161 -11.26 -4.55 -15.82
CA LYS I 161 -10.15 -5.48 -15.97
C LYS I 161 -9.80 -5.63 -17.45
N HIS I 162 -8.51 -5.48 -17.75
CA HIS I 162 -8.00 -5.56 -19.11
C HIS I 162 -6.94 -6.66 -19.19
N ASN I 163 -6.55 -6.98 -20.42
CA ASN I 163 -5.54 -8.00 -20.67
C ASN I 163 -4.49 -7.45 -21.63
N ARG I 164 -3.51 -8.30 -21.91
CA ARG I 164 -2.49 -7.93 -22.90
C ARG I 164 -2.50 -9.04 -23.95
N VAL I 165 -2.52 -8.66 -25.23
CA VAL I 165 -2.61 -9.60 -26.34
C VAL I 165 -1.24 -9.64 -27.02
N ASP I 166 -0.67 -10.83 -27.11
CA ASP I 166 0.63 -11.06 -27.73
C ASP I 166 0.46 -12.15 -28.79
N VAL I 167 0.14 -11.73 -30.01
CA VAL I 167 -0.07 -12.64 -31.12
C VAL I 167 1.14 -12.57 -32.04
N ASP I 168 1.81 -13.70 -32.22
CA ASP I 168 2.97 -13.83 -33.08
C ASP I 168 2.53 -14.35 -34.45
N GLU I 169 3.51 -14.72 -35.27
CA GLU I 169 3.20 -15.30 -36.57
C GLU I 169 2.41 -16.59 -36.44
N LYS I 170 2.80 -17.43 -35.48
CA LYS I 170 2.06 -18.66 -35.22
C LYS I 170 0.65 -18.38 -34.70
N GLY I 171 0.42 -17.21 -34.11
CA GLY I 171 -0.87 -16.89 -33.56
C GLY I 171 -1.23 -17.72 -32.35
N ALA I 172 -0.37 -17.70 -31.33
CA ALA I 172 -0.59 -18.46 -30.12
C ALA I 172 -0.54 -17.53 -28.92
N ILE I 173 -1.53 -17.65 -28.04
CA ILE I 173 -1.55 -16.83 -26.83
C ILE I 173 -0.50 -17.31 -25.83
N GLY I 174 -0.15 -18.59 -25.86
CA GLY I 174 0.86 -19.13 -24.97
C GLY I 174 0.34 -19.35 -23.56
N SER I 175 1.25 -19.81 -22.71
CA SER I 175 0.96 -20.07 -21.30
C SER I 175 2.09 -19.56 -20.41
N SER I 176 2.69 -18.43 -20.81
CA SER I 176 3.81 -17.84 -20.09
C SER I 176 4.96 -18.83 -19.92
N LYS I 177 5.19 -19.63 -20.96
CA LYS I 177 6.27 -20.61 -20.96
C LYS I 177 7.23 -20.49 -22.14
N GLU I 178 6.87 -19.74 -23.19
CA GLU I 178 7.74 -19.55 -24.34
C GLU I 178 8.27 -18.12 -24.46
N GLY I 179 7.61 -17.15 -23.83
CA GLY I 179 8.02 -15.76 -23.94
C GLY I 179 6.89 -14.88 -24.44
N THR I 180 5.66 -15.34 -24.26
CA THR I 180 4.48 -14.61 -24.69
C THR I 180 4.07 -13.60 -23.61
N ALA I 181 2.95 -12.92 -23.85
CA ALA I 181 2.41 -11.93 -22.91
C ALA I 181 0.90 -12.07 -22.89
N GLN I 182 0.39 -12.88 -21.96
CA GLN I 182 -1.05 -13.06 -21.78
C GLN I 182 -1.32 -13.04 -20.28
N MET I 183 -1.81 -11.88 -19.83
CA MET I 183 -2.05 -11.69 -18.38
C MET I 183 -3.32 -10.86 -18.22
N LEU I 184 -3.83 -10.79 -16.99
CA LEU I 184 -5.05 -10.05 -16.71
C LEU I 184 -4.79 -9.10 -15.55
N PHE I 185 -4.92 -7.79 -15.89
CA PHE I 185 -4.69 -6.69 -14.92
C PHE I 185 -5.93 -5.81 -14.83
N SER I 186 -6.07 -5.04 -13.75
CA SER I 186 -7.26 -4.23 -13.52
C SER I 186 -6.87 -2.79 -13.25
N ARG I 187 -7.63 -1.86 -13.83
CA ARG I 187 -7.45 -0.43 -13.61
C ARG I 187 -8.75 0.14 -13.05
N GLU I 188 -8.64 1.00 -12.05
CA GLU I 188 -9.83 1.61 -11.46
C GLU I 188 -9.82 3.12 -11.71
N TYR I 189 -11.02 3.68 -11.73
CA TYR I 189 -11.27 5.07 -12.05
C TYR I 189 -12.22 5.66 -11.01
N ALA I 190 -12.09 6.97 -10.79
CA ALA I 190 -12.80 7.66 -9.72
C ALA I 190 -13.58 8.86 -10.26
N THR I 191 -14.66 9.19 -9.57
CA THR I 191 -15.53 10.29 -9.95
C THR I 191 -15.76 11.17 -8.73
N GLY I 192 -16.57 12.22 -8.92
CA GLY I 192 -16.94 13.09 -7.82
C GLY I 192 -16.87 14.57 -8.14
N LEU I 193 -17.54 15.38 -7.32
CA LEU I 193 -17.50 16.83 -7.47
C LEU I 193 -16.28 17.33 -6.70
N TYR I 194 -15.18 17.55 -7.40
CA TYR I 194 -13.92 17.90 -6.79
C TYR I 194 -13.73 19.42 -6.80
N GLY I 195 -12.60 19.86 -6.23
CA GLY I 195 -12.26 21.26 -6.25
C GLY I 195 -10.82 21.45 -6.70
N PHE I 196 -10.53 22.68 -7.13
CA PHE I 196 -9.21 23.04 -7.59
C PHE I 196 -8.82 24.39 -7.02
N SER I 197 -7.52 24.60 -6.84
CA SER I 197 -7.00 25.87 -6.35
C SER I 197 -5.52 25.94 -6.72
N ILE I 198 -5.14 26.95 -7.47
CA ILE I 198 -3.76 27.17 -7.92
C ILE I 198 -3.38 28.61 -7.65
N VAL I 199 -2.14 28.81 -7.19
CA VAL I 199 -1.61 30.14 -6.88
C VAL I 199 -0.49 30.44 -7.86
N LEU I 200 -0.54 31.61 -8.50
CA LEU I 200 0.49 32.08 -9.39
C LEU I 200 1.15 33.31 -8.80
N ASP I 201 2.48 33.33 -8.80
CA ASP I 201 3.23 34.42 -8.21
C ASP I 201 4.03 35.14 -9.27
N LEU I 202 3.38 35.50 -10.38
CA LEU I 202 4.07 36.06 -11.54
C LEU I 202 4.54 37.47 -11.25
N GLY I 203 5.49 37.60 -10.33
CA GLY I 203 6.10 38.88 -10.03
C GLY I 203 7.60 38.71 -9.82
N LEU I 204 8.07 37.48 -9.95
CA LEU I 204 9.49 37.16 -9.78
C LEU I 204 10.14 36.63 -11.06
N VAL I 205 9.40 36.53 -12.16
CA VAL I 205 10.00 36.11 -13.42
C VAL I 205 10.90 37.22 -13.94
N GLY I 206 12.15 36.87 -14.24
CA GLY I 206 13.14 37.84 -14.64
C GLY I 206 13.81 38.56 -13.49
N ILE I 207 13.37 38.33 -12.25
CA ILE I 207 13.96 38.94 -11.07
C ILE I 207 14.51 37.83 -10.19
N PRO I 208 15.81 37.80 -9.93
CA PRO I 208 16.35 36.78 -9.02
C PRO I 208 15.84 37.01 -7.59
N GLN I 209 15.65 35.90 -6.87
CA GLN I 209 15.20 35.99 -5.50
C GLN I 209 16.30 36.50 -4.58
N GLY I 210 17.57 36.33 -4.98
CA GLY I 210 18.66 36.84 -4.18
C GLY I 210 18.71 38.35 -4.16
N LEU I 211 18.43 38.99 -5.30
CA LEU I 211 18.44 40.45 -5.43
C LEU I 211 17.11 40.84 -6.06
N PRO I 212 16.06 41.01 -5.24
CA PRO I 212 14.76 41.39 -5.83
C PRO I 212 14.72 42.83 -6.31
N VAL I 213 15.31 43.76 -5.57
CA VAL I 213 15.30 45.17 -5.90
C VAL I 213 16.72 45.71 -5.86
N LYS I 214 16.91 46.86 -6.52
CA LYS I 214 18.21 47.52 -6.57
C LYS I 214 18.31 48.68 -5.59
N PHE I 215 17.25 49.46 -5.43
CA PHE I 215 17.22 50.61 -4.53
C PHE I 215 18.36 51.58 -4.85
N GLU I 216 18.53 51.88 -6.13
CA GLU I 216 19.57 52.80 -6.55
C GLU I 216 19.32 54.23 -6.08
N GLU I 217 18.07 54.57 -5.77
CA GLU I 217 17.74 55.91 -5.29
C GLU I 217 16.77 55.86 -4.10
N ASN I 218 16.86 54.81 -3.30
CA ASN I 218 16.02 54.62 -2.12
C ASN I 218 14.53 54.67 -2.50
N GLN I 219 14.20 54.05 -3.63
CA GLN I 219 12.83 53.98 -4.10
C GLN I 219 12.55 52.56 -4.54
N PRO I 220 11.31 52.08 -4.38
CA PRO I 220 10.98 50.70 -4.79
C PRO I 220 11.14 50.53 -6.30
N ARG I 221 12.08 49.67 -6.68
CA ARG I 221 12.37 49.41 -8.09
C ARG I 221 12.91 47.99 -8.21
N PRO I 222 12.08 47.05 -8.67
CA PRO I 222 12.57 45.68 -8.88
C PRO I 222 13.62 45.64 -9.98
N ASN I 223 14.59 44.76 -9.83
CA ASN I 223 15.68 44.61 -10.79
C ASN I 223 15.42 43.38 -11.63
N ILE I 224 15.29 43.57 -12.94
CA ILE I 224 14.98 42.50 -13.88
C ILE I 224 16.23 42.20 -14.70
N VAL I 225 16.64 40.93 -14.73
CA VAL I 225 17.84 40.53 -15.46
C VAL I 225 17.58 40.30 -16.95
N ILE I 226 16.34 40.48 -17.41
CA ILE I 226 15.98 40.27 -18.80
C ILE I 226 15.22 41.49 -19.30
N ASP I 227 15.14 41.60 -20.63
CA ASP I 227 14.39 42.70 -21.23
C ASP I 227 12.90 42.56 -20.93
N PRO I 228 12.19 43.68 -20.79
CA PRO I 228 10.79 43.62 -20.36
C PRO I 228 9.88 42.86 -21.31
N ASN I 229 10.18 42.85 -22.62
CA ASN I 229 9.34 42.12 -23.56
C ASN I 229 9.37 40.63 -23.28
N GLU I 230 10.55 40.09 -22.94
CA GLU I 230 10.63 38.68 -22.57
C GLU I 230 9.85 38.40 -21.30
N ARG I 231 9.89 39.33 -20.33
CA ARG I 231 9.11 39.16 -19.12
C ARG I 231 7.61 39.13 -19.43
N LYS I 232 7.15 40.02 -20.31
CA LYS I 232 5.75 40.03 -20.69
C LYS I 232 5.36 38.75 -21.41
N ALA I 233 6.24 38.26 -22.30
CA ALA I 233 5.96 37.00 -22.99
C ALA I 233 5.89 35.84 -22.01
N ARG I 234 6.78 35.81 -21.02
CA ARG I 234 6.75 34.76 -20.01
C ARG I 234 5.47 34.84 -19.18
N ILE I 235 5.03 36.05 -18.83
CA ILE I 235 3.78 36.21 -18.11
C ILE I 235 2.62 35.70 -18.95
N GLU I 236 2.60 36.03 -20.25
CA GLU I 236 1.54 35.56 -21.12
C GLU I 236 1.54 34.04 -21.22
N SER I 237 2.72 33.44 -21.33
CA SER I 237 2.80 31.98 -21.38
C SER I 237 2.32 31.35 -20.09
N ALA I 238 2.68 31.93 -18.94
CA ALA I 238 2.22 31.40 -17.66
C ALA I 238 0.71 31.50 -17.55
N LEU I 239 0.13 32.62 -17.98
CA LEU I 239 -1.32 32.78 -17.92
C LEU I 239 -2.01 31.79 -18.85
N LYS I 240 -1.48 31.60 -20.06
CA LYS I 240 -2.06 30.66 -21.00
C LYS I 240 -1.86 29.20 -20.59
N ALA I 241 -0.90 28.93 -19.69
CA ALA I 241 -0.72 27.57 -19.20
C ALA I 241 -1.91 27.12 -18.36
N LEU I 242 -2.66 28.06 -17.77
CA LEU I 242 -3.83 27.70 -16.98
C LEU I 242 -5.05 27.35 -17.83
N ILE I 243 -5.06 27.75 -19.11
CA ILE I 243 -6.18 27.42 -19.97
C ILE I 243 -6.35 25.91 -20.14
N PRO I 244 -5.30 25.13 -20.43
CA PRO I 244 -5.47 23.67 -20.45
C PRO I 244 -5.63 23.05 -19.08
N MET I 245 -5.37 23.79 -18.00
CA MET I 245 -5.52 23.23 -16.66
C MET I 245 -6.97 22.93 -16.33
N LEU I 246 -7.92 23.58 -17.01
CA LEU I 246 -9.34 23.25 -16.91
C LEU I 246 -9.89 22.67 -18.19
N SER I 247 -9.03 22.31 -19.14
CA SER I 247 -9.50 21.78 -20.43
C SER I 247 -9.48 20.25 -20.45
N GLY I 248 -8.58 19.63 -19.69
CA GLY I 248 -8.52 18.18 -19.63
C GLY I 248 -7.13 17.59 -19.52
N TYR I 249 -6.10 18.41 -19.72
CA TYR I 249 -4.72 17.93 -19.60
C TYR I 249 -4.27 17.94 -18.13
N ILE I 250 -4.96 17.14 -17.34
CA ILE I 250 -4.70 17.02 -15.90
C ILE I 250 -4.60 15.55 -15.54
N GLY I 251 -3.58 15.20 -14.77
CA GLY I 251 -3.45 13.84 -14.27
C GLY I 251 -2.42 12.99 -14.99
N ALA I 252 -2.84 11.77 -15.40
CA ALA I 252 -1.95 10.85 -16.13
C ALA I 252 -2.75 9.96 -17.07
N ASN I 253 -2.40 8.67 -17.17
CA ASN I 253 -3.18 7.69 -17.98
C ASN I 253 -3.45 8.21 -19.38
N LEU I 254 -2.42 8.74 -20.04
CA LEU I 254 -2.61 9.34 -21.38
C LEU I 254 -3.12 8.33 -22.44
N ALA I 255 -3.33 7.06 -22.09
CA ALA I 255 -3.98 6.15 -23.02
C ALA I 255 -5.42 5.85 -22.69
N ARG I 256 -5.84 5.93 -21.43
CA ARG I 256 -7.24 5.69 -21.06
C ARG I 256 -7.92 6.87 -20.39
N SER I 257 -7.19 7.85 -19.87
CA SER I 257 -7.74 8.95 -19.08
C SER I 257 -8.41 10.00 -19.96
N PHE I 258 -8.48 11.24 -19.46
CA PHE I 258 -9.21 12.36 -20.01
C PHE I 258 -10.72 12.16 -19.89
N PRO I 259 -11.25 12.22 -18.66
CA PRO I 259 -12.70 12.26 -18.48
C PRO I 259 -13.27 13.61 -18.87
N VAL I 260 -14.55 13.84 -18.55
CA VAL I 260 -15.21 15.08 -18.92
C VAL I 260 -14.41 16.29 -18.46
N PHE I 261 -14.27 16.44 -17.14
CA PHE I 261 -13.42 17.46 -16.52
C PHE I 261 -13.71 18.86 -17.12
N LYS I 262 -14.94 19.32 -16.85
CA LYS I 262 -15.33 20.67 -17.20
C LYS I 262 -15.68 21.41 -15.92
N VAL I 263 -15.33 22.70 -15.87
CA VAL I 263 -15.51 23.48 -14.66
C VAL I 263 -16.99 23.80 -14.46
N GLU I 264 -17.47 23.59 -13.23
CA GLU I 264 -18.82 23.99 -12.85
C GLU I 264 -18.89 25.37 -12.24
N GLU I 265 -17.86 25.78 -11.48
CA GLU I 265 -17.79 27.16 -11.03
C GLU I 265 -16.33 27.49 -10.72
N LEU I 266 -15.95 28.72 -11.04
CA LEU I 266 -14.58 29.17 -10.83
C LEU I 266 -14.57 30.57 -10.26
N VAL I 267 -13.56 30.85 -9.44
CA VAL I 267 -13.34 32.16 -8.84
C VAL I 267 -11.87 32.50 -8.97
N ALA I 268 -11.57 33.77 -9.20
CA ALA I 268 -10.19 34.18 -9.40
C ALA I 268 -10.02 35.62 -8.94
N ILE I 269 -8.83 35.91 -8.44
CA ILE I 269 -8.42 37.27 -8.15
C ILE I 269 -7.04 37.50 -8.74
N ALA I 270 -6.78 38.75 -9.12
CA ALA I 270 -5.51 39.10 -9.74
C ALA I 270 -5.14 40.52 -9.33
N SER I 271 -3.91 40.69 -8.84
CA SER I 271 -3.45 42.02 -8.43
C SER I 271 -1.93 42.00 -8.31
N GLU I 272 -1.31 43.10 -8.74
CA GLU I 272 0.15 43.19 -8.70
C GLU I 272 0.70 43.17 -7.29
N GLY I 273 -0.10 43.52 -6.29
CA GLY I 273 0.34 43.50 -4.91
C GLY I 273 0.10 42.15 -4.26
N PRO I 274 0.58 41.99 -3.02
CA PRO I 274 0.36 40.74 -2.29
C PRO I 274 -1.11 40.54 -1.97
N ILE I 275 -1.68 39.44 -2.43
CA ILE I 275 -3.10 39.15 -2.24
C ILE I 275 -3.26 37.74 -1.67
N PRO I 276 -4.28 37.50 -0.87
CA PRO I 276 -4.49 36.16 -0.31
C PRO I 276 -4.99 35.17 -1.36
N ALA I 277 -4.83 33.89 -1.05
CA ALA I 277 -5.32 32.82 -1.90
C ALA I 277 -6.73 32.44 -1.50
N LEU I 278 -7.56 32.18 -2.50
CA LEU I 278 -8.96 31.84 -2.27
C LEU I 278 -9.09 30.44 -1.70
N VAL I 279 -10.25 30.17 -1.09
CA VAL I 279 -10.48 28.88 -0.46
C VAL I 279 -10.58 27.80 -1.52
N HIS I 280 -9.78 26.74 -1.37
CA HIS I 280 -9.87 25.61 -2.28
C HIS I 280 -11.24 24.96 -2.17
N GLY I 281 -11.83 24.58 -3.31
CA GLY I 281 -13.15 24.01 -3.25
C GLY I 281 -13.17 22.67 -2.56
N PHE I 282 -13.62 22.65 -1.32
CA PHE I 282 -13.78 21.43 -0.55
C PHE I 282 -15.02 21.45 0.34
N TYR I 283 -15.65 22.59 0.53
CA TYR I 283 -16.65 22.78 1.57
C TYR I 283 -17.92 23.39 0.97
N GLU I 284 -19.02 23.26 1.71
CA GLU I 284 -20.29 23.81 1.27
C GLU I 284 -20.48 25.27 1.67
N ASP I 285 -19.52 25.86 2.37
CA ASP I 285 -19.65 27.23 2.86
C ASP I 285 -18.47 28.11 2.47
N TYR I 286 -17.75 27.76 1.40
CA TYR I 286 -16.62 28.56 0.96
C TYR I 286 -17.04 29.77 0.14
N ILE I 287 -18.29 29.80 -0.33
CA ILE I 287 -18.74 30.90 -1.19
C ILE I 287 -18.74 32.22 -0.43
N GLU I 288 -19.33 32.23 0.78
CA GLU I 288 -19.37 33.45 1.54
C GLU I 288 -17.99 33.82 2.10
N ALA I 289 -17.14 32.82 2.37
CA ALA I 289 -15.77 33.12 2.79
C ALA I 289 -15.03 33.85 1.69
N ASN I 290 -15.13 33.37 0.45
CA ASN I 290 -14.54 34.08 -0.68
C ASN I 290 -15.17 35.44 -0.89
N ARG I 291 -16.50 35.55 -0.74
CA ARG I 291 -17.16 36.85 -0.85
C ARG I 291 -16.58 37.85 0.13
N SER I 292 -16.44 37.46 1.40
CA SER I 292 -15.87 38.35 2.40
C SER I 292 -14.41 38.67 2.10
N ILE I 293 -13.62 37.68 1.69
CA ILE I 293 -12.19 37.93 1.47
C ILE I 293 -11.97 38.82 0.25
N ILE I 294 -12.90 38.81 -0.71
CA ILE I 294 -12.76 39.70 -1.87
C ILE I 294 -13.45 41.03 -1.66
N LYS I 295 -14.37 41.14 -0.71
CA LYS I 295 -15.04 42.40 -0.42
C LYS I 295 -14.25 43.26 0.55
N ASN I 296 -13.79 42.68 1.66
CA ASN I 296 -13.05 43.45 2.65
C ASN I 296 -11.68 43.85 2.15
N ALA I 297 -11.08 43.06 1.26
CA ALA I 297 -9.76 43.40 0.72
C ALA I 297 -9.81 44.69 -0.09
N ARG I 298 -10.90 44.90 -0.83
CA ARG I 298 -11.03 46.13 -1.61
C ARG I 298 -11.10 47.36 -0.71
N ALA I 299 -11.59 47.20 0.52
CA ALA I 299 -11.68 48.33 1.45
C ALA I 299 -10.31 48.81 1.92
N LEU I 300 -9.26 48.05 1.69
CA LEU I 300 -7.90 48.43 2.07
C LEU I 300 -7.17 49.17 0.97
N GLY I 301 -7.88 49.66 -0.04
CA GLY I 301 -7.24 50.36 -1.15
C GLY I 301 -6.34 49.49 -2.00
N PHE I 302 -6.78 48.27 -2.32
CA PHE I 302 -6.01 47.34 -3.12
C PHE I 302 -6.60 47.29 -4.53
N ASN I 303 -5.75 47.52 -5.53
CA ASN I 303 -6.17 47.44 -6.93
C ASN I 303 -6.18 45.96 -7.33
N ILE I 304 -7.31 45.31 -7.06
CA ILE I 304 -7.46 43.87 -7.29
C ILE I 304 -8.69 43.64 -8.16
N GLU I 305 -8.53 42.77 -9.16
CA GLU I 305 -9.61 42.42 -10.08
C GLU I 305 -10.09 41.01 -9.78
N VAL I 306 -11.40 40.85 -9.63
CA VAL I 306 -12.01 39.57 -9.26
C VAL I 306 -12.90 39.11 -10.41
N PHE I 307 -12.72 37.86 -10.81
CA PHE I 307 -13.53 37.23 -11.84
C PHE I 307 -14.25 36.03 -11.24
N THR I 308 -15.48 35.78 -11.69
CA THR I 308 -16.27 34.70 -11.11
C THR I 308 -17.17 34.08 -12.18
N TYR I 309 -17.53 32.83 -11.94
CA TYR I 309 -18.45 32.08 -12.78
C TYR I 309 -19.56 31.49 -11.93
N ASN I 310 -20.71 31.24 -12.56
CA ASN I 310 -21.87 30.63 -11.91
C ASN I 310 -22.40 31.52 -10.79
N VAL I 311 -21.66 31.64 -9.70
CA VAL I 311 -22.07 32.47 -8.57
C VAL I 311 -21.73 33.93 -8.87
N ASP I 312 -22.74 34.79 -8.75
CA ASP I 312 -22.54 36.22 -8.98
C ASP I 312 -21.93 36.94 -7.78
N LEU I 313 -21.82 36.26 -6.63
CA LEU I 313 -21.27 36.85 -5.41
C LEU I 313 -22.01 38.11 -5.00
N GLY I 314 -23.33 38.09 -5.17
CA GLY I 314 -24.15 39.22 -4.80
C GLY I 314 -24.07 40.37 -5.80
N GLU I 315 -24.73 41.46 -5.44
CA GLU I 315 -24.75 42.65 -6.27
C GLU I 315 -23.75 43.72 -5.84
N ASP I 316 -23.24 43.64 -4.61
CA ASP I 316 -22.27 44.62 -4.14
C ASP I 316 -20.89 44.43 -4.75
N ILE I 317 -20.61 43.25 -5.30
CA ILE I 317 -19.31 42.96 -5.90
C ILE I 317 -19.38 43.27 -7.39
N GLU I 318 -18.39 44.01 -7.87
CA GLU I 318 -18.31 44.41 -9.28
C GLU I 318 -17.63 43.36 -10.15
N ALA I 319 -17.45 42.15 -9.63
CA ALA I 319 -16.81 41.09 -10.41
C ALA I 319 -17.64 40.76 -11.65
N THR I 320 -16.96 40.62 -12.78
CA THR I 320 -17.62 40.32 -14.04
C THR I 320 -17.97 38.83 -14.11
N LYS I 321 -18.77 38.48 -15.10
CA LYS I 321 -19.22 37.11 -15.31
C LYS I 321 -18.32 36.46 -16.37
N VAL I 322 -17.20 35.91 -15.92
CA VAL I 322 -16.29 35.19 -16.81
C VAL I 322 -16.87 33.80 -17.07
N SER I 323 -17.05 33.46 -18.35
CA SER I 323 -17.68 32.21 -18.74
C SER I 323 -16.66 31.12 -19.05
N SER I 324 -15.80 31.36 -20.04
CA SER I 324 -14.78 30.39 -20.41
C SER I 324 -13.55 30.57 -19.51
N VAL I 325 -12.46 29.91 -19.87
CA VAL I 325 -11.25 29.95 -19.06
C VAL I 325 -10.13 30.78 -19.68
N GLU I 326 -10.08 30.89 -21.02
CA GLU I 326 -9.05 31.70 -21.65
C GLU I 326 -9.35 33.19 -21.55
N GLU I 327 -10.62 33.57 -21.53
CA GLU I 327 -10.95 34.99 -21.45
C GLU I 327 -10.55 35.59 -20.10
N LEU I 328 -10.50 34.77 -19.05
CA LEU I 328 -10.04 35.26 -17.76
C LEU I 328 -8.60 35.75 -17.84
N VAL I 329 -7.69 34.87 -18.24
CA VAL I 329 -6.29 35.26 -18.37
C VAL I 329 -6.10 36.29 -19.47
N ALA I 330 -6.99 36.31 -20.46
CA ALA I 330 -6.90 37.34 -21.51
C ALA I 330 -7.20 38.72 -20.95
N ASN I 331 -8.31 38.87 -20.24
CA ASN I 331 -8.63 40.14 -19.60
C ASN I 331 -7.56 40.51 -18.58
N LEU I 332 -6.93 39.50 -17.99
CA LEU I 332 -5.81 39.77 -17.08
C LEU I 332 -4.59 40.28 -17.84
N VAL I 333 -4.38 39.81 -19.07
CA VAL I 333 -3.15 40.18 -19.76
C VAL I 333 -3.29 41.52 -20.49
N LYS I 334 -4.51 41.94 -20.87
CA LYS I 334 -4.62 43.31 -21.34
C LYS I 334 -4.44 44.35 -20.24
N MET I 335 -4.70 44.01 -18.98
CA MET I 335 -4.54 44.96 -17.89
C MET I 335 -3.14 44.92 -17.28
N VAL I 336 -2.26 44.08 -17.82
CA VAL I 336 -0.86 43.91 -17.38
C VAL I 336 -0.69 44.00 -15.87
N MET J 1 -0.48 19.73 -36.14
CA MET J 1 -1.86 20.19 -36.33
C MET J 1 -2.80 19.57 -35.31
N TYR J 2 -3.24 20.39 -34.35
CA TYR J 2 -4.09 19.92 -33.28
C TYR J 2 -5.53 19.79 -33.78
N VAL J 3 -6.05 18.56 -33.77
CA VAL J 3 -7.43 18.29 -34.17
C VAL J 3 -8.13 17.56 -33.04
N ARG J 4 -9.34 18.02 -32.71
CA ARG J 4 -10.11 17.49 -31.59
C ARG J 4 -11.54 17.21 -32.05
N ILE J 5 -12.05 16.04 -31.70
CA ILE J 5 -13.39 15.61 -32.07
C ILE J 5 -14.15 15.32 -30.80
N SER J 6 -15.43 15.71 -30.76
CA SER J 6 -16.26 15.45 -29.60
C SER J 6 -17.72 15.52 -30.02
N GLY J 7 -18.59 15.03 -29.15
CA GLY J 7 -20.01 15.13 -29.39
C GLY J 7 -20.75 14.00 -28.72
N ARG J 8 -22.03 13.88 -29.09
CA ARG J 8 -22.93 12.88 -28.54
C ARG J 8 -23.24 11.81 -29.56
N ILE J 9 -23.52 10.60 -29.07
CA ILE J 9 -23.88 9.45 -29.89
C ILE J 9 -24.98 8.70 -29.16
N ARG J 10 -25.68 7.83 -29.89
CA ARG J 10 -26.71 6.99 -29.30
C ARG J 10 -26.36 5.53 -29.56
N LEU J 11 -26.22 4.75 -28.49
CA LEU J 11 -25.85 3.35 -28.60
C LEU J 11 -26.99 2.49 -28.08
N ASN J 12 -27.39 1.49 -28.87
CA ASN J 12 -28.51 0.64 -28.55
C ASN J 12 -28.05 -0.81 -28.53
N ALA J 13 -28.25 -1.49 -27.41
CA ALA J 13 -27.95 -2.90 -27.24
C ALA J 13 -26.48 -3.20 -27.59
N HIS J 14 -25.60 -2.64 -26.75
CA HIS J 14 -24.17 -2.77 -26.93
C HIS J 14 -23.61 -3.71 -25.86
N SER J 15 -22.67 -4.55 -26.26
CA SER J 15 -21.96 -5.39 -25.29
C SER J 15 -20.48 -5.06 -25.31
N LEU J 16 -20.16 -3.79 -25.41
CA LEU J 16 -18.78 -3.33 -25.51
C LEU J 16 -18.11 -3.43 -24.13
N ASN J 17 -16.86 -3.88 -24.13
CA ASN J 17 -16.04 -3.94 -22.92
C ASN J 17 -16.69 -4.80 -21.84
N ALA J 18 -16.79 -6.08 -22.15
CA ALA J 18 -17.32 -7.08 -21.23
C ALA J 18 -16.16 -7.89 -20.67
N GLN J 19 -15.94 -7.78 -19.36
CA GLN J 19 -14.87 -8.56 -18.74
C GLN J 19 -15.17 -10.07 -18.81
N GLY J 20 -16.42 -10.46 -18.60
CA GLY J 20 -16.80 -11.85 -18.71
C GLY J 20 -16.37 -12.71 -17.54
N GLY J 21 -15.06 -12.88 -17.39
CA GLY J 21 -14.54 -13.71 -16.32
C GLY J 21 -13.34 -14.56 -16.74
N GLY J 22 -12.98 -14.49 -18.02
CA GLY J 22 -11.86 -15.26 -18.52
C GLY J 22 -12.26 -16.64 -19.03
N GLY J 23 -13.19 -16.67 -19.97
CA GLY J 23 -13.64 -17.94 -20.52
C GLY J 23 -14.49 -18.76 -19.58
N THR J 24 -15.27 -18.11 -18.72
CA THR J 24 -16.12 -18.80 -17.76
C THR J 24 -17.51 -19.01 -18.36
N ASN J 25 -18.46 -19.43 -17.52
CA ASN J 25 -19.83 -19.69 -17.94
C ASN J 25 -20.72 -18.46 -17.86
N TYR J 26 -20.13 -17.27 -17.78
CA TYR J 26 -20.88 -16.03 -17.73
C TYR J 26 -20.09 -14.95 -18.44
N ILE J 27 -20.81 -14.02 -19.07
CA ILE J 27 -20.22 -12.80 -19.63
C ILE J 27 -20.94 -11.61 -19.01
N GLU J 28 -20.17 -10.69 -18.45
CA GLU J 28 -20.70 -9.47 -17.85
C GLU J 28 -19.94 -8.28 -18.42
N ILE J 29 -20.64 -7.15 -18.60
CA ILE J 29 -20.05 -5.95 -19.19
C ILE J 29 -19.70 -4.98 -18.09
N THR J 30 -18.70 -4.15 -18.34
CA THR J 30 -18.23 -3.19 -17.36
C THR J 30 -19.26 -2.10 -17.13
N LYS J 31 -19.40 -1.69 -15.87
CA LYS J 31 -20.33 -0.64 -15.51
C LYS J 31 -19.63 0.32 -14.55
N THR J 32 -19.81 1.61 -14.76
CA THR J 32 -19.14 2.64 -13.97
C THR J 32 -20.19 3.43 -13.17
N LYS J 33 -19.72 4.45 -12.47
CA LYS J 33 -20.58 5.38 -11.77
C LYS J 33 -20.31 6.80 -12.24
N VAL J 34 -21.34 7.64 -12.21
CA VAL J 34 -21.20 9.06 -12.52
C VAL J 34 -21.91 9.84 -11.42
N THR J 35 -21.79 11.16 -11.50
CA THR J 35 -22.43 12.07 -10.56
C THR J 35 -23.51 12.85 -11.29
N VAL J 36 -24.66 13.01 -10.65
CA VAL J 36 -25.80 13.71 -11.23
C VAL J 36 -26.35 14.67 -10.19
N ARG J 37 -27.28 15.51 -10.62
CA ARG J 37 -27.96 16.46 -9.74
C ARG J 37 -29.41 16.10 -9.49
N THR J 38 -30.20 15.91 -10.56
CA THR J 38 -31.62 15.57 -10.46
C THR J 38 -32.36 16.56 -9.56
N GLU J 39 -31.96 17.83 -9.66
CA GLU J 39 -32.46 18.96 -8.86
C GLU J 39 -32.66 18.58 -7.39
N ASN J 40 -31.77 17.72 -6.87
CA ASN J 40 -31.83 17.31 -5.48
C ASN J 40 -30.48 17.26 -4.78
N GLY J 41 -29.37 17.33 -5.51
CA GLY J 41 -28.05 17.21 -4.94
C GLY J 41 -27.17 16.34 -5.82
N TRP J 42 -25.86 16.55 -5.71
CA TRP J 42 -24.89 15.85 -6.55
C TRP J 42 -24.73 14.42 -6.02
N THR J 43 -25.72 13.59 -6.34
CA THR J 43 -25.70 12.19 -5.95
C THR J 43 -24.86 11.37 -6.94
N VAL J 44 -24.60 10.12 -6.57
CA VAL J 44 -23.85 9.19 -7.39
C VAL J 44 -24.80 8.13 -7.92
N VAL J 45 -24.64 7.78 -9.20
CA VAL J 45 -25.52 6.83 -9.86
C VAL J 45 -24.69 5.85 -10.68
N GLU J 46 -25.06 4.57 -10.59
CA GLU J 46 -24.43 3.51 -11.38
C GLU J 46 -25.00 3.51 -12.79
N VAL J 47 -24.12 3.57 -13.79
CA VAL J 47 -24.52 3.57 -15.19
C VAL J 47 -23.63 2.64 -15.99
N PRO J 48 -24.13 1.98 -17.03
CA PRO J 48 -23.26 1.18 -17.89
C PRO J 48 -22.44 2.06 -18.79
N ALA J 49 -21.16 1.71 -18.95
CA ALA J 49 -20.24 2.50 -19.76
C ALA J 49 -19.06 1.62 -20.17
N ILE J 50 -18.20 2.18 -21.01
CA ILE J 50 -17.02 1.51 -21.51
C ILE J 50 -15.81 2.41 -21.29
N THR J 51 -14.63 1.86 -21.54
CA THR J 51 -13.37 2.57 -21.35
C THR J 51 -12.82 3.05 -22.69
N GLY J 52 -11.83 3.94 -22.62
CA GLY J 52 -11.17 4.46 -23.80
C GLY J 52 -10.12 3.55 -24.38
N ASN J 53 -9.89 2.40 -23.76
CA ASN J 53 -8.98 1.42 -24.33
C ASN J 53 -9.49 0.94 -25.69
N MET J 54 -10.82 0.75 -25.81
CA MET J 54 -11.40 0.44 -27.10
C MET J 54 -11.21 1.58 -28.09
N LEU J 55 -11.32 2.82 -27.62
CA LEU J 55 -11.12 3.97 -28.50
C LEU J 55 -9.70 3.98 -29.06
N LYS J 56 -8.71 3.74 -28.21
CA LYS J 56 -7.32 3.73 -28.68
C LYS J 56 -7.06 2.53 -29.58
N HIS J 57 -7.65 1.36 -29.25
CA HIS J 57 -7.46 0.19 -30.09
C HIS J 57 -8.07 0.40 -31.47
N TRP J 58 -9.25 1.02 -31.55
CA TRP J 58 -9.87 1.26 -32.83
C TRP J 58 -9.18 2.38 -33.59
N HIS J 59 -8.58 3.35 -32.89
CA HIS J 59 -7.74 4.32 -33.57
C HIS J 59 -6.52 3.64 -34.18
N PHE J 60 -5.93 2.69 -33.45
CA PHE J 60 -4.86 1.88 -34.00
C PHE J 60 -5.31 1.11 -35.23
N VAL J 61 -6.49 0.51 -35.17
CA VAL J 61 -7.03 -0.24 -36.30
C VAL J 61 -7.21 0.66 -37.51
N GLY J 62 -7.81 1.84 -37.31
CA GLY J 62 -8.00 2.76 -38.42
C GLY J 62 -6.70 3.27 -38.98
N PHE J 63 -5.73 3.55 -38.10
CA PHE J 63 -4.42 4.01 -38.57
C PHE J 63 -3.74 2.97 -39.44
N VAL J 64 -3.72 1.71 -38.99
CA VAL J 64 -3.05 0.69 -39.79
C VAL J 64 -3.82 0.42 -41.08
N ASP J 65 -5.15 0.42 -41.02
CA ASP J 65 -5.95 0.16 -42.21
C ASP J 65 -5.74 1.23 -43.27
N TYR J 66 -5.72 2.50 -42.86
CA TYR J 66 -5.52 3.58 -43.82
C TYR J 66 -4.05 3.76 -44.21
N PHE J 67 -3.12 3.27 -43.37
CA PHE J 67 -1.71 3.34 -43.72
C PHE J 67 -1.34 2.27 -44.73
N LYS J 68 -2.06 1.14 -44.74
CA LYS J 68 -1.83 0.14 -45.76
C LYS J 68 -2.08 0.70 -47.15
N THR J 69 -3.12 1.52 -47.31
CA THR J 69 -3.45 2.08 -48.61
C THR J 69 -2.49 3.19 -49.03
N THR J 70 -1.72 3.75 -48.09
CA THR J 70 -0.78 4.80 -48.44
C THR J 70 0.35 4.26 -49.30
N PRO J 71 0.88 5.06 -50.22
CA PRO J 71 2.02 4.60 -51.03
C PRO J 71 3.24 4.25 -50.20
N TYR J 72 3.48 4.96 -49.10
CA TYR J 72 4.59 4.66 -48.20
C TYR J 72 4.16 3.70 -47.09
N GLY J 73 3.54 2.58 -47.48
CA GLY J 73 3.03 1.62 -46.52
C GLY J 73 4.03 0.62 -46.01
N VAL J 74 5.21 0.51 -46.64
CA VAL J 74 6.22 -0.44 -46.17
C VAL J 74 6.75 -0.02 -44.81
N ASN J 75 6.89 1.28 -44.57
CA ASN J 75 7.38 1.77 -43.28
C ASN J 75 6.31 1.60 -42.21
N LEU J 76 5.99 0.36 -41.87
CA LEU J 76 4.97 0.04 -40.89
C LEU J 76 5.41 -1.16 -40.08
N THR J 77 4.99 -1.21 -38.82
CA THR J 77 5.33 -2.33 -37.96
C THR J 77 4.63 -3.59 -38.45
N GLU J 78 5.39 -4.68 -38.56
CA GLU J 78 4.80 -5.94 -39.00
C GLU J 78 3.79 -6.46 -37.98
N ARG J 79 4.09 -6.32 -36.69
CA ARG J 79 3.16 -6.73 -35.65
C ARG J 79 1.89 -5.88 -35.71
N ALA J 80 2.02 -4.60 -36.08
CA ALA J 80 0.85 -3.74 -36.24
C ALA J 80 -0.02 -4.16 -37.40
N LEU J 81 0.53 -4.87 -38.38
CA LEU J 81 -0.24 -5.22 -39.57
C LEU J 81 -1.34 -6.23 -39.27
N ARG J 82 -1.12 -7.11 -38.29
CA ARG J 82 -2.11 -8.12 -37.91
C ARG J 82 -3.07 -7.62 -36.83
N TYR J 83 -3.26 -6.31 -36.73
CA TYR J 83 -4.22 -5.70 -35.80
C TYR J 83 -3.88 -6.06 -34.34
N ASN J 84 -2.60 -6.24 -34.04
CA ASN J 84 -2.15 -6.62 -32.71
C ASN J 84 -1.68 -5.37 -31.97
N GLY J 85 -2.45 -4.95 -30.97
CA GLY J 85 -2.09 -3.79 -30.18
C GLY J 85 -1.13 -4.11 -29.06
N THR J 86 0.14 -4.32 -29.40
CA THR J 86 1.16 -4.65 -28.42
C THR J 86 2.35 -3.70 -28.40
N ARG J 87 2.53 -2.88 -29.45
CA ARG J 87 3.66 -1.97 -29.59
C ARG J 87 4.93 -2.82 -29.63
N PHE J 88 5.86 -2.66 -28.69
CA PHE J 88 7.07 -3.48 -28.69
C PHE J 88 6.91 -4.70 -27.79
N GLY J 89 6.70 -4.49 -26.49
CA GLY J 89 6.64 -5.59 -25.56
C GLY J 89 7.90 -5.71 -24.71
N GLN J 90 8.15 -6.90 -24.17
CA GLN J 90 9.29 -7.09 -23.27
C GLN J 90 10.18 -8.26 -23.66
N GLY J 91 9.61 -9.35 -24.15
CA GLY J 91 10.36 -10.58 -24.32
C GLY J 91 11.09 -10.77 -25.64
N GLU J 92 11.69 -9.70 -26.16
CA GLU J 92 12.51 -9.83 -27.36
C GLU J 92 13.46 -8.65 -27.43
N THR J 93 14.43 -8.74 -28.34
CA THR J 93 15.47 -7.73 -28.50
C THR J 93 15.09 -6.69 -29.54
N THR J 94 14.78 -7.11 -30.76
CA THR J 94 14.51 -6.21 -31.87
C THR J 94 13.14 -6.51 -32.47
N ALA J 95 12.45 -5.45 -32.88
CA ALA J 95 11.15 -5.61 -33.50
C ALA J 95 11.29 -6.04 -34.95
N THR J 96 10.27 -6.75 -35.45
CA THR J 96 10.26 -7.23 -36.81
C THR J 96 9.78 -6.14 -37.78
N LYS J 97 9.99 -6.39 -39.07
CA LYS J 97 9.60 -5.46 -40.13
C LYS J 97 8.75 -6.19 -41.16
N ALA J 98 7.82 -5.46 -41.77
CA ALA J 98 6.94 -6.05 -42.77
C ALA J 98 7.72 -6.46 -44.03
N ASN J 99 8.77 -5.72 -44.38
CA ASN J 99 9.55 -6.05 -45.57
C ASN J 99 10.22 -7.41 -45.44
N GLY J 100 10.71 -7.74 -44.25
CA GLY J 100 11.38 -9.01 -44.04
C GLY J 100 12.58 -8.89 -43.13
N ALA J 101 13.02 -7.66 -42.88
CA ALA J 101 14.16 -7.39 -42.01
C ALA J 101 13.65 -7.19 -40.58
N THR J 102 14.54 -6.71 -39.71
CA THR J 102 14.19 -6.42 -38.32
C THR J 102 14.61 -4.99 -37.99
N VAL J 103 13.94 -4.43 -36.98
CA VAL J 103 14.16 -3.06 -36.55
C VAL J 103 14.69 -3.08 -35.12
N GLN J 104 15.77 -2.36 -34.88
CA GLN J 104 16.35 -2.27 -33.54
C GLN J 104 15.42 -1.49 -32.62
N LEU J 105 15.74 -1.52 -31.33
CA LEU J 105 14.94 -0.85 -30.31
C LEU J 105 15.54 0.48 -29.86
N ASN J 106 16.62 0.93 -30.50
CA ASN J 106 17.27 2.19 -30.16
C ASN J 106 17.10 3.18 -31.30
N ASP J 107 17.70 4.37 -31.13
CA ASP J 107 17.72 5.43 -32.14
C ASP J 107 16.29 5.84 -32.52
N GLU J 108 15.64 6.49 -31.54
CA GLU J 108 14.26 6.95 -31.70
C GLU J 108 14.03 7.68 -33.02
N ALA J 109 15.02 8.45 -33.48
CA ALA J 109 14.91 9.13 -34.76
C ALA J 109 14.68 8.15 -35.91
N THR J 110 15.23 6.94 -35.81
CA THR J 110 14.92 5.88 -36.76
C THR J 110 13.75 5.02 -36.32
N ILE J 111 13.42 4.99 -35.03
CA ILE J 111 12.24 4.27 -34.57
C ILE J 111 10.98 4.86 -35.19
N ILE J 112 10.86 6.19 -35.17
CA ILE J 112 9.72 6.82 -35.81
C ILE J 112 9.90 6.93 -37.33
N LYS J 113 11.13 6.81 -37.82
CA LYS J 113 11.35 6.82 -39.27
C LYS J 113 10.87 5.53 -39.92
N GLU J 114 11.20 4.39 -39.31
CA GLU J 114 10.85 3.09 -39.87
C GLU J 114 9.45 2.64 -39.47
N LEU J 115 9.02 2.94 -38.25
CA LEU J 115 7.70 2.58 -37.76
C LEU J 115 6.74 3.75 -37.92
N ALA J 116 5.45 3.42 -38.03
CA ALA J 116 4.40 4.42 -38.18
C ALA J 116 3.42 4.43 -37.02
N ASP J 117 3.02 3.26 -36.53
CA ASP J 117 2.08 3.21 -35.42
C ASP J 117 2.74 3.66 -34.11
N ALA J 118 4.03 3.39 -33.94
CA ALA J 118 4.70 3.76 -32.70
C ALA J 118 4.85 5.27 -32.56
N ASP J 119 4.89 5.99 -33.68
CA ASP J 119 5.01 7.44 -33.61
C ASP J 119 3.78 8.07 -32.97
N VAL J 120 2.59 7.56 -33.28
CA VAL J 120 1.36 8.15 -32.77
C VAL J 120 0.90 7.49 -31.47
N HIS J 121 1.11 6.19 -31.31
CA HIS J 121 0.63 5.46 -30.14
C HIS J 121 1.69 5.23 -29.08
N GLY J 122 2.95 5.52 -29.36
CA GLY J 122 4.00 5.30 -28.39
C GLY J 122 4.37 3.84 -28.28
N PHE J 123 5.15 3.55 -27.22
CA PHE J 123 5.56 2.14 -26.97
C PHE J 123 6.11 2.01 -25.56
N LEU J 124 6.78 0.90 -25.29
CA LEU J 124 7.39 0.70 -23.96
C LEU J 124 8.43 -0.42 -24.02
N ALA J 125 9.73 -0.09 -23.90
CA ALA J 125 10.76 -1.12 -23.85
C ALA J 125 11.39 -1.13 -22.47
N PRO J 126 11.04 -2.10 -21.58
CA PRO J 126 11.54 -2.07 -20.20
C PRO J 126 13.02 -2.46 -20.07
N LYS J 127 13.51 -3.37 -20.91
CA LYS J 127 14.89 -3.82 -20.76
C LYS J 127 15.88 -2.69 -21.02
N THR J 128 15.58 -1.82 -21.99
CA THR J 128 16.38 -0.64 -22.26
C THR J 128 15.81 0.62 -21.63
N GLY J 129 14.49 0.72 -21.54
CA GLY J 129 13.84 1.89 -20.99
C GLY J 129 13.24 2.82 -22.01
N ARG J 130 12.99 2.35 -23.23
CA ARG J 130 12.47 3.21 -24.28
C ARG J 130 11.04 3.63 -23.96
N ARG J 131 10.67 4.88 -24.19
CA ARG J 131 9.23 5.17 -23.95
C ARG J 131 8.72 6.24 -24.91
N ARG J 132 7.56 6.01 -25.52
CA ARG J 132 7.00 7.12 -26.33
C ARG J 132 5.60 7.45 -25.84
N VAL J 133 5.33 8.73 -25.59
CA VAL J 133 3.96 9.14 -25.18
C VAL J 133 3.09 9.03 -26.43
N SER J 134 1.79 8.86 -26.26
CA SER J 134 0.95 8.64 -27.47
C SER J 134 0.44 9.97 -28.04
N LEU J 135 0.78 10.30 -29.29
CA LEU J 135 0.21 11.51 -29.87
C LEU J 135 -1.31 11.50 -29.75
N VAL J 136 -1.93 10.34 -29.97
CA VAL J 136 -3.39 10.22 -29.86
C VAL J 136 -3.75 9.98 -28.41
N LYS J 137 -4.81 10.64 -27.95
CA LYS J 137 -5.29 10.54 -26.59
C LYS J 137 -6.72 10.03 -26.62
N ALA J 138 -6.97 8.88 -25.98
CA ALA J 138 -8.28 8.30 -25.99
C ALA J 138 -9.21 9.04 -25.02
N SER J 139 -10.51 8.75 -25.13
CA SER J 139 -11.50 9.39 -24.30
C SER J 139 -12.54 8.36 -23.87
N PHE J 140 -13.26 8.69 -22.80
CA PHE J 140 -14.26 7.80 -22.24
C PHE J 140 -15.63 8.03 -22.87
N ILE J 141 -16.47 7.00 -22.76
CA ILE J 141 -17.80 6.98 -23.36
C ILE J 141 -18.79 6.80 -22.20
N LEU J 142 -19.46 7.88 -21.81
CA LEU J 142 -20.32 7.88 -20.64
C LEU J 142 -21.70 8.38 -21.01
N PRO J 143 -22.75 7.86 -20.38
CA PRO J 143 -24.11 8.32 -20.68
C PRO J 143 -24.35 9.72 -20.14
N THR J 144 -25.06 10.53 -20.92
CA THR J 144 -25.22 11.94 -20.61
C THR J 144 -26.01 12.12 -19.31
N GLU J 145 -25.68 13.21 -18.60
CA GLU J 145 -26.28 13.45 -17.29
C GLU J 145 -27.78 13.68 -17.39
N ASP J 146 -28.24 14.43 -18.40
CA ASP J 146 -29.67 14.70 -18.53
C ASP J 146 -30.46 13.42 -18.77
N PHE J 147 -29.88 12.47 -19.52
CA PHE J 147 -30.54 11.18 -19.71
C PHE J 147 -30.73 10.45 -18.39
N ILE J 148 -29.71 10.47 -17.53
CA ILE J 148 -29.83 9.81 -16.23
C ILE J 148 -30.83 10.55 -15.35
N LYS J 149 -30.88 11.87 -15.45
CA LYS J 149 -31.85 12.64 -14.67
C LYS J 149 -33.28 12.37 -15.12
N GLU J 150 -33.52 12.16 -16.42
CA GLU J 150 -34.85 11.93 -16.94
C GLU J 150 -35.22 10.45 -17.03
N VAL J 151 -34.31 9.54 -16.68
CA VAL J 151 -34.65 8.11 -16.66
C VAL J 151 -35.13 7.66 -15.29
N GLU J 152 -35.04 8.51 -14.27
CA GLU J 152 -35.40 8.19 -12.88
C GLU J 152 -35.01 6.76 -12.50
N GLY J 153 -33.72 6.46 -12.70
CA GLY J 153 -33.21 5.14 -12.44
C GLY J 153 -33.53 4.18 -13.57
N GLU J 154 -34.32 3.14 -13.29
CA GLU J 154 -34.78 2.20 -14.30
C GLU J 154 -33.59 1.59 -15.06
N ARG J 155 -32.84 0.78 -14.31
CA ARG J 155 -31.57 0.21 -14.76
C ARG J 155 -31.69 -0.35 -16.17
N LEU J 156 -30.93 0.25 -17.10
CA LEU J 156 -31.07 -0.02 -18.53
C LEU J 156 -30.08 -1.07 -19.02
N ILE J 157 -30.01 -2.20 -18.32
CA ILE J 157 -29.18 -3.33 -18.71
C ILE J 157 -30.07 -4.55 -18.82
N THR J 158 -30.14 -5.12 -20.03
CA THR J 158 -30.96 -6.29 -20.31
C THR J 158 -30.04 -7.43 -20.71
N ALA J 159 -30.15 -8.56 -20.01
CA ALA J 159 -29.28 -9.70 -20.22
C ALA J 159 -30.00 -10.75 -21.06
N ILE J 160 -29.43 -11.08 -22.22
CA ILE J 160 -29.92 -12.13 -23.09
C ILE J 160 -28.96 -13.31 -22.98
N LYS J 161 -29.50 -14.49 -22.71
CA LYS J 161 -28.71 -15.71 -22.59
C LYS J 161 -28.87 -16.54 -23.85
N HIS J 162 -27.73 -16.99 -24.40
CA HIS J 162 -27.74 -17.83 -25.59
C HIS J 162 -26.59 -18.84 -25.47
N ASN J 163 -26.94 -20.12 -25.48
CA ASN J 163 -25.95 -21.18 -25.32
C ASN J 163 -25.27 -21.46 -26.66
N ARG J 164 -24.56 -22.58 -26.74
CA ARG J 164 -23.94 -23.03 -27.98
C ARG J 164 -24.46 -24.42 -28.31
N VAL J 165 -24.93 -24.60 -29.53
CA VAL J 165 -25.48 -25.88 -29.97
C VAL J 165 -24.29 -26.79 -30.28
N ASP J 166 -23.93 -27.64 -29.31
CA ASP J 166 -22.80 -28.55 -29.45
C ASP J 166 -23.33 -29.88 -29.96
N VAL J 167 -23.09 -30.16 -31.24
CA VAL J 167 -23.50 -31.41 -31.88
C VAL J 167 -22.24 -32.14 -32.33
N ASP J 168 -22.06 -33.36 -31.87
CA ASP J 168 -20.90 -34.16 -32.23
C ASP J 168 -21.14 -34.83 -33.58
N GLU J 169 -20.26 -35.75 -33.96
CA GLU J 169 -20.35 -36.37 -35.28
C GLU J 169 -21.66 -37.15 -35.44
N LYS J 170 -22.07 -37.88 -34.40
CA LYS J 170 -23.39 -38.48 -34.36
C LYS J 170 -24.42 -37.64 -33.61
N GLY J 171 -23.99 -36.66 -32.83
CA GLY J 171 -24.91 -35.81 -32.11
C GLY J 171 -25.03 -36.17 -30.64
N ALA J 172 -24.38 -35.39 -29.77
CA ALA J 172 -24.41 -35.61 -28.34
C ALA J 172 -24.58 -34.27 -27.65
N ILE J 173 -25.66 -34.13 -26.89
CA ILE J 173 -25.96 -32.92 -26.13
C ILE J 173 -26.06 -33.30 -24.66
N GLY J 174 -25.27 -32.64 -23.81
CA GLY J 174 -25.28 -32.96 -22.40
C GLY J 174 -24.24 -32.15 -21.66
N SER J 175 -23.89 -32.62 -20.47
CA SER J 175 -22.92 -31.93 -19.63
C SER J 175 -21.50 -32.28 -20.10
N SER J 176 -20.50 -31.82 -19.36
CA SER J 176 -19.11 -32.05 -19.71
C SER J 176 -18.65 -33.47 -19.40
N LYS J 177 -19.45 -34.26 -18.67
CA LYS J 177 -19.06 -35.63 -18.36
C LYS J 177 -19.06 -36.53 -19.58
N GLU J 178 -19.74 -36.13 -20.66
CA GLU J 178 -19.80 -36.90 -21.89
C GLU J 178 -18.81 -36.41 -22.94
N GLY J 179 -17.92 -35.49 -22.57
CA GLY J 179 -16.97 -34.94 -23.52
C GLY J 179 -17.51 -33.84 -24.40
N THR J 180 -18.73 -33.37 -24.15
CA THR J 180 -19.34 -32.32 -24.94
C THR J 180 -19.15 -30.97 -24.27
N ALA J 181 -18.70 -29.98 -25.05
CA ALA J 181 -18.47 -28.63 -24.55
C ALA J 181 -19.71 -27.80 -24.82
N GLN J 182 -20.68 -27.88 -23.91
CA GLN J 182 -21.93 -27.13 -24.02
C GLN J 182 -22.04 -26.20 -22.82
N MET J 183 -21.92 -24.90 -23.07
CA MET J 183 -22.04 -23.89 -22.04
C MET J 183 -23.29 -23.05 -22.29
N LEU J 184 -23.98 -22.68 -21.21
CA LEU J 184 -25.20 -21.89 -21.27
C LEU J 184 -24.93 -20.61 -20.49
N PHE J 185 -24.39 -19.60 -21.17
CA PHE J 185 -23.99 -18.35 -20.56
C PHE J 185 -24.97 -17.24 -20.93
N SER J 186 -24.75 -16.07 -20.33
CA SER J 186 -25.59 -14.90 -20.57
C SER J 186 -24.70 -13.70 -20.89
N ARG J 187 -25.22 -12.80 -21.72
CA ARG J 187 -24.50 -11.60 -22.11
C ARG J 187 -25.49 -10.45 -22.12
N GLU J 188 -25.10 -9.31 -21.55
CA GLU J 188 -26.03 -8.20 -21.42
C GLU J 188 -25.71 -7.09 -22.40
N TYR J 189 -26.75 -6.35 -22.78
CA TYR J 189 -26.66 -5.28 -23.78
C TYR J 189 -27.42 -4.08 -23.26
N ALA J 190 -26.73 -2.96 -23.07
CA ALA J 190 -27.35 -1.73 -22.59
C ALA J 190 -27.47 -0.73 -23.74
N THR J 191 -27.96 0.46 -23.43
CA THR J 191 -28.21 1.49 -24.44
C THR J 191 -27.94 2.86 -23.83
N GLY J 192 -28.39 3.90 -24.50
CA GLY J 192 -28.36 5.25 -23.97
C GLY J 192 -27.62 6.22 -24.87
N LEU J 193 -27.72 7.50 -24.49
CA LEU J 193 -26.99 8.58 -25.15
C LEU J 193 -25.62 8.70 -24.51
N TYR J 194 -24.59 8.30 -25.24
CA TYR J 194 -23.22 8.39 -24.80
C TYR J 194 -22.55 9.61 -25.42
N GLY J 195 -21.29 9.83 -25.05
CA GLY J 195 -20.52 10.92 -25.60
C GLY J 195 -19.12 10.46 -25.98
N PHE J 196 -18.39 11.36 -26.62
CA PHE J 196 -17.01 11.10 -26.99
C PHE J 196 -16.25 12.41 -27.07
N SER J 197 -15.00 12.40 -26.61
CA SER J 197 -14.17 13.60 -26.53
C SER J 197 -12.74 13.30 -26.97
N ILE J 198 -12.58 12.68 -28.14
CA ILE J 198 -11.26 12.22 -28.56
C ILE J 198 -10.39 13.42 -28.92
N VAL J 199 -9.24 13.52 -28.25
CA VAL J 199 -8.24 14.55 -28.52
C VAL J 199 -6.98 13.86 -29.02
N LEU J 200 -6.41 14.38 -30.10
CA LEU J 200 -5.17 13.84 -30.66
C LEU J 200 -4.37 14.96 -31.29
N ASP J 201 -3.05 14.88 -31.12
CA ASP J 201 -2.13 15.89 -31.63
C ASP J 201 -1.35 15.33 -32.81
N LEU J 202 -1.35 16.07 -33.92
CA LEU J 202 -0.60 15.69 -35.11
C LEU J 202 0.62 16.59 -35.34
N GLY J 203 0.91 17.49 -34.40
CA GLY J 203 2.06 18.35 -34.54
C GLY J 203 3.39 17.71 -34.23
N LEU J 204 3.39 16.51 -33.65
CA LEU J 204 4.61 15.77 -33.34
C LEU J 204 4.74 14.52 -34.20
N VAL J 205 3.99 14.42 -35.28
CA VAL J 205 4.10 13.29 -36.19
C VAL J 205 5.44 13.36 -36.91
N GLY J 206 6.24 12.31 -36.77
CA GLY J 206 7.58 12.32 -37.32
C GLY J 206 8.57 13.16 -36.53
N ILE J 207 8.18 13.63 -35.35
CA ILE J 207 9.01 14.48 -34.50
C ILE J 207 9.48 13.64 -33.31
N PRO J 208 10.77 13.35 -33.19
CA PRO J 208 11.23 12.57 -32.05
C PRO J 208 11.09 13.33 -30.75
N GLN J 209 10.88 12.58 -29.67
CA GLN J 209 10.74 13.20 -28.35
C GLN J 209 12.09 13.66 -27.81
N GLY J 210 13.18 13.02 -28.22
CA GLY J 210 14.49 13.43 -27.74
C GLY J 210 14.87 14.83 -28.21
N LEU J 211 14.67 15.13 -29.49
CA LEU J 211 14.98 16.44 -30.05
C LEU J 211 13.76 16.93 -30.83
N PRO J 212 12.71 17.37 -30.14
CA PRO J 212 11.53 17.86 -30.85
C PRO J 212 11.81 19.05 -31.76
N VAL J 213 12.72 19.93 -31.38
CA VAL J 213 13.08 21.11 -32.16
C VAL J 213 14.58 21.14 -32.32
N LYS J 214 15.05 21.34 -33.56
CA LYS J 214 16.48 21.28 -33.84
C LYS J 214 17.23 22.51 -33.33
N PHE J 215 16.66 23.70 -33.52
CA PHE J 215 17.33 24.96 -33.19
C PHE J 215 18.68 25.07 -33.91
N GLU J 216 18.62 25.12 -35.24
CA GLU J 216 19.82 25.30 -36.04
C GLU J 216 20.47 26.66 -35.77
N GLU J 217 19.73 27.73 -36.03
CA GLU J 217 20.18 29.10 -35.80
C GLU J 217 19.10 29.89 -35.08
N ASN J 218 18.55 29.30 -34.02
CA ASN J 218 17.48 29.89 -33.22
C ASN J 218 16.24 30.16 -34.07
N GLN J 219 15.73 29.09 -34.67
CA GLN J 219 14.50 29.14 -35.45
C GLN J 219 13.48 28.19 -34.84
N PRO J 220 12.33 28.67 -34.38
CA PRO J 220 11.32 27.77 -33.80
C PRO J 220 10.61 26.95 -34.86
N ARG J 221 11.30 25.95 -35.43
CA ARG J 221 10.72 25.09 -36.44
C ARG J 221 10.81 23.64 -36.01
N PRO J 222 9.80 22.83 -36.34
CA PRO J 222 9.82 21.42 -35.92
C PRO J 222 11.01 20.68 -36.51
N ASN J 223 11.55 19.74 -35.72
CA ASN J 223 12.69 18.93 -36.15
C ASN J 223 12.17 17.64 -36.78
N ILE J 224 11.86 17.73 -38.07
CA ILE J 224 11.39 16.58 -38.82
C ILE J 224 12.58 15.71 -39.19
N VAL J 225 12.56 14.45 -38.74
CA VAL J 225 13.63 13.51 -39.02
C VAL J 225 13.22 12.47 -40.04
N ILE J 226 12.03 12.59 -40.63
CA ILE J 226 11.55 11.63 -41.62
C ILE J 226 11.28 12.37 -42.92
N ASP J 227 10.82 11.63 -43.93
CA ASP J 227 10.51 12.23 -45.22
C ASP J 227 9.32 13.17 -45.07
N PRO J 228 9.44 14.44 -45.48
CA PRO J 228 8.28 15.34 -45.38
C PRO J 228 7.06 14.84 -46.12
N ASN J 229 7.25 14.21 -47.28
CA ASN J 229 6.12 13.60 -47.99
C ASN J 229 5.53 12.47 -47.16
N GLU J 230 6.38 11.63 -46.57
CA GLU J 230 5.89 10.55 -45.71
C GLU J 230 5.23 11.12 -44.46
N ARG J 231 5.78 12.21 -43.91
CA ARG J 231 5.14 12.83 -42.76
C ARG J 231 3.75 13.35 -43.10
N LYS J 232 3.61 14.01 -44.26
CA LYS J 232 2.31 14.48 -44.69
C LYS J 232 1.35 13.31 -44.89
N ALA J 233 1.81 12.24 -45.53
CA ALA J 233 0.98 11.07 -45.75
C ALA J 233 0.51 10.49 -44.43
N ARG J 234 1.39 10.46 -43.43
CA ARG J 234 0.98 10.02 -42.10
C ARG J 234 -0.03 10.99 -41.49
N ILE J 235 0.06 12.28 -41.83
CA ILE J 235 -0.95 13.24 -41.37
C ILE J 235 -2.32 12.87 -41.91
N GLU J 236 -2.42 12.64 -43.23
CA GLU J 236 -3.72 12.23 -43.75
C GLU J 236 -4.14 10.86 -43.25
N SER J 237 -3.18 9.95 -42.99
CA SER J 237 -3.54 8.66 -42.43
C SER J 237 -4.18 8.80 -41.07
N ALA J 238 -3.58 9.60 -40.19
CA ALA J 238 -4.16 9.84 -38.87
C ALA J 238 -5.50 10.58 -38.99
N LEU J 239 -5.59 11.51 -39.94
CA LEU J 239 -6.83 12.26 -40.10
C LEU J 239 -7.98 11.35 -40.56
N LYS J 240 -7.70 10.44 -41.49
CA LYS J 240 -8.68 9.48 -41.97
C LYS J 240 -8.90 8.33 -41.00
N ALA J 241 -8.02 8.17 -40.00
CA ALA J 241 -8.25 7.18 -38.95
C ALA J 241 -9.47 7.49 -38.11
N LEU J 242 -10.03 8.69 -38.22
CA LEU J 242 -11.25 9.05 -37.52
C LEU J 242 -12.50 8.43 -38.14
N ILE J 243 -12.37 7.77 -39.29
CA ILE J 243 -13.54 7.20 -39.96
C ILE J 243 -14.23 6.12 -39.13
N PRO J 244 -13.52 5.08 -38.65
CA PRO J 244 -14.25 3.94 -38.03
C PRO J 244 -15.00 4.27 -36.75
N MET J 245 -14.54 5.24 -35.95
CA MET J 245 -15.21 5.53 -34.68
C MET J 245 -16.63 6.04 -34.89
N LEU J 246 -16.81 6.94 -35.85
CA LEU J 246 -18.10 7.59 -36.03
C LEU J 246 -19.02 6.84 -37.01
N SER J 247 -18.62 5.66 -37.48
CA SER J 247 -19.49 4.88 -38.35
C SER J 247 -19.96 3.56 -37.74
N GLY J 248 -19.05 2.62 -37.44
CA GLY J 248 -19.50 1.33 -36.93
C GLY J 248 -18.57 0.60 -35.99
N TYR J 249 -17.48 1.22 -35.55
CA TYR J 249 -16.36 0.50 -34.95
C TYR J 249 -16.01 1.07 -33.58
N ILE J 250 -17.00 1.19 -32.71
CA ILE J 250 -16.78 1.56 -31.32
C ILE J 250 -16.97 0.33 -30.45
N GLY J 251 -15.97 0.05 -29.61
CA GLY J 251 -16.11 -1.00 -28.61
C GLY J 251 -15.53 -2.34 -29.00
N ALA J 252 -16.08 -3.41 -28.46
CA ALA J 252 -15.63 -4.78 -28.71
C ALA J 252 -16.82 -5.61 -29.17
N ASN J 253 -16.56 -6.88 -29.44
CA ASN J 253 -17.57 -7.84 -29.90
C ASN J 253 -18.25 -7.34 -31.19
N LEU J 254 -17.50 -6.65 -32.03
CA LEU J 254 -18.07 -6.14 -33.27
C LEU J 254 -18.43 -7.27 -34.23
N ALA J 255 -17.67 -8.36 -34.23
CA ALA J 255 -17.93 -9.49 -35.11
C ALA J 255 -19.24 -10.20 -34.79
N ARG J 256 -19.81 -9.97 -33.62
CA ARG J 256 -21.07 -10.61 -33.24
C ARG J 256 -22.16 -9.62 -32.84
N SER J 257 -21.79 -8.53 -32.18
CA SER J 257 -22.79 -7.57 -31.70
C SER J 257 -23.02 -6.45 -32.70
N PHE J 258 -21.98 -5.67 -33.00
CA PHE J 258 -22.05 -4.49 -33.85
C PHE J 258 -23.19 -3.60 -33.37
N PRO J 259 -23.02 -2.89 -32.26
CA PRO J 259 -24.14 -2.14 -31.67
C PRO J 259 -24.66 -1.07 -32.61
N VAL J 260 -25.97 -0.80 -32.49
CA VAL J 260 -26.60 0.25 -33.27
C VAL J 260 -25.96 1.58 -32.89
N PHE J 261 -25.38 2.26 -33.89
CA PHE J 261 -24.54 3.43 -33.64
C PHE J 261 -24.91 4.55 -34.60
N LYS J 262 -24.85 5.78 -34.10
CA LYS J 262 -25.09 6.98 -34.90
C LYS J 262 -24.68 8.20 -34.08
N VAL J 263 -24.19 9.22 -34.77
CA VAL J 263 -23.82 10.49 -34.16
C VAL J 263 -24.96 11.48 -34.39
N GLU J 264 -25.44 12.10 -33.31
CA GLU J 264 -26.57 13.01 -33.38
C GLU J 264 -26.17 14.47 -33.37
N GLU J 265 -25.16 14.84 -32.60
CA GLU J 265 -24.53 16.15 -32.74
C GLU J 265 -23.05 16.01 -32.42
N LEU J 266 -22.25 16.87 -33.04
CA LEU J 266 -20.80 16.72 -33.05
C LEU J 266 -20.15 18.08 -33.21
N VAL J 267 -19.02 18.26 -32.53
CA VAL J 267 -18.23 19.48 -32.59
C VAL J 267 -16.75 19.11 -32.71
N ALA J 268 -16.06 19.71 -33.67
CA ALA J 268 -14.65 19.45 -33.92
C ALA J 268 -13.90 20.76 -34.04
N ILE J 269 -12.70 20.79 -33.47
CA ILE J 269 -11.85 21.98 -33.46
C ILE J 269 -10.53 21.62 -34.15
N ALA J 270 -10.16 22.42 -35.16
CA ALA J 270 -8.92 22.17 -35.89
C ALA J 270 -8.08 23.44 -35.91
N SER J 271 -6.77 23.27 -35.75
CA SER J 271 -5.83 24.38 -35.79
C SER J 271 -4.43 23.84 -36.04
N GLU J 272 -3.44 24.73 -36.02
CA GLU J 272 -2.05 24.34 -36.17
C GLU J 272 -1.22 24.51 -34.90
N GLY J 273 -1.67 25.34 -33.96
CA GLY J 273 -0.95 25.55 -32.73
C GLY J 273 -1.64 24.93 -31.54
N PRO J 274 -0.98 24.94 -30.39
CA PRO J 274 -1.56 24.32 -29.19
C PRO J 274 -2.84 25.04 -28.76
N ILE J 275 -3.92 24.28 -28.68
CA ILE J 275 -5.22 24.81 -28.27
C ILE J 275 -5.78 23.93 -27.16
N PRO J 276 -6.62 24.47 -26.27
CA PRO J 276 -7.20 23.63 -25.21
C PRO J 276 -8.07 22.53 -25.80
N ALA J 277 -8.01 21.36 -25.18
CA ALA J 277 -8.81 20.23 -25.63
C ALA J 277 -10.25 20.41 -25.21
N LEU J 278 -11.17 20.21 -26.16
CA LEU J 278 -12.57 20.51 -25.91
C LEU J 278 -13.19 19.47 -24.96
N VAL J 279 -14.14 19.93 -24.16
CA VAL J 279 -14.70 19.12 -23.08
C VAL J 279 -15.53 17.98 -23.64
N HIS J 280 -15.88 17.03 -22.78
CA HIS J 280 -16.63 15.84 -23.17
C HIS J 280 -18.13 16.08 -23.03
N GLY J 281 -18.89 15.66 -24.03
CA GLY J 281 -20.33 15.78 -23.97
C GLY J 281 -20.91 14.91 -22.87
N PHE J 282 -21.32 15.54 -21.77
CA PHE J 282 -21.81 14.80 -20.61
C PHE J 282 -23.07 15.38 -19.99
N TYR J 283 -23.38 16.66 -20.20
CA TYR J 283 -24.49 17.30 -19.51
C TYR J 283 -25.40 18.00 -20.51
N GLU J 284 -26.34 18.80 -20.00
CA GLU J 284 -27.27 19.54 -20.83
C GLU J 284 -26.85 20.99 -21.06
N ASP J 285 -25.67 21.39 -20.58
CA ASP J 285 -25.24 22.78 -20.66
C ASP J 285 -23.83 22.95 -21.24
N TYR J 286 -23.21 21.88 -21.72
CA TYR J 286 -21.85 22.00 -22.23
C TYR J 286 -21.79 22.69 -23.60
N ILE J 287 -22.93 22.80 -24.31
CA ILE J 287 -22.93 23.48 -25.60
C ILE J 287 -22.58 24.94 -25.42
N GLU J 288 -23.18 25.59 -24.43
CA GLU J 288 -22.87 26.99 -24.15
C GLU J 288 -21.41 27.16 -23.74
N ALA J 289 -20.90 26.21 -22.93
CA ALA J 289 -19.49 26.26 -22.55
C ALA J 289 -18.58 26.17 -23.76
N ASN J 290 -18.88 25.26 -24.69
CA ASN J 290 -18.08 25.14 -25.90
C ASN J 290 -18.17 26.40 -26.75
N ARG J 291 -19.38 26.98 -26.86
CA ARG J 291 -19.53 28.21 -27.63
C ARG J 291 -18.71 29.33 -27.04
N SER J 292 -18.74 29.49 -25.71
CA SER J 292 -17.93 30.51 -25.06
C SER J 292 -16.44 30.23 -25.24
N ILE J 293 -16.04 28.95 -25.16
CA ILE J 293 -14.64 28.60 -25.35
C ILE J 293 -14.18 29.02 -26.74
N ILE J 294 -14.96 28.72 -27.76
CA ILE J 294 -14.59 29.09 -29.12
C ILE J 294 -14.57 30.60 -29.28
N LYS J 295 -15.57 31.29 -28.73
CA LYS J 295 -15.65 32.75 -28.89
C LYS J 295 -14.46 33.44 -28.24
N ASN J 296 -14.05 32.98 -27.06
CA ASN J 296 -12.93 33.60 -26.37
C ASN J 296 -11.57 33.06 -26.82
N ALA J 297 -11.54 31.96 -27.56
CA ALA J 297 -10.27 31.47 -28.10
C ALA J 297 -9.96 32.11 -29.44
N ARG J 298 -11.00 32.34 -30.26
CA ARG J 298 -10.77 33.03 -31.53
C ARG J 298 -10.31 34.47 -31.31
N ALA J 299 -10.82 35.13 -30.27
CA ALA J 299 -10.40 36.50 -29.96
C ALA J 299 -9.01 36.54 -29.35
N LEU J 300 -8.54 35.42 -28.78
CA LEU J 300 -7.22 35.40 -28.16
C LEU J 300 -6.10 35.37 -29.19
N GLY J 301 -6.39 34.97 -30.43
CA GLY J 301 -5.38 34.95 -31.46
C GLY J 301 -5.11 33.57 -32.01
N PHE J 302 -6.11 32.69 -31.97
CA PHE J 302 -5.99 31.33 -32.47
C PHE J 302 -6.78 31.20 -33.77
N ASN J 303 -6.10 30.77 -34.83
CA ASN J 303 -6.73 30.58 -36.13
C ASN J 303 -7.32 29.17 -36.20
N ILE J 304 -8.39 28.98 -35.44
CA ILE J 304 -9.05 27.68 -35.34
C ILE J 304 -10.27 27.66 -36.23
N GLU J 305 -10.67 26.47 -36.65
CA GLU J 305 -11.89 26.25 -37.41
C GLU J 305 -12.75 25.22 -36.69
N VAL J 306 -14.05 25.44 -36.71
CA VAL J 306 -15.02 24.63 -35.98
C VAL J 306 -15.92 23.93 -36.99
N PHE J 307 -16.05 22.61 -36.84
CA PHE J 307 -16.94 21.80 -37.67
C PHE J 307 -18.05 21.28 -36.78
N THR J 308 -19.29 21.66 -37.08
CA THR J 308 -20.43 21.35 -36.24
C THR J 308 -21.47 20.54 -37.01
N TYR J 309 -22.13 19.65 -36.29
CA TYR J 309 -23.16 18.76 -36.84
C TYR J 309 -24.49 19.14 -36.21
N ASN J 310 -25.37 19.75 -37.02
CA ASN J 310 -26.68 20.27 -36.58
C ASN J 310 -26.57 21.18 -35.36
N VAL J 311 -25.39 21.77 -35.16
CA VAL J 311 -25.14 22.68 -34.05
C VAL J 311 -24.78 24.04 -34.62
N ASP J 312 -25.51 25.07 -34.20
CA ASP J 312 -25.29 26.42 -34.70
C ASP J 312 -24.36 27.26 -33.81
N LEU J 313 -24.18 26.87 -32.55
CA LEU J 313 -23.34 27.61 -31.61
C LEU J 313 -23.76 29.08 -31.53
N GLY J 314 -25.07 29.30 -31.47
CA GLY J 314 -25.57 30.66 -31.40
C GLY J 314 -25.32 31.40 -32.71
N GLU J 315 -24.80 32.62 -32.59
CA GLU J 315 -24.54 33.45 -33.76
C GLU J 315 -23.10 33.96 -33.75
N ASP J 316 -22.80 34.89 -34.66
CA ASP J 316 -21.47 35.53 -34.79
C ASP J 316 -20.32 34.53 -34.72
N ILE J 317 -20.55 33.32 -35.23
CA ILE J 317 -19.53 32.29 -35.31
C ILE J 317 -19.57 31.69 -36.70
N GLU J 318 -18.44 31.70 -37.40
CA GLU J 318 -18.34 31.15 -38.74
C GLU J 318 -17.93 29.68 -38.72
N ALA J 319 -18.66 28.89 -37.93
CA ALA J 319 -18.40 27.46 -37.87
C ALA J 319 -18.96 26.77 -39.11
N THR J 320 -18.21 25.79 -39.62
CA THR J 320 -18.60 25.05 -40.82
C THR J 320 -19.59 23.96 -40.42
N LYS J 321 -20.77 23.96 -41.02
CA LYS J 321 -21.79 22.97 -40.73
C LYS J 321 -21.48 21.70 -41.51
N VAL J 322 -21.09 20.65 -40.81
CA VAL J 322 -20.78 19.37 -41.43
C VAL J 322 -21.95 18.42 -41.17
N SER J 323 -22.08 17.41 -42.04
CA SER J 323 -23.16 16.45 -41.93
C SER J 323 -22.68 15.00 -41.86
N SER J 324 -21.38 14.74 -41.93
CA SER J 324 -20.86 13.38 -41.84
C SER J 324 -19.40 13.44 -41.45
N VAL J 325 -18.88 12.30 -41.00
CA VAL J 325 -17.47 12.19 -40.67
C VAL J 325 -16.62 12.32 -41.92
N GLU J 326 -17.13 11.84 -43.05
CA GLU J 326 -16.36 11.89 -44.29
C GLU J 326 -16.10 13.33 -44.72
N GLU J 327 -17.12 14.19 -44.64
CA GLU J 327 -16.91 15.60 -44.97
C GLU J 327 -15.93 16.25 -44.01
N LEU J 328 -16.03 15.92 -42.73
CA LEU J 328 -15.13 16.50 -41.73
C LEU J 328 -13.68 16.11 -42.02
N VAL J 329 -13.42 14.83 -42.26
CA VAL J 329 -12.05 14.42 -42.55
C VAL J 329 -11.59 14.92 -43.91
N ALA J 330 -12.50 15.13 -44.87
CA ALA J 330 -12.13 15.75 -46.14
C ALA J 330 -11.66 17.18 -45.92
N ASN J 331 -12.38 17.94 -45.10
CA ASN J 331 -11.93 19.29 -44.77
C ASN J 331 -10.59 19.26 -44.04
N LEU J 332 -10.42 18.32 -43.11
CA LEU J 332 -9.17 18.23 -42.36
C LEU J 332 -7.98 17.91 -43.26
N VAL J 333 -8.16 16.97 -44.20
CA VAL J 333 -7.08 16.68 -45.15
C VAL J 333 -6.95 17.75 -46.22
N LYS J 334 -7.94 18.63 -46.35
CA LYS J 334 -7.85 19.76 -47.26
C LYS J 334 -7.05 20.93 -46.68
N MET J 335 -7.18 21.18 -45.38
CA MET J 335 -6.49 22.33 -44.81
C MET J 335 -5.03 22.05 -44.48
N VAL J 336 -4.49 20.90 -44.90
CA VAL J 336 -3.11 20.54 -44.62
C VAL J 336 -2.16 21.50 -45.33
N MET K 1 -14.84 -4.61 -51.68
CA MET K 1 -15.08 -5.89 -51.03
C MET K 1 -15.85 -5.71 -49.73
N TYR K 2 -15.69 -4.54 -49.12
CA TYR K 2 -16.36 -4.21 -47.86
C TYR K 2 -17.79 -3.81 -48.17
N VAL K 3 -18.71 -4.78 -48.14
CA VAL K 3 -20.10 -4.57 -48.52
C VAL K 3 -20.94 -4.30 -47.27
N ARG K 4 -21.66 -3.19 -47.27
CA ARG K 4 -22.43 -2.77 -46.10
C ARG K 4 -23.86 -2.50 -46.55
N ILE K 5 -24.78 -3.40 -46.18
CA ILE K 5 -26.18 -3.26 -46.53
C ILE K 5 -26.97 -2.88 -45.29
N SER K 6 -27.89 -1.93 -45.44
CA SER K 6 -28.71 -1.47 -44.34
C SER K 6 -30.08 -1.09 -44.86
N GLY K 7 -31.05 -1.07 -43.96
CA GLY K 7 -32.39 -0.66 -44.33
C GLY K 7 -33.42 -1.11 -43.31
N ARG K 8 -34.67 -1.07 -43.75
CA ARG K 8 -35.83 -1.38 -42.91
C ARG K 8 -36.50 -2.67 -43.39
N ILE K 9 -37.19 -3.33 -42.47
CA ILE K 9 -37.94 -4.54 -42.74
C ILE K 9 -39.25 -4.47 -41.98
N ARG K 10 -40.30 -5.05 -42.56
CA ARG K 10 -41.57 -5.21 -41.85
C ARG K 10 -41.66 -6.64 -41.31
N LEU K 11 -40.80 -6.92 -40.34
CA LEU K 11 -40.73 -8.24 -39.72
C LEU K 11 -41.92 -8.41 -38.77
N ASN K 12 -43.03 -8.84 -39.35
CA ASN K 12 -44.28 -8.95 -38.61
C ASN K 12 -44.50 -10.39 -38.13
N ALA K 13 -44.95 -10.52 -36.90
CA ALA K 13 -45.30 -11.81 -36.30
C ALA K 13 -44.11 -12.77 -36.31
N HIS K 14 -43.06 -12.40 -35.58
CA HIS K 14 -41.85 -13.19 -35.48
C HIS K 14 -41.80 -13.90 -34.13
N SER K 15 -41.04 -15.00 -34.10
CA SER K 15 -40.84 -15.81 -32.89
C SER K 15 -39.37 -16.15 -32.73
N LEU K 16 -38.50 -15.16 -32.90
CA LEU K 16 -37.07 -15.36 -32.84
C LEU K 16 -36.51 -14.89 -31.51
N ASN K 17 -35.42 -15.55 -31.07
CA ASN K 17 -34.62 -15.08 -29.95
C ASN K 17 -35.44 -14.99 -28.66
N ALA K 18 -35.80 -16.16 -28.14
CA ALA K 18 -36.35 -16.27 -26.80
C ALA K 18 -35.26 -16.72 -25.82
N GLN K 19 -35.56 -16.60 -24.53
CA GLN K 19 -34.69 -17.18 -23.51
C GLN K 19 -34.95 -18.67 -23.31
N GLY K 20 -36.21 -19.06 -23.15
CA GLY K 20 -36.52 -20.44 -22.87
C GLY K 20 -36.72 -20.72 -21.40
N GLY K 21 -35.69 -21.23 -20.74
CA GLY K 21 -35.78 -21.53 -19.33
C GLY K 21 -35.59 -23.01 -19.01
N GLY K 22 -34.80 -23.70 -19.81
CA GLY K 22 -34.54 -25.11 -19.58
C GLY K 22 -35.54 -26.05 -20.19
N GLY K 23 -36.00 -25.76 -21.41
CA GLY K 23 -36.99 -26.61 -22.05
C GLY K 23 -38.33 -26.62 -21.34
N THR K 24 -38.73 -25.47 -20.79
CA THR K 24 -40.00 -25.39 -20.07
C THR K 24 -41.13 -25.20 -21.07
N ASN K 25 -42.35 -25.04 -20.54
CA ASN K 25 -43.53 -24.90 -21.40
C ASN K 25 -43.65 -23.49 -21.95
N TYR K 26 -43.79 -22.50 -21.06
CA TYR K 26 -43.89 -21.11 -21.48
C TYR K 26 -42.52 -20.59 -21.90
N ILE K 27 -42.44 -20.05 -23.12
CA ILE K 27 -41.18 -19.61 -23.71
C ILE K 27 -41.36 -18.16 -24.10
N GLU K 28 -40.82 -17.25 -23.31
CA GLU K 28 -40.98 -15.81 -23.56
C GLU K 28 -39.77 -15.23 -24.27
N ILE K 29 -40.02 -14.21 -25.09
CA ILE K 29 -39.05 -13.73 -26.06
C ILE K 29 -38.05 -12.78 -25.39
N THR K 30 -36.93 -12.54 -26.08
CA THR K 30 -35.93 -11.62 -25.57
C THR K 30 -36.45 -10.19 -25.56
N LYS K 31 -35.99 -9.43 -24.58
CA LYS K 31 -36.40 -8.05 -24.37
C LYS K 31 -35.17 -7.18 -24.24
N THR K 32 -35.21 -5.99 -24.84
CA THR K 32 -34.08 -5.07 -24.81
C THR K 32 -34.59 -3.65 -24.66
N LYS K 33 -33.90 -2.87 -23.83
CA LYS K 33 -34.24 -1.47 -23.66
C LYS K 33 -33.50 -0.62 -24.70
N VAL K 34 -34.20 0.38 -25.23
CA VAL K 34 -33.63 1.35 -26.16
C VAL K 34 -34.09 2.74 -25.74
N THR K 35 -33.53 3.75 -26.38
CA THR K 35 -33.82 5.15 -26.05
C THR K 35 -34.49 5.82 -27.24
N VAL K 36 -35.61 6.50 -26.96
CA VAL K 36 -36.36 7.24 -27.97
C VAL K 36 -36.64 8.63 -27.43
N ARG K 37 -36.51 9.64 -28.29
CA ARG K 37 -36.70 11.02 -27.87
C ARG K 37 -38.16 11.33 -27.60
N THR K 38 -39.06 10.88 -28.49
CA THR K 38 -40.50 11.15 -28.39
C THR K 38 -40.82 12.63 -28.28
N GLU K 39 -39.89 13.50 -28.69
CA GLU K 39 -40.09 14.95 -28.71
C GLU K 39 -40.38 15.52 -27.32
N ASN K 40 -40.00 14.79 -26.27
CA ASN K 40 -40.15 15.29 -24.90
C ASN K 40 -38.93 15.04 -24.02
N GLY K 41 -37.94 14.30 -24.48
CA GLY K 41 -36.77 13.96 -23.67
C GLY K 41 -36.40 12.52 -23.98
N TRP K 42 -35.11 12.23 -23.90
CA TRP K 42 -34.59 10.92 -24.32
C TRP K 42 -35.02 9.88 -23.29
N THR K 43 -36.24 9.37 -23.48
CA THR K 43 -36.80 8.37 -22.58
C THR K 43 -36.40 6.98 -23.01
N VAL K 44 -36.65 6.02 -22.13
CA VAL K 44 -36.33 4.62 -22.40
C VAL K 44 -37.61 3.86 -22.70
N VAL K 45 -37.48 2.80 -23.49
CA VAL K 45 -38.62 1.98 -23.87
C VAL K 45 -38.15 0.55 -24.10
N GLU K 46 -38.97 -0.40 -23.69
CA GLU K 46 -38.67 -1.82 -23.84
C GLU K 46 -39.23 -2.34 -25.16
N VAL K 47 -38.48 -3.21 -25.83
CA VAL K 47 -38.91 -3.76 -27.10
C VAL K 47 -38.26 -5.12 -27.33
N PRO K 48 -38.95 -6.09 -27.91
CA PRO K 48 -38.27 -7.33 -28.34
C PRO K 48 -37.30 -7.03 -29.47
N ALA K 49 -36.11 -7.65 -29.38
CA ALA K 49 -35.04 -7.41 -30.32
C ALA K 49 -34.44 -8.74 -30.78
N ILE K 50 -33.59 -8.66 -31.79
CA ILE K 50 -32.92 -9.83 -32.36
C ILE K 50 -31.43 -9.64 -32.20
N THR K 51 -30.77 -10.61 -31.56
CA THR K 51 -29.34 -10.52 -31.34
C THR K 51 -28.58 -10.89 -32.62
N GLY K 52 -27.30 -10.51 -32.63
CA GLY K 52 -26.44 -10.79 -33.76
C GLY K 52 -25.91 -12.19 -33.83
N ASN K 53 -26.05 -12.97 -32.76
CA ASN K 53 -25.64 -14.38 -32.80
C ASN K 53 -26.47 -15.14 -33.83
N MET K 54 -27.78 -14.88 -33.87
CA MET K 54 -28.64 -15.57 -34.82
C MET K 54 -28.22 -15.23 -36.25
N LEU K 55 -27.99 -13.94 -36.51
CA LEU K 55 -27.59 -13.50 -37.84
C LEU K 55 -26.25 -14.09 -38.24
N LYS K 56 -25.29 -14.14 -37.32
CA LYS K 56 -23.98 -14.69 -37.63
C LYS K 56 -24.06 -16.19 -37.92
N HIS K 57 -24.83 -16.93 -37.11
CA HIS K 57 -24.99 -18.36 -37.36
C HIS K 57 -25.66 -18.62 -38.69
N TRP K 58 -26.71 -17.85 -39.00
CA TRP K 58 -27.38 -18.06 -40.28
C TRP K 58 -26.53 -17.58 -41.45
N HIS K 59 -25.63 -16.63 -41.22
CA HIS K 59 -24.65 -16.26 -42.23
C HIS K 59 -23.71 -17.42 -42.53
N PHE K 60 -23.24 -18.08 -41.48
CA PHE K 60 -22.42 -19.28 -41.68
C PHE K 60 -23.20 -20.36 -42.41
N VAL K 61 -24.47 -20.53 -42.04
CA VAL K 61 -25.31 -21.57 -42.65
C VAL K 61 -25.51 -21.29 -44.14
N GLY K 62 -25.83 -20.03 -44.48
CA GLY K 62 -26.00 -19.69 -45.88
C GLY K 62 -24.71 -19.78 -46.67
N PHE K 63 -23.60 -19.36 -46.06
CA PHE K 63 -22.31 -19.43 -46.72
C PHE K 63 -21.95 -20.87 -47.05
N VAL K 64 -22.18 -21.80 -46.12
CA VAL K 64 -21.89 -23.19 -46.42
C VAL K 64 -22.93 -23.82 -47.33
N ASP K 65 -24.19 -23.37 -47.26
CA ASP K 65 -25.25 -23.94 -48.09
C ASP K 65 -25.03 -23.62 -49.57
N TYR K 66 -24.76 -22.35 -49.88
CA TYR K 66 -24.48 -21.98 -51.25
C TYR K 66 -23.09 -22.44 -51.70
N PHE K 67 -22.29 -22.98 -50.79
CA PHE K 67 -20.92 -23.36 -51.14
C PHE K 67 -20.85 -24.77 -51.73
N LYS K 68 -21.84 -25.63 -51.46
CA LYS K 68 -21.88 -26.92 -52.14
C LYS K 68 -22.18 -26.76 -53.62
N THR K 69 -22.89 -25.70 -54.01
CA THR K 69 -23.18 -25.48 -55.42
C THR K 69 -21.88 -25.30 -56.21
N THR K 70 -20.92 -24.60 -55.64
CA THR K 70 -19.61 -24.49 -56.25
C THR K 70 -18.95 -25.86 -56.30
N PRO K 71 -18.34 -26.26 -57.42
CA PRO K 71 -17.66 -27.55 -57.48
C PRO K 71 -16.47 -27.65 -56.54
N TYR K 72 -16.00 -26.53 -55.98
CA TYR K 72 -14.87 -26.51 -55.06
C TYR K 72 -15.30 -26.68 -53.61
N GLY K 73 -16.43 -27.33 -53.37
CA GLY K 73 -16.96 -27.48 -52.02
C GLY K 73 -16.34 -28.61 -51.23
N VAL K 74 -15.09 -28.98 -51.57
CA VAL K 74 -14.44 -30.08 -50.88
C VAL K 74 -13.90 -29.64 -49.52
N ASN K 75 -13.30 -28.45 -49.45
CA ASN K 75 -12.63 -27.99 -48.24
C ASN K 75 -13.68 -27.46 -47.26
N LEU K 76 -14.29 -28.38 -46.53
CA LEU K 76 -15.29 -28.05 -45.52
C LEU K 76 -15.08 -28.95 -44.31
N THR K 77 -15.97 -28.81 -43.33
CA THR K 77 -15.98 -29.65 -42.13
C THR K 77 -17.40 -30.14 -41.90
N GLU K 78 -17.53 -31.37 -41.41
CA GLU K 78 -18.85 -31.96 -41.22
C GLU K 78 -19.73 -31.13 -40.30
N ARG K 79 -19.14 -30.45 -39.31
CA ARG K 79 -19.94 -29.61 -38.43
C ARG K 79 -20.57 -28.42 -39.17
N ALA K 80 -19.99 -28.02 -40.30
CA ALA K 80 -20.61 -26.99 -41.12
C ALA K 80 -21.79 -27.55 -41.92
N LEU K 81 -21.70 -28.80 -42.35
CA LEU K 81 -22.76 -29.39 -43.17
C LEU K 81 -24.04 -29.59 -42.38
N ARG K 82 -23.95 -29.77 -41.07
CA ARG K 82 -25.11 -29.97 -40.22
C ARG K 82 -25.76 -28.67 -39.78
N TYR K 83 -25.47 -27.56 -40.46
CA TYR K 83 -26.02 -26.25 -40.14
C TYR K 83 -25.71 -25.85 -38.70
N ASN K 84 -24.52 -26.18 -38.24
CA ASN K 84 -24.05 -25.85 -36.90
C ASN K 84 -22.98 -24.79 -37.01
N GLY K 85 -23.17 -23.67 -36.31
CA GLY K 85 -22.27 -22.54 -36.40
C GLY K 85 -21.01 -22.63 -35.58
N THR K 86 -20.83 -23.70 -34.82
CA THR K 86 -19.61 -23.86 -34.04
C THR K 86 -18.42 -24.09 -34.96
N ARG K 87 -17.23 -23.71 -34.47
CA ARG K 87 -16.00 -23.84 -35.23
C ARG K 87 -15.05 -24.85 -34.62
N PHE K 88 -14.80 -24.74 -33.31
CA PHE K 88 -13.99 -25.73 -32.60
C PHE K 88 -14.53 -25.85 -31.18
N GLY K 89 -14.28 -27.00 -30.58
CA GLY K 89 -14.72 -27.28 -29.22
C GLY K 89 -13.69 -26.89 -28.18
N GLN K 90 -13.82 -27.48 -27.00
CA GLN K 90 -12.91 -27.23 -25.89
C GLN K 90 -11.89 -28.35 -25.70
N GLY K 91 -12.37 -29.60 -25.58
CA GLY K 91 -11.45 -30.71 -25.39
C GLY K 91 -10.78 -31.17 -26.66
N GLU K 92 -11.42 -30.97 -27.81
CA GLU K 92 -10.84 -31.42 -29.07
C GLU K 92 -9.66 -30.54 -29.45
N THR K 93 -8.65 -31.17 -30.07
CA THR K 93 -7.43 -30.50 -30.48
C THR K 93 -7.38 -30.26 -31.98
N THR K 94 -7.59 -31.29 -32.79
CA THR K 94 -7.53 -31.17 -34.24
C THR K 94 -8.94 -31.02 -34.81
N ALA K 95 -9.01 -30.87 -36.13
CA ALA K 95 -10.27 -30.71 -36.84
C ALA K 95 -10.53 -31.95 -37.70
N THR K 96 -11.68 -31.94 -38.38
CA THR K 96 -12.09 -33.03 -39.26
C THR K 96 -12.49 -32.44 -40.61
N LYS K 97 -11.75 -32.78 -41.65
CA LYS K 97 -12.06 -32.28 -42.99
C LYS K 97 -13.32 -32.98 -43.52
N ALA K 98 -13.95 -32.35 -44.52
CA ALA K 98 -15.19 -32.89 -45.07
C ALA K 98 -14.99 -34.27 -45.66
N ASN K 99 -13.87 -34.48 -46.37
CA ASN K 99 -13.59 -35.78 -46.95
C ASN K 99 -13.23 -36.84 -45.91
N GLY K 100 -12.97 -36.43 -44.68
CA GLY K 100 -12.59 -37.36 -43.63
C GLY K 100 -11.11 -37.31 -43.30
N ALA K 101 -10.54 -36.11 -43.25
CA ALA K 101 -9.14 -35.92 -42.96
C ALA K 101 -8.97 -35.05 -41.73
N THR K 102 -7.83 -35.21 -41.06
CA THR K 102 -7.53 -34.47 -39.84
C THR K 102 -6.78 -33.19 -40.21
N VAL K 103 -7.26 -32.06 -39.70
CA VAL K 103 -6.68 -30.76 -39.97
C VAL K 103 -5.96 -30.29 -38.71
N GLN K 104 -4.67 -30.03 -38.84
CA GLN K 104 -3.89 -29.55 -37.70
C GLN K 104 -4.28 -28.12 -37.35
N LEU K 105 -4.21 -27.79 -36.06
CA LEU K 105 -4.54 -26.46 -35.56
C LEU K 105 -3.32 -25.58 -35.38
N ASN K 106 -2.31 -25.75 -36.24
CA ASN K 106 -1.13 -24.90 -36.26
C ASN K 106 -0.98 -24.27 -37.64
N ASP K 107 -0.34 -23.11 -37.68
CA ASP K 107 -0.07 -22.38 -38.92
C ASP K 107 -1.39 -22.06 -39.65
N GLU K 108 -2.17 -21.18 -39.01
CA GLU K 108 -3.49 -20.80 -39.51
C GLU K 108 -3.49 -20.38 -40.98
N ALA K 109 -2.34 -20.03 -41.54
CA ALA K 109 -2.29 -19.64 -42.96
C ALA K 109 -2.77 -20.76 -43.87
N THR K 110 -2.35 -22.00 -43.58
CA THR K 110 -2.87 -23.16 -44.30
C THR K 110 -4.14 -23.72 -43.68
N ILE K 111 -4.40 -23.46 -42.40
CA ILE K 111 -5.66 -23.89 -41.80
C ILE K 111 -6.84 -23.26 -42.54
N ILE K 112 -6.79 -21.94 -42.74
CA ILE K 112 -7.85 -21.28 -43.48
C ILE K 112 -7.89 -21.75 -44.92
N LYS K 113 -6.75 -22.19 -45.46
CA LYS K 113 -6.74 -22.75 -46.81
C LYS K 113 -7.53 -24.05 -46.88
N GLU K 114 -7.36 -24.91 -45.88
CA GLU K 114 -8.12 -26.16 -45.81
C GLU K 114 -9.40 -26.04 -44.98
N LEU K 115 -9.72 -24.84 -44.50
CA LEU K 115 -10.97 -24.59 -43.76
C LEU K 115 -11.63 -23.37 -44.39
N ALA K 116 -12.40 -23.60 -45.45
CA ALA K 116 -13.04 -22.50 -46.17
C ALA K 116 -14.25 -21.95 -45.43
N ASP K 117 -14.98 -22.80 -44.72
CA ASP K 117 -16.19 -22.35 -44.02
C ASP K 117 -15.86 -21.33 -42.95
N ALA K 118 -14.81 -21.57 -42.17
CA ALA K 118 -14.41 -20.68 -41.09
C ALA K 118 -13.38 -19.64 -41.52
N ASP K 119 -12.89 -19.71 -42.77
CA ASP K 119 -11.94 -18.71 -43.23
C ASP K 119 -12.57 -17.32 -43.27
N VAL K 120 -13.82 -17.23 -43.74
CA VAL K 120 -14.49 -15.94 -43.82
C VAL K 120 -15.08 -15.53 -42.48
N HIS K 121 -15.22 -16.46 -41.53
CA HIS K 121 -15.87 -16.17 -40.26
C HIS K 121 -14.98 -16.42 -39.05
N GLY K 122 -13.72 -16.76 -39.24
CA GLY K 122 -12.81 -16.95 -38.12
C GLY K 122 -13.10 -18.25 -37.38
N PHE K 123 -12.37 -18.44 -36.28
CA PHE K 123 -12.52 -19.62 -35.45
C PHE K 123 -11.93 -19.32 -34.07
N LEU K 124 -11.80 -20.36 -33.24
CA LEU K 124 -11.26 -20.21 -31.90
C LEU K 124 -10.65 -21.53 -31.47
N ALA K 125 -9.50 -21.45 -30.80
CA ALA K 125 -8.82 -22.63 -30.28
C ALA K 125 -8.20 -22.28 -28.93
N PRO K 126 -8.85 -22.65 -27.83
CA PRO K 126 -8.32 -22.28 -26.50
C PRO K 126 -6.95 -22.87 -26.22
N LYS K 127 -6.65 -24.06 -26.73
CA LYS K 127 -5.37 -24.70 -26.40
C LYS K 127 -4.24 -24.17 -27.26
N THR K 128 -4.35 -24.30 -28.58
CA THR K 128 -3.30 -23.83 -29.47
C THR K 128 -3.27 -22.30 -29.60
N GLY K 129 -4.29 -21.61 -29.09
CA GLY K 129 -4.30 -20.17 -29.11
C GLY K 129 -4.65 -19.54 -30.44
N ARG K 130 -5.18 -20.31 -31.39
CA ARG K 130 -5.51 -19.76 -32.70
C ARG K 130 -6.59 -18.70 -32.59
N ARG K 131 -6.39 -17.59 -33.28
CA ARG K 131 -7.30 -16.45 -33.23
C ARG K 131 -7.49 -15.90 -34.64
N ARG K 132 -8.74 -15.59 -34.98
CA ARG K 132 -9.04 -15.00 -36.28
C ARG K 132 -10.34 -14.22 -36.15
N VAL K 133 -10.29 -12.93 -36.46
CA VAL K 133 -11.47 -12.08 -36.44
C VAL K 133 -12.31 -12.34 -37.67
N SER K 134 -13.62 -12.48 -37.48
CA SER K 134 -14.52 -12.76 -38.59
C SER K 134 -14.58 -11.57 -39.55
N LEU K 135 -14.87 -11.89 -40.81
CA LEU K 135 -15.01 -10.87 -41.85
C LEU K 135 -16.40 -10.25 -41.89
N VAL K 136 -17.35 -10.78 -41.11
CA VAL K 136 -18.70 -10.25 -41.01
C VAL K 136 -18.90 -9.71 -39.60
N LYS K 137 -19.48 -8.52 -39.50
CA LYS K 137 -19.79 -7.92 -38.20
C LYS K 137 -21.32 -7.86 -38.09
N ALA K 138 -21.90 -8.95 -37.59
CA ALA K 138 -23.35 -9.06 -37.52
C ALA K 138 -23.92 -8.02 -36.57
N SER K 139 -24.87 -7.24 -37.06
CA SER K 139 -25.53 -6.21 -36.27
C SER K 139 -26.83 -6.74 -35.67
N PHE K 140 -27.45 -5.93 -34.83
CA PHE K 140 -28.72 -6.29 -34.23
C PHE K 140 -29.88 -5.81 -35.08
N ILE K 141 -31.08 -6.27 -34.72
CA ILE K 141 -32.30 -5.97 -35.46
C ILE K 141 -33.25 -5.28 -34.50
N LEU K 142 -33.45 -3.97 -34.70
CA LEU K 142 -34.24 -3.13 -33.82
C LEU K 142 -35.28 -2.37 -34.62
N PRO K 143 -36.39 -1.97 -33.98
CA PRO K 143 -37.41 -1.20 -34.71
C PRO K 143 -36.99 0.24 -34.96
N THR K 144 -37.84 0.99 -35.65
CA THR K 144 -37.56 2.40 -35.95
C THR K 144 -38.11 3.29 -34.85
N GLU K 145 -37.45 4.44 -34.65
CA GLU K 145 -37.85 5.36 -33.59
C GLU K 145 -39.26 5.90 -33.82
N ASP K 146 -39.60 6.19 -35.08
CA ASP K 146 -40.93 6.73 -35.37
C ASP K 146 -42.02 5.73 -34.99
N PHE K 147 -41.74 4.43 -35.15
CA PHE K 147 -42.70 3.41 -34.73
C PHE K 147 -42.97 3.48 -33.24
N ILE K 148 -41.92 3.65 -32.43
CA ILE K 148 -42.11 3.77 -30.99
C ILE K 148 -42.83 5.07 -30.65
N LYS K 149 -42.54 6.14 -31.40
CA LYS K 149 -43.08 7.45 -31.07
C LYS K 149 -44.59 7.57 -31.27
N GLU K 150 -45.23 6.61 -31.97
CA GLU K 150 -46.66 6.73 -32.26
C GLU K 150 -47.41 5.45 -31.91
N VAL K 151 -47.04 4.80 -30.81
CA VAL K 151 -47.79 3.67 -30.28
C VAL K 151 -48.28 3.92 -28.85
N GLU K 152 -47.42 4.48 -28.00
CA GLU K 152 -47.77 4.78 -26.60
C GLU K 152 -48.34 3.55 -25.90
N GLY K 153 -47.71 2.40 -26.14
CA GLY K 153 -48.21 1.14 -25.62
C GLY K 153 -47.93 0.00 -26.58
N GLU K 154 -48.81 -1.01 -26.58
CA GLU K 154 -48.72 -2.19 -27.45
C GLU K 154 -47.29 -2.71 -27.53
N ARG K 155 -46.79 -3.24 -26.42
CA ARG K 155 -45.39 -3.67 -26.29
C ARG K 155 -45.04 -4.83 -27.21
N LEU K 156 -45.98 -5.23 -28.07
CA LEU K 156 -45.75 -6.26 -29.09
C LEU K 156 -45.47 -7.62 -28.45
N ILE K 157 -46.33 -8.01 -27.52
CA ILE K 157 -46.25 -9.30 -26.85
C ILE K 157 -47.62 -9.97 -26.96
N THR K 158 -47.65 -11.20 -27.49
CA THR K 158 -48.88 -11.95 -27.62
C THR K 158 -48.87 -13.19 -26.74
N ALA K 159 -47.89 -14.08 -26.91
CA ALA K 159 -47.69 -15.27 -26.08
C ALA K 159 -48.98 -16.08 -25.96
N ILE K 160 -49.47 -16.56 -27.10
CA ILE K 160 -50.65 -17.40 -27.13
C ILE K 160 -50.29 -18.79 -26.61
N LYS K 161 -51.24 -19.42 -25.93
CA LYS K 161 -51.02 -20.74 -25.32
C LYS K 161 -51.92 -21.77 -25.98
N HIS K 162 -51.36 -22.96 -26.22
CA HIS K 162 -52.08 -24.04 -26.87
C HIS K 162 -51.35 -25.35 -26.59
N ASN K 163 -52.04 -26.31 -25.99
CA ASN K 163 -51.40 -27.54 -25.53
C ASN K 163 -51.11 -28.45 -26.72
N ARG K 164 -50.62 -29.66 -26.42
CA ARG K 164 -50.28 -30.64 -27.45
C ARG K 164 -50.92 -31.97 -27.10
N VAL K 165 -51.55 -32.60 -28.10
CA VAL K 165 -52.17 -33.90 -27.90
C VAL K 165 -51.08 -34.97 -27.85
N ASP K 166 -51.19 -35.88 -26.88
CA ASP K 166 -50.21 -36.95 -26.72
C ASP K 166 -50.92 -38.12 -26.04
N VAL K 167 -51.23 -39.15 -26.82
CA VAL K 167 -51.93 -40.32 -26.32
C VAL K 167 -51.06 -41.55 -26.56
N ASP K 168 -51.16 -42.51 -25.63
CA ASP K 168 -50.43 -43.76 -25.71
C ASP K 168 -51.21 -44.76 -26.55
N GLU K 169 -50.80 -46.03 -26.49
CA GLU K 169 -51.49 -47.06 -27.26
C GLU K 169 -52.96 -47.18 -26.86
N LYS K 170 -53.25 -47.11 -25.56
CA LYS K 170 -54.62 -47.15 -25.09
C LYS K 170 -55.35 -45.83 -25.27
N GLY K 171 -54.64 -44.74 -25.56
CA GLY K 171 -55.27 -43.46 -25.82
C GLY K 171 -55.57 -42.66 -24.58
N ALA K 172 -54.59 -42.54 -23.68
CA ALA K 172 -54.74 -41.80 -22.44
C ALA K 172 -53.92 -40.52 -22.50
N ILE K 173 -54.54 -39.40 -22.15
CA ILE K 173 -53.84 -38.12 -22.11
C ILE K 173 -52.73 -38.15 -21.06
N GLY K 174 -53.04 -38.67 -19.88
CA GLY K 174 -52.09 -38.77 -18.80
C GLY K 174 -52.50 -37.91 -17.61
N SER K 175 -51.93 -38.25 -16.45
CA SER K 175 -52.22 -37.54 -15.21
C SER K 175 -50.93 -37.08 -14.55
N SER K 176 -51.04 -36.56 -13.33
CA SER K 176 -49.85 -36.09 -12.61
C SER K 176 -48.89 -37.23 -12.32
N LYS K 177 -49.43 -38.39 -11.92
CA LYS K 177 -48.57 -39.54 -11.61
C LYS K 177 -47.99 -40.18 -12.86
N GLU K 178 -48.54 -39.90 -14.04
CA GLU K 178 -48.06 -40.47 -15.30
C GLU K 178 -47.42 -39.44 -16.21
N GLY K 179 -48.12 -38.36 -16.51
CA GLY K 179 -47.58 -37.32 -17.38
C GLY K 179 -47.76 -37.63 -18.85
N THR K 180 -47.14 -38.73 -19.30
CA THR K 180 -47.19 -39.16 -20.71
C THR K 180 -46.72 -38.05 -21.63
N ALA K 181 -45.67 -37.33 -21.20
CA ALA K 181 -45.07 -36.25 -21.97
C ALA K 181 -46.10 -35.19 -22.34
N GLN K 182 -46.66 -34.56 -21.31
CA GLN K 182 -47.63 -33.49 -21.49
C GLN K 182 -46.87 -32.18 -21.70
N MET K 183 -46.86 -31.69 -22.93
CA MET K 183 -46.13 -30.48 -23.30
C MET K 183 -47.12 -29.39 -23.65
N LEU K 184 -46.93 -28.21 -23.03
CA LEU K 184 -47.79 -27.06 -23.31
C LEU K 184 -47.25 -26.23 -24.48
N PHE K 185 -45.99 -25.79 -24.38
CA PHE K 185 -45.33 -24.98 -25.40
C PHE K 185 -46.11 -23.69 -25.66
N SER K 186 -46.14 -22.85 -24.62
CA SER K 186 -46.74 -21.52 -24.71
C SER K 186 -45.67 -20.57 -25.24
N ARG K 187 -45.50 -20.58 -26.56
CA ARG K 187 -44.45 -19.80 -27.21
C ARG K 187 -44.93 -18.38 -27.50
N GLU K 188 -44.06 -17.41 -27.22
CA GLU K 188 -44.36 -16.02 -27.50
C GLU K 188 -44.17 -15.72 -28.98
N TYR K 189 -45.02 -14.85 -29.52
CA TYR K 189 -44.96 -14.42 -30.91
C TYR K 189 -45.05 -12.90 -30.94
N ALA K 190 -43.94 -12.24 -31.28
CA ALA K 190 -43.86 -10.79 -31.30
C ALA K 190 -43.91 -10.26 -32.72
N THR K 191 -44.28 -8.98 -32.84
CA THR K 191 -44.40 -8.33 -34.14
C THR K 191 -43.67 -6.99 -34.14
N GLY K 192 -43.84 -6.21 -35.19
CA GLY K 192 -43.24 -4.89 -35.27
C GLY K 192 -42.13 -4.81 -36.31
N LEU K 193 -42.16 -3.76 -37.10
CA LEU K 193 -41.14 -3.55 -38.12
C LEU K 193 -39.79 -3.25 -37.48
N TYR K 194 -38.72 -3.77 -38.09
CA TYR K 194 -37.37 -3.63 -37.56
C TYR K 194 -36.42 -3.07 -38.61
N GLY K 195 -35.11 -3.09 -38.30
CA GLY K 195 -34.11 -2.63 -39.24
C GLY K 195 -32.90 -3.53 -39.22
N PHE K 196 -32.13 -3.48 -40.31
CA PHE K 196 -30.96 -4.33 -40.49
C PHE K 196 -29.77 -3.49 -40.94
N SER K 197 -28.59 -3.86 -40.45
CA SER K 197 -27.33 -3.17 -40.75
C SER K 197 -26.20 -4.16 -40.99
N ILE K 198 -26.43 -5.14 -41.87
CA ILE K 198 -25.44 -6.22 -42.04
C ILE K 198 -24.22 -5.69 -42.78
N VAL K 199 -23.05 -5.89 -42.18
CA VAL K 199 -21.79 -5.40 -42.74
C VAL K 199 -20.82 -6.57 -42.86
N LEU K 200 -20.15 -6.65 -44.02
CA LEU K 200 -19.20 -7.70 -44.33
C LEU K 200 -17.93 -7.06 -44.87
N ASP K 201 -16.79 -7.54 -44.37
CA ASP K 201 -15.48 -6.99 -44.71
C ASP K 201 -14.69 -8.06 -45.44
N LEU K 202 -14.85 -8.13 -46.76
CA LEU K 202 -14.16 -9.12 -47.58
C LEU K 202 -12.80 -8.64 -48.06
N GLY K 203 -12.21 -7.66 -47.37
CA GLY K 203 -10.88 -7.21 -47.73
C GLY K 203 -9.76 -8.12 -47.30
N LEU K 204 -10.06 -9.13 -46.48
CA LEU K 204 -9.07 -10.09 -45.99
C LEU K 204 -9.63 -11.50 -46.15
N VAL K 205 -10.16 -11.78 -47.33
CA VAL K 205 -10.75 -13.09 -47.63
C VAL K 205 -9.67 -13.98 -48.23
N GLY K 206 -9.58 -15.21 -47.72
CA GLY K 206 -8.52 -16.10 -48.16
C GLY K 206 -7.13 -15.65 -47.80
N ILE K 207 -7.00 -14.78 -46.80
CA ILE K 207 -5.74 -14.18 -46.42
C ILE K 207 -5.50 -14.46 -44.95
N PRO K 208 -4.34 -14.98 -44.56
CA PRO K 208 -4.08 -15.22 -43.14
C PRO K 208 -3.93 -13.92 -42.36
N GLN K 209 -4.23 -14.00 -41.06
CA GLN K 209 -4.07 -12.84 -40.19
C GLN K 209 -2.61 -12.46 -40.03
N GLY K 210 -1.71 -13.44 -40.02
CA GLY K 210 -0.30 -13.14 -39.81
C GLY K 210 0.30 -12.30 -40.92
N LEU K 211 -0.08 -12.57 -42.17
CA LEU K 211 0.46 -11.87 -43.33
C LEU K 211 -0.70 -11.36 -44.17
N PRO K 212 -1.30 -10.24 -43.78
CA PRO K 212 -2.36 -9.65 -44.63
C PRO K 212 -1.84 -9.17 -45.98
N VAL K 213 -0.80 -8.33 -45.98
CA VAL K 213 -0.20 -7.80 -47.20
C VAL K 213 1.30 -7.99 -47.11
N LYS K 214 1.90 -8.53 -48.17
CA LYS K 214 3.33 -8.78 -48.21
C LYS K 214 4.00 -7.91 -49.26
N PHE K 215 5.25 -7.54 -48.99
CA PHE K 215 6.04 -6.70 -49.89
C PHE K 215 7.29 -7.48 -50.30
N GLU K 216 7.52 -7.55 -51.60
CA GLU K 216 8.69 -8.24 -52.16
C GLU K 216 9.78 -7.27 -52.55
N GLU K 217 9.47 -6.34 -53.45
CA GLU K 217 10.39 -5.30 -53.91
C GLU K 217 9.72 -3.94 -53.86
N ASN K 218 9.10 -3.65 -52.71
CA ASN K 218 8.36 -2.40 -52.46
C ASN K 218 7.10 -2.30 -53.31
N GLN K 219 6.44 -3.42 -53.59
CA GLN K 219 5.10 -3.40 -54.16
C GLN K 219 4.13 -4.04 -53.17
N PRO K 220 3.14 -3.32 -52.66
CA PRO K 220 2.16 -3.94 -51.76
C PRO K 220 1.23 -4.86 -52.52
N ARG K 221 0.96 -6.03 -51.92
CA ARG K 221 0.01 -6.97 -52.52
C ARG K 221 -0.53 -7.88 -51.44
N PRO K 222 -1.83 -8.20 -51.44
CA PRO K 222 -2.36 -9.12 -50.44
C PRO K 222 -1.82 -10.53 -50.61
N ASN K 223 -1.74 -11.25 -49.50
CA ASN K 223 -1.24 -12.63 -49.49
C ASN K 223 -2.41 -13.56 -49.74
N ILE K 224 -2.62 -13.91 -51.01
CA ILE K 224 -3.66 -14.86 -51.41
C ILE K 224 -3.05 -16.25 -51.33
N VAL K 225 -3.31 -16.95 -50.24
CA VAL K 225 -2.74 -18.29 -50.04
C VAL K 225 -3.55 -19.38 -50.71
N ILE K 226 -4.63 -19.03 -51.40
CA ILE K 226 -5.47 -20.02 -52.08
C ILE K 226 -5.51 -19.70 -53.57
N ASP K 227 -6.17 -20.57 -54.34
CA ASP K 227 -6.30 -20.35 -55.76
C ASP K 227 -7.15 -19.10 -56.02
N PRO K 228 -6.76 -18.23 -56.95
CA PRO K 228 -7.64 -17.11 -57.29
C PRO K 228 -9.03 -17.53 -57.74
N ASN K 229 -9.15 -18.65 -58.44
CA ASN K 229 -10.48 -19.20 -58.73
C ASN K 229 -11.18 -19.61 -57.44
N GLU K 230 -10.45 -20.23 -56.52
CA GLU K 230 -11.04 -20.60 -55.23
C GLU K 230 -11.47 -19.36 -54.45
N ARG K 231 -10.66 -18.31 -54.47
CA ARG K 231 -11.03 -17.08 -53.79
C ARG K 231 -12.26 -16.43 -54.43
N LYS K 232 -12.34 -16.47 -55.77
CA LYS K 232 -13.51 -15.95 -56.46
C LYS K 232 -14.76 -16.72 -56.08
N ALA K 233 -14.66 -18.05 -56.02
CA ALA K 233 -15.80 -18.86 -55.61
C ALA K 233 -16.21 -18.56 -54.18
N ARG K 234 -15.22 -18.40 -53.29
CA ARG K 234 -15.52 -18.12 -51.89
C ARG K 234 -16.21 -16.77 -51.72
N ILE K 235 -15.71 -15.74 -52.41
CA ILE K 235 -16.35 -14.42 -52.30
C ILE K 235 -17.73 -14.43 -52.95
N GLU K 236 -17.90 -15.19 -54.04
CA GLU K 236 -19.22 -15.32 -54.65
C GLU K 236 -20.21 -15.96 -53.69
N SER K 237 -19.79 -17.03 -53.01
CA SER K 237 -20.64 -17.67 -52.01
C SER K 237 -20.94 -16.72 -50.85
N ALA K 238 -19.93 -15.98 -50.40
CA ALA K 238 -20.14 -15.04 -49.29
C ALA K 238 -21.14 -13.95 -49.67
N LEU K 239 -21.01 -13.41 -50.89
CA LEU K 239 -21.95 -12.38 -51.33
C LEU K 239 -23.35 -12.93 -51.48
N LYS K 240 -23.50 -14.15 -52.01
CA LYS K 240 -24.82 -14.74 -52.13
C LYS K 240 -25.37 -15.24 -50.80
N ALA K 241 -24.55 -15.32 -49.75
CA ALA K 241 -25.06 -15.72 -48.45
C ALA K 241 -26.08 -14.75 -47.87
N LEU K 242 -26.18 -13.53 -48.41
CA LEU K 242 -27.17 -12.58 -47.93
C LEU K 242 -28.55 -12.81 -48.52
N ILE K 243 -28.66 -13.64 -49.57
CA ILE K 243 -29.96 -13.87 -50.20
C ILE K 243 -30.98 -14.47 -49.22
N PRO K 244 -30.66 -15.52 -48.45
CA PRO K 244 -31.67 -16.04 -47.51
C PRO K 244 -32.13 -15.04 -46.47
N MET K 245 -31.27 -14.09 -46.07
CA MET K 245 -31.64 -13.12 -45.04
C MET K 245 -32.76 -12.18 -45.48
N LEU K 246 -32.99 -12.04 -46.78
CA LEU K 246 -33.98 -11.07 -47.26
C LEU K 246 -35.19 -11.73 -47.90
N SER K 247 -35.35 -13.05 -47.79
CA SER K 247 -36.57 -13.70 -48.23
C SER K 247 -37.35 -14.33 -47.08
N GLY K 248 -36.78 -15.32 -46.38
CA GLY K 248 -37.45 -15.86 -45.21
C GLY K 248 -36.55 -16.40 -44.11
N TYR K 249 -35.23 -16.34 -44.31
CA TYR K 249 -34.31 -17.06 -43.42
C TYR K 249 -33.66 -16.08 -42.43
N ILE K 250 -34.44 -15.74 -41.40
CA ILE K 250 -33.98 -14.89 -40.32
C ILE K 250 -34.33 -15.58 -39.00
N GLY K 251 -33.34 -15.68 -38.11
CA GLY K 251 -33.58 -16.28 -36.82
C GLY K 251 -33.75 -17.79 -36.92
N ALA K 252 -34.27 -18.36 -35.83
CA ALA K 252 -34.51 -19.79 -35.72
C ALA K 252 -36.01 -20.07 -35.65
N ASN K 253 -36.35 -21.35 -35.46
CA ASN K 253 -37.74 -21.81 -35.38
C ASN K 253 -38.50 -21.42 -36.64
N LEU K 254 -38.02 -21.91 -37.78
CA LEU K 254 -38.64 -21.62 -39.06
C LEU K 254 -39.72 -22.61 -39.43
N ALA K 255 -39.65 -23.84 -38.92
CA ALA K 255 -40.66 -24.84 -39.23
C ALA K 255 -42.02 -24.45 -38.65
N ARG K 256 -42.05 -23.89 -37.45
CA ARG K 256 -43.29 -23.55 -36.77
C ARG K 256 -43.69 -22.08 -36.94
N SER K 257 -42.73 -21.16 -36.93
CA SER K 257 -43.03 -19.74 -36.99
C SER K 257 -42.88 -19.16 -38.40
N PHE K 258 -41.68 -19.25 -38.98
CA PHE K 258 -41.36 -18.65 -40.27
C PHE K 258 -41.86 -17.21 -40.31
N PRO K 259 -41.18 -16.28 -39.65
CA PRO K 259 -41.73 -14.92 -39.49
C PRO K 259 -42.04 -14.27 -40.84
N VAL K 260 -43.14 -13.53 -40.88
CA VAL K 260 -43.54 -12.83 -42.09
C VAL K 260 -42.51 -11.75 -42.38
N PHE K 261 -41.98 -11.75 -43.60
CA PHE K 261 -40.87 -10.90 -43.96
C PHE K 261 -41.15 -10.17 -45.26
N LYS K 262 -40.55 -8.99 -45.41
CA LYS K 262 -40.64 -8.23 -46.65
C LYS K 262 -39.42 -7.33 -46.77
N VAL K 263 -39.03 -7.05 -48.02
CA VAL K 263 -37.94 -6.15 -48.32
C VAL K 263 -38.50 -4.74 -48.49
N GLU K 264 -38.11 -3.83 -47.60
CA GLU K 264 -38.63 -2.46 -47.62
C GLU K 264 -37.67 -1.47 -48.26
N GLU K 265 -36.47 -1.31 -47.69
CA GLU K 265 -35.52 -0.31 -48.14
C GLU K 265 -34.11 -0.87 -48.06
N LEU K 266 -33.30 -0.55 -49.07
CA LEU K 266 -31.91 -0.96 -49.12
C LEU K 266 -31.00 0.22 -49.42
N VAL K 267 -29.89 0.30 -48.67
CA VAL K 267 -28.75 1.14 -49.00
C VAL K 267 -27.51 0.28 -48.87
N ALA K 268 -26.70 0.23 -49.95
CA ALA K 268 -25.56 -0.67 -49.97
C ALA K 268 -24.36 0.01 -50.63
N ILE K 269 -23.18 -0.24 -50.08
CA ILE K 269 -21.91 0.18 -50.67
C ILE K 269 -20.95 -0.99 -50.59
N ALA K 270 -20.34 -1.34 -51.72
CA ALA K 270 -19.37 -2.43 -51.75
C ALA K 270 -17.94 -1.89 -51.78
N SER K 271 -17.62 -1.07 -52.78
CA SER K 271 -16.30 -0.45 -52.93
C SER K 271 -15.19 -1.50 -52.97
N GLU K 272 -13.95 -1.05 -52.76
CA GLU K 272 -12.82 -1.96 -52.70
C GLU K 272 -11.95 -1.67 -51.48
N GLY K 273 -11.97 -0.43 -51.01
CA GLY K 273 -11.14 -0.03 -49.89
C GLY K 273 -11.93 0.15 -48.62
N PRO K 274 -11.25 0.55 -47.55
CA PRO K 274 -11.93 0.77 -46.26
C PRO K 274 -12.96 1.88 -46.36
N ILE K 275 -14.18 1.57 -45.94
CA ILE K 275 -15.32 2.49 -46.05
C ILE K 275 -16.02 2.56 -44.70
N PRO K 276 -16.50 3.74 -44.27
CA PRO K 276 -17.27 3.79 -43.03
C PRO K 276 -18.52 2.95 -43.09
N ALA K 277 -18.83 2.29 -41.97
CA ALA K 277 -20.04 1.47 -41.89
C ALA K 277 -21.27 2.36 -41.80
N LEU K 278 -22.34 1.94 -42.47
CA LEU K 278 -23.56 2.73 -42.51
C LEU K 278 -24.33 2.61 -41.20
N VAL K 279 -25.13 3.63 -40.91
CA VAL K 279 -25.88 3.68 -39.67
C VAL K 279 -27.13 2.80 -39.80
N HIS K 280 -27.74 2.52 -38.65
CA HIS K 280 -28.92 1.67 -38.59
C HIS K 280 -30.19 2.47 -38.84
N GLY K 281 -31.25 1.75 -39.21
CA GLY K 281 -32.55 2.36 -39.43
C GLY K 281 -33.38 2.56 -38.19
N PHE K 282 -32.83 2.25 -37.01
CA PHE K 282 -33.56 2.41 -35.75
C PHE K 282 -33.89 3.87 -35.49
N TYR K 283 -33.05 4.80 -35.95
CA TYR K 283 -33.21 6.20 -35.63
C TYR K 283 -34.30 6.83 -36.49
N GLU K 284 -34.47 8.14 -36.33
CA GLU K 284 -35.55 8.84 -37.02
C GLU K 284 -35.28 8.92 -38.52
N ASP K 285 -34.19 9.59 -38.91
CA ASP K 285 -33.87 9.81 -40.31
C ASP K 285 -32.41 9.43 -40.55
N TYR K 286 -32.17 8.16 -40.85
CA TYR K 286 -30.84 7.71 -41.24
C TYR K 286 -30.57 7.93 -42.73
N ILE K 287 -31.61 8.27 -43.50
CA ILE K 287 -31.44 8.49 -44.93
C ILE K 287 -30.50 9.66 -45.19
N GLU K 288 -30.71 10.77 -44.47
CA GLU K 288 -29.83 11.93 -44.63
C GLU K 288 -28.41 11.60 -44.14
N ALA K 289 -28.30 10.83 -43.05
CA ALA K 289 -26.98 10.46 -42.54
C ALA K 289 -26.20 9.66 -43.57
N ASN K 290 -26.86 8.70 -44.22
CA ASN K 290 -26.19 7.94 -45.27
C ASN K 290 -25.94 8.75 -46.53
N ARG K 291 -26.85 9.66 -46.89
CA ARG K 291 -26.64 10.50 -48.06
C ARG K 291 -25.42 11.40 -47.86
N SER K 292 -25.23 11.93 -46.66
CA SER K 292 -24.05 12.72 -46.38
C SER K 292 -22.77 11.89 -46.46
N ILE K 293 -22.80 10.66 -45.95
CA ILE K 293 -21.60 9.82 -45.94
C ILE K 293 -21.28 9.28 -47.33
N ILE K 294 -22.27 9.23 -48.22
CA ILE K 294 -22.06 8.69 -49.56
C ILE K 294 -21.70 9.79 -50.57
N LYS K 295 -22.41 10.91 -50.52
CA LYS K 295 -22.20 11.96 -51.51
C LYS K 295 -20.78 12.52 -51.44
N ASN K 296 -20.28 12.76 -50.23
CA ASN K 296 -18.95 13.32 -50.08
C ASN K 296 -17.84 12.27 -50.18
N ALA K 297 -18.18 10.99 -50.09
CA ALA K 297 -17.16 9.94 -50.15
C ALA K 297 -16.53 9.86 -51.54
N ARG K 298 -17.33 10.07 -52.59
CA ARG K 298 -16.82 9.97 -53.95
C ARG K 298 -15.77 11.03 -54.26
N ALA K 299 -15.81 12.18 -53.57
CA ALA K 299 -14.84 13.23 -53.81
C ALA K 299 -13.49 12.96 -53.16
N LEU K 300 -13.42 12.04 -52.19
CA LEU K 300 -12.15 11.75 -51.54
C LEU K 300 -11.21 10.97 -52.47
N GLY K 301 -11.76 10.07 -53.27
CA GLY K 301 -10.96 9.25 -54.16
C GLY K 301 -11.32 7.77 -54.08
N PHE K 302 -12.42 7.47 -53.40
CA PHE K 302 -12.90 6.10 -53.26
C PHE K 302 -14.03 5.86 -54.24
N ASN K 303 -13.88 4.83 -55.07
CA ASN K 303 -14.91 4.46 -56.03
C ASN K 303 -16.10 3.87 -55.27
N ILE K 304 -17.16 4.66 -55.13
CA ILE K 304 -18.34 4.25 -54.37
C ILE K 304 -19.45 3.90 -55.35
N GLU K 305 -19.87 2.65 -55.32
CA GLU K 305 -21.00 2.17 -56.12
C GLU K 305 -22.14 1.86 -55.16
N VAL K 306 -22.94 2.88 -54.84
CA VAL K 306 -24.02 2.74 -53.89
C VAL K 306 -25.27 2.26 -54.63
N PHE K 307 -25.94 1.26 -54.05
CA PHE K 307 -27.17 0.72 -54.59
C PHE K 307 -28.30 1.05 -53.62
N THR K 308 -29.38 1.60 -54.16
CA THR K 308 -30.51 2.08 -53.37
C THR K 308 -31.79 1.36 -53.78
N TYR K 309 -32.67 1.18 -52.80
CA TYR K 309 -33.97 0.54 -53.00
C TYR K 309 -34.97 1.25 -52.11
N ASN K 310 -35.92 1.96 -52.72
CA ASN K 310 -36.94 2.74 -52.03
C ASN K 310 -36.34 3.83 -51.14
N VAL K 311 -35.17 4.33 -51.53
CA VAL K 311 -34.52 5.46 -50.85
C VAL K 311 -34.16 6.50 -51.90
N ASP K 312 -34.59 7.75 -51.67
CA ASP K 312 -34.34 8.80 -52.64
C ASP K 312 -32.85 9.14 -52.73
N LEU K 313 -32.22 9.37 -51.58
CA LEU K 313 -30.80 9.73 -51.50
C LEU K 313 -30.48 10.97 -52.33
N GLY K 314 -31.41 11.90 -52.42
CA GLY K 314 -31.19 13.11 -53.17
C GLY K 314 -31.14 12.87 -54.67
N GLU K 315 -30.70 13.90 -55.38
CA GLU K 315 -30.56 13.85 -56.83
C GLU K 315 -29.13 14.02 -57.32
N ASP K 316 -28.19 14.38 -56.45
CA ASP K 316 -26.80 14.59 -56.83
C ASP K 316 -25.96 13.33 -56.71
N ILE K 317 -26.55 12.21 -56.30
CA ILE K 317 -25.83 10.95 -56.16
C ILE K 317 -26.29 10.01 -57.27
N GLU K 318 -25.33 9.50 -58.05
CA GLU K 318 -25.63 8.55 -59.12
C GLU K 318 -25.72 7.15 -58.53
N ALA K 319 -26.82 6.94 -57.81
CA ALA K 319 -27.08 5.67 -57.14
C ALA K 319 -27.90 4.77 -58.06
N THR K 320 -27.44 3.54 -58.25
CA THR K 320 -28.12 2.60 -59.13
C THR K 320 -29.35 2.04 -58.44
N LYS K 321 -30.53 2.36 -58.97
CA LYS K 321 -31.78 1.83 -58.42
C LYS K 321 -31.84 0.32 -58.65
N VAL K 322 -32.16 -0.42 -57.60
CA VAL K 322 -32.20 -1.87 -57.66
C VAL K 322 -33.64 -2.33 -57.50
N SER K 323 -33.88 -3.59 -57.87
CA SER K 323 -35.22 -4.18 -57.84
C SER K 323 -35.36 -5.30 -56.83
N SER K 324 -34.37 -6.18 -56.71
CA SER K 324 -34.42 -7.29 -55.78
C SER K 324 -33.03 -7.46 -55.16
N VAL K 325 -32.81 -8.61 -54.52
CA VAL K 325 -31.59 -8.83 -53.76
C VAL K 325 -30.56 -9.60 -54.56
N GLU K 326 -30.99 -10.63 -55.32
CA GLU K 326 -30.05 -11.44 -56.08
C GLU K 326 -29.36 -10.63 -57.17
N GLU K 327 -30.11 -9.77 -57.87
CA GLU K 327 -29.51 -8.91 -58.88
C GLU K 327 -28.57 -7.88 -58.26
N LEU K 328 -28.78 -7.53 -56.98
CA LEU K 328 -27.77 -6.73 -56.28
C LEU K 328 -26.44 -7.47 -56.21
N VAL K 329 -26.48 -8.76 -55.89
CA VAL K 329 -25.25 -9.56 -55.86
C VAL K 329 -24.69 -9.70 -57.26
N ALA K 330 -25.55 -9.80 -58.27
CA ALA K 330 -25.07 -9.87 -59.65
C ALA K 330 -24.32 -8.59 -60.02
N ASN K 331 -24.84 -7.43 -59.59
CA ASN K 331 -24.13 -6.18 -59.81
C ASN K 331 -22.81 -6.15 -59.03
N LEU K 332 -22.82 -6.66 -57.80
CA LEU K 332 -21.63 -6.63 -56.96
C LEU K 332 -20.53 -7.54 -57.49
N VAL K 333 -20.88 -8.61 -58.20
CA VAL K 333 -19.87 -9.53 -58.75
C VAL K 333 -19.41 -9.09 -60.14
N LYS K 334 -19.81 -7.90 -60.59
CA LYS K 334 -19.38 -7.44 -61.91
C LYS K 334 -17.88 -7.19 -61.96
N MET K 335 -17.32 -6.58 -60.92
CA MET K 335 -15.90 -6.27 -60.87
C MET K 335 -15.09 -7.30 -60.08
N VAL K 336 -15.66 -8.48 -59.86
CA VAL K 336 -15.04 -9.60 -59.12
C VAL K 336 -14.20 -9.14 -57.94
N MET L 1 -34.74 -29.83 -55.44
CA MET L 1 -36.14 -29.64 -55.83
C MET L 1 -36.94 -28.93 -54.73
N TYR L 2 -36.39 -27.84 -54.21
CA TYR L 2 -37.06 -27.04 -53.19
C TYR L 2 -38.13 -26.18 -53.83
N VAL L 3 -39.27 -26.05 -53.15
CA VAL L 3 -40.40 -25.31 -53.66
C VAL L 3 -40.90 -24.33 -52.61
N ARG L 4 -41.60 -23.30 -53.09
CA ARG L 4 -42.23 -22.31 -52.22
C ARG L 4 -43.59 -21.97 -52.79
N ILE L 5 -44.61 -22.01 -51.93
CA ILE L 5 -45.99 -21.68 -52.31
C ILE L 5 -46.43 -20.49 -51.47
N SER L 6 -47.19 -19.59 -52.08
CA SER L 6 -47.69 -18.44 -51.36
C SER L 6 -48.96 -17.94 -52.04
N GLY L 7 -49.73 -17.15 -51.32
CA GLY L 7 -50.92 -16.57 -51.89
C GLY L 7 -51.88 -16.06 -50.83
N ARG L 8 -53.11 -15.82 -51.29
CA ARG L 8 -54.16 -15.24 -50.48
C ARG L 8 -55.39 -16.13 -50.51
N ILE L 9 -55.97 -16.39 -49.34
CA ILE L 9 -57.19 -17.17 -49.20
C ILE L 9 -58.18 -16.35 -48.38
N ARG L 10 -59.41 -16.21 -48.89
CA ARG L 10 -60.44 -15.47 -48.20
C ARG L 10 -61.19 -16.42 -47.26
N LEU L 11 -60.95 -16.28 -45.95
CA LEU L 11 -61.51 -17.18 -44.96
C LEU L 11 -62.67 -16.49 -44.24
N ASN L 12 -63.79 -17.21 -44.11
CA ASN L 12 -64.98 -16.66 -43.49
C ASN L 12 -65.56 -17.66 -42.50
N ALA L 13 -65.96 -17.16 -41.32
CA ALA L 13 -66.61 -17.96 -40.29
C ALA L 13 -65.72 -19.12 -39.84
N HIS L 14 -64.59 -18.77 -39.24
CA HIS L 14 -63.65 -19.75 -38.69
C HIS L 14 -63.33 -19.38 -37.25
N SER L 15 -63.18 -20.42 -36.42
CA SER L 15 -62.80 -20.29 -35.01
C SER L 15 -61.62 -21.19 -34.70
N LEU L 16 -60.64 -21.20 -35.59
CA LEU L 16 -59.49 -22.08 -35.44
C LEU L 16 -58.57 -21.59 -34.32
N ASN L 17 -57.81 -22.53 -33.77
CA ASN L 17 -56.73 -22.26 -32.82
C ASN L 17 -57.26 -21.62 -31.54
N ALA L 18 -58.12 -22.36 -30.85
CA ALA L 18 -58.58 -21.94 -29.54
C ALA L 18 -57.48 -22.14 -28.50
N GLN L 19 -57.43 -21.22 -27.53
CA GLN L 19 -56.45 -21.31 -26.46
C GLN L 19 -56.79 -22.45 -25.50
N GLY L 20 -57.98 -22.40 -24.92
CA GLY L 20 -58.42 -23.44 -24.01
C GLY L 20 -59.91 -23.41 -23.73
N GLY L 21 -60.49 -24.57 -23.41
CA GLY L 21 -61.91 -24.61 -23.09
C GLY L 21 -62.23 -23.85 -21.80
N GLY L 22 -61.42 -24.07 -20.77
CA GLY L 22 -61.60 -23.40 -19.50
C GLY L 22 -62.75 -23.97 -18.70
N GLY L 23 -62.87 -23.47 -17.47
CA GLY L 23 -63.98 -23.89 -16.61
C GLY L 23 -65.32 -23.47 -17.17
N THR L 24 -65.42 -22.22 -17.60
CA THR L 24 -66.63 -21.74 -18.25
C THR L 24 -66.59 -22.08 -19.74
N ASN L 25 -67.77 -22.18 -20.34
CA ASN L 25 -67.90 -22.59 -21.73
C ASN L 25 -67.72 -21.39 -22.65
N TYR L 26 -66.47 -20.92 -22.72
CA TYR L 26 -66.08 -19.84 -23.60
C TYR L 26 -64.86 -20.28 -24.40
N ILE L 27 -64.86 -19.95 -25.69
CA ILE L 27 -63.77 -20.32 -26.60
C ILE L 27 -63.12 -19.04 -27.09
N GLU L 28 -61.80 -18.94 -26.91
CA GLU L 28 -61.03 -17.78 -27.29
C GLU L 28 -60.30 -18.04 -28.61
N ILE L 29 -59.94 -16.95 -29.28
CA ILE L 29 -59.23 -17.03 -30.56
C ILE L 29 -57.86 -16.36 -30.39
N THR L 30 -56.94 -16.71 -31.28
CA THR L 30 -55.57 -16.22 -31.19
C THR L 30 -55.51 -14.71 -31.36
N LYS L 31 -54.64 -14.08 -30.59
CA LYS L 31 -54.42 -12.63 -30.63
C LYS L 31 -53.06 -12.38 -31.26
N THR L 32 -53.04 -11.90 -32.50
CA THR L 32 -51.79 -11.61 -33.22
C THR L 32 -51.98 -10.28 -33.94
N LYS L 33 -51.62 -9.19 -33.26
CA LYS L 33 -51.74 -7.86 -33.84
C LYS L 33 -50.62 -7.61 -34.83
N VAL L 34 -50.91 -6.76 -35.83
CA VAL L 34 -49.98 -6.44 -36.90
C VAL L 34 -49.86 -4.92 -37.00
N THR L 35 -49.03 -4.48 -37.94
CA THR L 35 -48.77 -3.06 -38.16
C THR L 35 -49.17 -2.67 -39.58
N VAL L 36 -49.48 -1.39 -39.76
CA VAL L 36 -49.90 -0.87 -41.06
C VAL L 36 -49.51 0.60 -41.14
N ARG L 37 -49.04 1.02 -42.31
CA ARG L 37 -48.60 2.40 -42.50
C ARG L 37 -49.76 3.37 -42.66
N THR L 38 -50.85 2.92 -43.28
CA THR L 38 -52.02 3.76 -43.58
C THR L 38 -51.53 4.99 -44.35
N GLU L 39 -51.87 6.21 -43.94
CA GLU L 39 -51.37 7.40 -44.60
C GLU L 39 -50.91 8.48 -43.64
N ASN L 40 -51.02 8.27 -42.33
CA ASN L 40 -50.62 9.26 -41.34
C ASN L 40 -49.45 8.82 -40.48
N GLY L 41 -49.38 7.55 -40.11
CA GLY L 41 -48.29 7.06 -39.28
C GLY L 41 -48.35 5.56 -39.18
N TRP L 42 -47.26 4.99 -38.67
CA TRP L 42 -47.11 3.54 -38.53
C TRP L 42 -47.98 3.06 -37.39
N THR L 43 -49.27 2.85 -37.69
CA THR L 43 -50.22 2.43 -36.68
C THR L 43 -50.15 0.91 -36.48
N VAL L 44 -50.67 0.47 -35.34
CA VAL L 44 -50.72 -0.94 -34.99
C VAL L 44 -52.19 -1.32 -34.82
N VAL L 45 -52.63 -2.33 -35.57
CA VAL L 45 -53.99 -2.81 -35.51
C VAL L 45 -53.98 -4.23 -34.94
N GLU L 46 -55.13 -4.65 -34.44
CA GLU L 46 -55.28 -5.98 -33.85
C GLU L 46 -56.27 -6.79 -34.66
N VAL L 47 -55.90 -8.04 -34.97
CA VAL L 47 -56.74 -8.93 -35.74
C VAL L 47 -56.37 -10.37 -35.41
N PRO L 48 -57.34 -11.26 -35.22
CA PRO L 48 -57.02 -12.67 -35.01
C PRO L 48 -56.34 -13.27 -36.23
N ALA L 49 -55.44 -14.23 -35.99
CA ALA L 49 -54.65 -14.85 -37.04
C ALA L 49 -54.58 -16.35 -36.83
N ILE L 50 -53.88 -17.02 -37.72
CA ILE L 50 -53.69 -18.47 -37.67
C ILE L 50 -52.19 -18.75 -37.61
N THR L 51 -51.76 -19.50 -36.61
CA THR L 51 -50.34 -19.76 -36.42
C THR L 51 -49.87 -20.89 -37.33
N GLY L 52 -48.58 -20.82 -37.69
CA GLY L 52 -47.98 -21.83 -38.54
C GLY L 52 -47.67 -23.14 -37.87
N ASN L 53 -47.66 -23.16 -36.53
CA ASN L 53 -47.52 -24.42 -35.81
C ASN L 53 -48.65 -25.37 -36.16
N MET L 54 -49.81 -24.83 -36.52
CA MET L 54 -50.94 -25.65 -36.95
C MET L 54 -50.84 -26.01 -38.43
N LEU L 55 -50.24 -25.12 -39.23
CA LEU L 55 -49.95 -25.46 -40.62
C LEU L 55 -49.03 -26.67 -40.69
N LYS L 56 -48.01 -26.71 -39.83
CA LYS L 56 -47.11 -27.87 -39.81
C LYS L 56 -47.84 -29.13 -39.37
N HIS L 57 -48.72 -29.02 -38.37
CA HIS L 57 -49.47 -30.18 -37.91
C HIS L 57 -50.37 -30.72 -39.02
N TRP L 58 -51.06 -29.84 -39.73
CA TRP L 58 -51.91 -30.29 -40.82
C TRP L 58 -51.08 -30.78 -42.00
N HIS L 59 -49.87 -30.26 -42.18
CA HIS L 59 -48.96 -30.81 -43.18
C HIS L 59 -48.62 -32.25 -42.86
N PHE L 60 -48.32 -32.54 -41.58
CA PHE L 60 -48.07 -33.91 -41.17
C PHE L 60 -49.30 -34.78 -41.37
N VAL L 61 -50.48 -34.24 -41.05
CA VAL L 61 -51.71 -35.01 -41.23
C VAL L 61 -51.92 -35.35 -42.69
N GLY L 62 -51.78 -34.37 -43.57
CA GLY L 62 -51.93 -34.64 -45.00
C GLY L 62 -50.89 -35.61 -45.52
N PHE L 63 -49.65 -35.50 -45.01
CA PHE L 63 -48.60 -36.41 -45.42
C PHE L 63 -48.93 -37.84 -45.02
N VAL L 64 -49.43 -38.05 -43.80
CA VAL L 64 -49.71 -39.41 -43.36
C VAL L 64 -50.95 -39.96 -44.06
N ASP L 65 -51.92 -39.10 -44.43
CA ASP L 65 -53.06 -39.61 -45.20
C ASP L 65 -52.67 -39.94 -46.64
N TYR L 66 -51.78 -39.15 -47.24
CA TYR L 66 -51.42 -39.33 -48.64
C TYR L 66 -50.18 -40.19 -48.83
N PHE L 67 -49.63 -40.74 -47.75
CA PHE L 67 -48.50 -41.65 -47.84
C PHE L 67 -48.89 -43.12 -47.88
N LYS L 68 -50.11 -43.47 -47.44
CA LYS L 68 -50.52 -44.88 -47.45
C LYS L 68 -50.69 -45.39 -48.87
N THR L 69 -50.92 -44.50 -49.84
CA THR L 69 -51.08 -44.93 -51.23
C THR L 69 -49.80 -45.53 -51.79
N THR L 70 -48.64 -45.04 -51.35
CA THR L 70 -47.38 -45.57 -51.84
C THR L 70 -47.17 -47.00 -51.35
N PRO L 71 -46.53 -47.84 -52.16
CA PRO L 71 -46.24 -49.21 -51.69
C PRO L 71 -45.32 -49.27 -50.49
N TYR L 72 -44.55 -48.21 -50.23
CA TYR L 72 -43.62 -48.16 -49.10
C TYR L 72 -44.19 -47.39 -47.93
N GLY L 73 -45.51 -47.49 -47.69
CA GLY L 73 -46.17 -46.81 -46.61
C GLY L 73 -46.06 -47.46 -45.26
N VAL L 74 -45.34 -48.58 -45.15
CA VAL L 74 -45.18 -49.26 -43.86
C VAL L 74 -44.11 -48.59 -43.00
N ASN L 75 -43.26 -47.74 -43.59
CA ASN L 75 -42.16 -47.11 -42.86
C ASN L 75 -42.66 -45.90 -42.05
N LEU L 76 -43.64 -46.17 -41.18
CA LEU L 76 -44.19 -45.14 -40.31
C LEU L 76 -44.13 -45.57 -38.86
N THR L 77 -44.77 -44.81 -37.97
CA THR L 77 -44.81 -45.10 -36.55
C THR L 77 -46.25 -45.10 -36.07
N GLU L 78 -46.45 -45.55 -34.83
CA GLU L 78 -47.79 -45.55 -34.25
C GLU L 78 -48.30 -44.13 -34.04
N ARG L 79 -47.40 -43.17 -33.81
CA ARG L 79 -47.84 -41.79 -33.64
C ARG L 79 -48.27 -41.16 -34.95
N ALA L 80 -47.74 -41.64 -36.08
CA ALA L 80 -48.15 -41.10 -37.37
C ALA L 80 -49.55 -41.57 -37.74
N LEU L 81 -49.86 -42.84 -37.48
CA LEU L 81 -51.17 -43.38 -37.83
C LEU L 81 -52.28 -42.78 -36.98
N ARG L 82 -51.95 -42.27 -35.79
CA ARG L 82 -52.94 -41.66 -34.91
C ARG L 82 -52.93 -40.14 -35.00
N TYR L 83 -52.26 -39.57 -36.00
CA TYR L 83 -52.18 -38.12 -36.20
C TYR L 83 -51.53 -37.42 -35.02
N ASN L 84 -50.66 -38.10 -34.29
CA ASN L 84 -50.01 -37.50 -33.13
C ASN L 84 -48.93 -36.54 -33.59
N GLY L 85 -49.02 -35.28 -33.12
CA GLY L 85 -48.08 -34.27 -33.56
C GLY L 85 -46.66 -34.53 -33.08
N THR L 86 -46.51 -34.92 -31.82
CA THR L 86 -45.18 -35.11 -31.26
C THR L 86 -44.51 -36.35 -31.85
N ARG L 87 -43.18 -36.30 -31.94
CA ARG L 87 -42.41 -37.44 -32.42
C ARG L 87 -41.93 -38.31 -31.26
N PHE L 88 -41.15 -37.73 -30.35
CA PHE L 88 -40.64 -38.44 -29.18
C PHE L 88 -40.56 -37.44 -28.03
N GLY L 89 -41.56 -37.46 -27.17
CA GLY L 89 -41.60 -36.56 -26.03
C GLY L 89 -40.69 -37.03 -24.90
N GLN L 90 -40.73 -36.27 -23.81
CA GLN L 90 -39.93 -36.60 -22.64
C GLN L 90 -40.45 -37.87 -21.99
N GLY L 91 -39.56 -38.83 -21.76
CA GLY L 91 -39.94 -40.07 -21.12
C GLY L 91 -39.52 -41.31 -21.89
N GLU L 92 -39.55 -41.25 -23.21
CA GLU L 92 -39.21 -42.38 -24.06
C GLU L 92 -38.03 -42.02 -24.96
N THR L 93 -37.20 -43.04 -25.24
CA THR L 93 -36.02 -42.85 -26.08
C THR L 93 -35.95 -43.85 -27.23
N THR L 94 -37.02 -44.60 -27.48
CA THR L 94 -37.06 -45.58 -28.54
C THR L 94 -38.19 -45.26 -29.51
N ALA L 95 -38.04 -45.74 -30.74
CA ALA L 95 -39.02 -45.50 -31.80
C ALA L 95 -39.84 -46.76 -32.03
N THR L 96 -41.15 -46.62 -32.00
CA THR L 96 -42.06 -47.74 -32.22
C THR L 96 -42.44 -47.79 -33.70
N LYS L 97 -42.03 -48.85 -34.38
CA LYS L 97 -42.38 -49.04 -35.77
C LYS L 97 -43.87 -49.33 -35.90
N ALA L 98 -44.48 -48.81 -36.97
CA ALA L 98 -45.90 -49.03 -37.19
C ALA L 98 -46.22 -50.51 -37.36
N ASN L 99 -45.24 -51.30 -37.82
CA ASN L 99 -45.42 -52.75 -37.89
C ASN L 99 -45.41 -53.42 -36.53
N GLY L 100 -44.97 -52.72 -35.49
CA GLY L 100 -44.92 -53.29 -34.16
C GLY L 100 -43.53 -53.67 -33.71
N ALA L 101 -42.55 -52.82 -34.02
CA ALA L 101 -41.16 -53.06 -33.67
C ALA L 101 -40.62 -51.85 -32.91
N THR L 102 -39.93 -52.11 -31.80
CA THR L 102 -39.30 -51.08 -30.99
C THR L 102 -37.82 -51.05 -31.31
N VAL L 103 -37.31 -49.89 -31.70
CA VAL L 103 -35.92 -49.73 -32.15
C VAL L 103 -35.25 -48.67 -31.29
N GLN L 104 -34.00 -48.95 -30.90
CA GLN L 104 -33.19 -47.97 -30.20
C GLN L 104 -32.92 -46.75 -31.07
N LEU L 105 -32.56 -45.64 -30.40
CA LEU L 105 -32.30 -44.36 -31.07
C LEU L 105 -30.94 -43.83 -30.62
N ASN L 106 -29.90 -44.17 -31.39
CA ASN L 106 -28.58 -43.57 -31.19
C ASN L 106 -27.93 -43.10 -32.49
N ASP L 107 -28.56 -43.28 -33.65
CA ASP L 107 -28.04 -42.78 -34.91
C ASP L 107 -29.17 -42.12 -35.68
N GLU L 108 -28.93 -40.90 -36.16
CA GLU L 108 -29.96 -40.18 -36.91
C GLU L 108 -30.20 -40.81 -38.27
N ALA L 109 -29.15 -41.32 -38.91
CA ALA L 109 -29.31 -41.93 -40.23
C ALA L 109 -30.23 -43.15 -40.17
N THR L 110 -30.08 -43.97 -39.13
CA THR L 110 -30.91 -45.17 -39.01
C THR L 110 -32.38 -44.82 -38.84
N ILE L 111 -32.69 -43.73 -38.14
CA ILE L 111 -34.08 -43.33 -37.95
C ILE L 111 -34.73 -43.01 -39.29
N ILE L 112 -34.02 -42.26 -40.14
CA ILE L 112 -34.56 -41.92 -41.45
C ILE L 112 -34.62 -43.15 -42.34
N LYS L 113 -33.63 -44.04 -42.24
CA LYS L 113 -33.60 -45.22 -43.10
C LYS L 113 -34.74 -46.18 -42.77
N GLU L 114 -34.97 -46.45 -41.49
CA GLU L 114 -35.96 -47.46 -41.09
C GLU L 114 -37.39 -46.98 -41.22
N LEU L 115 -37.63 -45.67 -41.19
CA LEU L 115 -38.99 -45.16 -41.19
C LEU L 115 -39.03 -43.78 -41.83
N ALA L 116 -40.17 -43.46 -42.44
CA ALA L 116 -40.37 -42.18 -43.12
C ALA L 116 -41.14 -41.19 -42.27
N ASP L 117 -41.35 -41.47 -40.99
CA ASP L 117 -41.96 -40.49 -40.11
C ASP L 117 -41.02 -39.33 -39.82
N ALA L 118 -39.77 -39.64 -39.47
CA ALA L 118 -38.77 -38.62 -39.15
C ALA L 118 -37.88 -38.37 -40.37
N ASP L 119 -38.48 -37.80 -41.39
CA ASP L 119 -37.78 -37.47 -42.63
C ASP L 119 -37.90 -35.99 -42.99
N VAL L 120 -39.07 -35.39 -42.79
CA VAL L 120 -39.30 -34.01 -43.18
C VAL L 120 -39.72 -33.13 -42.02
N HIS L 121 -40.21 -33.70 -40.91
CA HIS L 121 -40.69 -32.92 -39.77
C HIS L 121 -39.72 -32.89 -38.60
N GLY L 122 -38.52 -33.45 -38.76
CA GLY L 122 -37.55 -33.44 -37.67
C GLY L 122 -37.97 -34.37 -36.54
N PHE L 123 -37.18 -34.32 -35.47
CA PHE L 123 -37.48 -35.12 -34.28
C PHE L 123 -36.72 -34.53 -33.10
N LEU L 124 -36.93 -35.15 -31.93
CA LEU L 124 -36.26 -34.72 -30.70
C LEU L 124 -36.16 -35.91 -29.77
N ALA L 125 -35.00 -36.05 -29.11
CA ALA L 125 -34.74 -37.10 -28.14
C ALA L 125 -33.58 -36.67 -27.25
N PRO L 126 -33.82 -35.83 -26.26
CA PRO L 126 -32.72 -35.37 -25.39
C PRO L 126 -32.15 -36.46 -24.50
N LYS L 127 -32.84 -37.59 -24.36
CA LYS L 127 -32.32 -38.69 -23.55
C LYS L 127 -31.01 -39.23 -24.12
N THR L 128 -30.93 -39.36 -25.44
CA THR L 128 -29.70 -39.77 -26.10
C THR L 128 -29.04 -38.66 -26.90
N GLY L 129 -29.68 -37.51 -27.05
CA GLY L 129 -29.12 -36.40 -27.78
C GLY L 129 -29.52 -36.32 -29.24
N ARG L 130 -30.50 -37.10 -29.67
CA ARG L 130 -30.89 -37.09 -31.07
C ARG L 130 -31.72 -35.84 -31.38
N ARG L 131 -31.39 -35.16 -32.47
CA ARG L 131 -32.09 -33.93 -32.82
C ARG L 131 -31.92 -33.67 -34.30
N ARG L 132 -33.03 -33.32 -34.96
CA ARG L 132 -33.00 -32.98 -36.38
C ARG L 132 -34.13 -32.01 -36.68
N VAL L 133 -33.78 -30.92 -37.35
CA VAL L 133 -34.74 -29.87 -37.70
C VAL L 133 -35.61 -30.35 -38.85
N SER L 134 -36.80 -29.76 -38.96
CA SER L 134 -37.72 -30.09 -40.04
C SER L 134 -37.29 -29.43 -41.33
N LEU L 135 -37.92 -29.85 -42.43
CA LEU L 135 -37.72 -29.24 -43.74
C LEU L 135 -38.85 -28.34 -44.16
N VAL L 136 -40.08 -28.64 -43.75
CA VAL L 136 -41.23 -27.78 -44.05
C VAL L 136 -41.21 -26.58 -43.12
N LYS L 137 -41.45 -25.40 -43.68
CA LYS L 137 -41.49 -24.15 -42.93
C LYS L 137 -42.81 -23.46 -43.21
N ALA L 138 -43.54 -23.14 -42.16
CA ALA L 138 -44.88 -22.58 -42.26
C ALA L 138 -44.93 -21.21 -41.59
N SER L 139 -45.41 -20.21 -42.32
CA SER L 139 -45.53 -18.86 -41.80
C SER L 139 -46.87 -18.67 -41.09
N PHE L 140 -47.01 -17.52 -40.43
CA PHE L 140 -48.25 -17.18 -39.75
C PHE L 140 -49.26 -16.63 -40.76
N ILE L 141 -50.48 -17.15 -40.73
CA ILE L 141 -51.53 -16.75 -41.66
C ILE L 141 -52.07 -15.40 -41.21
N LEU L 142 -51.85 -14.38 -42.02
CA LEU L 142 -52.22 -13.01 -41.67
C LEU L 142 -53.07 -12.39 -42.77
N PRO L 143 -53.99 -11.50 -42.43
CA PRO L 143 -54.76 -10.80 -43.47
C PRO L 143 -53.89 -9.82 -44.23
N THR L 144 -54.25 -9.60 -45.49
CA THR L 144 -53.51 -8.67 -46.33
C THR L 144 -53.73 -7.24 -45.85
N GLU L 145 -52.72 -6.39 -46.08
CA GLU L 145 -52.84 -4.98 -45.72
C GLU L 145 -53.89 -4.27 -46.55
N ASP L 146 -54.22 -4.78 -47.74
CA ASP L 146 -55.31 -4.22 -48.51
C ASP L 146 -56.63 -4.34 -47.77
N PHE L 147 -56.86 -5.49 -47.12
CA PHE L 147 -58.04 -5.64 -46.28
C PHE L 147 -58.01 -4.69 -45.09
N ILE L 148 -56.83 -4.47 -44.51
CA ILE L 148 -56.70 -3.55 -43.39
C ILE L 148 -56.89 -2.10 -43.83
N LYS L 149 -56.75 -1.82 -45.12
CA LYS L 149 -56.94 -0.46 -45.61
C LYS L 149 -58.36 0.02 -45.39
N GLU L 150 -59.34 -0.88 -45.48
CA GLU L 150 -60.75 -0.56 -45.27
C GLU L 150 -61.37 -1.45 -44.20
N VAL L 151 -60.60 -1.73 -43.14
CA VAL L 151 -61.09 -2.61 -42.09
C VAL L 151 -61.82 -1.84 -40.99
N GLU L 152 -61.46 -0.58 -40.76
CA GLU L 152 -62.03 0.32 -39.76
C GLU L 152 -62.33 -0.37 -38.43
N GLY L 153 -61.45 -1.30 -38.03
CA GLY L 153 -61.55 -1.92 -36.72
C GLY L 153 -62.67 -2.93 -36.55
N GLU L 154 -63.58 -2.63 -35.63
CA GLU L 154 -64.73 -3.47 -35.23
C GLU L 154 -64.33 -4.91 -34.86
N ARG L 155 -63.04 -5.16 -34.69
CA ARG L 155 -62.50 -6.34 -34.01
C ARG L 155 -62.71 -7.63 -34.82
N LEU L 156 -63.49 -7.57 -35.89
CA LEU L 156 -63.81 -8.73 -36.73
C LEU L 156 -64.09 -9.99 -35.93
N ILE L 157 -64.84 -9.89 -34.85
CA ILE L 157 -65.16 -11.02 -34.00
C ILE L 157 -66.67 -11.06 -33.78
N THR L 158 -67.28 -12.21 -34.05
CA THR L 158 -68.71 -12.41 -33.86
C THR L 158 -68.93 -13.53 -32.87
N ALA L 159 -69.76 -13.27 -31.85
CA ALA L 159 -70.05 -14.25 -30.82
C ALA L 159 -71.42 -14.88 -31.07
N ILE L 160 -71.45 -16.21 -31.15
CA ILE L 160 -72.68 -16.95 -31.36
C ILE L 160 -72.88 -17.90 -30.18
N LYS L 161 -74.11 -17.98 -29.69
CA LYS L 161 -74.43 -18.71 -28.47
C LYS L 161 -75.39 -19.85 -28.79
N HIS L 162 -75.21 -20.97 -28.08
CA HIS L 162 -76.04 -22.15 -28.23
C HIS L 162 -76.34 -22.71 -26.84
N ASN L 163 -77.01 -23.86 -26.81
CA ASN L 163 -77.33 -24.56 -25.58
C ASN L 163 -76.81 -25.99 -25.66
N ARG L 164 -76.41 -26.53 -24.51
CA ARG L 164 -75.89 -27.89 -24.44
C ARG L 164 -77.03 -28.90 -24.32
N THR L 180 -76.11 -32.05 -14.93
CA THR L 180 -76.91 -31.03 -15.58
C THR L 180 -76.97 -31.26 -17.09
N ALA L 181 -75.82 -31.06 -17.76
CA ALA L 181 -75.71 -31.19 -19.20
C ALA L 181 -76.69 -30.27 -19.93
N GLN L 182 -76.93 -29.10 -19.36
CA GLN L 182 -77.74 -28.06 -20.00
C GLN L 182 -77.08 -26.72 -19.70
N MET L 183 -76.45 -26.12 -20.70
CA MET L 183 -75.77 -24.84 -20.50
C MET L 183 -75.69 -24.12 -21.83
N LEU L 184 -75.69 -22.79 -21.76
CA LEU L 184 -75.54 -21.93 -22.92
C LEU L 184 -74.07 -21.59 -23.09
N PHE L 185 -73.51 -21.88 -24.26
CA PHE L 185 -72.09 -21.70 -24.53
C PHE L 185 -71.89 -20.82 -25.75
N SER L 186 -70.84 -20.01 -25.71
CA SER L 186 -70.58 -19.00 -26.73
C SER L 186 -69.26 -19.28 -27.43
N ARG L 187 -69.23 -19.01 -28.74
CA ARG L 187 -68.05 -19.17 -29.57
C ARG L 187 -67.83 -17.91 -30.38
N GLU L 188 -66.58 -17.48 -30.50
CA GLU L 188 -66.22 -16.30 -31.28
C GLU L 188 -65.59 -16.75 -32.60
N TYR L 189 -66.05 -16.16 -33.70
CA TYR L 189 -65.56 -16.47 -35.02
C TYR L 189 -65.05 -15.20 -35.68
N ALA L 190 -64.18 -15.38 -36.68
CA ALA L 190 -63.57 -14.27 -37.39
C ALA L 190 -63.53 -14.57 -38.88
N THR L 191 -63.21 -13.54 -39.66
CA THR L 191 -63.11 -13.67 -41.10
C THR L 191 -62.06 -12.68 -41.61
N GLY L 192 -61.88 -12.67 -42.92
CA GLY L 192 -60.93 -11.78 -43.55
C GLY L 192 -60.35 -12.42 -44.80
N LEU L 193 -59.34 -11.75 -45.35
CA LEU L 193 -58.62 -12.22 -46.53
C LEU L 193 -57.19 -12.50 -46.07
N TYR L 194 -56.96 -13.72 -45.58
CA TYR L 194 -55.70 -14.11 -45.00
C TYR L 194 -54.68 -14.44 -46.09
N GLY L 195 -53.42 -14.55 -45.69
CA GLY L 195 -52.36 -14.92 -46.61
C GLY L 195 -51.56 -16.10 -46.07
N PHE L 196 -51.05 -16.90 -47.01
CA PHE L 196 -50.32 -18.11 -46.66
C PHE L 196 -49.01 -18.15 -47.43
N SER L 197 -48.02 -18.80 -46.82
CA SER L 197 -46.72 -19.01 -47.46
C SER L 197 -46.06 -20.21 -46.80
N ILE L 198 -45.81 -21.26 -47.58
CA ILE L 198 -45.22 -22.50 -47.10
C ILE L 198 -43.98 -22.80 -47.94
N VAL L 199 -42.88 -23.14 -47.28
CA VAL L 199 -41.60 -23.40 -47.92
C VAL L 199 -41.26 -24.87 -47.70
N LEU L 200 -41.05 -25.61 -48.79
CA LEU L 200 -40.65 -27.00 -48.71
C LEU L 200 -39.20 -27.13 -49.18
N ASP L 201 -38.32 -27.45 -48.24
CA ASP L 201 -36.94 -27.81 -48.55
C ASP L 201 -36.80 -29.31 -48.78
N LEU L 202 -37.64 -29.83 -49.67
CA LEU L 202 -37.76 -31.28 -49.89
C LEU L 202 -36.57 -31.76 -50.73
N GLY L 203 -35.40 -31.72 -50.09
CA GLY L 203 -34.19 -32.18 -50.74
C GLY L 203 -33.25 -32.91 -49.79
N LEU L 204 -33.68 -33.05 -48.54
CA LEU L 204 -32.90 -33.73 -47.52
C LEU L 204 -33.52 -35.06 -47.11
N VAL L 205 -34.26 -35.69 -48.03
CA VAL L 205 -34.89 -36.98 -47.75
C VAL L 205 -33.80 -38.05 -47.72
N GLY L 206 -33.71 -38.77 -46.61
CA GLY L 206 -32.62 -39.71 -46.44
C GLY L 206 -31.26 -39.08 -46.31
N ILE L 207 -31.20 -37.82 -45.88
CA ILE L 207 -29.95 -37.08 -45.78
C ILE L 207 -29.77 -36.63 -44.34
N PRO L 208 -29.18 -37.46 -43.47
CA PRO L 208 -28.92 -37.01 -42.10
C PRO L 208 -27.85 -35.93 -42.07
N GLN L 209 -27.99 -35.03 -41.09
CA GLN L 209 -27.00 -33.97 -40.92
C GLN L 209 -25.69 -34.47 -40.35
N GLY L 210 -25.69 -35.63 -39.70
CA GLY L 210 -24.45 -36.17 -39.17
C GLY L 210 -23.50 -36.65 -40.25
N LEU L 211 -24.03 -37.01 -41.41
CA LEU L 211 -23.21 -37.47 -42.54
C LEU L 211 -24.01 -37.26 -43.82
N PRO L 212 -24.08 -36.02 -44.31
CA PRO L 212 -24.90 -35.75 -45.50
C PRO L 212 -24.17 -35.91 -46.82
N VAL L 213 -22.83 -35.93 -46.82
CA VAL L 213 -22.07 -35.98 -48.06
C VAL L 213 -21.04 -37.10 -47.98
N LYS L 214 -20.57 -37.51 -49.15
CA LYS L 214 -19.59 -38.58 -49.30
C LYS L 214 -18.22 -38.08 -49.72
N PHE L 215 -18.14 -37.36 -50.84
CA PHE L 215 -16.88 -36.88 -51.41
C PHE L 215 -15.91 -38.04 -51.62
N GLU L 216 -16.39 -39.07 -52.33
CA GLU L 216 -15.56 -40.24 -52.58
C GLU L 216 -14.34 -39.88 -53.42
N GLU L 217 -14.52 -39.05 -54.45
CA GLU L 217 -13.43 -38.54 -55.26
C GLU L 217 -13.38 -37.02 -55.22
N ASN L 218 -13.68 -36.48 -54.03
CA ASN L 218 -13.70 -35.03 -53.79
C ASN L 218 -14.69 -34.32 -54.71
N GLN L 219 -15.92 -34.82 -54.70
CA GLN L 219 -17.02 -34.21 -55.44
C GLN L 219 -18.24 -34.16 -54.54
N PRO L 220 -19.07 -33.13 -54.69
CA PRO L 220 -20.28 -33.03 -53.85
C PRO L 220 -21.34 -34.02 -54.31
N ARG L 221 -21.80 -34.85 -53.37
CA ARG L 221 -22.85 -35.81 -53.65
C ARG L 221 -23.59 -36.11 -52.36
N PRO L 222 -24.92 -35.96 -52.33
CA PRO L 222 -25.66 -36.22 -51.09
C PRO L 222 -25.59 -37.68 -50.70
N ASN L 223 -25.64 -37.92 -49.38
CA ASN L 223 -25.58 -39.27 -48.82
C ASN L 223 -26.97 -39.89 -48.87
N ILE L 224 -27.31 -40.43 -50.04
CA ILE L 224 -28.58 -41.11 -50.23
C ILE L 224 -28.53 -42.46 -49.53
N VAL L 225 -29.07 -42.53 -48.32
CA VAL L 225 -29.04 -43.78 -47.56
C VAL L 225 -30.27 -44.64 -47.84
N ILE L 226 -31.38 -44.02 -48.22
CA ILE L 226 -32.61 -44.75 -48.54
C ILE L 226 -32.57 -45.17 -50.00
N ASP L 227 -33.44 -46.10 -50.37
CA ASP L 227 -33.49 -46.56 -51.75
C ASP L 227 -33.94 -45.41 -52.66
N PRO L 228 -33.26 -45.16 -53.78
CA PRO L 228 -33.66 -44.05 -54.65
C PRO L 228 -35.08 -44.14 -55.16
N ASN L 229 -35.57 -45.35 -55.48
CA ASN L 229 -36.97 -45.50 -55.83
C ASN L 229 -37.87 -45.15 -54.65
N GLU L 230 -37.48 -45.58 -53.45
CA GLU L 230 -38.19 -45.17 -52.24
C GLU L 230 -38.11 -43.66 -52.05
N ARG L 231 -36.96 -43.07 -52.37
CA ARG L 231 -36.82 -41.62 -52.27
C ARG L 231 -37.81 -40.92 -53.19
N LYS L 232 -37.93 -41.39 -54.43
CA LYS L 232 -38.89 -40.79 -55.36
C LYS L 232 -40.33 -40.97 -54.88
N ALA L 233 -40.67 -42.20 -54.46
CA ALA L 233 -42.03 -42.47 -54.01
C ALA L 233 -42.37 -41.70 -52.74
N ARG L 234 -41.36 -41.28 -51.97
CA ARG L 234 -41.58 -40.48 -50.77
C ARG L 234 -41.68 -39.00 -51.08
N ILE L 235 -40.83 -38.49 -51.98
CA ILE L 235 -40.89 -37.07 -52.32
C ILE L 235 -42.18 -36.76 -53.09
N GLU L 236 -42.65 -37.71 -53.90
CA GLU L 236 -43.93 -37.50 -54.60
C GLU L 236 -45.07 -37.36 -53.59
N SER L 237 -45.10 -38.23 -52.58
CA SER L 237 -46.13 -38.12 -51.55
C SER L 237 -45.99 -36.82 -50.76
N ALA L 238 -44.75 -36.43 -50.46
CA ALA L 238 -44.53 -35.18 -49.72
C ALA L 238 -45.03 -33.98 -50.51
N LEU L 239 -44.77 -33.95 -51.82
CA LEU L 239 -45.21 -32.82 -52.62
C LEU L 239 -46.71 -32.83 -52.87
N LYS L 240 -47.33 -34.02 -52.95
CA LYS L 240 -48.77 -34.11 -53.14
C LYS L 240 -49.53 -33.98 -51.82
N ALA L 241 -48.84 -33.94 -50.69
CA ALA L 241 -49.46 -33.72 -49.40
C ALA L 241 -50.01 -32.30 -49.23
N LEU L 242 -49.72 -31.41 -50.17
CA LEU L 242 -50.25 -30.05 -50.10
C LEU L 242 -51.74 -29.99 -50.42
N ILE L 243 -52.30 -31.04 -51.01
CA ILE L 243 -53.70 -31.00 -51.42
C ILE L 243 -54.66 -30.85 -50.25
N PRO L 244 -54.58 -31.64 -49.17
CA PRO L 244 -55.60 -31.51 -48.12
C PRO L 244 -55.48 -30.23 -47.32
N MET L 245 -54.26 -29.75 -47.04
CA MET L 245 -54.12 -28.52 -46.27
C MET L 245 -54.67 -27.32 -47.03
N LEU L 246 -54.43 -27.25 -48.34
CA LEU L 246 -55.01 -26.18 -49.16
C LEU L 246 -56.34 -26.61 -49.75
N SER L 247 -57.21 -27.15 -48.90
CA SER L 247 -58.58 -27.48 -49.28
C SER L 247 -59.61 -27.11 -48.22
N GLY L 248 -59.24 -26.94 -46.97
CA GLY L 248 -60.18 -26.64 -45.91
C GLY L 248 -59.83 -27.29 -44.59
N TYR L 249 -58.97 -28.32 -44.62
CA TYR L 249 -58.51 -29.00 -43.41
C TYR L 249 -57.28 -28.27 -42.87
N ILE L 250 -57.53 -27.19 -42.14
CA ILE L 250 -56.45 -26.41 -41.56
C ILE L 250 -56.99 -25.66 -40.35
N GLY L 251 -56.17 -25.55 -39.31
CA GLY L 251 -56.55 -24.85 -38.10
C GLY L 251 -56.81 -25.77 -36.92
N ALA L 252 -57.81 -25.43 -36.12
CA ALA L 252 -58.20 -26.26 -34.99
C ALA L 252 -59.72 -26.22 -34.85
N ASN L 253 -60.27 -27.25 -34.22
CA ASN L 253 -61.71 -27.42 -34.06
C ASN L 253 -62.42 -27.35 -35.41
N LEU L 254 -61.89 -28.13 -36.37
CA LEU L 254 -62.42 -28.11 -37.73
C LEU L 254 -63.79 -28.76 -37.83
N ALA L 255 -64.16 -29.63 -36.89
CA ALA L 255 -65.36 -30.45 -37.05
C ALA L 255 -66.62 -29.62 -37.28
N ARG L 256 -66.58 -28.33 -36.94
CA ARG L 256 -67.73 -27.44 -37.15
C ARG L 256 -67.38 -26.13 -37.84
N SER L 257 -66.10 -25.73 -37.90
CA SER L 257 -65.78 -24.38 -38.38
C SER L 257 -65.76 -24.30 -39.90
N PHE L 258 -64.77 -24.97 -40.55
CA PHE L 258 -64.65 -25.01 -42.00
C PHE L 258 -64.90 -23.67 -42.70
N PRO L 259 -63.94 -22.75 -42.62
CA PRO L 259 -64.08 -21.50 -43.38
C PRO L 259 -64.13 -21.77 -44.87
N VAL L 260 -64.85 -20.91 -45.59
CA VAL L 260 -64.97 -21.06 -47.03
C VAL L 260 -63.58 -20.88 -47.65
N PHE L 261 -63.19 -21.83 -48.49
CA PHE L 261 -61.87 -21.85 -49.09
C PHE L 261 -61.98 -21.62 -50.60
N LYS L 262 -61.22 -20.66 -51.10
CA LYS L 262 -61.14 -20.39 -52.53
C LYS L 262 -59.85 -19.62 -52.79
N VAL L 263 -59.18 -19.97 -53.88
CA VAL L 263 -57.92 -19.35 -54.24
C VAL L 263 -58.21 -18.19 -55.20
N GLU L 264 -57.77 -16.99 -54.82
CA GLU L 264 -57.91 -15.81 -55.66
C GLU L 264 -56.57 -15.16 -56.00
N GLU L 265 -55.47 -15.64 -55.42
CA GLU L 265 -54.14 -15.11 -55.71
C GLU L 265 -53.14 -16.18 -55.30
N LEU L 266 -52.43 -16.76 -56.27
CA LEU L 266 -51.53 -17.87 -55.98
C LEU L 266 -50.23 -17.70 -56.75
N VAL L 267 -49.12 -17.91 -56.06
CA VAL L 267 -47.78 -17.87 -56.66
C VAL L 267 -46.99 -19.09 -56.17
N ALA L 268 -46.22 -19.68 -57.07
CA ALA L 268 -45.42 -20.85 -56.76
C ALA L 268 -44.09 -20.76 -57.47
N ILE L 269 -43.02 -21.03 -56.73
CA ILE L 269 -41.65 -20.95 -57.24
C ILE L 269 -40.95 -22.25 -56.92
N ALA L 270 -40.56 -23.00 -57.96
CA ALA L 270 -39.94 -24.30 -57.74
C ALA L 270 -38.56 -24.32 -58.40
N SER L 271 -37.63 -25.06 -57.79
CA SER L 271 -36.28 -25.17 -58.33
C SER L 271 -35.66 -26.46 -57.84
N GLU L 272 -34.46 -26.76 -58.35
CA GLU L 272 -33.71 -27.94 -57.95
C GLU L 272 -32.62 -27.63 -56.93
N GLY L 273 -31.83 -26.58 -57.17
CA GLY L 273 -30.79 -26.18 -56.26
C GLY L 273 -31.33 -25.35 -55.12
N PRO L 274 -30.44 -24.87 -54.26
CA PRO L 274 -30.87 -24.03 -53.12
C PRO L 274 -31.51 -22.74 -53.60
N ILE L 275 -32.78 -22.55 -53.24
CA ILE L 275 -33.57 -21.40 -53.65
C ILE L 275 -34.08 -20.72 -52.39
N PRO L 276 -34.07 -19.38 -52.31
CA PRO L 276 -34.56 -18.71 -51.09
C PRO L 276 -36.07 -18.73 -50.96
N ALA L 277 -36.59 -18.11 -49.91
CA ALA L 277 -38.02 -18.11 -49.62
C ALA L 277 -38.71 -16.97 -50.38
N LEU L 278 -39.94 -16.66 -49.98
CA LEU L 278 -40.75 -15.65 -50.64
C LEU L 278 -41.36 -14.73 -49.59
N VAL L 279 -41.66 -13.50 -50.01
CA VAL L 279 -42.42 -12.59 -49.16
C VAL L 279 -43.80 -13.16 -48.92
N HIS L 280 -44.24 -13.12 -47.66
CA HIS L 280 -45.55 -13.66 -47.31
C HIS L 280 -46.67 -12.78 -47.82
N GLY L 281 -47.81 -13.39 -48.11
CA GLY L 281 -48.97 -12.66 -48.60
C GLY L 281 -49.71 -11.90 -47.52
N PHE L 282 -49.01 -11.00 -46.84
CA PHE L 282 -49.59 -10.17 -45.79
C PHE L 282 -49.59 -8.69 -46.11
N TYR L 283 -48.68 -8.22 -46.96
CA TYR L 283 -48.49 -6.81 -47.22
C TYR L 283 -49.35 -6.36 -48.41
N GLU L 284 -49.56 -5.04 -48.48
CA GLU L 284 -50.44 -4.48 -49.50
C GLU L 284 -49.85 -4.61 -50.89
N ASP L 285 -48.53 -4.51 -51.03
CA ASP L 285 -47.87 -4.54 -52.35
C ASP L 285 -46.68 -5.48 -52.27
N TYR L 286 -46.94 -6.76 -52.55
CA TYR L 286 -45.89 -7.75 -52.68
C TYR L 286 -45.84 -8.39 -54.06
N ILE L 287 -46.74 -8.02 -54.97
CA ILE L 287 -46.73 -8.57 -56.32
C ILE L 287 -45.46 -8.16 -57.06
N GLU L 288 -45.06 -6.89 -56.91
CA GLU L 288 -43.82 -6.44 -57.55
C GLU L 288 -42.61 -7.17 -56.96
N ALA L 289 -42.62 -7.42 -55.65
CA ALA L 289 -41.57 -8.20 -55.04
C ALA L 289 -41.53 -9.62 -55.62
N ASN L 290 -42.69 -10.23 -55.82
CA ASN L 290 -42.74 -11.54 -56.44
C ASN L 290 -42.18 -11.50 -57.86
N ARG L 291 -42.54 -10.45 -58.61
CA ARG L 291 -42.07 -10.32 -59.99
C ARG L 291 -40.56 -10.16 -60.06
N SER L 292 -39.96 -9.43 -59.14
CA SER L 292 -38.52 -9.19 -59.14
C SER L 292 -37.72 -10.36 -58.59
N ILE L 293 -38.15 -10.94 -57.47
CA ILE L 293 -37.34 -11.90 -56.73
C ILE L 293 -37.05 -13.15 -57.56
N ILE L 294 -37.89 -13.44 -58.54
CA ILE L 294 -37.72 -14.62 -59.38
C ILE L 294 -37.15 -14.28 -60.74
N LYS L 295 -37.58 -13.15 -61.33
CA LYS L 295 -37.06 -12.74 -62.61
C LYS L 295 -35.55 -12.47 -62.53
N ASN L 296 -35.11 -11.82 -61.46
CA ASN L 296 -33.68 -11.61 -61.29
C ASN L 296 -32.97 -12.87 -60.82
N ALA L 297 -33.64 -13.74 -60.07
CA ALA L 297 -33.02 -14.96 -59.61
C ALA L 297 -32.70 -15.91 -60.76
N ARG L 298 -33.61 -16.00 -61.74
CA ARG L 298 -33.36 -16.86 -62.89
C ARG L 298 -32.19 -16.38 -63.74
N ALA L 299 -31.75 -15.13 -63.56
CA ALA L 299 -30.61 -14.62 -64.30
C ALA L 299 -29.29 -15.15 -63.78
N LEU L 300 -29.24 -15.64 -62.54
CA LEU L 300 -28.01 -16.17 -61.98
C LEU L 300 -27.69 -17.59 -62.43
N GLY L 301 -28.60 -18.24 -63.15
CA GLY L 301 -28.36 -19.59 -63.62
C GLY L 301 -29.13 -20.63 -62.85
N PHE L 302 -30.33 -20.29 -62.41
CA PHE L 302 -31.18 -21.18 -61.64
C PHE L 302 -32.34 -21.66 -62.50
N ASN L 303 -32.57 -22.97 -62.51
CA ASN L 303 -33.65 -23.57 -63.29
C ASN L 303 -34.96 -23.49 -62.49
N ILE L 304 -35.47 -22.27 -62.40
CA ILE L 304 -36.68 -21.97 -61.63
C ILE L 304 -37.89 -22.03 -62.54
N GLU L 305 -38.93 -22.71 -62.09
CA GLU L 305 -40.23 -22.69 -62.75
C GLU L 305 -41.24 -21.91 -61.92
N VAL L 306 -42.07 -21.14 -62.61
CA VAL L 306 -42.99 -20.18 -62.02
C VAL L 306 -44.41 -20.58 -62.32
N PHE L 307 -45.25 -20.60 -61.29
CA PHE L 307 -46.66 -20.94 -61.40
C PHE L 307 -47.46 -19.76 -60.88
N THR L 308 -48.40 -19.26 -61.68
CA THR L 308 -49.18 -18.09 -61.32
C THR L 308 -50.67 -18.39 -61.45
N TYR L 309 -51.46 -17.80 -60.55
CA TYR L 309 -52.91 -17.94 -60.59
C TYR L 309 -53.55 -16.63 -60.16
N ASN L 310 -54.25 -15.98 -61.09
CA ASN L 310 -54.96 -14.73 -60.84
C ASN L 310 -54.00 -13.66 -60.33
N VAL L 311 -52.94 -13.42 -61.09
CA VAL L 311 -51.95 -12.39 -60.76
C VAL L 311 -51.27 -11.94 -62.04
N ASP L 312 -51.02 -10.64 -62.14
CA ASP L 312 -50.29 -10.07 -63.28
C ASP L 312 -48.83 -9.90 -62.90
N LEU L 313 -47.93 -10.38 -63.76
CA LEU L 313 -46.50 -10.34 -63.48
C LEU L 313 -45.68 -9.87 -64.67
N GLY L 314 -46.30 -9.28 -65.69
CA GLY L 314 -45.57 -8.76 -66.81
C GLY L 314 -45.18 -9.83 -67.82
N GLU L 315 -44.18 -9.49 -68.62
CA GLU L 315 -43.70 -10.35 -69.71
C GLU L 315 -42.27 -10.78 -69.41
N ASP L 316 -41.67 -11.47 -70.39
CA ASP L 316 -40.32 -12.04 -70.28
C ASP L 316 -40.22 -13.02 -69.11
N ILE L 317 -41.34 -13.66 -68.76
CA ILE L 317 -41.39 -14.65 -67.70
C ILE L 317 -42.11 -15.87 -68.22
N GLU L 318 -41.51 -17.05 -68.04
CA GLU L 318 -42.13 -18.30 -68.46
C GLU L 318 -43.05 -18.86 -67.39
N ALA L 319 -43.94 -18.01 -66.87
CA ALA L 319 -44.89 -18.44 -65.86
C ALA L 319 -46.01 -19.24 -66.49
N THR L 320 -46.49 -20.24 -65.76
CA THR L 320 -47.59 -21.08 -66.20
C THR L 320 -48.85 -20.67 -65.46
N LYS L 321 -49.92 -20.40 -66.23
CA LYS L 321 -51.21 -20.04 -65.64
C LYS L 321 -51.90 -21.27 -65.10
N VAL L 322 -51.66 -21.58 -63.82
CA VAL L 322 -52.17 -22.80 -63.20
C VAL L 322 -53.67 -22.65 -62.94
N SER L 323 -54.32 -23.77 -62.62
CA SER L 323 -55.73 -23.78 -62.29
C SER L 323 -55.99 -23.91 -60.79
N SER L 324 -55.28 -24.81 -60.13
CA SER L 324 -55.42 -25.00 -58.69
C SER L 324 -54.17 -25.70 -58.17
N VAL L 325 -54.16 -25.95 -56.85
CA VAL L 325 -53.01 -26.61 -56.22
C VAL L 325 -52.85 -28.03 -56.76
N GLU L 326 -53.95 -28.65 -57.22
CA GLU L 326 -53.85 -29.96 -57.85
C GLU L 326 -53.00 -29.89 -59.11
N GLU L 327 -53.18 -28.83 -59.90
CA GLU L 327 -52.32 -28.64 -61.07
C GLU L 327 -50.87 -28.45 -60.64
N LEU L 328 -50.66 -27.79 -59.50
CA LEU L 328 -49.30 -27.63 -58.97
C LEU L 328 -48.67 -28.98 -58.67
N VAL L 329 -49.35 -29.82 -57.90
CA VAL L 329 -48.79 -31.11 -57.54
C VAL L 329 -48.66 -32.02 -58.75
N ALA L 330 -49.53 -31.86 -59.77
CA ALA L 330 -49.38 -32.63 -61.00
C ALA L 330 -48.17 -32.19 -61.79
N ASN L 331 -47.92 -30.88 -61.88
CA ASN L 331 -46.75 -30.37 -62.58
C ASN L 331 -45.45 -30.65 -61.84
N LEU L 332 -45.50 -30.81 -60.53
CA LEU L 332 -44.30 -31.13 -59.75
C LEU L 332 -43.94 -32.61 -59.81
N VAL L 333 -44.54 -33.37 -60.72
CA VAL L 333 -44.23 -34.79 -60.89
C VAL L 333 -43.31 -35.02 -62.07
N LYS L 334 -43.68 -34.52 -63.25
CA LYS L 334 -42.86 -34.76 -64.45
C LYS L 334 -41.52 -34.03 -64.40
N MET L 335 -41.35 -33.09 -63.48
CA MET L 335 -40.09 -32.38 -63.32
C MET L 335 -39.08 -33.15 -62.49
N VAL L 336 -39.47 -34.26 -61.88
CA VAL L 336 -38.56 -35.07 -61.07
C VAL L 336 -38.85 -36.55 -61.28
N MET M 1 -63.95 -44.25 -48.44
CA MET M 1 -64.86 -43.61 -49.39
C MET M 1 -65.21 -42.20 -48.94
N TYR M 2 -65.02 -41.24 -49.84
CA TYR M 2 -65.21 -39.82 -49.56
C TYR M 2 -66.28 -39.26 -50.48
N VAL M 3 -67.27 -38.59 -49.91
CA VAL M 3 -68.36 -37.99 -50.68
C VAL M 3 -68.50 -36.53 -50.29
N ARG M 4 -68.21 -35.63 -51.22
CA ARG M 4 -68.22 -34.19 -50.95
C ARG M 4 -69.35 -33.54 -51.74
N ILE M 5 -70.23 -32.82 -51.04
CA ILE M 5 -71.40 -32.21 -51.65
C ILE M 5 -71.32 -30.70 -51.44
N SER M 6 -71.47 -29.95 -52.52
CA SER M 6 -71.54 -28.50 -52.48
C SER M 6 -72.84 -28.08 -53.16
N GLY M 7 -73.69 -27.34 -52.43
CA GLY M 7 -75.00 -27.00 -52.94
C GLY M 7 -75.36 -25.55 -52.68
N ARG M 8 -76.36 -25.10 -53.42
CA ARG M 8 -76.93 -23.76 -53.26
C ARG M 8 -78.43 -23.88 -53.31
N ILE M 9 -79.10 -23.40 -52.26
CA ILE M 9 -80.55 -23.57 -52.10
C ILE M 9 -81.18 -22.26 -51.67
N ARG M 10 -82.47 -22.14 -51.94
CA ARG M 10 -83.26 -20.99 -51.53
C ARG M 10 -83.97 -21.32 -50.22
N LEU M 11 -83.53 -20.67 -49.14
CA LEU M 11 -84.09 -20.92 -47.81
C LEU M 11 -85.21 -19.93 -47.52
N ASN M 12 -86.31 -20.43 -46.96
CA ASN M 12 -87.45 -19.63 -46.59
C ASN M 12 -87.78 -19.86 -45.13
N ALA M 13 -88.17 -18.78 -44.44
CA ALA M 13 -88.51 -18.82 -43.02
C ALA M 13 -87.36 -19.38 -42.18
N HIS M 14 -86.25 -18.64 -42.21
CA HIS M 14 -85.06 -19.05 -41.46
C HIS M 14 -85.35 -19.04 -39.97
N SER M 15 -84.79 -20.04 -39.26
CA SER M 15 -84.98 -20.19 -37.81
C SER M 15 -83.63 -20.55 -37.20
N LEU M 16 -82.90 -19.53 -36.77
CA LEU M 16 -81.61 -19.72 -36.12
C LEU M 16 -81.81 -19.92 -34.61
N ASN M 17 -80.71 -20.04 -33.89
CA ASN M 17 -80.75 -20.21 -32.45
C ASN M 17 -80.60 -18.87 -31.74
N THR M 30 -77.54 -15.59 -34.53
CA THR M 30 -76.29 -16.06 -35.12
C THR M 30 -75.83 -15.12 -36.22
N LYS M 31 -76.13 -13.83 -36.06
CA LYS M 31 -75.70 -12.83 -37.04
C LYS M 31 -74.18 -12.69 -37.02
N THR M 32 -73.60 -12.45 -38.19
CA THR M 32 -72.15 -12.35 -38.31
C THR M 32 -71.79 -11.43 -39.45
N LYS M 33 -70.57 -10.90 -39.40
CA LYS M 33 -70.02 -10.07 -40.47
C LYS M 33 -69.10 -10.92 -41.33
N VAL M 34 -69.39 -10.98 -42.62
CA VAL M 34 -68.67 -11.85 -43.54
C VAL M 34 -68.16 -11.03 -44.72
N THR M 35 -66.91 -11.26 -45.09
CA THR M 35 -66.33 -10.60 -46.25
C THR M 35 -67.01 -11.09 -47.53
N VAL M 36 -67.24 -10.16 -48.47
CA VAL M 36 -67.85 -10.47 -49.75
C VAL M 36 -66.91 -10.04 -50.86
N ARG M 37 -67.34 -10.17 -52.12
CA ARG M 37 -66.53 -9.79 -53.26
C ARG M 37 -66.06 -8.34 -53.15
N THR M 38 -67.03 -7.41 -53.20
CA THR M 38 -66.81 -5.98 -52.98
C THR M 38 -65.48 -5.50 -53.57
N GLU M 39 -65.36 -5.65 -54.89
CA GLU M 39 -64.11 -5.33 -55.57
C GLU M 39 -63.69 -3.89 -55.34
N ASN M 40 -64.64 -2.99 -55.05
CA ASN M 40 -64.33 -1.61 -54.72
C ASN M 40 -64.07 -1.47 -53.22
N GLY M 41 -63.06 -2.20 -52.75
CA GLY M 41 -62.70 -2.20 -51.35
C GLY M 41 -63.22 -3.40 -50.60
N TRP M 42 -62.30 -4.22 -50.07
CA TRP M 42 -62.69 -5.46 -49.39
C TRP M 42 -63.27 -5.17 -48.02
N THR M 43 -64.59 -5.00 -47.96
CA THR M 43 -65.29 -4.71 -46.72
C THR M 43 -66.04 -5.96 -46.23
N VAL M 44 -66.79 -5.79 -45.14
CA VAL M 44 -67.59 -6.86 -44.56
C VAL M 44 -69.03 -6.41 -44.50
N VAL M 45 -69.94 -7.38 -44.48
CA VAL M 45 -71.37 -7.12 -44.39
C VAL M 45 -71.95 -7.93 -43.23
N GLU M 46 -72.88 -7.30 -42.51
CA GLU M 46 -73.54 -7.92 -41.37
C GLU M 46 -74.80 -8.63 -41.87
N VAL M 47 -74.90 -9.93 -41.58
CA VAL M 47 -76.01 -10.73 -42.09
C VAL M 47 -76.23 -11.91 -41.14
N PRO M 48 -77.48 -12.30 -40.87
CA PRO M 48 -77.70 -13.55 -40.15
C PRO M 48 -77.20 -14.75 -40.94
N ALA M 49 -76.65 -15.72 -40.23
CA ALA M 49 -76.10 -16.93 -40.83
C ALA M 49 -76.59 -18.15 -40.08
N ILE M 50 -76.78 -19.24 -40.82
CA ILE M 50 -77.22 -20.50 -40.24
C ILE M 50 -76.00 -21.26 -39.73
N THR M 51 -76.02 -21.64 -38.45
CA THR M 51 -74.91 -22.34 -37.85
C THR M 51 -74.82 -23.77 -38.35
N GLY M 52 -73.64 -24.36 -38.20
CA GLY M 52 -73.39 -25.73 -38.61
C GLY M 52 -73.62 -26.77 -37.54
N ASN M 53 -74.14 -26.40 -36.38
CA ASN M 53 -74.40 -27.36 -35.32
C ASN M 53 -75.80 -27.96 -35.40
N MET M 54 -76.80 -27.15 -35.76
CA MET M 54 -78.14 -27.68 -35.92
C MET M 54 -78.19 -28.71 -37.05
N LEU M 55 -77.51 -28.43 -38.16
CA LEU M 55 -77.48 -29.38 -39.26
C LEU M 55 -76.75 -30.66 -38.87
N LYS M 56 -75.68 -30.53 -38.06
CA LYS M 56 -74.96 -31.71 -37.60
C LYS M 56 -75.84 -32.56 -36.70
N HIS M 57 -76.58 -31.93 -35.79
CA HIS M 57 -77.50 -32.67 -34.93
C HIS M 57 -78.60 -33.34 -35.75
N TRP M 58 -79.12 -32.64 -36.75
CA TRP M 58 -80.14 -33.22 -37.62
C TRP M 58 -79.58 -34.42 -38.39
N HIS M 59 -78.35 -34.30 -38.89
CA HIS M 59 -77.71 -35.41 -39.59
C HIS M 59 -77.52 -36.60 -38.65
N PHE M 60 -77.10 -36.34 -37.42
CA PHE M 60 -76.91 -37.42 -36.45
C PHE M 60 -78.22 -38.14 -36.16
N VAL M 61 -79.29 -37.38 -35.91
CA VAL M 61 -80.56 -38.00 -35.55
C VAL M 61 -81.16 -38.73 -36.76
N GLY M 62 -80.98 -38.18 -37.96
CA GLY M 62 -81.41 -38.89 -39.15
C GLY M 62 -80.64 -40.17 -39.40
N PHE M 63 -79.33 -40.15 -39.15
CA PHE M 63 -78.52 -41.35 -39.24
C PHE M 63 -79.01 -42.41 -38.25
N VAL M 64 -79.32 -41.99 -37.02
CA VAL M 64 -79.83 -42.94 -36.03
C VAL M 64 -81.16 -43.51 -36.47
N ASP M 65 -82.06 -42.65 -36.97
CA ASP M 65 -83.38 -43.12 -37.40
C ASP M 65 -83.27 -44.11 -38.56
N TYR M 66 -82.39 -43.81 -39.53
CA TYR M 66 -82.22 -44.70 -40.69
C TYR M 66 -81.50 -45.99 -40.32
N PHE M 67 -80.59 -45.95 -39.35
CA PHE M 67 -79.90 -47.15 -38.88
C PHE M 67 -80.79 -48.02 -38.00
N LYS M 68 -81.82 -47.44 -37.39
CA LYS M 68 -82.79 -48.25 -36.65
C LYS M 68 -83.51 -49.23 -37.56
N THR M 69 -83.85 -48.80 -38.78
CA THR M 69 -84.56 -49.69 -39.70
C THR M 69 -83.70 -50.86 -40.14
N THR M 70 -82.39 -50.71 -40.13
CA THR M 70 -81.52 -51.80 -40.54
C THR M 70 -81.61 -52.96 -39.54
N PRO M 71 -81.60 -54.20 -40.01
CA PRO M 71 -81.64 -55.34 -39.08
C PRO M 71 -80.41 -55.46 -38.21
N TYR M 72 -79.30 -54.81 -38.58
CA TYR M 72 -78.06 -54.87 -37.83
C TYR M 72 -77.95 -53.76 -36.79
N GLY M 73 -79.01 -52.98 -36.59
CA GLY M 73 -78.93 -51.85 -35.68
C GLY M 73 -79.23 -52.21 -34.23
N VAL M 74 -78.17 -52.42 -33.45
CA VAL M 74 -78.30 -52.67 -32.02
C VAL M 74 -77.29 -51.78 -31.29
N ASN M 75 -76.33 -51.26 -32.05
CA ASN M 75 -75.27 -50.41 -31.48
C ASN M 75 -75.74 -48.95 -31.47
N LEU M 76 -76.68 -48.68 -30.58
CA LEU M 76 -77.26 -47.35 -30.43
C LEU M 76 -77.30 -46.98 -28.95
N THR M 77 -77.36 -45.67 -28.69
CA THR M 77 -77.38 -45.15 -27.34
C THR M 77 -78.76 -44.62 -26.99
N GLU M 78 -79.04 -44.57 -25.68
CA GLU M 78 -80.32 -44.05 -25.22
C GLU M 78 -80.48 -42.58 -25.55
N ARG M 79 -79.39 -41.80 -25.49
CA ARG M 79 -79.46 -40.38 -25.80
C ARG M 79 -79.78 -40.13 -27.27
N ALA M 80 -79.31 -41.02 -28.16
CA ALA M 80 -79.61 -40.86 -29.58
C ALA M 80 -81.09 -41.10 -29.87
N LEU M 81 -81.74 -41.97 -29.11
CA LEU M 81 -83.16 -42.24 -29.32
C LEU M 81 -84.02 -41.03 -29.04
N ARG M 82 -83.71 -40.27 -27.98
CA ARG M 82 -84.50 -39.11 -27.58
C ARG M 82 -84.09 -37.85 -28.33
N TYR M 83 -83.39 -37.98 -29.47
CA TYR M 83 -82.99 -36.85 -30.30
C TYR M 83 -82.15 -35.84 -29.50
N ASN M 84 -81.26 -36.35 -28.66
CA ASN M 84 -80.43 -35.53 -27.79
C ASN M 84 -78.99 -35.53 -28.29
N GLY M 85 -78.41 -34.34 -28.39
CA GLY M 85 -77.04 -34.20 -28.86
C GLY M 85 -76.04 -33.92 -27.76
N THR M 86 -76.44 -34.13 -26.50
CA THR M 86 -75.54 -33.86 -25.39
C THR M 86 -74.34 -34.80 -25.39
N ARG M 87 -74.48 -35.99 -25.95
CA ARG M 87 -73.41 -36.99 -26.07
C ARG M 87 -72.90 -37.31 -24.66
N PHE M 88 -71.59 -37.39 -24.46
CA PHE M 88 -71.01 -37.77 -23.17
C PHE M 88 -70.60 -36.49 -22.42
N GLY M 89 -71.25 -36.25 -21.28
CA GLY M 89 -70.89 -35.13 -20.45
C GLY M 89 -69.67 -35.40 -19.60
N GLN M 90 -69.24 -34.38 -18.87
CA GLN M 90 -68.08 -34.49 -18.00
C GLN M 90 -68.52 -35.13 -16.69
N GLY M 91 -68.35 -36.44 -16.59
CA GLY M 91 -68.77 -37.19 -15.42
C GLY M 91 -69.35 -38.54 -15.78
N GLU M 92 -69.78 -38.70 -17.03
CA GLU M 92 -70.33 -39.96 -17.53
C GLU M 92 -69.19 -40.78 -18.11
N THR M 93 -68.60 -41.63 -17.27
CA THR M 93 -67.48 -42.45 -17.70
C THR M 93 -67.91 -43.68 -18.47
N THR M 94 -69.19 -44.04 -18.44
CA THR M 94 -69.72 -45.21 -19.12
C THR M 94 -70.77 -44.77 -20.14
N ALA M 95 -71.37 -45.75 -20.81
CA ALA M 95 -72.39 -45.50 -21.81
C ALA M 95 -73.50 -46.53 -21.66
N THR M 96 -74.70 -46.14 -22.10
CA THR M 96 -75.87 -47.00 -22.06
C THR M 96 -76.30 -47.32 -23.49
N LYS M 97 -76.44 -48.61 -23.79
CA LYS M 97 -76.83 -49.04 -25.12
C LYS M 97 -78.34 -48.96 -25.30
N ALA M 98 -78.78 -49.13 -26.55
CA ALA M 98 -80.20 -49.06 -26.86
C ALA M 98 -80.99 -50.19 -26.19
N ASN M 99 -80.42 -51.38 -26.11
CA ASN M 99 -81.08 -52.53 -25.49
C ASN M 99 -80.92 -52.56 -23.97
N GLY M 100 -80.57 -51.43 -23.36
CA GLY M 100 -80.40 -51.35 -21.92
C GLY M 100 -79.05 -51.79 -21.41
N ALA M 101 -78.15 -52.23 -22.28
CA ALA M 101 -76.83 -52.65 -21.84
C ALA M 101 -75.98 -51.45 -21.46
N THR M 102 -75.05 -51.67 -20.54
CA THR M 102 -74.12 -50.65 -20.07
C THR M 102 -72.70 -51.09 -20.38
N VAL M 103 -71.93 -50.19 -20.99
CA VAL M 103 -70.57 -50.48 -21.41
C VAL M 103 -69.62 -49.46 -20.79
N GLN M 104 -68.52 -49.95 -20.21
CA GLN M 104 -67.48 -49.10 -19.67
C GLN M 104 -66.42 -48.86 -20.73
N LEU M 105 -66.31 -47.62 -21.19
CA LEU M 105 -65.39 -47.28 -22.27
C LEU M 105 -63.97 -47.19 -21.72
N ASN M 106 -63.07 -47.94 -22.32
CA ASN M 106 -61.65 -47.93 -21.97
C ASN M 106 -60.73 -47.72 -23.16
N ASP M 107 -61.09 -48.26 -24.32
CA ASP M 107 -60.27 -48.15 -25.52
C ASP M 107 -61.17 -47.78 -26.70
N GLU M 108 -60.54 -47.23 -27.74
CA GLU M 108 -61.30 -46.85 -28.94
C GLU M 108 -61.91 -48.06 -29.62
N ALA M 109 -61.19 -49.17 -29.68
CA ALA M 109 -61.72 -50.37 -30.32
C ALA M 109 -62.86 -50.99 -29.51
N THR M 110 -63.01 -50.62 -28.24
CA THR M 110 -64.07 -51.14 -27.38
C THR M 110 -65.30 -50.23 -27.37
N ILE M 111 -65.34 -49.25 -28.26
CA ILE M 111 -66.46 -48.32 -28.36
C ILE M 111 -67.18 -48.44 -29.69
N ILE M 112 -66.43 -48.58 -30.79
CA ILE M 112 -67.02 -48.61 -32.12
C ILE M 112 -67.94 -49.82 -32.29
N LYS M 113 -67.50 -50.98 -31.80
CA LYS M 113 -68.27 -52.21 -31.98
C LYS M 113 -69.57 -52.22 -31.19
N GLU M 114 -69.72 -51.35 -30.18
CA GLU M 114 -70.95 -51.27 -29.41
C GLU M 114 -71.71 -49.96 -29.60
N LEU M 115 -71.06 -48.93 -30.14
CA LEU M 115 -71.68 -47.62 -30.36
C LEU M 115 -71.47 -47.24 -31.82
N ALA M 116 -72.42 -47.62 -32.67
CA ALA M 116 -72.33 -47.26 -34.08
C ALA M 116 -72.49 -45.75 -34.29
N ASP M 117 -73.36 -45.13 -33.51
CA ASP M 117 -73.58 -43.69 -33.64
C ASP M 117 -72.40 -42.87 -33.15
N ALA M 118 -71.51 -43.45 -32.34
CA ALA M 118 -70.33 -42.76 -31.84
C ALA M 118 -69.15 -42.83 -32.79
N ASP M 119 -69.31 -43.49 -33.95
CA ASP M 119 -68.25 -43.56 -34.94
C ASP M 119 -68.36 -42.45 -35.97
N VAL M 120 -69.53 -42.33 -36.60
CA VAL M 120 -69.71 -41.35 -37.67
C VAL M 120 -69.64 -39.92 -37.12
N HIS M 121 -70.03 -39.73 -35.85
CA HIS M 121 -70.00 -38.42 -35.23
C HIS M 121 -69.00 -38.32 -34.08
N GLY M 122 -68.12 -39.31 -33.93
CA GLY M 122 -67.13 -39.26 -32.88
C GLY M 122 -67.72 -39.40 -31.49
N PHE M 123 -66.90 -39.10 -30.49
CA PHE M 123 -67.33 -39.13 -29.10
C PHE M 123 -66.40 -38.23 -28.29
N LEU M 124 -66.53 -38.29 -26.97
CA LEU M 124 -65.77 -37.45 -26.06
C LEU M 124 -65.74 -38.10 -24.69
N ALA M 125 -64.57 -38.08 -24.06
CA ALA M 125 -64.42 -38.58 -22.68
C ALA M 125 -63.32 -37.80 -21.99
N PRO M 126 -63.64 -36.61 -21.47
CA PRO M 126 -62.61 -35.80 -20.79
C PRO M 126 -62.06 -36.44 -19.53
N LYS M 127 -62.80 -37.36 -18.90
CA LYS M 127 -62.31 -38.00 -17.69
C LYS M 127 -61.10 -38.90 -17.99
N THR M 128 -61.28 -39.86 -18.90
CA THR M 128 -60.19 -40.73 -19.32
C THR M 128 -59.44 -40.19 -20.52
N GLY M 129 -59.80 -39.02 -21.02
CA GLY M 129 -59.10 -38.42 -22.14
C GLY M 129 -59.23 -39.17 -23.45
N ARG M 130 -60.43 -39.61 -23.79
CA ARG M 130 -60.67 -40.33 -25.05
C ARG M 130 -61.30 -39.38 -26.06
N ARG M 131 -60.66 -39.26 -27.22
CA ARG M 131 -61.10 -38.36 -28.28
C ARG M 131 -61.10 -39.08 -29.61
N ARG M 132 -61.94 -38.59 -30.53
CA ARG M 132 -62.01 -39.16 -31.86
C ARG M 132 -62.58 -38.10 -32.80
N VAL M 133 -61.91 -37.91 -33.95
CA VAL M 133 -62.38 -36.94 -34.93
C VAL M 133 -63.68 -37.43 -35.55
N SER M 134 -64.61 -36.51 -35.74
CA SER M 134 -65.90 -36.86 -36.33
C SER M 134 -65.73 -37.21 -37.81
N LEU M 135 -66.49 -38.20 -38.27
CA LEU M 135 -66.45 -38.63 -39.66
C LEU M 135 -67.33 -37.79 -40.57
N VAL M 136 -68.17 -36.92 -40.01
CA VAL M 136 -69.00 -36.00 -40.78
C VAL M 136 -68.36 -34.62 -40.69
N LYS M 137 -68.28 -33.94 -41.84
CA LYS M 137 -67.61 -32.65 -41.95
C LYS M 137 -68.66 -31.61 -42.34
N ALA M 138 -68.94 -30.69 -41.41
CA ALA M 138 -70.04 -29.75 -41.55
C ALA M 138 -69.53 -28.32 -41.63
N SER M 139 -70.11 -27.54 -42.54
CA SER M 139 -69.77 -26.14 -42.73
C SER M 139 -70.99 -25.28 -42.43
N PHE M 140 -70.87 -23.98 -42.69
CA PHE M 140 -71.92 -23.01 -42.40
C PHE M 140 -72.66 -22.60 -43.66
N ILE M 141 -73.90 -22.15 -43.48
CA ILE M 141 -74.73 -21.67 -44.58
C ILE M 141 -74.63 -20.16 -44.64
N LEU M 142 -74.18 -19.65 -45.78
CA LEU M 142 -74.02 -18.21 -45.97
C LEU M 142 -74.70 -17.78 -47.27
N PRO M 143 -75.22 -16.55 -47.33
CA PRO M 143 -75.83 -16.07 -48.57
C PRO M 143 -74.81 -16.03 -49.70
N THR M 144 -75.29 -16.31 -50.91
CA THR M 144 -74.43 -16.27 -52.08
C THR M 144 -74.08 -14.83 -52.44
N GLU M 145 -72.99 -14.68 -53.20
CA GLU M 145 -72.55 -13.35 -53.60
C GLU M 145 -73.59 -12.67 -54.49
N ASP M 146 -74.22 -13.44 -55.38
CA ASP M 146 -75.25 -12.88 -56.26
C ASP M 146 -76.44 -12.34 -55.49
N PHE M 147 -76.66 -12.79 -54.25
CA PHE M 147 -77.76 -12.30 -53.44
C PHE M 147 -77.40 -11.03 -52.68
N ILE M 148 -76.22 -10.98 -52.08
CA ILE M 148 -75.79 -9.78 -51.35
C ILE M 148 -75.55 -8.64 -52.33
N LYS M 149 -75.04 -8.93 -53.53
CA LYS M 149 -74.81 -7.89 -54.51
C LYS M 149 -76.11 -7.35 -55.10
N GLU M 150 -77.23 -8.04 -54.93
CA GLU M 150 -78.51 -7.57 -55.44
C GLU M 150 -79.45 -7.07 -54.36
N VAL M 151 -79.19 -7.38 -53.09
CA VAL M 151 -80.02 -6.89 -52.00
C VAL M 151 -79.41 -5.63 -51.43
N GLU M 152 -78.11 -5.45 -51.64
CA GLU M 152 -77.36 -4.30 -51.13
C GLU M 152 -77.54 -4.12 -49.62
N GLY M 192 -84.05 -16.35 -49.10
CA GLY M 192 -83.01 -15.94 -50.03
C GLY M 192 -82.15 -17.10 -50.50
N LEU M 193 -81.16 -16.80 -51.34
CA LEU M 193 -80.28 -17.84 -51.87
C LEU M 193 -79.03 -17.95 -51.01
N TYR M 194 -78.77 -19.16 -50.51
CA TYR M 194 -77.58 -19.42 -49.70
C TYR M 194 -76.85 -20.65 -50.21
N GLY M 195 -75.64 -20.90 -49.68
CA GLY M 195 -74.85 -22.04 -50.09
C GLY M 195 -74.40 -22.85 -48.90
N PHE M 196 -73.97 -24.08 -49.20
CA PHE M 196 -73.57 -25.03 -48.16
C PHE M 196 -72.65 -26.07 -48.76
N SER M 197 -71.91 -26.76 -47.88
CA SER M 197 -71.00 -27.81 -48.31
C SER M 197 -70.80 -28.79 -47.16
N ILE M 198 -71.04 -30.07 -47.41
CA ILE M 198 -70.92 -31.12 -46.41
C ILE M 198 -70.07 -32.25 -46.97
N VAL M 199 -69.17 -32.78 -46.14
CA VAL M 199 -68.28 -33.85 -46.52
C VAL M 199 -68.58 -35.09 -45.68
N LEU M 200 -68.71 -36.22 -46.35
CA LEU M 200 -68.85 -37.52 -45.71
C LEU M 200 -67.51 -38.22 -45.87
N ASP M 201 -66.72 -38.22 -44.79
CA ASP M 201 -65.43 -38.90 -44.74
C ASP M 201 -65.64 -40.30 -44.18
N LEU M 202 -66.30 -41.13 -44.99
CA LEU M 202 -66.66 -42.48 -44.60
C LEU M 202 -65.54 -43.49 -44.87
N GLY M 203 -64.30 -43.00 -45.05
CA GLY M 203 -63.17 -43.89 -45.23
C GLY M 203 -62.60 -44.46 -43.95
N LEU M 204 -63.10 -44.04 -42.79
CA LEU M 204 -62.64 -44.53 -41.50
C LEU M 204 -63.80 -45.08 -40.68
N VAL M 205 -64.87 -45.53 -41.34
CA VAL M 205 -65.99 -46.13 -40.62
C VAL M 205 -65.56 -47.47 -40.05
N GLY M 206 -65.82 -47.66 -38.75
CA GLY M 206 -65.38 -48.87 -38.09
C GLY M 206 -63.89 -49.04 -38.02
N ILE M 207 -63.14 -47.97 -38.22
CA ILE M 207 -61.68 -48.00 -38.25
C ILE M 207 -61.16 -47.11 -37.12
N PRO M 208 -60.76 -47.70 -35.99
CA PRO M 208 -60.25 -46.88 -34.88
C PRO M 208 -58.93 -46.21 -35.25
N GLN M 209 -58.72 -45.03 -34.65
CA GLN M 209 -57.47 -44.31 -34.87
C GLN M 209 -56.29 -44.94 -34.14
N GLY M 210 -56.55 -45.79 -33.15
CA GLY M 210 -55.47 -46.44 -32.44
C GLY M 210 -54.68 -47.40 -33.32
N LEU M 211 -55.37 -48.08 -34.24
CA LEU M 211 -54.71 -49.01 -35.14
C LEU M 211 -55.57 -49.17 -36.40
N PRO M 212 -55.38 -48.32 -37.41
CA PRO M 212 -56.19 -48.45 -38.63
C PRO M 212 -55.69 -49.51 -39.60
N VAL M 213 -54.42 -49.88 -39.54
CA VAL M 213 -53.84 -50.90 -40.43
C VAL M 213 -53.17 -51.96 -39.55
N LYS M 214 -53.51 -53.23 -39.81
CA LYS M 214 -53.04 -54.30 -38.95
C LYS M 214 -51.56 -54.62 -39.18
N PHE M 215 -51.09 -54.51 -40.42
CA PHE M 215 -49.72 -54.89 -40.79
C PHE M 215 -49.43 -56.34 -40.42
N GLU M 216 -50.19 -57.25 -41.04
CA GLU M 216 -49.93 -58.68 -40.88
C GLU M 216 -48.69 -59.10 -41.66
N GLU M 217 -48.70 -58.87 -42.98
CA GLU M 217 -47.56 -59.14 -43.84
C GLU M 217 -47.01 -57.86 -44.45
N ASN M 218 -47.10 -56.76 -43.71
CA ASN M 218 -46.63 -55.44 -44.16
C ASN M 218 -47.36 -55.02 -45.44
N GLN M 219 -48.67 -54.88 -45.34
CA GLN M 219 -49.51 -54.49 -46.45
C GLN M 219 -50.43 -53.34 -46.05
N PRO M 220 -50.78 -52.46 -46.99
CA PRO M 220 -51.67 -51.32 -46.70
C PRO M 220 -53.16 -51.62 -46.85
N ARG M 221 -53.72 -52.31 -45.86
CA ARG M 221 -55.14 -52.59 -45.84
C ARG M 221 -55.75 -52.13 -44.53
N PRO M 222 -56.94 -51.55 -44.56
CA PRO M 222 -57.57 -51.08 -43.32
C PRO M 222 -57.88 -52.22 -42.37
N ASN M 223 -57.74 -51.94 -41.08
CA ASN M 223 -58.04 -52.91 -40.04
C ASN M 223 -59.52 -52.82 -39.68
N ILE M 224 -60.18 -53.97 -39.65
CA ILE M 224 -61.60 -54.06 -39.33
C ILE M 224 -61.74 -54.86 -38.04
N VAL M 225 -62.18 -54.21 -36.98
CA VAL M 225 -62.40 -54.88 -35.70
C VAL M 225 -63.87 -55.19 -35.45
N ILE M 226 -64.75 -54.87 -36.39
CA ILE M 226 -66.18 -55.10 -36.25
C ILE M 226 -66.66 -55.99 -37.39
N ASP M 227 -67.95 -56.26 -37.43
CA ASP M 227 -68.52 -57.04 -38.52
C ASP M 227 -68.43 -56.24 -39.82
N PRO M 228 -67.79 -56.76 -40.87
CA PRO M 228 -67.73 -56.00 -42.13
C PRO M 228 -69.10 -55.69 -42.71
N ASN M 229 -70.07 -56.60 -42.56
CA ASN M 229 -71.42 -56.31 -43.02
C ASN M 229 -72.05 -55.17 -42.23
N GLU M 230 -71.83 -55.15 -40.91
CA GLU M 230 -72.35 -54.06 -40.09
C GLU M 230 -71.69 -52.74 -40.46
N ARG M 231 -70.38 -52.76 -40.72
CA ARG M 231 -69.70 -51.54 -41.18
C ARG M 231 -70.27 -51.07 -42.51
N LYS M 232 -70.51 -51.99 -43.43
CA LYS M 232 -71.11 -51.63 -44.70
C LYS M 232 -72.47 -50.98 -44.50
N ALA M 233 -73.33 -51.63 -43.70
CA ALA M 233 -74.66 -51.09 -43.45
C ALA M 233 -74.60 -49.71 -42.81
N ARG M 234 -73.63 -49.50 -41.90
CA ARG M 234 -73.41 -48.16 -41.36
C ARG M 234 -73.03 -47.19 -42.46
N ILE M 235 -72.25 -47.65 -43.45
CA ILE M 235 -71.88 -46.78 -44.57
C ILE M 235 -73.12 -46.35 -45.35
N GLU M 236 -73.99 -47.31 -45.69
CA GLU M 236 -75.20 -46.92 -46.42
C GLU M 236 -76.09 -46.01 -45.56
N SER M 237 -76.18 -46.27 -44.26
CA SER M 237 -76.99 -45.42 -43.40
C SER M 237 -76.46 -43.99 -43.37
N ALA M 238 -75.14 -43.83 -43.23
CA ALA M 238 -74.55 -42.50 -43.24
C ALA M 238 -74.75 -41.82 -44.59
N LEU M 239 -74.64 -42.58 -45.69
CA LEU M 239 -74.83 -42.00 -47.01
C LEU M 239 -76.26 -41.54 -47.20
N LYS M 240 -77.24 -42.33 -46.76
CA LYS M 240 -78.65 -42.02 -46.95
C LYS M 240 -79.18 -41.04 -45.93
N ALA M 241 -78.42 -40.73 -44.88
CA ALA M 241 -78.83 -39.72 -43.92
C ALA M 241 -78.88 -38.31 -44.50
N LEU M 242 -78.59 -38.15 -45.79
CA LEU M 242 -78.62 -36.83 -46.42
C LEU M 242 -80.02 -36.41 -46.84
N ILE M 243 -81.01 -37.30 -46.72
CA ILE M 243 -82.37 -36.96 -47.16
C ILE M 243 -82.96 -35.78 -46.36
N PRO M 244 -82.91 -35.78 -45.02
CA PRO M 244 -83.47 -34.62 -44.30
C PRO M 244 -82.72 -33.32 -44.56
N MET M 245 -81.48 -33.38 -45.06
CA MET M 245 -80.71 -32.16 -45.30
C MET M 245 -81.34 -31.31 -46.39
N LEU M 246 -81.84 -31.93 -47.46
CA LEU M 246 -82.41 -31.20 -48.59
C LEU M 246 -83.94 -31.17 -48.55
N SER M 247 -84.55 -31.62 -47.45
CA SER M 247 -86.00 -31.60 -47.33
C SER M 247 -86.43 -31.49 -45.87
N PRO M 259 -87.15 -25.96 -43.55
CA PRO M 259 -88.27 -26.89 -43.69
C PRO M 259 -89.06 -26.66 -44.99
N VAL M 260 -89.15 -25.40 -45.41
CA VAL M 260 -89.87 -25.03 -46.61
C VAL M 260 -88.91 -24.56 -47.71
N PHE M 261 -87.62 -24.81 -47.55
CA PHE M 261 -86.63 -24.40 -48.53
C PHE M 261 -86.69 -25.29 -49.76
N LYS M 262 -86.21 -24.76 -50.87
CA LYS M 262 -86.20 -25.46 -52.16
C LYS M 262 -84.76 -25.66 -52.63
N VAL M 263 -84.56 -26.72 -53.41
CA VAL M 263 -83.24 -27.09 -53.90
C VAL M 263 -83.03 -26.45 -55.27
N GLU M 264 -81.86 -25.84 -55.47
CA GLU M 264 -81.56 -25.15 -56.71
C GLU M 264 -80.31 -25.68 -57.42
N GLU M 265 -79.26 -26.05 -56.69
CA GLU M 265 -78.03 -26.48 -57.32
C GLU M 265 -77.30 -27.45 -56.40
N LEU M 266 -76.81 -28.56 -56.96
CA LEU M 266 -76.05 -29.54 -56.19
C LEU M 266 -74.96 -30.15 -57.04
N VAL M 267 -73.75 -30.23 -56.48
CA VAL M 267 -72.64 -30.97 -57.09
C VAL M 267 -72.09 -31.92 -56.03
N ALA M 268 -72.18 -33.22 -56.30
CA ALA M 268 -71.71 -34.24 -55.39
C ALA M 268 -70.63 -35.07 -56.08
N ILE M 269 -69.46 -35.16 -55.44
CA ILE M 269 -68.34 -35.94 -55.94
C ILE M 269 -68.12 -37.11 -54.99
N ALA M 270 -67.84 -38.28 -55.56
CA ALA M 270 -67.60 -39.50 -54.80
C ALA M 270 -66.30 -40.12 -55.26
N SER M 271 -65.55 -40.67 -54.30
CA SER M 271 -64.27 -41.28 -54.58
C SER M 271 -63.96 -42.32 -53.53
N GLU M 272 -62.97 -43.17 -53.82
CA GLU M 272 -62.49 -44.17 -52.88
C GLU M 272 -61.28 -43.65 -52.09
N GLY M 273 -60.26 -43.17 -52.80
CA GLY M 273 -59.10 -42.61 -52.15
C GLY M 273 -59.34 -41.19 -51.67
N PRO M 274 -58.39 -40.68 -50.88
CA PRO M 274 -58.54 -39.33 -50.35
C PRO M 274 -58.60 -38.29 -51.46
N ILE M 275 -59.48 -37.31 -51.28
CA ILE M 275 -59.66 -36.22 -52.24
C ILE M 275 -59.83 -34.92 -51.48
N PRO M 276 -59.47 -33.79 -52.09
CA PRO M 276 -59.72 -32.50 -51.45
C PRO M 276 -61.21 -32.18 -51.43
N ALA M 277 -61.59 -31.37 -50.45
CA ALA M 277 -62.98 -30.94 -50.32
C ALA M 277 -63.32 -29.89 -51.37
N LEU M 278 -64.55 -29.96 -51.86
CA LEU M 278 -65.02 -28.98 -52.83
C LEU M 278 -65.11 -27.59 -52.19
N VAL M 279 -64.90 -26.58 -53.02
CA VAL M 279 -64.99 -25.20 -52.54
C VAL M 279 -66.43 -24.88 -52.18
N HIS M 280 -66.63 -24.32 -50.99
CA HIS M 280 -67.97 -23.96 -50.56
C HIS M 280 -68.51 -22.82 -51.42
N GLY M 281 -69.73 -22.99 -51.92
CA GLY M 281 -70.29 -21.96 -52.79
C GLY M 281 -70.67 -20.72 -52.01
N PHE M 282 -69.83 -19.69 -52.13
CA PHE M 282 -70.11 -18.39 -51.52
C PHE M 282 -69.80 -17.21 -52.45
N TYR M 283 -68.94 -17.39 -53.44
CA TYR M 283 -68.63 -16.37 -54.44
C TYR M 283 -69.29 -16.72 -55.77
N GLU M 284 -69.33 -15.72 -56.66
CA GLU M 284 -69.89 -15.94 -57.99
C GLU M 284 -69.05 -16.90 -58.82
N ASP M 285 -67.78 -17.07 -58.48
CA ASP M 285 -66.88 -17.97 -59.21
C ASP M 285 -66.81 -19.33 -58.50
N TYR M 286 -67.91 -20.07 -58.59
CA TYR M 286 -68.01 -21.37 -57.96
C TYR M 286 -68.03 -22.52 -58.97
N ILE M 287 -68.64 -22.33 -60.14
CA ILE M 287 -68.70 -23.39 -61.13
C ILE M 287 -67.33 -23.62 -61.75
N GLU M 288 -66.62 -22.54 -62.08
CA GLU M 288 -65.30 -22.67 -62.70
C GLU M 288 -64.31 -23.33 -61.73
N ALA M 289 -64.37 -22.96 -60.45
CA ALA M 289 -63.50 -23.59 -59.47
C ALA M 289 -63.78 -25.09 -59.38
N ASN M 290 -65.05 -25.49 -59.36
CA ASN M 290 -65.40 -26.90 -59.28
C ASN M 290 -64.92 -27.67 -60.51
N ARG M 291 -65.14 -27.11 -61.71
CA ARG M 291 -64.71 -27.80 -62.91
C ARG M 291 -63.19 -27.89 -63.00
N SER M 292 -62.47 -26.84 -62.58
CA SER M 292 -61.02 -26.91 -62.55
C SER M 292 -60.54 -27.96 -61.57
N ILE M 293 -61.17 -28.02 -60.39
CA ILE M 293 -60.78 -29.01 -59.38
C ILE M 293 -60.98 -30.43 -59.92
N ILE M 294 -62.14 -30.70 -60.52
CA ILE M 294 -62.40 -32.05 -60.99
C ILE M 294 -61.50 -32.40 -62.17
N LYS M 295 -61.24 -31.44 -63.06
CA LYS M 295 -60.36 -31.68 -64.20
C LYS M 295 -58.94 -31.99 -63.74
N ASN M 296 -58.44 -31.26 -62.75
CA ASN M 296 -57.09 -31.50 -62.26
C ASN M 296 -57.01 -32.80 -61.46
N ALA M 297 -58.07 -33.13 -60.72
CA ALA M 297 -58.07 -34.37 -59.94
C ALA M 297 -58.12 -35.58 -60.85
N ARG M 298 -58.91 -35.53 -61.92
CA ARG M 298 -58.97 -36.66 -62.85
C ARG M 298 -57.67 -36.83 -63.62
N ALA M 299 -56.85 -35.79 -63.73
CA ALA M 299 -55.57 -35.88 -64.42
C ALA M 299 -54.44 -36.35 -63.52
N LEU M 300 -54.69 -36.52 -62.22
CA LEU M 300 -53.65 -36.94 -61.29
C LEU M 300 -53.53 -38.46 -61.19
N GLY M 301 -54.63 -39.19 -61.40
CA GLY M 301 -54.60 -40.63 -61.33
C GLY M 301 -55.63 -41.21 -60.39
N PHE M 302 -56.65 -40.41 -60.05
CA PHE M 302 -57.71 -40.84 -59.16
C PHE M 302 -59.05 -40.74 -59.88
N ASN M 303 -59.95 -41.66 -59.52
CA ASN M 303 -61.28 -41.71 -60.14
C ASN M 303 -62.28 -41.01 -59.23
N ILE M 304 -62.91 -39.96 -59.75
CA ILE M 304 -63.91 -39.19 -59.01
C ILE M 304 -65.15 -39.10 -59.87
N GLU M 305 -66.30 -39.48 -59.31
CA GLU M 305 -67.56 -39.45 -60.05
C GLU M 305 -68.43 -38.30 -59.55
N VAL M 306 -68.98 -37.54 -60.49
CA VAL M 306 -69.75 -36.34 -60.20
C VAL M 306 -71.20 -36.58 -60.59
N PHE M 307 -72.11 -36.30 -59.66
CA PHE M 307 -73.56 -36.44 -59.87
C PHE M 307 -74.16 -35.04 -59.77
N THR M 308 -74.27 -34.37 -60.91
CA THR M 308 -74.80 -33.02 -60.95
C THR M 308 -76.32 -33.02 -60.80
N TYR M 309 -76.83 -31.99 -60.12
CA TYR M 309 -78.25 -31.82 -59.89
C TYR M 309 -78.60 -30.37 -60.15
N ASN M 310 -79.31 -30.11 -61.24
CA ASN M 310 -79.69 -28.76 -61.65
C ASN M 310 -78.48 -27.84 -61.79
N VAL M 311 -77.42 -28.37 -62.41
CA VAL M 311 -76.20 -27.61 -62.65
C VAL M 311 -75.47 -28.23 -63.84
N ASP M 312 -74.90 -27.37 -64.68
CA ASP M 312 -74.12 -27.81 -65.84
C ASP M 312 -72.68 -27.35 -65.65
N LEU M 313 -71.74 -28.29 -65.73
CA LEU M 313 -70.33 -28.01 -65.55
C LEU M 313 -69.61 -27.72 -66.86
N GLY M 314 -70.30 -27.77 -67.99
CA GLY M 314 -69.68 -27.46 -69.27
C GLY M 314 -69.47 -28.67 -70.16
N GLU M 315 -68.28 -28.76 -70.76
CA GLU M 315 -67.97 -29.87 -71.67
C GLU M 315 -66.70 -30.57 -71.23
N ASP M 316 -66.18 -31.46 -72.08
CA ASP M 316 -65.01 -32.30 -71.82
C ASP M 316 -64.98 -32.83 -70.39
N ILE M 317 -66.14 -33.28 -69.91
CA ILE M 317 -66.28 -33.75 -68.54
C ILE M 317 -67.34 -34.84 -68.50
N GLU M 318 -67.14 -35.82 -67.62
CA GLU M 318 -68.10 -36.89 -67.38
C GLU M 318 -68.84 -36.59 -66.08
N ALA M 319 -70.15 -36.37 -66.17
CA ALA M 319 -70.96 -36.08 -65.00
C ALA M 319 -72.37 -36.59 -65.24
N THR M 320 -72.93 -37.25 -64.22
CA THR M 320 -74.28 -37.80 -64.31
C THR M 320 -75.29 -36.71 -63.98
N LYS M 321 -76.11 -36.33 -64.96
CA LYS M 321 -77.13 -35.31 -64.77
C LYS M 321 -78.37 -35.96 -64.19
N VAL M 322 -78.75 -35.56 -62.97
CA VAL M 322 -79.90 -36.15 -62.30
C VAL M 322 -80.94 -35.06 -62.06
N SER M 323 -82.18 -35.51 -61.88
CA SER M 323 -83.30 -34.60 -61.64
C SER M 323 -84.08 -34.96 -60.37
N SER M 324 -83.50 -35.77 -59.49
CA SER M 324 -84.14 -36.13 -58.25
C SER M 324 -83.08 -36.32 -57.17
N VAL M 325 -83.32 -35.72 -56.01
CA VAL M 325 -82.38 -35.87 -54.90
C VAL M 325 -82.35 -37.32 -54.40
N GLU M 326 -83.51 -37.96 -54.35
CA GLU M 326 -83.56 -39.37 -53.96
C GLU M 326 -82.82 -40.23 -54.97
N GLU M 327 -82.99 -39.94 -56.27
CA GLU M 327 -82.23 -40.65 -57.28
C GLU M 327 -80.74 -40.35 -57.19
N LEU M 328 -80.39 -39.12 -56.81
CA LEU M 328 -78.98 -38.79 -56.59
C LEU M 328 -78.40 -39.64 -55.46
N VAL M 329 -79.14 -39.79 -54.36
CA VAL M 329 -78.67 -40.62 -53.26
C VAL M 329 -78.59 -42.08 -53.68
N ALA M 330 -79.55 -42.55 -54.47
CA ALA M 330 -79.51 -43.93 -54.95
C ALA M 330 -78.29 -44.18 -55.84
N ASN M 331 -77.98 -43.24 -56.73
CA ASN M 331 -76.79 -43.36 -57.56
C ASN M 331 -75.52 -43.27 -56.73
N LEU M 332 -75.54 -42.46 -55.67
CA LEU M 332 -74.38 -42.35 -54.79
C LEU M 332 -74.17 -43.63 -53.98
N VAL M 333 -75.24 -44.33 -53.63
CA VAL M 333 -75.13 -45.51 -52.79
C VAL M 333 -74.97 -46.81 -53.59
N LYS M 334 -75.36 -46.81 -54.87
CA LYS M 334 -75.29 -48.04 -55.65
C LYS M 334 -73.85 -48.49 -55.92
N MET M 335 -72.88 -47.60 -55.78
CA MET M 335 -71.48 -47.96 -56.00
C MET M 335 -70.86 -48.66 -54.80
N VAL M 336 -71.51 -48.65 -53.65
CA VAL M 336 -71.01 -49.34 -52.47
C VAL M 336 -72.01 -50.39 -52.01
N MET N 1 6.68 12.33 77.74
CA MET N 1 7.30 12.55 76.45
C MET N 1 6.25 12.66 75.35
N ASP N 2 6.25 13.78 74.64
CA ASP N 2 5.32 14.04 73.55
C ASP N 2 6.12 14.29 72.27
N ILE N 3 5.68 13.69 71.17
CA ILE N 3 6.32 13.85 69.88
C ILE N 3 5.30 14.43 68.92
N LEU N 4 5.63 15.56 68.30
CA LEU N 4 4.76 16.21 67.32
C LEU N 4 5.08 15.67 65.95
N LEU N 5 4.19 14.87 65.40
CA LEU N 5 4.39 14.24 64.10
C LEU N 5 3.54 14.94 63.05
N VAL N 6 4.17 15.27 61.92
CA VAL N 6 3.53 15.91 60.79
C VAL N 6 3.93 15.14 59.53
N CYS N 7 3.16 15.34 58.46
CA CYS N 7 3.42 14.66 57.19
C CYS N 7 3.65 15.70 56.11
N LEU N 8 4.73 15.54 55.35
CA LEU N 8 5.06 16.45 54.25
C LEU N 8 5.12 15.63 52.96
N ARG N 9 4.12 15.80 52.10
CA ARG N 9 4.09 15.16 50.79
C ARG N 9 4.53 16.18 49.74
N PHE N 10 5.85 16.41 49.70
CA PHE N 10 6.44 17.26 48.68
C PHE N 10 7.22 16.40 47.70
N PRO N 11 6.99 16.54 46.39
CA PRO N 11 7.64 15.64 45.42
C PRO N 11 9.15 15.78 45.39
N PHE N 12 9.67 16.97 45.08
CA PHE N 12 11.09 17.16 44.85
C PHE N 12 11.74 17.89 46.00
N PHE N 13 13.00 17.54 46.26
CA PHE N 13 13.75 18.13 47.36
C PHE N 13 14.15 19.57 47.04
N SER N 14 14.66 20.25 48.06
CA SER N 14 14.98 21.67 47.94
C SER N 14 16.38 21.98 48.43
N VAL N 15 16.90 21.15 49.34
CA VAL N 15 18.19 21.42 49.94
C VAL N 15 19.31 21.09 48.95
N ALA N 16 20.38 21.88 49.01
CA ALA N 16 21.57 21.64 48.20
C ALA N 16 22.79 21.67 49.13
N LYS N 17 23.61 20.64 49.04
CA LYS N 17 24.80 20.56 49.88
C LYS N 17 25.89 21.50 49.38
N ARG N 18 26.97 21.59 50.14
CA ARG N 18 28.09 22.47 49.81
C ARG N 18 28.78 21.91 48.58
N SER N 19 28.46 22.47 47.42
CA SER N 19 28.93 21.93 46.15
C SER N 19 28.85 23.01 45.09
N TYR N 20 29.71 22.91 44.07
CA TYR N 20 29.74 23.85 42.97
C TYR N 20 29.81 23.04 41.67
N GLN N 21 29.52 23.69 40.54
CA GLN N 21 28.97 23.01 39.36
C GLN N 21 27.72 22.24 39.75
N VAL N 22 27.89 20.99 40.20
CA VAL N 22 26.74 20.19 40.59
C VAL N 22 26.30 20.59 41.99
N ARG N 23 25.03 20.39 42.29
CA ARG N 23 24.45 20.72 43.59
C ARG N 23 23.89 19.44 44.19
N THR N 24 24.73 18.70 44.91
CA THR N 24 24.30 17.48 45.56
C THR N 24 23.32 17.80 46.67
N SER N 25 22.36 16.90 46.87
CA SER N 25 21.30 17.07 47.84
C SER N 25 21.25 15.88 48.79
N PHE N 26 20.75 16.12 49.99
CA PHE N 26 20.56 15.06 50.95
C PHE N 26 19.43 14.13 50.51
N LEU N 27 19.51 12.87 50.93
CA LEU N 27 18.43 11.94 50.67
C LEU N 27 17.23 12.20 51.57
N LEU N 28 17.45 12.78 52.75
CA LEU N 28 16.39 13.22 53.65
C LEU N 28 16.71 14.64 54.12
N PRO N 29 15.69 15.45 54.37
CA PRO N 29 15.92 16.88 54.63
C PRO N 29 16.76 17.09 55.87
N PRO N 30 17.68 18.07 55.83
CA PRO N 30 18.54 18.31 56.99
C PRO N 30 17.74 18.93 58.13
N PRO N 31 18.15 18.69 59.38
CA PRO N 31 17.44 19.35 60.50
C PRO N 31 17.53 20.86 60.45
N SER N 32 18.62 21.41 59.89
CA SER N 32 18.76 22.87 59.82
C SER N 32 17.69 23.48 58.93
N ALA N 33 17.40 22.84 57.79
CA ALA N 33 16.36 23.34 56.91
C ALA N 33 14.99 23.33 57.59
N LEU N 34 14.69 22.26 58.33
CA LEU N 34 13.43 22.19 59.05
C LEU N 34 13.37 23.25 60.15
N LYS N 35 14.48 23.47 60.85
CA LYS N 35 14.54 24.51 61.85
C LYS N 35 14.25 25.87 61.25
N GLY N 36 14.86 26.16 60.09
CA GLY N 36 14.60 27.43 59.43
C GLY N 36 13.17 27.57 58.95
N ALA N 37 12.61 26.48 58.40
CA ALA N 37 11.24 26.52 57.89
C ALA N 37 10.25 26.74 59.02
N LEU N 38 10.48 26.14 60.18
CA LEU N 38 9.58 26.37 61.31
C LEU N 38 9.81 27.74 61.92
N ALA N 39 11.06 28.20 61.98
CA ALA N 39 11.37 29.50 62.57
C ALA N 39 10.77 30.64 61.77
N LYS N 40 10.86 30.57 60.43
CA LYS N 40 10.29 31.60 59.59
C LYS N 40 8.77 31.67 59.71
N GLY N 41 8.12 30.56 60.12
CA GLY N 41 6.69 30.56 60.29
C GLY N 41 6.21 31.32 61.51
N LEU N 42 7.06 31.46 62.53
CA LEU N 42 6.70 32.20 63.73
C LEU N 42 6.82 33.71 63.56
N ILE N 43 7.49 34.19 62.50
CA ILE N 43 7.70 35.62 62.33
C ILE N 43 6.48 36.28 61.70
N LEU N 44 6.02 35.74 60.57
CA LEU N 44 4.86 36.33 59.90
C LEU N 44 3.56 35.99 60.62
N LEU N 45 3.56 34.99 61.50
CA LEU N 45 2.39 34.63 62.28
C LEU N 45 2.37 35.33 63.63
N LYS N 46 3.54 35.49 64.26
CA LYS N 46 3.66 36.15 65.56
C LYS N 46 4.73 37.22 65.44
N PRO N 47 4.42 38.37 64.83
CA PRO N 47 5.41 39.43 64.67
C PRO N 47 5.60 40.32 65.87
N GLU N 48 4.77 40.17 66.91
CA GLU N 48 4.86 41.00 68.11
C GLU N 48 5.98 40.56 69.05
N LYS N 49 6.62 39.43 68.77
CA LYS N 49 7.75 38.96 69.57
C LYS N 49 9.06 38.92 68.81
N TYR N 50 9.01 38.77 67.48
CA TYR N 50 10.22 38.69 66.66
C TYR N 50 10.50 40.07 66.06
N ALA N 51 11.03 40.96 66.88
CA ALA N 51 11.39 42.30 66.46
C ALA N 51 12.90 42.34 66.21
N SER N 52 13.28 42.63 64.96
CA SER N 52 14.68 42.65 64.57
C SER N 52 14.92 43.80 63.59
N SER N 53 16.17 44.26 63.55
CA SER N 53 16.57 45.27 62.57
C SER N 53 16.69 44.66 61.18
N SER N 54 17.30 43.48 61.08
CA SER N 54 17.51 42.79 59.82
C SER N 54 17.21 41.30 59.98
N LEU N 55 17.38 40.57 58.89
CA LEU N 55 17.11 39.13 58.88
C LEU N 55 18.19 38.32 59.56
N ASP N 56 19.43 38.83 59.60
CA ASP N 56 20.55 38.05 60.13
C ASP N 56 20.31 37.67 61.59
N GLU N 57 20.02 38.65 62.43
CA GLU N 57 19.68 38.37 63.82
C GLU N 57 18.27 37.84 63.99
N ALA N 58 17.37 38.12 63.04
CA ALA N 58 16.01 37.57 63.10
C ALA N 58 16.04 36.06 63.05
N ALA N 59 16.85 35.48 62.15
CA ALA N 59 17.01 34.04 62.13
C ALA N 59 17.74 33.53 63.37
N LEU N 60 18.76 34.26 63.83
CA LEU N 60 19.57 33.80 64.96
C LEU N 60 18.73 33.68 66.23
N LYS N 61 17.90 34.68 66.52
CA LYS N 61 17.11 34.62 67.74
C LYS N 61 16.07 33.50 67.67
N ALA N 62 15.48 33.29 66.50
CA ALA N 62 14.51 32.20 66.34
C ALA N 62 15.18 30.84 66.54
N ILE N 63 16.36 30.65 65.96
CA ILE N 63 17.07 29.39 66.13
C ILE N 63 17.47 29.21 67.60
N LYS N 64 17.90 30.29 68.26
CA LYS N 64 18.24 30.20 69.67
C LYS N 64 17.03 29.80 70.51
N GLU N 65 15.87 30.38 70.23
CA GLU N 65 14.65 30.00 70.95
C GLU N 65 14.30 28.54 70.70
N ILE N 66 14.41 28.09 69.45
CA ILE N 66 14.09 26.70 69.12
C ILE N 66 15.03 25.76 69.86
N GLU N 67 16.32 26.08 69.91
CA GLU N 67 17.27 25.27 70.65
C GLU N 67 16.98 25.28 72.15
N SER N 68 16.55 26.45 72.67
CA SER N 68 16.22 26.54 74.08
C SER N 68 15.03 25.67 74.45
N LYS N 69 14.00 25.63 73.60
CA LYS N 69 12.85 24.77 73.84
C LYS N 69 13.09 23.33 73.40
N LEU N 70 14.34 22.95 73.17
CA LEU N 70 14.70 21.63 72.70
C LEU N 70 15.40 20.85 73.81
N VAL N 71 15.25 19.52 73.77
CA VAL N 71 15.85 18.68 74.81
C VAL N 71 17.36 18.63 74.68
N ASP N 72 17.88 18.58 73.45
CA ASP N 72 19.32 18.44 73.24
C ASP N 72 19.68 19.07 71.89
N ILE N 73 20.89 18.80 71.44
CA ILE N 73 21.38 19.36 70.18
C ILE N 73 20.61 18.79 68.99
N LYS N 74 20.21 17.53 69.06
CA LYS N 74 19.47 16.91 67.97
C LYS N 74 18.16 17.65 67.73
N ALA N 75 18.01 18.21 66.53
CA ALA N 75 16.90 19.12 66.27
C ALA N 75 15.60 18.36 65.99
N VAL N 76 15.58 17.59 64.90
CA VAL N 76 14.35 16.94 64.45
C VAL N 76 14.70 15.86 63.45
N SER N 77 13.94 14.76 63.45
CA SER N 77 14.19 13.63 62.58
C SER N 77 13.04 13.46 61.59
N VAL N 78 13.32 12.72 60.52
CA VAL N 78 12.37 12.46 59.45
C VAL N 78 12.34 10.96 59.17
N ALA N 79 11.25 10.53 58.56
CA ALA N 79 11.04 9.13 58.21
C ALA N 79 10.55 9.05 56.77
N PRO N 80 11.28 8.38 55.88
CA PRO N 80 10.77 8.17 54.52
C PRO N 80 9.95 6.90 54.41
N LEU N 81 8.77 6.99 53.79
CA LEU N 81 7.94 5.83 53.52
C LEU N 81 7.78 5.59 52.03
N SER N 82 8.52 6.30 51.19
CA SER N 82 8.47 6.18 49.75
C SER N 82 9.88 5.98 49.21
N PRO N 83 10.02 5.25 48.09
CA PRO N 83 11.36 5.06 47.51
C PRO N 83 11.92 6.37 46.97
N LEU N 84 12.97 6.86 47.63
CA LEU N 84 13.67 8.06 47.17
C LEU N 84 14.35 7.77 45.84
N ILE N 85 14.41 8.79 44.98
CA ILE N 85 15.16 8.67 43.73
C ILE N 85 15.91 9.97 43.47
N ARG N 86 17.15 9.84 42.99
CA ARG N 86 18.00 11.00 42.73
C ARG N 86 17.73 11.51 41.31
N ASN N 87 17.03 12.64 41.21
CA ASN N 87 16.69 13.21 39.92
C ASN N 87 17.86 14.04 39.38
N ALA N 88 17.65 14.68 38.24
CA ALA N 88 18.68 15.49 37.59
C ALA N 88 18.04 16.75 37.04
N PHE N 89 18.45 17.91 37.54
CA PHE N 89 17.97 19.20 37.09
C PHE N 89 19.15 20.07 36.66
N LEU N 90 18.91 20.93 35.68
CA LEU N 90 19.91 21.89 35.19
C LEU N 90 19.34 23.29 35.40
N LEU N 91 19.90 24.03 36.35
CA LEU N 91 19.40 25.33 36.72
C LEU N 91 20.45 26.41 36.39
N LYS N 92 20.07 27.67 36.64
CA LYS N 92 20.93 28.81 36.38
C LYS N 92 21.40 29.37 37.72
N ARG N 93 22.70 29.31 37.96
CA ARG N 93 23.32 29.84 39.17
C ARG N 93 24.36 30.87 38.75
N LEU N 94 23.96 32.13 38.73
CA LEU N 94 24.87 33.20 38.33
C LEU N 94 25.99 33.37 39.34
N ARG N 95 27.17 33.70 38.83
CA ARG N 95 28.38 33.87 39.64
C ARG N 95 28.86 35.31 39.48
N ASN N 96 28.31 36.21 40.31
CA ASN N 96 28.67 37.62 40.24
C ASN N 96 28.82 38.22 41.63
N LEU N 97 29.28 37.42 42.59
CA LEU N 97 29.44 37.87 43.98
C LEU N 97 30.90 38.18 44.32
N GLU N 98 31.75 38.34 43.32
CA GLU N 98 33.16 38.63 43.52
C GLU N 98 33.47 40.05 43.06
N SER N 99 34.56 40.61 43.61
CA SER N 99 34.94 41.98 43.32
C SER N 99 35.51 42.05 41.91
N GLY N 100 34.60 42.02 40.93
CA GLY N 100 34.93 42.02 39.53
C GLY N 100 33.95 41.15 38.77
N SER N 101 34.35 40.76 37.56
CA SER N 101 33.52 39.94 36.69
C SER N 101 32.16 40.58 36.46
N ASN N 102 32.19 41.79 35.89
CA ASN N 102 31.04 42.65 35.56
C ASN N 102 29.81 42.42 36.44
N ALA N 103 28.63 42.43 35.83
CA ALA N 103 27.37 42.22 36.54
C ALA N 103 26.65 40.96 36.09
N GLU N 104 26.52 40.75 34.79
CA GLU N 104 25.82 39.58 34.25
C GLU N 104 26.84 38.50 33.95
N LYS N 105 26.96 37.52 34.85
CA LYS N 105 27.82 36.35 34.66
C LYS N 105 27.03 35.15 35.15
N SER N 106 26.28 34.53 34.24
CA SER N 106 25.42 33.40 34.58
C SER N 106 25.62 32.27 33.58
N ASP N 107 25.85 31.07 34.10
CA ASP N 107 25.96 29.86 33.32
C ASP N 107 25.10 28.77 33.94
N ALA N 108 24.99 27.64 33.24
CA ALA N 108 24.16 26.55 33.71
C ALA N 108 24.94 25.64 34.66
N MET N 109 24.40 25.43 35.86
CA MET N 109 24.89 24.43 36.80
C MET N 109 23.84 23.36 37.01
N ARG N 110 24.29 22.10 37.10
CA ARG N 110 23.39 20.98 37.32
C ARG N 110 22.98 20.95 38.78
N ARG N 111 21.90 21.67 39.11
CA ARG N 111 21.37 21.73 40.47
C ARG N 111 20.29 20.65 40.57
N GLU N 112 20.72 19.42 40.78
CA GLU N 112 19.83 18.26 40.82
C GLU N 112 19.30 18.05 42.23
N TYR N 113 18.12 17.42 42.31
CA TYR N 113 17.42 17.22 43.57
C TYR N 113 17.00 15.77 43.75
N THR N 114 16.15 15.51 44.74
CA THR N 114 15.71 14.16 45.06
C THR N 114 14.19 14.13 45.14
N PHE N 115 13.61 13.04 44.66
CA PHE N 115 12.16 12.85 44.62
C PHE N 115 11.72 11.83 45.65
N THR N 116 10.66 12.17 46.37
CA THR N 116 9.97 11.29 47.30
C THR N 116 8.47 11.52 47.17
N ARG N 117 7.69 10.56 47.66
CA ARG N 117 6.24 10.66 47.61
C ARG N 117 5.60 10.80 48.99
N GLU N 118 6.19 10.21 50.02
CA GLU N 118 5.64 10.24 51.36
C GLU N 118 6.77 10.44 52.36
N LEU N 119 6.54 11.30 53.35
CA LEU N 119 7.58 11.63 54.32
C LEU N 119 6.94 12.14 55.60
N LEU N 120 7.49 11.72 56.74
CA LEU N 120 7.03 12.15 58.06
C LEU N 120 8.14 12.94 58.75
N VAL N 121 7.74 13.90 59.57
CA VAL N 121 8.65 14.72 60.36
C VAL N 121 8.22 14.65 61.81
N ALA N 122 9.15 14.29 62.71
CA ALA N 122 8.84 14.11 64.12
C ALA N 122 9.67 15.08 64.94
N TYR N 123 9.03 16.14 65.43
CA TYR N 123 9.67 17.05 66.37
C TYR N 123 9.53 16.53 67.80
N ILE N 124 10.55 16.78 68.61
CA ILE N 124 10.64 16.26 69.96
C ILE N 124 10.71 17.43 70.94
N PHE N 125 10.06 17.25 72.09
CA PHE N 125 9.99 18.28 73.12
C PHE N 125 10.20 17.62 74.47
N LYS N 126 9.95 18.38 75.54
CA LYS N 126 10.10 17.92 76.92
C LYS N 126 8.85 18.22 77.72
N ASN N 127 7.69 17.86 77.16
CA ASN N 127 6.39 18.07 77.81
C ASN N 127 6.15 19.54 78.11
N LEU N 128 6.06 20.33 77.03
CA LEU N 128 5.84 21.77 77.15
C LEU N 128 4.45 22.05 77.73
N THR N 129 4.27 23.31 78.13
CA THR N 129 3.01 23.75 78.70
C THR N 129 1.97 23.96 77.60
N GLN N 130 0.71 24.14 78.04
CA GLN N 130 -0.41 24.21 77.11
C GLN N 130 -0.47 25.56 76.38
N GLU N 131 -0.10 26.64 77.07
CA GLU N 131 -0.28 27.98 76.49
C GLU N 131 0.54 28.18 75.22
N GLU N 132 1.64 27.45 75.06
CA GLU N 132 2.41 27.47 73.82
C GLU N 132 2.21 26.21 72.99
N LYS N 133 1.52 25.20 73.54
CA LYS N 133 1.25 23.98 72.79
C LYS N 133 0.40 24.28 71.56
N ASN N 134 -0.65 25.09 71.72
CA ASN N 134 -1.48 25.47 70.58
C ASN N 134 -0.72 26.34 69.59
N LEU N 135 0.14 27.23 70.10
CA LEU N 135 0.94 28.08 69.23
C LEU N 135 1.86 27.23 68.35
N TYR N 136 2.53 26.24 68.94
CA TYR N 136 3.40 25.38 68.15
C TYR N 136 2.60 24.45 67.24
N LEU N 137 1.39 24.04 67.66
CA LEU N 137 0.54 23.26 66.78
C LEU N 137 0.15 24.03 65.54
N LYS N 138 -0.20 25.31 65.70
CA LYS N 138 -0.51 26.15 64.54
C LYS N 138 0.74 26.44 63.72
N ALA N 139 1.90 26.58 64.37
CA ALA N 139 3.12 26.89 63.65
C ALA N 139 3.66 25.68 62.88
N ALA N 140 3.30 24.47 63.31
CA ALA N 140 3.75 23.28 62.59
C ALA N 140 3.20 23.24 61.17
N MET N 141 2.00 23.75 60.96
CA MET N 141 1.41 23.83 59.63
C MET N 141 1.96 25.09 58.96
N LEU N 142 1.40 25.47 57.81
CA LEU N 142 1.76 26.70 57.10
C LEU N 142 3.20 26.66 56.60
N ILE N 143 3.73 25.47 56.36
CA ILE N 143 5.06 25.31 55.78
C ILE N 143 4.86 25.12 54.28
N ASP N 144 4.82 26.22 53.55
CA ASP N 144 4.54 26.19 52.12
C ASP N 144 5.79 25.95 51.27
N VAL N 145 6.91 26.54 51.67
CA VAL N 145 8.15 26.43 50.91
C VAL N 145 9.27 26.00 51.85
N ILE N 146 10.11 25.07 51.38
CA ILE N 146 11.25 24.57 52.14
C ILE N 146 12.49 24.74 51.28
N GLY N 147 13.65 24.73 51.96
CA GLY N 147 14.92 24.85 51.28
C GLY N 147 15.06 26.15 50.51
N ASP N 148 15.03 26.06 49.18
CA ASP N 148 15.17 27.22 48.32
C ASP N 148 13.80 27.69 47.85
N THR N 149 13.79 28.71 46.99
CA THR N 149 12.57 29.36 46.54
C THR N 149 12.08 28.85 45.19
N GLU N 150 12.30 27.56 44.89
CA GLU N 150 11.84 26.98 43.63
C GLU N 150 10.96 25.76 43.78
N SER N 151 10.93 25.14 44.96
CA SER N 151 10.07 23.99 45.22
C SER N 151 9.22 24.24 46.45
N LEU N 152 7.99 23.74 46.42
CA LEU N 152 7.02 23.96 47.49
C LEU N 152 6.69 22.66 48.20
N ALA N 153 6.53 22.74 49.51
CA ALA N 153 6.11 21.61 50.34
C ALA N 153 4.73 21.87 50.90
N THR N 154 3.92 20.81 51.02
CA THR N 154 2.54 20.93 51.48
C THR N 154 2.34 20.01 52.68
N PRO N 155 2.15 20.55 53.88
CA PRO N 155 1.86 19.70 55.04
C PRO N 155 0.48 19.06 54.91
N VAL N 156 0.32 17.93 55.57
CA VAL N 156 -0.91 17.15 55.54
C VAL N 156 -1.66 17.23 56.87
N TRP N 157 -0.95 16.98 57.98
CA TRP N 157 -1.58 16.93 59.29
C TRP N 157 -0.51 17.10 60.35
N ALA N 158 -0.96 17.22 61.60
CA ALA N 158 -0.07 17.42 62.73
C ALA N 158 -0.75 16.92 63.99
N SER N 159 -0.07 16.05 64.74
CA SER N 159 -0.66 15.54 65.98
C SER N 159 0.44 15.10 66.93
N PHE N 160 0.08 15.05 68.22
CA PHE N 160 0.99 14.60 69.25
C PHE N 160 0.82 13.11 69.51
N VAL N 161 1.93 12.44 69.80
CA VAL N 161 1.94 11.00 70.05
C VAL N 161 2.86 10.72 71.22
N LYS N 162 2.55 9.64 71.99
CA LYS N 162 3.34 9.17 73.11
C LYS N 162 4.15 7.94 72.72
N PRO N 163 5.36 7.79 73.26
CA PRO N 163 6.17 6.59 72.94
C PRO N 163 5.56 5.31 73.48
N GLU N 164 5.23 5.31 74.78
CA GLU N 164 4.58 4.21 75.48
C GLU N 164 5.36 2.90 75.38
N ASP N 165 6.60 2.97 74.89
CA ASP N 165 7.49 1.83 74.78
C ASP N 165 6.84 0.68 73.99
N LYS N 166 6.56 0.96 72.73
CA LYS N 166 5.94 -0.01 71.84
C LYS N 166 7.02 -0.69 70.99
N LYS N 167 6.76 -1.94 70.62
CA LYS N 167 7.73 -2.76 69.90
C LYS N 167 7.69 -2.41 68.41
N ALA N 168 8.75 -1.74 67.92
CA ALA N 168 8.84 -1.38 66.51
C ALA N 168 10.28 -1.05 66.17
N PRO N 169 10.78 -1.49 65.02
CA PRO N 169 12.15 -1.17 64.64
C PRO N 169 12.32 0.32 64.33
N LEU N 170 13.55 0.79 64.48
CA LEU N 170 13.86 2.20 64.26
C LEU N 170 13.54 2.61 62.83
N ALA N 171 12.93 3.78 62.69
CA ALA N 171 12.56 4.28 61.37
C ALA N 171 13.06 5.69 61.11
N PHE N 172 13.06 6.56 62.11
CA PHE N 172 13.59 7.90 61.95
C PHE N 172 15.11 7.90 62.12
N SER N 173 15.73 9.01 61.70
CA SER N 173 17.17 9.15 61.76
C SER N 173 17.65 9.32 63.21
N ALA N 174 18.92 9.01 63.43
CA ALA N 174 19.53 9.10 64.75
C ALA N 174 21.01 9.39 64.58
N PRO N 175 21.60 10.18 65.48
CA PRO N 175 23.04 10.46 65.37
C PRO N 175 23.87 9.21 65.62
N TYR N 176 25.01 9.13 64.93
CA TYR N 176 25.95 8.02 65.10
C TYR N 176 27.08 8.45 66.02
N THR N 177 26.76 8.49 67.31
CA THR N 177 27.71 8.86 68.35
C THR N 177 28.04 7.71 69.28
N GLU N 178 27.03 7.09 69.89
CA GLU N 178 27.21 5.95 70.77
C GLU N 178 26.41 4.73 70.32
N ILE N 179 25.61 4.85 69.26
CA ILE N 179 24.79 3.73 68.79
C ILE N 179 25.63 2.91 67.82
N TYR N 180 26.01 1.72 68.24
CA TYR N 180 26.78 0.80 67.41
C TYR N 180 26.06 -0.51 67.13
N SER N 181 25.32 -1.03 68.10
CA SER N 181 24.53 -2.24 67.87
C SER N 181 23.21 -1.95 67.17
N LEU N 182 22.79 -0.68 67.12
CA LEU N 182 21.56 -0.27 66.46
C LEU N 182 20.35 -1.02 66.99
N ARG N 194 25.49 -2.55 55.94
CA ARG N 194 24.07 -2.19 55.95
C ARG N 194 23.84 -0.86 56.65
N MET N 195 24.84 -0.42 57.42
CA MET N 195 24.75 0.83 58.15
C MET N 195 25.07 1.99 57.23
N TYR N 196 24.43 3.14 57.47
CA TYR N 196 24.38 4.23 56.51
C TYR N 196 24.47 5.56 57.25
N ILE N 197 25.64 6.21 57.19
CA ILE N 197 25.86 7.50 57.84
C ILE N 197 26.52 8.45 56.86
N GLU N 198 26.14 9.72 56.91
CA GLU N 198 26.75 10.78 56.12
C GLU N 198 26.74 12.08 56.92
N LYS N 199 27.48 13.06 56.43
CA LYS N 199 27.43 14.40 57.01
C LYS N 199 26.02 14.96 56.84
N MET N 200 25.49 15.56 57.90
CA MET N 200 24.06 15.82 57.94
C MET N 200 23.81 17.30 58.27
N ARG N 201 24.74 17.90 59.02
CA ARG N 201 24.72 19.32 59.39
C ARG N 201 23.42 19.70 60.10
N VAL N 202 23.28 19.14 61.30
CA VAL N 202 22.11 19.46 62.14
C VAL N 202 22.13 20.93 62.53
N SER N 203 23.30 21.50 62.77
CA SER N 203 23.41 22.86 63.28
C SER N 203 23.85 23.81 62.18
N PRO N 204 23.05 24.79 61.79
CA PRO N 204 23.47 25.73 60.76
C PRO N 204 24.46 26.76 61.29
N GLU N 205 25.04 27.52 60.37
CA GLU N 205 25.98 28.58 60.71
C GLU N 205 25.54 29.89 60.07
N TYR N 206 25.83 30.99 60.76
CA TYR N 206 25.53 32.34 60.28
C TYR N 206 26.69 33.25 60.71
N SER N 207 27.65 33.41 59.82
CA SER N 207 28.83 34.23 60.11
C SER N 207 28.58 35.69 59.77
N GLN N 213 29.29 21.05 66.02
CA GLN N 213 28.78 21.78 64.86
C GLN N 213 28.29 20.83 63.78
N GLU N 214 29.20 20.03 63.23
CA GLU N 214 28.89 19.07 62.17
C GLU N 214 28.85 17.68 62.79
N GLU N 215 27.66 17.15 62.97
CA GLU N 215 27.48 15.82 63.52
C GLU N 215 27.12 14.82 62.42
N ILE N 216 27.29 13.54 62.73
CA ILE N 216 27.02 12.45 61.81
C ILE N 216 25.79 11.70 62.30
N PHE N 217 24.81 11.54 61.41
CA PHE N 217 23.55 10.89 61.74
C PHE N 217 23.39 9.61 60.94
N TYR N 218 22.70 8.63 61.53
CA TYR N 218 22.35 7.41 60.83
C TYR N 218 21.06 7.63 60.05
N LEU N 219 21.10 7.32 58.75
CA LEU N 219 19.98 7.58 57.87
C LEU N 219 19.41 6.25 57.38
N PRO N 220 18.10 6.03 57.47
CA PRO N 220 17.48 4.74 57.09
C PRO N 220 17.26 4.60 55.60
N ILE N 221 18.35 4.45 54.86
CA ILE N 221 18.31 4.28 53.41
C ILE N 221 19.14 3.07 53.02
N GLU N 222 18.55 2.18 52.23
CA GLU N 222 19.23 1.01 51.69
C GLU N 222 18.69 0.74 50.29
N GLU N 223 19.56 0.26 49.41
CA GLU N 223 19.21 0.01 48.02
C GLU N 223 18.89 -1.46 47.83
N ARG N 224 17.68 -1.75 47.35
CA ARG N 224 17.24 -3.11 47.07
C ARG N 224 16.58 -3.15 45.70
N ARG N 225 17.04 -4.06 44.85
CA ARG N 225 16.48 -4.25 43.52
C ARG N 225 15.71 -5.57 43.49
N TYR N 226 14.46 -5.51 43.05
CA TYR N 226 13.65 -6.72 42.93
C TYR N 226 13.84 -7.39 41.58
N LYS N 227 13.47 -6.70 40.50
CA LYS N 227 13.82 -7.16 39.15
C LYS N 227 14.28 -6.06 38.20
N ARG N 228 13.86 -4.81 38.38
CA ARG N 228 14.21 -3.74 37.45
C ARG N 228 14.97 -2.61 38.12
N ILE N 229 14.44 -2.02 39.19
CA ILE N 229 14.96 -0.77 39.71
C ILE N 229 15.47 -0.98 41.14
N VAL N 230 16.35 -0.08 41.56
CA VAL N 230 17.03 -0.21 42.84
C VAL N 230 16.44 0.71 43.89
N TYR N 231 16.07 1.93 43.51
CA TYR N 231 15.53 2.97 44.39
C TYR N 231 16.27 3.03 45.72
N TYR N 232 15.55 3.28 46.81
CA TYR N 232 16.13 3.27 48.16
C TYR N 232 15.08 2.67 49.10
N ALA N 233 15.26 1.40 49.45
CA ALA N 233 14.32 0.68 50.29
C ALA N 233 14.64 0.92 51.77
N ARG N 234 14.04 0.14 52.65
CA ARG N 234 14.21 0.27 54.09
C ARG N 234 15.23 -0.74 54.60
N ILE N 235 16.11 -0.29 55.48
CA ILE N 235 17.15 -1.14 56.05
C ILE N 235 16.67 -1.93 57.27
N TYR N 236 15.53 -1.55 57.86
CA TYR N 236 14.93 -2.14 59.06
C TYR N 236 16.00 -2.41 60.12
N PRO N 237 16.52 -1.38 60.78
CA PRO N 237 17.52 -1.59 61.83
C PRO N 237 16.92 -2.29 63.03
N PRO N 238 17.75 -2.76 63.97
CA PRO N 238 17.22 -3.47 65.14
C PRO N 238 16.26 -2.61 65.94
N GLU N 239 15.34 -3.28 66.62
CA GLU N 239 14.25 -2.60 67.32
C GLU N 239 14.78 -1.69 68.42
N VAL N 240 14.13 -0.54 68.59
CA VAL N 240 14.42 0.41 69.65
C VAL N 240 13.19 0.50 70.54
N GLU N 241 13.43 0.57 71.86
CA GLU N 241 12.33 0.55 72.82
C GLU N 241 11.38 1.72 72.63
N LYS N 242 11.86 2.83 72.06
CA LYS N 242 11.04 4.00 71.81
C LYS N 242 10.49 3.96 70.39
N ALA N 243 9.18 4.11 70.25
CA ALA N 243 8.54 4.11 68.94
C ALA N 243 7.17 4.76 69.07
N LEU N 244 6.61 5.15 67.92
CA LEU N 244 5.31 5.77 67.86
C LEU N 244 4.48 5.15 66.74
N THR N 245 3.19 4.97 66.99
CA THR N 245 2.28 4.39 66.02
C THR N 245 1.41 5.48 65.41
N VAL N 246 1.13 5.34 64.12
CA VAL N 246 0.29 6.29 63.41
C VAL N 246 -0.24 5.61 62.15
N ASP N 247 -1.52 5.85 61.85
CA ASP N 247 -2.24 5.31 60.71
C ASP N 247 -1.93 3.84 60.45
N GLY N 248 -1.77 3.06 61.53
CA GLY N 248 -1.48 1.65 61.41
C GLY N 248 0.01 1.34 61.29
N GLU N 249 0.72 2.15 60.51
CA GLU N 249 2.14 1.94 60.30
C GLU N 249 2.92 2.52 61.46
N VAL N 250 3.43 1.65 62.33
CA VAL N 250 4.22 2.09 63.48
C VAL N 250 5.67 2.28 63.05
N LEU N 251 6.31 3.32 63.58
CA LEU N 251 7.68 3.67 63.21
C LEU N 251 8.49 3.90 64.48
N GLY N 252 9.75 3.48 64.45
CA GLY N 252 10.61 3.58 65.62
C GLY N 252 11.38 4.87 65.67
N ILE N 253 11.29 5.56 66.80
CA ILE N 253 11.93 6.85 67.01
C ILE N 253 13.04 6.70 68.05
N TRP N 254 14.17 7.34 67.79
CA TRP N 254 15.32 7.30 68.70
C TRP N 254 15.29 8.56 69.56
N ILE N 255 15.19 8.38 70.87
CA ILE N 255 15.14 9.47 71.83
C ILE N 255 16.31 9.29 72.80
N PRO N 256 17.16 10.31 72.99
CA PRO N 256 18.30 10.22 73.91
C PRO N 256 17.87 10.09 75.37
N GLU P 1 80.19 -30.61 25.32
CA GLU P 1 80.96 -29.81 26.27
C GLU P 1 80.88 -28.33 25.93
N LEU P 2 81.37 -27.50 26.85
CA LEU P 2 81.36 -26.05 26.66
C LEU P 2 82.67 -25.50 26.11
N THR P 3 83.81 -26.09 26.51
CA THR P 3 85.09 -25.61 26.00
C THR P 3 85.27 -25.93 24.52
N GLY P 4 84.73 -27.06 24.06
CA GLY P 4 84.85 -27.44 22.67
C GLY P 4 84.13 -26.50 21.72
N PHE P 5 84.91 -25.78 20.90
CA PHE P 5 84.36 -24.79 19.98
C PHE P 5 84.24 -25.45 18.61
N GLU P 6 83.01 -25.80 18.22
CA GLU P 6 82.80 -26.47 16.94
C GLU P 6 83.20 -25.62 15.73
N PRO P 7 82.79 -24.36 15.62
CA PRO P 7 83.14 -23.58 14.42
C PRO P 7 84.62 -23.23 14.39
N TYR P 8 85.02 -22.65 13.26
CA TYR P 8 86.42 -22.25 13.04
C TYR P 8 86.60 -20.78 13.36
N ASP P 9 86.29 -20.41 14.60
CA ASP P 9 86.42 -19.04 15.06
C ASP P 9 87.18 -18.90 16.37
N TYR P 10 87.68 -20.01 16.93
CA TYR P 10 88.47 -20.01 18.17
C TYR P 10 87.62 -19.43 19.28
N GLN P 11 88.12 -18.48 20.09
CA GLN P 11 87.38 -17.91 21.19
C GLN P 11 87.26 -16.41 21.01
N LEU P 12 86.08 -15.87 21.31
CA LEU P 12 85.83 -14.45 21.21
C LEU P 12 86.23 -13.76 22.51
N ARG P 13 86.12 -12.42 22.53
CA ARG P 13 86.47 -11.67 23.72
C ARG P 13 85.46 -11.83 24.84
N ALA P 14 84.23 -12.22 24.51
CA ALA P 14 83.16 -12.37 25.51
C ALA P 14 82.93 -13.84 25.87
N TRP P 15 84.00 -14.65 25.84
CA TRP P 15 83.87 -16.05 26.22
C TRP P 15 83.53 -16.20 27.70
N GLU P 16 84.12 -15.36 28.56
CA GLU P 16 83.88 -15.46 29.99
C GLU P 16 82.54 -14.86 30.42
N LYS P 17 81.87 -14.10 29.54
CA LYS P 17 80.58 -13.52 29.86
C LYS P 17 79.43 -14.49 29.67
N ILE P 18 79.69 -15.68 29.12
CA ILE P 18 78.62 -16.64 28.85
C ILE P 18 78.01 -17.15 30.15
N ARG P 19 78.85 -17.35 31.17
CA ARG P 19 78.38 -17.88 32.45
C ARG P 19 77.47 -16.92 33.20
N GLU P 20 77.22 -15.71 32.67
CA GLU P 20 76.31 -14.76 33.28
C GLU P 20 74.87 -14.96 32.85
N ILE P 21 74.60 -15.96 32.01
CA ILE P 21 73.25 -16.23 31.51
C ILE P 21 72.59 -17.35 32.30
N MET P 22 73.33 -18.44 32.53
CA MET P 22 72.89 -19.63 33.28
C MET P 22 71.46 -20.05 32.92
N ASN P 23 70.73 -20.60 33.89
CA ASN P 23 69.33 -20.97 33.70
C ASN P 23 68.37 -20.16 34.54
N ASN P 24 68.85 -19.52 35.60
CA ASN P 24 68.04 -18.69 36.50
C ASN P 24 68.70 -17.33 36.59
N GLY P 25 68.35 -16.44 35.67
CA GLY P 25 68.95 -15.12 35.63
C GLY P 25 68.00 -14.04 35.16
N GLY P 26 68.53 -12.83 34.94
CA GLY P 26 67.72 -11.71 34.52
C GLY P 26 68.22 -11.04 33.26
N LYS P 27 68.48 -9.74 33.34
CA LYS P 27 68.91 -8.95 32.19
C LYS P 27 70.43 -8.82 32.20
N VAL P 28 71.06 -9.11 31.05
CA VAL P 28 72.50 -8.97 30.88
C VAL P 28 72.73 -8.18 29.60
N ILE P 29 73.54 -7.12 29.70
CA ILE P 29 73.84 -6.27 28.55
C ILE P 29 75.13 -6.75 27.90
N ILE P 30 75.05 -7.05 26.61
CA ILE P 30 76.20 -7.47 25.83
C ILE P 30 76.37 -6.43 24.72
N GLU P 31 77.29 -5.50 24.89
CA GLU P 31 77.52 -4.43 23.94
C GLU P 31 78.81 -4.69 23.16
N VAL P 32 78.71 -4.66 21.84
CA VAL P 32 79.87 -4.84 20.97
C VAL P 32 79.68 -4.01 19.70
N PRO P 33 80.65 -3.19 19.32
CA PRO P 33 80.50 -2.39 18.10
C PRO P 33 80.51 -3.27 16.86
N THR P 34 79.76 -2.82 15.84
CA THR P 34 79.65 -3.49 14.55
C THR P 34 79.26 -4.96 14.74
N ALA P 35 78.20 -5.17 15.51
CA ALA P 35 77.74 -6.51 15.84
C ALA P 35 77.11 -7.24 14.66
N GLY P 36 76.85 -6.55 13.55
CA GLY P 36 76.18 -7.20 12.42
C GLY P 36 77.01 -8.31 11.82
N GLY P 37 78.28 -8.05 11.57
CA GLY P 37 79.14 -9.04 10.93
C GLY P 37 79.51 -10.21 11.79
N LYS P 38 80.34 -9.97 12.82
CA LYS P 38 80.82 -11.02 13.71
C LYS P 38 79.98 -10.98 14.99
N THR P 39 78.76 -11.50 14.90
CA THR P 39 77.86 -11.43 16.05
C THR P 39 78.15 -12.54 17.06
N GLU P 40 77.85 -13.79 16.68
CA GLU P 40 78.16 -15.01 17.44
C GLU P 40 78.10 -14.81 18.95
N THR P 41 77.06 -14.17 19.46
CA THR P 41 77.03 -13.72 20.86
C THR P 41 76.24 -14.65 21.77
N ALA P 42 74.95 -14.83 21.48
CA ALA P 42 74.06 -15.56 22.38
C ALA P 42 73.61 -16.91 21.83
N VAL P 43 74.13 -17.32 20.67
CA VAL P 43 73.81 -18.64 20.14
C VAL P 43 74.69 -19.71 20.77
N MET P 44 75.89 -19.34 21.21
CA MET P 44 76.84 -20.33 21.72
C MET P 44 76.45 -20.90 23.09
N PRO P 45 75.86 -20.15 24.03
CA PRO P 45 75.42 -20.80 25.26
C PRO P 45 74.38 -21.88 25.01
N PHE P 46 73.46 -21.65 24.08
CA PHE P 46 72.49 -22.67 23.70
C PHE P 46 73.18 -23.91 23.13
N PHE P 47 74.17 -23.71 22.27
CA PHE P 47 74.84 -24.85 21.64
C PHE P 47 75.66 -25.63 22.64
N ALA P 48 76.32 -24.93 23.57
CA ALA P 48 77.06 -25.61 24.62
C ALA P 48 76.13 -26.36 25.56
N GLY P 49 74.97 -25.80 25.87
CA GLY P 49 73.99 -26.50 26.68
C GLY P 49 73.33 -27.68 25.98
N ILE P 50 73.30 -27.68 24.66
CA ILE P 50 72.76 -28.82 23.92
C ILE P 50 73.90 -29.56 23.24
N TYR P 51 74.49 -30.52 23.95
CA TYR P 51 75.49 -31.44 23.40
C TYR P 51 75.19 -32.88 23.77
N ASN P 52 74.67 -33.12 24.97
CA ASN P 52 74.32 -34.44 25.47
C ASN P 52 72.92 -34.39 26.11
N ASN P 53 71.98 -33.83 25.36
CA ASN P 53 70.60 -33.59 25.80
C ASN P 53 70.60 -32.54 26.91
N ASN P 54 70.16 -32.94 28.12
CA ASN P 54 70.12 -32.13 29.34
C ASN P 54 69.83 -30.66 29.06
N TRP P 55 68.69 -30.39 28.42
CA TRP P 55 68.38 -29.06 27.93
C TRP P 55 68.27 -28.05 29.06
N PRO P 56 69.09 -26.99 29.07
CA PRO P 56 68.90 -25.93 30.07
C PRO P 56 67.82 -24.95 29.67
N VAL P 57 67.65 -24.76 28.36
CA VAL P 57 66.63 -23.87 27.81
C VAL P 57 65.93 -24.61 26.68
N ALA P 58 64.68 -24.22 26.42
CA ALA P 58 63.87 -24.96 25.45
C ALA P 58 64.28 -24.66 24.02
N ARG P 59 64.16 -23.41 23.60
CA ARG P 59 64.45 -23.00 22.22
C ARG P 59 65.19 -21.68 22.21
N LEU P 60 65.62 -21.27 21.03
CA LEU P 60 66.31 -20.00 20.83
C LEU P 60 65.56 -19.17 19.80
N VAL P 61 65.50 -17.87 20.04
CA VAL P 61 64.81 -16.91 19.19
C VAL P 61 65.77 -15.77 18.87
N TYR P 62 65.98 -15.51 17.58
CA TYR P 62 66.84 -14.41 17.14
C TYR P 62 65.98 -13.34 16.49
N VAL P 63 66.04 -12.12 17.00
CA VAL P 63 65.10 -11.07 16.63
C VAL P 63 65.77 -10.09 15.67
N LEU P 64 65.11 -9.87 14.52
CA LEU P 64 65.47 -8.83 13.56
C LEU P 64 64.45 -7.71 13.68
N PRO P 65 64.86 -6.49 14.03
CA PRO P 65 63.90 -5.50 14.54
C PRO P 65 62.73 -5.16 13.62
N THR P 66 63.02 -4.61 12.44
CA THR P 66 61.97 -4.14 11.55
C THR P 66 61.98 -4.83 10.20
N ARG P 67 63.11 -4.82 9.51
CA ARG P 67 63.19 -5.35 8.15
C ARG P 67 64.65 -5.66 7.85
N SER P 68 64.96 -6.92 7.61
CA SER P 68 66.32 -7.34 7.34
C SER P 68 66.28 -8.71 6.67
N LEU P 69 67.47 -9.24 6.39
CA LEU P 69 67.62 -10.52 5.72
C LEU P 69 67.32 -11.64 6.72
N VAL P 70 66.03 -11.92 6.88
CA VAL P 70 65.61 -13.02 7.76
C VAL P 70 66.09 -14.34 7.20
N GLU P 71 66.11 -14.48 5.87
CA GLU P 71 66.59 -15.72 5.26
C GLU P 71 68.08 -15.93 5.52
N LYS P 72 68.86 -14.85 5.59
CA LYS P 72 70.29 -15.00 5.90
C LYS P 72 70.49 -15.58 7.29
N GLN P 73 69.77 -15.05 8.28
CA GLN P 73 69.87 -15.59 9.63
C GLN P 73 69.32 -17.00 9.72
N ALA P 74 68.25 -17.30 8.98
CA ALA P 74 67.73 -18.67 8.94
C ALA P 74 68.77 -19.63 8.38
N GLU P 75 69.44 -19.24 7.30
CA GLU P 75 70.49 -20.08 6.74
C GLU P 75 71.66 -20.23 7.70
N ARG P 76 72.02 -19.17 8.42
CA ARG P 76 73.09 -19.25 9.40
C ARG P 76 72.74 -20.26 10.49
N LEU P 77 71.52 -20.17 11.03
CA LEU P 77 71.09 -21.09 12.08
C LEU P 77 71.03 -22.52 11.54
N ARG P 78 70.56 -22.69 10.31
CA ARG P 78 70.51 -24.02 9.70
C ARG P 78 71.90 -24.61 9.54
N ASN P 79 72.86 -23.80 9.08
CA ASN P 79 74.23 -24.29 8.95
C ASN P 79 74.82 -24.64 10.31
N LEU P 80 74.54 -23.82 11.32
CA LEU P 80 75.07 -24.10 12.65
C LEU P 80 74.49 -25.39 13.24
N VAL P 81 73.17 -25.61 13.06
CA VAL P 81 72.59 -26.84 13.58
C VAL P 81 73.06 -28.05 12.79
N TYR P 82 73.28 -27.90 11.47
CA TYR P 82 73.88 -28.98 10.70
C TYR P 82 75.28 -29.29 11.21
N LYS P 83 76.05 -28.26 11.55
CA LYS P 83 77.39 -28.47 12.07
C LYS P 83 77.36 -29.19 13.42
N LEU P 84 76.43 -28.81 14.31
CA LEU P 84 76.36 -29.51 15.58
C LEU P 84 75.89 -30.95 15.40
N LEU P 85 75.10 -31.22 14.35
CA LEU P 85 74.72 -32.60 14.05
C LEU P 85 75.91 -33.46 13.67
N GLN P 86 77.04 -32.86 13.30
CA GLN P 86 78.23 -33.62 12.98
C GLN P 86 78.84 -34.21 14.25
N LEU P 87 79.70 -35.21 14.04
CA LEU P 87 80.38 -35.95 15.11
C LEU P 87 79.38 -36.67 16.02
N LYS P 88 78.15 -36.86 15.57
CA LYS P 88 77.13 -37.58 16.32
C LYS P 88 76.35 -38.58 15.49
N GLY P 89 76.44 -38.54 14.17
CA GLY P 89 75.70 -39.45 13.32
C GLY P 89 74.90 -38.75 12.23
N LYS P 90 73.71 -39.25 11.96
CA LYS P 90 72.75 -38.73 10.97
C LYS P 90 73.26 -38.81 9.54
N SER P 91 74.44 -39.40 9.31
CA SER P 91 75.01 -39.60 7.97
C SER P 91 75.12 -38.23 7.29
N LYS P 92 74.72 -38.09 6.03
CA LYS P 92 74.83 -36.82 5.32
C LYS P 92 73.52 -36.46 4.64
N GLU P 93 72.72 -37.47 4.28
CA GLU P 93 71.49 -37.23 3.54
C GLU P 93 70.40 -36.63 4.42
N GLU P 94 70.09 -37.29 5.54
CA GLU P 94 69.02 -36.83 6.41
C GLU P 94 69.48 -35.74 7.39
N ALA P 95 70.76 -35.40 7.40
CA ALA P 95 71.23 -34.35 8.31
C ALA P 95 70.62 -33.01 7.94
N GLU P 96 70.55 -32.69 6.65
CA GLU P 96 69.99 -31.42 6.21
C GLU P 96 68.46 -31.43 6.18
N LYS P 97 67.84 -32.61 6.08
CA LYS P 97 66.38 -32.67 6.01
C LYS P 97 65.74 -32.14 7.28
N LEU P 98 66.28 -32.50 8.44
CA LEU P 98 65.77 -31.98 9.69
C LEU P 98 66.25 -30.54 9.95
N ALA P 99 67.44 -30.20 9.47
CA ALA P 99 67.95 -28.83 9.65
C ALA P 99 67.08 -27.82 8.92
N ARG P 100 66.64 -28.15 7.71
CA ARG P 100 65.78 -27.24 6.96
C ARG P 100 64.34 -27.22 7.49
N GLU P 101 63.98 -28.14 8.38
CA GLU P 101 62.65 -28.20 8.96
C GLU P 101 62.57 -27.51 10.32
N LEU P 102 63.61 -27.65 11.15
CA LEU P 102 63.59 -27.05 12.48
C LEU P 102 63.68 -25.54 12.44
N VAL P 103 64.12 -24.95 11.33
CA VAL P 103 64.17 -23.50 11.16
C VAL P 103 62.84 -23.05 10.58
N VAL P 104 62.15 -22.15 11.27
CA VAL P 104 60.83 -21.68 10.87
C VAL P 104 60.90 -20.16 10.70
N VAL P 105 60.50 -19.68 9.52
CA VAL P 105 60.43 -18.24 9.30
C VAL P 105 59.29 -17.62 10.10
N GLU P 106 58.17 -18.35 10.24
CA GLU P 106 56.98 -17.92 10.98
C GLU P 106 56.61 -16.48 10.66
N TYR P 107 56.27 -16.26 9.39
CA TYR P 107 55.92 -14.93 8.90
C TYR P 107 54.65 -14.41 9.57
N GLY P 108 53.88 -15.31 10.20
CA GLY P 108 52.60 -14.96 10.79
C GLY P 108 51.43 -15.68 10.17
N LEU P 109 51.64 -16.39 9.07
CA LEU P 109 50.62 -17.23 8.46
C LEU P 109 50.65 -18.59 9.14
N GLU P 110 50.04 -19.61 8.52
CA GLU P 110 49.99 -21.00 9.00
C GLU P 110 49.46 -21.05 10.44
N LYS P 111 48.19 -20.68 10.54
CA LYS P 111 47.49 -20.65 11.81
C LYS P 111 47.36 -22.03 12.46
N THR P 112 47.77 -23.10 11.77
CA THR P 112 47.72 -24.43 12.36
C THR P 112 48.62 -24.53 13.58
N HIS P 113 49.84 -23.99 13.48
CA HIS P 113 50.78 -23.97 14.58
C HIS P 113 51.21 -22.54 14.86
N ALA P 114 51.27 -22.17 16.14
CA ALA P 114 51.56 -20.81 16.52
C ALA P 114 53.06 -20.52 16.52
N PHE P 115 53.81 -21.23 17.37
CA PHE P 115 55.24 -20.96 17.53
C PHE P 115 55.94 -22.27 17.87
N LEU P 116 56.53 -22.91 16.85
CA LEU P 116 57.23 -24.17 17.04
C LEU P 116 58.53 -24.13 16.24
N GLY P 117 59.56 -24.80 16.76
CA GLY P 117 60.86 -24.83 16.12
C GLY P 117 62.00 -24.74 17.11
N TRP P 118 62.99 -25.62 16.99
CA TRP P 118 64.06 -25.69 17.98
C TRP P 118 64.84 -24.38 18.06
N VAL P 119 65.16 -23.80 16.91
CA VAL P 119 65.75 -22.47 16.84
C VAL P 119 65.03 -21.71 15.74
N VAL P 120 64.62 -20.48 16.03
CA VAL P 120 63.81 -19.71 15.10
C VAL P 120 64.31 -18.27 15.01
N VAL P 121 64.00 -17.64 13.89
CA VAL P 121 64.25 -16.23 13.66
C VAL P 121 62.90 -15.52 13.61
N THR P 122 62.77 -14.46 14.41
CA THR P 122 61.55 -13.68 14.52
C THR P 122 61.87 -12.21 14.27
N THR P 123 60.83 -11.40 14.24
CA THR P 123 60.97 -9.95 14.20
C THR P 123 60.18 -9.33 15.34
N TRP P 124 60.67 -8.21 15.85
CA TRP P 124 59.91 -7.47 16.86
C TRP P 124 58.54 -7.09 16.31
N ASP P 125 58.47 -6.78 15.01
CA ASP P 125 57.18 -6.56 14.36
C ASP P 125 56.30 -7.79 14.48
N ALA P 126 56.88 -8.98 14.27
CA ALA P 126 56.13 -10.22 14.49
C ALA P 126 56.08 -10.61 15.97
N PHE P 127 57.02 -10.13 16.78
CA PHE P 127 56.97 -10.41 18.21
C PHE P 127 55.77 -9.76 18.87
N LEU P 128 55.43 -8.54 18.46
CA LEU P 128 54.25 -7.87 19.00
C LEU P 128 52.97 -8.61 18.62
N TYR P 129 52.96 -9.26 17.47
CA TYR P 129 51.81 -10.10 17.11
C TYR P 129 51.82 -11.41 17.91
N GLY P 130 52.99 -12.01 18.09
CA GLY P 130 53.09 -13.29 18.75
C GLY P 130 52.84 -13.23 20.25
N LEU P 131 53.03 -12.06 20.86
CA LEU P 131 52.73 -11.96 22.28
C LEU P 131 51.25 -12.08 22.58
N ALA P 132 50.38 -11.95 21.57
CA ALA P 132 48.94 -12.10 21.78
C ALA P 132 48.31 -12.52 20.45
N ALA P 133 47.94 -13.79 20.34
CA ALA P 133 47.28 -14.30 19.15
C ALA P 133 46.61 -15.62 19.48
N HIS P 134 45.66 -16.01 18.62
CA HIS P 134 44.96 -17.28 18.72
C HIS P 134 45.22 -18.10 17.47
N ARG P 135 45.74 -19.31 17.65
CA ARG P 135 46.01 -20.24 16.55
C ARG P 135 45.40 -21.59 16.92
N THR P 136 44.12 -21.77 16.58
CA THR P 136 43.38 -22.98 16.91
C THR P 136 43.01 -23.73 15.63
N VAL P 137 43.39 -25.00 15.56
CA VAL P 137 43.04 -25.87 14.45
C VAL P 137 42.56 -27.20 15.02
N GLY P 138 41.43 -27.68 14.52
CA GLY P 138 40.89 -28.96 14.98
C GLY P 138 40.55 -28.97 16.46
N ASN P 139 39.96 -27.90 16.97
CA ASN P 139 39.60 -27.78 18.39
C ASN P 139 40.83 -27.88 19.29
N ARG P 140 41.99 -27.47 18.79
CA ARG P 140 43.23 -27.52 19.54
C ARG P 140 43.88 -26.14 19.48
N PHE P 141 44.04 -25.52 20.65
CA PHE P 141 44.58 -24.17 20.73
C PHE P 141 46.08 -24.20 20.97
N THR P 142 46.78 -23.23 20.38
CA THR P 142 48.21 -23.04 20.58
C THR P 142 48.47 -21.59 20.93
N PHE P 143 49.23 -21.37 22.01
CA PHE P 143 49.54 -20.02 22.46
C PHE P 143 50.86 -19.57 21.86
N PRO P 144 50.89 -18.52 21.02
CA PRO P 144 52.16 -18.11 20.43
C PRO P 144 53.15 -17.56 21.45
N ALA P 145 52.68 -16.73 22.38
CA ALA P 145 53.55 -16.20 23.42
C ALA P 145 53.94 -17.27 24.43
N GLY P 146 53.25 -18.42 24.44
CA GLY P 146 53.56 -19.45 25.40
C GLY P 146 54.95 -20.03 25.21
N ALA P 147 55.32 -20.34 23.96
CA ALA P 147 56.65 -20.86 23.69
C ALA P 147 57.75 -19.84 23.95
N ILE P 148 57.41 -18.55 24.03
CA ILE P 148 58.41 -17.52 24.21
C ILE P 148 59.01 -17.55 25.61
N ALA P 149 58.20 -17.83 26.64
CA ALA P 149 58.66 -17.68 28.02
C ALA P 149 59.82 -18.61 28.34
N GLN P 150 59.66 -19.91 28.07
CA GLN P 150 60.75 -20.84 28.35
C GLN P 150 61.86 -20.78 27.31
N SER P 151 61.54 -20.33 26.10
CA SER P 151 62.58 -20.11 25.10
C SER P 151 63.43 -18.89 25.46
N LEU P 152 64.64 -18.87 24.92
CA LEU P 152 65.58 -17.77 25.12
C LEU P 152 65.51 -16.84 23.91
N VAL P 153 64.99 -15.64 24.12
CA VAL P 153 64.84 -14.64 23.06
C VAL P 153 65.98 -13.64 23.16
N ILE P 154 66.57 -13.30 22.01
CA ILE P 154 67.66 -12.34 21.95
C ILE P 154 67.38 -11.34 20.84
N PHE P 155 67.62 -10.06 21.12
CA PHE P 155 67.41 -8.97 20.19
C PHE P 155 68.70 -8.66 19.44
N ASP P 156 68.60 -7.81 18.43
CA ASP P 156 69.77 -7.43 17.63
C ASP P 156 69.52 -6.06 17.01
N GLU P 157 70.14 -5.03 17.56
CA GLU P 157 70.05 -3.66 17.06
C GLU P 157 68.59 -3.21 16.97
N VAL P 158 67.85 -3.44 18.05
CA VAL P 158 66.42 -3.16 18.06
C VAL P 158 66.16 -1.72 18.52
N GLN P 159 67.22 -0.92 18.54
CA GLN P 159 67.07 0.49 18.90
C GLN P 159 67.51 1.37 17.74
N MET P 160 67.07 1.02 16.53
CA MET P 160 67.38 1.76 15.32
C MET P 160 66.19 2.62 14.95
N TYR P 161 66.47 3.76 14.31
CA TYR P 161 65.42 4.68 13.86
C TYR P 161 64.90 4.25 12.49
N GLN P 162 63.58 4.29 12.35
CA GLN P 162 62.90 3.88 11.12
C GLN P 162 61.86 4.91 10.71
N ASP P 163 60.99 4.56 9.78
CA ASP P 163 60.02 5.50 9.23
C ASP P 163 58.93 5.81 10.25
N GLU P 164 59.29 6.57 11.29
CA GLU P 164 58.42 7.05 12.35
C GLU P 164 57.38 6.03 12.79
N SER P 165 57.78 4.76 12.87
CA SER P 165 56.87 3.71 13.32
C SER P 165 57.48 2.70 14.27
N MET P 166 58.80 2.72 14.48
CA MET P 166 59.47 1.68 15.25
C MET P 166 60.33 2.22 16.38
N TYR P 167 60.96 3.38 16.20
CA TYR P 167 61.90 3.90 17.19
C TYR P 167 61.13 4.59 18.33
N MET P 168 60.63 3.76 19.25
CA MET P 168 60.12 4.24 20.53
C MET P 168 60.94 3.61 21.64
N PRO P 169 61.93 4.33 22.18
CA PRO P 169 62.76 3.74 23.26
C PRO P 169 61.97 3.35 24.49
N ARG P 170 60.84 4.00 24.76
CA ARG P 170 60.03 3.67 25.93
C ARG P 170 59.36 2.31 25.80
N LEU P 171 58.94 1.93 24.59
CA LEU P 171 58.33 0.62 24.38
C LEU P 171 59.33 -0.50 24.67
N LEU P 172 60.58 -0.31 24.25
CA LEU P 172 61.61 -1.31 24.55
C LEU P 172 61.80 -1.46 26.05
N SER P 173 61.85 -0.35 26.79
CA SER P 173 61.99 -0.44 28.23
C SER P 173 60.79 -1.10 28.87
N LEU P 174 59.58 -0.82 28.36
CA LEU P 174 58.38 -1.45 28.89
C LEU P 174 58.41 -2.96 28.67
N VAL P 175 58.82 -3.40 27.47
CA VAL P 175 58.89 -4.83 27.19
C VAL P 175 59.96 -5.49 28.06
N VAL P 176 61.11 -4.83 28.23
CA VAL P 176 62.16 -5.38 29.08
C VAL P 176 61.69 -5.50 30.52
N GLY P 177 60.96 -4.49 31.01
CA GLY P 177 60.42 -4.57 32.35
C GLY P 177 59.40 -5.69 32.51
N ILE P 178 58.57 -5.90 31.48
CA ILE P 178 57.62 -7.00 31.53
C ILE P 178 58.35 -8.34 31.59
N LEU P 179 59.38 -8.51 30.77
CA LEU P 179 60.10 -9.79 30.73
C LEU P 179 60.97 -10.01 31.96
N GLU P 180 61.40 -8.93 32.62
CA GLU P 180 62.26 -9.06 33.79
C GLU P 180 61.54 -9.78 34.93
N GLU P 181 60.29 -9.43 35.20
CA GLU P 181 59.55 -10.03 36.29
C GLU P 181 59.10 -11.46 36.02
N ALA P 182 59.35 -11.97 34.81
CA ALA P 182 59.07 -13.37 34.50
C ALA P 182 60.19 -14.31 34.95
N ASN P 183 61.28 -13.77 35.49
CA ASN P 183 62.44 -14.56 35.91
C ASN P 183 62.97 -15.41 34.75
N VAL P 184 63.19 -14.74 33.62
CA VAL P 184 63.76 -15.39 32.44
C VAL P 184 64.98 -14.57 32.00
N PRO P 185 66.01 -15.20 31.45
CA PRO P 185 67.21 -14.45 31.07
C PRO P 185 66.97 -13.65 29.79
N LEU P 186 67.36 -12.37 29.83
CA LEU P 186 67.30 -11.50 28.66
C LEU P 186 68.69 -10.97 28.38
N VAL P 187 69.20 -11.23 27.18
CA VAL P 187 70.48 -10.71 26.73
C VAL P 187 70.28 -10.07 25.37
N ILE P 188 70.89 -8.90 25.17
CA ILE P 188 70.77 -8.14 23.93
C ILE P 188 72.16 -7.79 23.45
N MET P 189 72.27 -7.55 22.14
CA MET P 189 73.51 -7.12 21.52
C MET P 189 73.23 -5.96 20.58
N SER P 190 73.90 -4.83 20.82
CA SER P 190 73.75 -3.63 20.02
C SER P 190 75.11 -2.97 19.84
N ALA P 191 75.22 -2.16 18.79
CA ALA P 191 76.48 -1.47 18.51
C ALA P 191 76.67 -0.27 19.43
N THR P 192 75.77 0.71 19.35
CA THR P 192 75.85 1.92 20.16
C THR P 192 74.53 2.10 20.91
N ILE P 193 74.63 2.38 22.20
CA ILE P 193 73.43 2.61 23.02
C ILE P 193 73.59 3.94 23.76
N PRO P 194 72.51 4.70 23.94
CA PRO P 194 72.61 5.96 24.69
C PRO P 194 72.94 5.71 26.15
N SER P 195 73.55 6.72 26.78
CA SER P 195 73.90 6.62 28.18
C SER P 195 72.65 6.47 29.05
N LYS P 196 71.58 7.19 28.71
CA LYS P 196 70.35 7.11 29.48
C LYS P 196 69.71 5.73 29.36
N LEU P 197 69.79 5.12 28.17
CA LEU P 197 69.14 3.83 27.95
C LEU P 197 69.73 2.74 28.84
N ARG P 198 71.07 2.71 28.96
CA ARG P 198 71.74 1.68 29.72
C ARG P 198 71.38 1.71 31.20
N GLU P 199 70.79 2.80 31.70
CA GLU P 199 70.30 2.85 33.06
C GLU P 199 68.79 2.81 33.19
N MET P 200 68.05 3.20 32.14
CA MET P 200 66.59 3.13 32.23
C MET P 200 66.03 1.82 31.69
N ILE P 201 66.86 0.95 31.14
CA ILE P 201 66.45 -0.43 30.88
C ILE P 201 67.14 -1.41 31.83
N ALA P 202 68.23 -1.00 32.49
CA ALA P 202 68.96 -1.91 33.37
C ALA P 202 69.51 -1.07 34.53
N GLY P 203 68.81 -1.12 35.67
CA GLY P 203 69.23 -0.36 36.83
C GLY P 203 70.30 -1.01 37.67
N ASP P 204 70.46 -2.33 37.54
CA ASP P 204 71.44 -3.07 38.34
C ASP P 204 72.30 -3.99 37.48
N THR P 205 72.41 -3.73 36.18
CA THR P 205 73.21 -4.53 35.28
C THR P 205 74.36 -3.68 34.74
N GLU P 206 75.58 -4.21 34.88
CA GLU P 206 76.78 -3.51 34.41
C GLU P 206 77.05 -3.88 32.95
N VAL P 207 77.57 -2.91 32.21
CA VAL P 207 77.88 -3.12 30.80
C VAL P 207 79.30 -3.67 30.67
N ILE P 208 79.45 -4.73 29.88
CA ILE P 208 80.76 -5.34 29.70
C ILE P 208 81.64 -4.57 28.73
N THR P 209 81.03 -3.74 27.86
CA THR P 209 81.69 -2.94 26.83
C THR P 209 82.91 -3.65 26.22
N VAL P 210 83.98 -2.90 25.95
CA VAL P 210 85.21 -3.45 25.40
C VAL P 210 86.31 -3.29 26.44
N ASP P 211 86.96 -4.39 26.79
CA ASP P 211 88.01 -4.40 27.79
C ASP P 211 89.39 -4.38 27.13
N LYS P 212 90.28 -3.55 27.68
CA LYS P 212 91.64 -3.46 27.15
C LYS P 212 92.38 -4.79 27.32
N ASN P 213 92.21 -5.44 28.47
CA ASN P 213 92.85 -6.73 28.70
C ASN P 213 92.27 -7.79 27.78
N ASP P 214 93.10 -8.79 27.45
CA ASP P 214 92.73 -9.87 26.54
C ASP P 214 92.30 -9.32 25.18
N LYS P 215 93.27 -8.71 24.51
CA LYS P 215 93.03 -8.07 23.22
C LYS P 215 92.85 -9.12 22.12
N ASN P 216 91.64 -9.68 22.02
CA ASN P 216 91.30 -10.63 20.97
C ASN P 216 89.96 -10.31 20.32
N LYS P 217 89.39 -9.14 20.61
CA LYS P 217 88.12 -8.77 20.00
C LYS P 217 88.30 -8.52 18.51
N PRO P 218 87.25 -8.74 17.71
CA PRO P 218 87.37 -8.49 16.26
C PRO P 218 87.46 -7.02 15.94
N SER P 219 88.65 -6.56 15.56
CA SER P 219 88.86 -5.16 15.22
C SER P 219 88.27 -4.85 13.84
N LYS P 220 87.97 -3.57 13.63
CA LYS P 220 87.41 -3.12 12.37
C LYS P 220 88.48 -2.76 11.36
N GLY P 221 89.50 -2.01 11.78
CA GLY P 221 90.58 -1.63 10.90
C GLY P 221 90.68 -0.13 10.68
N ASN P 222 90.82 0.27 9.42
CA ASN P 222 90.93 1.68 9.05
C ASN P 222 89.75 2.03 8.15
N VAL P 223 88.82 2.84 8.66
CA VAL P 223 87.65 3.27 7.92
C VAL P 223 87.70 4.79 7.80
N LYS P 224 87.58 5.28 6.56
CA LYS P 224 87.60 6.70 6.27
C LYS P 224 86.24 7.14 5.77
N VAL P 225 85.70 8.20 6.38
CA VAL P 225 84.39 8.73 6.02
C VAL P 225 84.54 10.22 5.73
N ARG P 226 83.90 10.67 4.65
CA ARG P 226 83.91 12.06 4.25
C ARG P 226 82.53 12.47 3.76
N LEU P 227 82.34 13.77 3.61
CA LEU P 227 81.08 14.34 3.14
C LEU P 227 81.19 14.62 1.65
N VAL P 228 80.30 14.02 0.86
CA VAL P 228 80.30 14.17 -0.59
C VAL P 228 78.89 14.55 -1.03
N GLU P 229 78.81 15.34 -2.11
CA GLU P 229 77.52 15.74 -2.65
C GLU P 229 76.79 14.54 -3.23
N GLY P 230 75.50 14.42 -2.93
CA GLY P 230 74.71 13.32 -3.43
C GLY P 230 74.29 13.47 -4.87
N ASP P 231 74.87 12.68 -5.75
CA ASP P 231 74.53 12.73 -7.18
C ASP P 231 74.79 11.37 -7.79
N ILE P 232 73.94 10.98 -8.74
CA ILE P 232 74.09 9.69 -9.41
C ILE P 232 75.36 9.67 -10.25
N THR P 233 75.62 10.75 -10.99
CA THR P 233 76.79 10.80 -11.85
C THR P 233 78.09 10.89 -11.06
N ASP P 234 78.06 11.46 -9.85
CA ASP P 234 79.29 11.61 -9.07
C ASP P 234 79.79 10.26 -8.57
N VAL P 235 78.88 9.36 -8.16
CA VAL P 235 79.30 8.08 -7.59
C VAL P 235 79.83 7.15 -8.67
N LEU P 236 79.55 7.42 -9.95
CA LEU P 236 79.99 6.53 -11.02
C LEU P 236 81.50 6.37 -11.05
N ASN P 237 82.23 7.47 -10.85
CA ASN P 237 83.69 7.40 -10.82
C ASN P 237 84.21 6.49 -9.72
N ASP P 238 83.41 6.27 -8.67
CA ASP P 238 83.79 5.37 -7.58
C ASP P 238 83.36 3.94 -7.82
N ILE P 239 82.63 3.66 -8.90
CA ILE P 239 82.18 2.31 -9.20
C ILE P 239 83.12 1.62 -10.17
N LYS P 240 83.46 2.29 -11.27
CA LYS P 240 84.29 1.70 -12.31
C LYS P 240 85.69 1.40 -11.79
N LYS P 241 86.04 1.94 -10.63
CA LYS P 241 87.34 1.71 -10.01
C LYS P 241 87.32 0.62 -8.95
N ILE P 242 86.17 -0.01 -8.69
CA ILE P 242 86.11 -1.11 -7.75
C ILE P 242 85.73 -2.43 -8.41
N LEU P 243 84.77 -2.43 -9.34
CA LEU P 243 84.34 -3.68 -9.96
C LEU P 243 85.50 -4.35 -10.70
N LYS P 244 86.33 -3.57 -11.38
CA LYS P 244 87.54 -4.12 -11.99
C LYS P 244 88.49 -4.65 -10.93
N ASN P 245 88.63 -3.94 -9.81
CA ASN P 245 89.54 -4.35 -8.76
C ASN P 245 89.11 -5.67 -8.13
N GLY P 246 87.82 -5.84 -7.90
CA GLY P 246 87.31 -7.04 -7.26
C GLY P 246 86.29 -6.72 -6.18
N LYS P 247 86.19 -5.44 -5.82
CA LYS P 247 85.24 -5.00 -4.82
C LYS P 247 83.85 -4.88 -5.44
N LYS P 248 82.89 -4.47 -4.62
CA LYS P 248 81.51 -4.27 -5.05
C LYS P 248 81.01 -2.93 -4.55
N VAL P 249 79.82 -2.55 -5.02
CA VAL P 249 79.16 -1.31 -4.62
C VAL P 249 77.89 -1.66 -3.88
N LEU P 250 77.65 -0.96 -2.77
CA LEU P 250 76.46 -1.17 -1.94
C LEU P 250 75.78 0.18 -1.73
N VAL P 251 74.70 0.43 -2.45
CA VAL P 251 73.93 1.67 -2.33
C VAL P 251 72.72 1.40 -1.45
N VAL P 252 72.45 2.30 -0.51
CA VAL P 252 71.37 2.16 0.44
C VAL P 252 70.45 3.37 0.33
N ARG P 253 69.17 3.13 0.13
CA ARG P 253 68.17 4.19 0.04
C ARG P 253 67.33 4.24 1.31
N ASN P 254 66.76 5.41 1.56
CA ASN P 254 65.85 5.60 2.69
C ASN P 254 64.39 5.58 2.26
N THR P 255 64.11 5.39 0.98
CA THR P 255 62.74 5.37 0.46
C THR P 255 62.60 4.21 -0.51
N VAL P 256 61.47 3.51 -0.44
CA VAL P 256 61.19 2.43 -1.38
C VAL P 256 61.10 2.98 -2.80
N ARG P 257 60.53 4.18 -2.96
CA ARG P 257 60.40 4.78 -4.28
C ARG P 257 61.78 5.07 -4.89
N LYS P 258 62.73 5.48 -4.07
CA LYS P 258 64.09 5.72 -4.57
C LYS P 258 64.83 4.43 -4.87
N ALA P 259 64.61 3.40 -4.05
CA ALA P 259 65.30 2.12 -4.25
C ALA P 259 64.76 1.37 -5.46
N VAL P 260 63.47 1.52 -5.77
CA VAL P 260 62.87 0.86 -6.94
C VAL P 260 63.27 1.53 -8.23
N GLU P 261 63.93 2.68 -8.18
CA GLU P 261 64.38 3.38 -9.38
C GLU P 261 65.89 3.47 -9.50
N THR P 262 66.63 3.41 -8.39
CA THR P 262 68.08 3.51 -8.47
C THR P 262 68.67 2.33 -9.25
N TYR P 263 68.20 1.12 -8.96
CA TYR P 263 68.70 -0.04 -9.69
C TYR P 263 68.33 0.03 -11.17
N GLN P 264 67.12 0.48 -11.47
CA GLN P 264 66.69 0.59 -12.86
C GLN P 264 67.51 1.61 -13.63
N VAL P 265 67.84 2.75 -13.01
CA VAL P 265 68.63 3.76 -13.70
C VAL P 265 70.11 3.42 -13.73
N LEU P 266 70.58 2.55 -12.84
CA LEU P 266 71.99 2.16 -12.84
C LEU P 266 72.28 0.89 -13.64
N LYS P 267 71.26 0.09 -13.96
CA LYS P 267 71.47 -1.15 -14.71
C LYS P 267 71.52 -0.94 -16.21
N LYS P 268 71.18 0.25 -16.71
CA LYS P 268 71.16 0.51 -18.14
C LYS P 268 72.29 1.42 -18.60
N LYS P 269 72.84 2.25 -17.71
CA LYS P 269 73.89 3.18 -18.09
C LYS P 269 75.30 2.59 -17.98
N LEU P 270 75.45 1.40 -17.40
CA LEU P 270 76.75 0.78 -17.28
C LEU P 270 77.04 -0.17 -18.44
N ASN P 271 76.21 -1.22 -18.57
CA ASN P 271 76.35 -2.22 -19.63
C ASN P 271 77.78 -2.74 -19.72
N ASP P 272 78.23 -3.36 -18.63
CA ASP P 272 79.61 -3.83 -18.55
C ASP P 272 79.70 -5.30 -18.20
N THR P 273 78.71 -5.80 -17.45
CA THR P 273 78.76 -7.18 -16.97
C THR P 273 77.44 -7.91 -17.23
N LEU P 274 77.33 -9.13 -16.71
CA LEU P 274 76.13 -9.94 -16.91
C LEU P 274 74.98 -9.40 -16.08
N ALA P 275 73.78 -9.87 -16.40
CA ALA P 275 72.55 -9.41 -15.74
C ALA P 275 71.77 -10.54 -15.07
N ASN P 276 71.69 -11.70 -15.68
CA ASN P 276 70.89 -12.80 -15.13
C ASN P 276 71.57 -13.47 -13.94
N PRO P 277 72.81 -13.97 -14.06
CA PRO P 277 73.37 -14.74 -12.94
C PRO P 277 73.77 -13.89 -11.75
N SER P 278 74.10 -12.62 -11.96
CA SER P 278 74.61 -11.77 -10.88
C SER P 278 73.68 -10.61 -10.56
N ASP P 279 73.24 -9.86 -11.56
CA ASP P 279 72.35 -8.73 -11.32
C ASP P 279 70.93 -9.24 -11.07
N ALA P 280 70.00 -8.30 -10.90
CA ALA P 280 68.61 -8.61 -10.54
C ALA P 280 68.53 -9.43 -9.26
N LEU P 281 69.47 -9.20 -8.34
CA LEU P 281 69.54 -9.91 -7.06
C LEU P 281 69.74 -8.86 -5.97
N LEU P 282 68.64 -8.38 -5.41
CA LEU P 282 68.66 -7.33 -4.40
C LEU P 282 67.85 -7.78 -3.19
N ILE P 283 67.95 -6.99 -2.12
CA ILE P 283 67.29 -7.32 -0.86
C ILE P 283 65.77 -7.18 -1.01
N HIS P 284 65.05 -7.98 -0.22
CA HIS P 284 63.60 -7.99 -0.30
C HIS P 284 63.00 -6.76 0.38
N SER P 285 62.06 -6.12 -0.32
CA SER P 285 61.31 -4.99 0.23
C SER P 285 59.91 -5.01 -0.39
N ARG P 286 58.98 -5.67 0.32
CA ARG P 286 57.58 -5.83 -0.10
C ARG P 286 57.45 -6.18 -1.58
N PHE P 287 58.34 -7.01 -2.10
CA PHE P 287 58.28 -7.47 -3.48
C PHE P 287 58.89 -8.87 -3.54
N THR P 288 59.26 -9.30 -4.75
CA THR P 288 59.84 -10.61 -5.05
C THR P 288 58.80 -11.73 -5.04
N ILE P 289 57.52 -11.39 -5.14
CA ILE P 289 56.42 -12.35 -5.18
C ILE P 289 56.50 -13.23 -3.93
N GLY P 290 56.40 -12.60 -2.76
CA GLY P 290 56.38 -13.34 -1.52
C GLY P 290 57.72 -13.92 -1.10
N ASP P 291 58.27 -14.80 -1.92
CA ASP P 291 59.51 -15.47 -1.59
C ASP P 291 60.68 -14.50 -1.56
N ARG P 292 61.50 -14.62 -0.51
CA ARG P 292 62.76 -13.88 -0.42
C ARG P 292 63.96 -14.73 -0.77
N ARG P 293 63.93 -16.01 -0.39
CA ARG P 293 65.05 -16.91 -0.66
C ARG P 293 65.31 -17.09 -2.15
N GLU P 294 64.34 -16.72 -2.99
CA GLU P 294 64.58 -16.75 -4.44
C GLU P 294 65.75 -15.87 -4.82
N LYS P 295 65.93 -14.74 -4.14
CA LYS P 295 67.03 -13.82 -4.43
C LYS P 295 67.70 -13.39 -3.13
N GLU P 296 67.91 -14.33 -2.22
CA GLU P 296 68.60 -14.08 -0.97
C GLU P 296 69.88 -14.90 -0.83
N ARG P 297 69.87 -16.16 -1.25
CA ARG P 297 71.07 -16.99 -1.17
C ARG P 297 72.03 -16.76 -2.34
N ALA P 298 71.60 -16.04 -3.36
CA ALA P 298 72.43 -15.78 -4.54
C ALA P 298 73.18 -14.45 -4.45
N LEU P 299 73.17 -13.81 -3.29
CA LEU P 299 73.84 -12.52 -3.11
C LEU P 299 75.34 -12.67 -2.84
N ASP P 300 75.84 -13.90 -2.72
CA ASP P 300 77.26 -14.14 -2.43
C ASP P 300 78.07 -14.01 -3.72
N SER P 301 78.22 -12.76 -4.17
CA SER P 301 78.98 -12.45 -5.37
C SER P 301 79.49 -11.02 -5.28
N ALA P 302 80.68 -10.80 -5.83
CA ALA P 302 81.30 -9.47 -5.84
C ALA P 302 80.75 -8.67 -7.03
N ARG P 303 79.47 -8.30 -6.90
CA ARG P 303 78.78 -7.58 -7.97
C ARG P 303 77.94 -6.45 -7.40
N LEU P 304 77.18 -5.78 -8.26
CA LEU P 304 76.35 -4.65 -7.84
C LEU P 304 75.22 -5.15 -6.95
N ILE P 305 75.12 -4.60 -5.75
CA ILE P 305 74.10 -4.98 -4.78
C ILE P 305 73.37 -3.70 -4.38
N VAL P 306 72.27 -3.41 -5.06
CA VAL P 306 71.41 -2.29 -4.69
C VAL P 306 70.60 -2.67 -3.46
N ALA P 307 70.44 -1.72 -2.54
CA ALA P 307 69.81 -2.01 -1.27
C ALA P 307 69.14 -0.75 -0.73
N THR P 308 68.55 -0.88 0.45
CA THR P 308 67.81 0.20 1.10
C THR P 308 67.94 0.00 2.60
N GLN P 309 67.05 0.63 3.37
CA GLN P 309 67.15 0.60 4.84
C GLN P 309 66.86 -0.78 5.41
N VAL P 310 66.71 -1.79 4.55
CA VAL P 310 66.49 -3.15 5.02
C VAL P 310 67.80 -3.89 5.31
N VAL P 311 68.92 -3.45 4.72
CA VAL P 311 70.18 -4.18 4.80
C VAL P 311 70.98 -3.65 5.99
N GLU P 312 70.33 -2.86 6.85
CA GLU P 312 71.06 -2.25 7.97
C GLU P 312 71.60 -3.31 8.92
N ALA P 313 70.82 -4.36 9.17
CA ALA P 313 71.24 -5.44 10.06
C ALA P 313 71.11 -6.77 9.34
N GLY P 314 71.83 -7.77 9.85
CA GLY P 314 71.75 -9.11 9.30
C GLY P 314 72.45 -9.28 7.97
N LEU P 315 73.77 -9.08 7.95
CA LEU P 315 74.55 -9.27 6.75
C LEU P 315 75.98 -9.65 7.13
N ASP P 316 76.52 -10.65 6.45
CA ASP P 316 77.86 -11.16 6.72
C ASP P 316 78.69 -11.16 5.44
N LEU P 317 78.68 -10.05 4.73
CA LEU P 317 79.45 -9.93 3.49
C LEU P 317 80.93 -9.95 3.81
N PRO P 318 81.71 -10.87 3.24
CA PRO P 318 83.15 -10.93 3.55
C PRO P 318 83.96 -9.87 2.82
N ASN P 319 83.56 -9.55 1.59
CA ASN P 319 84.26 -8.57 0.75
C ASN P 319 83.41 -7.30 0.71
N VAL P 320 83.71 -6.37 1.60
CA VAL P 320 83.01 -5.09 1.69
C VAL P 320 83.94 -4.01 1.16
N GLY P 321 83.52 -3.33 0.10
CA GLY P 321 84.30 -2.27 -0.49
C GLY P 321 83.77 -0.89 -0.14
N LEU P 322 83.04 -0.27 -1.07
CA LEU P 322 82.45 1.03 -0.87
C LEU P 322 80.96 0.90 -0.62
N VAL P 323 80.48 1.54 0.45
CA VAL P 323 79.06 1.55 0.79
C VAL P 323 78.61 3.01 0.80
N VAL P 324 77.61 3.32 -0.03
CA VAL P 324 77.05 4.66 -0.11
C VAL P 324 75.59 4.60 0.34
N THR P 325 75.11 5.72 0.88
CA THR P 325 73.77 5.77 1.43
C THR P 325 73.31 7.22 1.48
N ASP P 326 72.01 7.39 1.74
CA ASP P 326 71.42 8.71 1.93
C ASP P 326 71.57 9.12 3.39
N ILE P 327 70.84 10.15 3.79
CA ILE P 327 70.93 10.64 5.18
C ILE P 327 70.47 9.53 6.13
N ALA P 328 71.22 9.37 7.21
CA ALA P 328 70.91 8.37 8.22
C ALA P 328 70.96 9.00 9.60
N PRO P 329 70.17 8.50 10.55
CA PRO P 329 70.13 9.09 11.90
C PRO P 329 71.29 8.61 12.78
N LEU P 330 72.51 8.75 12.25
CA LEU P 330 73.74 8.45 12.99
C LEU P 330 73.81 7.00 13.44
N ASP P 331 72.90 6.59 14.33
CA ASP P 331 72.94 5.24 14.88
C ASP P 331 72.73 4.20 13.79
N ALA P 332 71.82 4.47 12.84
CA ALA P 332 71.64 3.58 11.70
C ALA P 332 72.81 3.66 10.74
N LEU P 333 73.54 4.77 10.71
CA LEU P 333 74.68 4.94 9.82
C LEU P 333 75.90 4.13 10.27
N ILE P 334 76.16 4.07 11.58
CA ILE P 334 77.37 3.41 12.05
C ILE P 334 77.29 1.90 11.79
N GLN P 335 76.11 1.29 12.00
CA GLN P 335 75.95 -0.12 11.72
C GLN P 335 76.10 -0.42 10.24
N ARG P 336 75.56 0.46 9.39
CA ARG P 336 75.68 0.27 7.95
C ARG P 336 77.14 0.37 7.50
N ILE P 337 77.89 1.34 8.04
CA ILE P 337 79.27 1.52 7.59
C ILE P 337 80.23 0.55 8.26
N GLY P 338 79.83 -0.09 9.36
CA GLY P 338 80.67 -1.09 9.98
C GLY P 338 80.48 -2.48 9.40
N ARG P 339 80.23 -2.55 8.10
CA ARG P 339 80.01 -3.82 7.42
C ARG P 339 81.30 -4.58 7.14
N CYS P 340 82.45 -3.91 7.24
CA CYS P 340 83.73 -4.56 6.95
C CYS P 340 84.10 -5.52 8.07
N ALA P 341 83.68 -6.78 7.94
CA ALA P 341 83.91 -7.79 8.96
C ALA P 341 85.21 -8.52 8.68
N ARG P 342 85.42 -9.64 9.37
CA ARG P 342 86.61 -10.49 9.20
C ARG P 342 87.87 -9.74 9.60
N ARG P 343 88.93 -9.87 8.79
CA ARG P 343 90.20 -9.24 9.11
C ARG P 343 90.09 -7.72 9.06
N PRO P 344 90.79 -7.02 9.94
CA PRO P 344 90.72 -5.55 9.95
C PRO P 344 91.33 -4.95 8.69
N GLY P 345 90.81 -3.79 8.32
CA GLY P 345 91.31 -3.07 7.17
C GLY P 345 90.44 -3.21 5.94
N GLU P 346 90.98 -3.88 4.91
CA GLU P 346 90.29 -4.12 3.64
C GLU P 346 89.91 -2.83 2.93
N GLU P 347 90.57 -1.72 3.28
CA GLU P 347 90.33 -0.41 2.67
C GLU P 347 88.85 -0.03 2.75
N GLY P 348 88.28 -0.19 3.94
CA GLY P 348 86.88 0.13 4.15
C GLY P 348 86.58 1.61 3.99
N GLU P 349 85.79 1.95 2.98
CA GLU P 349 85.45 3.34 2.69
C GLU P 349 83.93 3.48 2.67
N GLY P 350 83.42 4.51 3.33
CA GLY P 350 82.00 4.77 3.37
C GLY P 350 81.67 6.25 3.29
N ILE P 351 80.77 6.62 2.39
CA ILE P 351 80.37 8.01 2.20
C ILE P 351 78.85 8.09 2.14
N ILE P 352 78.34 9.31 2.31
CA ILE P 352 76.91 9.58 2.39
C ILE P 352 76.53 10.49 1.23
N LEU P 353 75.48 10.13 0.51
CA LEU P 353 75.00 10.89 -0.66
C LEU P 353 73.67 11.55 -0.28
N ILE P 354 73.70 12.85 -0.07
CA ILE P 354 72.52 13.64 0.27
C ILE P 354 72.44 14.80 -0.71
N PRO P 355 71.35 14.96 -1.48
CA PRO P 355 71.27 16.09 -2.41
C PRO P 355 71.37 17.43 -1.71
N ALA P 356 70.38 17.76 -0.87
CA ALA P 356 70.62 18.71 0.22
C ALA P 356 70.14 18.12 1.54
N ALA P 357 68.83 17.85 1.62
CA ALA P 357 68.26 17.18 2.78
C ALA P 357 67.08 16.29 2.42
N ALA P 358 66.85 16.00 1.13
CA ALA P 358 65.55 15.49 0.69
C ALA P 358 65.23 14.12 1.27
N ALA P 359 66.23 13.32 1.59
CA ALA P 359 66.00 11.95 2.05
C ALA P 359 65.62 11.88 3.54
N ALA P 360 65.34 13.01 4.18
CA ALA P 360 65.00 13.03 5.59
C ALA P 360 63.51 12.90 5.86
N ALA P 361 62.68 12.87 4.82
CA ALA P 361 61.23 12.79 5.00
C ALA P 361 60.72 11.37 5.13
N ALA P 362 61.56 10.36 4.91
CA ALA P 362 61.13 8.97 4.97
C ALA P 362 61.86 8.14 6.03
N ALA P 363 63.04 8.58 6.48
CA ALA P 363 63.77 7.83 7.48
C ALA P 363 64.39 8.70 8.58
N ALA P 364 64.08 10.00 8.59
CA ALA P 364 64.61 10.88 9.62
C ALA P 364 63.50 11.70 10.26
N ALA P 365 62.44 11.98 9.48
CA ALA P 365 61.32 12.81 9.94
C ALA P 365 61.79 14.16 10.47
N ALA P 366 62.78 14.74 9.77
CA ALA P 366 63.39 16.01 10.13
C ALA P 366 63.94 15.87 11.55
N ALA P 367 63.61 16.77 12.48
CA ALA P 367 64.05 16.69 13.88
C ALA P 367 65.57 16.65 14.00
N ALA P 368 66.07 16.24 15.17
CA ALA P 368 67.50 16.19 15.40
C ALA P 368 68.20 15.18 14.51
N ALA P 369 67.56 14.04 14.23
CA ALA P 369 68.18 13.01 13.41
C ALA P 369 68.56 13.50 12.02
N ALA P 370 67.89 14.55 11.54
CA ALA P 370 68.27 15.18 10.27
C ALA P 370 69.02 16.49 10.46
N ALA P 371 68.78 17.19 11.57
CA ALA P 371 69.47 18.46 11.81
C ALA P 371 70.96 18.24 12.09
N ALA P 372 71.29 17.26 12.92
CA ALA P 372 72.66 16.99 13.31
C ALA P 372 73.29 15.86 12.50
N ALA P 373 72.61 15.35 11.48
CA ALA P 373 73.16 14.27 10.67
C ALA P 373 74.42 14.70 9.94
N ALA P 374 74.44 15.92 9.39
CA ALA P 374 75.61 16.41 8.68
C ALA P 374 76.79 16.66 9.60
N ALA P 375 76.58 16.74 10.91
CA ALA P 375 77.66 16.94 11.87
C ALA P 375 78.26 15.61 12.32
N ALA P 376 78.69 14.80 11.36
CA ALA P 376 79.27 13.49 11.64
C ALA P 376 80.43 13.28 10.66
N ALA P 377 81.64 13.61 11.10
CA ALA P 377 82.83 13.45 10.28
C ALA P 377 83.81 12.41 10.82
N ALA P 378 83.72 12.06 12.10
CA ALA P 378 84.63 11.08 12.67
C ALA P 378 84.26 9.67 12.22
N ALA P 379 85.27 8.78 12.21
CA ALA P 379 85.03 7.40 11.83
C ALA P 379 84.13 6.70 12.85
N ALA P 380 84.31 6.99 14.13
CA ALA P 380 83.53 6.39 15.22
C ALA P 380 83.61 4.87 15.19
N ALA P 381 84.84 4.37 15.10
CA ALA P 381 85.11 2.93 15.07
C ALA P 381 85.83 2.47 16.33
N ALA P 382 85.43 3.01 17.48
CA ALA P 382 86.04 2.67 18.75
C ALA P 382 84.92 2.47 19.78
N ALA P 383 85.31 2.38 21.05
CA ALA P 383 84.37 2.20 22.15
C ALA P 383 83.88 3.52 22.73
N VAL P 384 84.32 4.65 22.19
CA VAL P 384 83.91 5.96 22.68
C VAL P 384 82.78 6.53 21.83
N VAL P 385 82.07 5.69 21.06
CA VAL P 385 80.97 6.16 20.24
C VAL P 385 79.80 6.63 21.07
N THR P 386 79.72 6.22 22.34
CA THR P 386 78.64 6.68 23.21
C THR P 386 78.73 8.17 23.52
N SER P 387 79.90 8.78 23.32
CA SER P 387 80.08 10.20 23.53
C SER P 387 79.74 11.03 22.29
N THR P 388 79.00 10.46 21.34
CA THR P 388 78.59 11.16 20.13
C THR P 388 77.08 11.23 19.95
N ASN P 389 76.36 10.17 20.34
CA ASN P 389 74.92 10.09 20.10
C ASN P 389 74.11 10.95 21.05
N GLU P 390 74.68 11.35 22.19
CA GLU P 390 73.92 12.10 23.19
C GLU P 390 73.58 13.51 22.71
N TYR P 391 74.46 14.14 21.93
CA TYR P 391 74.16 15.43 21.34
C TYR P 391 73.58 15.30 19.94
N ASP P 392 73.25 14.09 19.52
CA ASP P 392 72.59 13.85 18.24
C ASP P 392 71.11 13.51 18.37
N ARG P 393 70.75 12.64 19.33
CA ARG P 393 69.35 12.31 19.52
C ARG P 393 68.90 12.30 20.98
N VAL P 394 69.79 12.56 21.93
CA VAL P 394 69.39 12.61 23.34
C VAL P 394 69.13 14.04 23.78
N VAL P 395 69.97 14.98 23.34
CA VAL P 395 69.85 16.37 23.77
C VAL P 395 68.65 17.07 23.14
N GLU P 396 68.02 16.47 22.13
CA GLU P 396 66.90 17.11 21.44
C GLU P 396 65.63 16.29 21.39
N ILE P 397 65.71 14.96 21.38
CA ILE P 397 64.56 14.10 21.16
C ILE P 397 64.12 13.39 22.43
N HIS P 398 65.06 12.73 23.13
CA HIS P 398 64.69 11.78 24.17
C HIS P 398 64.08 12.46 25.38
N TYR P 399 64.55 13.67 25.74
CA TYR P 399 64.04 14.30 26.95
C TYR P 399 62.58 14.68 26.80
N GLY P 400 62.16 15.04 25.59
CA GLY P 400 60.77 15.36 25.32
C GLY P 400 59.94 14.21 24.81
N GLU P 401 60.57 13.07 24.53
CA GLU P 401 59.93 11.84 24.04
C GLU P 401 58.80 12.14 23.05
N GLY P 402 59.18 12.81 21.97
CA GLY P 402 58.21 13.19 20.97
C GLY P 402 57.95 12.12 19.94
N LYS P 403 56.87 11.36 20.12
CA LYS P 403 56.48 10.30 19.22
C LYS P 403 55.02 10.47 18.84
N LYS P 404 54.67 9.97 17.66
CA LYS P 404 53.30 10.05 17.15
C LYS P 404 52.70 8.66 17.05
N ASN P 405 51.40 8.57 17.36
CA ASN P 405 50.67 7.31 17.34
C ASN P 405 51.35 6.25 18.22
N PHE P 406 51.78 6.68 19.41
CA PHE P 406 52.45 5.80 20.35
C PHE P 406 51.40 5.09 21.21
N VAL P 407 51.45 3.76 21.21
CA VAL P 407 50.40 2.94 21.80
C VAL P 407 50.95 2.12 22.96
N TYR P 408 51.89 2.70 23.71
CA TYR P 408 52.55 1.97 24.81
C TYR P 408 51.54 1.41 25.80
N VAL P 409 50.42 2.12 26.00
CA VAL P 409 49.43 1.70 26.98
C VAL P 409 48.76 0.40 26.59
N GLY P 410 48.78 0.05 25.31
CA GLY P 410 48.14 -1.17 24.84
C GLY P 410 48.90 -2.44 25.18
N ASP P 411 49.83 -2.35 26.13
CA ASP P 411 50.59 -3.51 26.57
C ASP P 411 50.52 -3.76 28.07
N ILE P 412 49.91 -2.86 28.85
CA ILE P 412 49.77 -3.03 30.28
C ILE P 412 48.38 -3.53 30.65
N ASP P 413 47.33 -2.91 30.12
CA ASP P 413 45.97 -3.30 30.44
C ASP P 413 45.46 -4.41 29.51
N THR P 414 45.71 -4.30 28.21
CA THR P 414 45.26 -5.32 27.28
C THR P 414 46.07 -6.60 27.41
N ALA P 415 47.39 -6.47 27.58
CA ALA P 415 48.27 -7.62 27.71
C ALA P 415 48.37 -8.04 29.19
N ARG P 416 47.27 -8.61 29.68
CA ARG P 416 47.21 -9.09 31.06
C ARG P 416 47.10 -10.61 31.15
N ARG P 417 46.06 -11.19 30.58
CA ARG P 417 45.93 -12.65 30.55
C ARG P 417 45.89 -13.20 29.13
N VAL P 418 44.95 -12.73 28.30
CA VAL P 418 44.93 -13.07 26.89
C VAL P 418 44.00 -12.08 26.19
N LEU P 419 44.43 -11.62 25.01
CA LEU P 419 43.61 -10.78 24.14
C LEU P 419 44.10 -10.96 22.71
N GLU P 420 43.52 -10.19 21.79
CA GLU P 420 43.83 -10.32 20.38
C GLU P 420 44.23 -8.98 19.79
N LYS P 421 45.35 -8.99 19.06
CA LYS P 421 45.70 -7.83 18.23
C LYS P 421 44.83 -7.78 16.99
N LYS P 422 44.31 -8.92 16.54
CA LYS P 422 43.36 -8.94 15.43
C LYS P 422 42.10 -8.18 15.80
N ARG P 423 41.60 -8.39 17.01
CA ARG P 423 40.42 -7.70 17.53
C ARG P 423 40.86 -6.93 18.77
N SER P 424 41.38 -5.72 18.57
CA SER P 424 41.83 -4.88 19.66
C SER P 424 40.65 -4.08 20.22
N LYS P 425 40.94 -3.12 21.09
CA LYS P 425 39.90 -2.29 21.69
C LYS P 425 39.76 -0.93 21.01
N LYS P 426 40.82 -0.12 21.03
CA LYS P 426 40.82 1.15 20.31
C LYS P 426 42.12 1.45 19.60
N LEU P 427 43.25 0.88 20.02
CA LEU P 427 44.55 1.21 19.45
C LEU P 427 45.10 -0.01 18.70
N PRO P 428 45.01 -0.05 17.38
CA PRO P 428 45.58 -1.16 16.63
C PRO P 428 47.10 -1.18 16.73
N LYS P 429 47.66 -2.36 16.52
CA LYS P 429 49.11 -2.55 16.49
C LYS P 429 49.53 -2.58 15.03
N ASP P 430 50.03 -1.45 14.53
CA ASP P 430 50.41 -1.33 13.14
C ASP P 430 51.68 -2.13 12.88
N LEU P 431 51.53 -3.38 12.44
CA LEU P 431 52.66 -4.27 12.26
C LEU P 431 52.91 -4.63 10.80
N TYR P 432 51.91 -5.19 10.12
CA TYR P 432 52.07 -5.59 8.73
C TYR P 432 50.71 -5.92 8.15
N ILE P 433 50.65 -5.90 6.81
CA ILE P 433 49.46 -6.30 6.06
C ILE P 433 49.91 -7.26 4.98
N ILE P 434 49.19 -8.38 4.85
CA ILE P 434 49.55 -9.44 3.90
C ILE P 434 48.67 -9.28 2.66
N PRO P 435 49.22 -8.87 1.52
CA PRO P 435 48.43 -8.83 0.29
C PRO P 435 48.54 -10.13 -0.49
N TYR P 436 47.88 -10.21 -1.64
CA TYR P 436 47.94 -11.38 -2.50
C TYR P 436 48.23 -10.92 -3.92
N SER P 437 49.26 -11.50 -4.53
CA SER P 437 49.75 -11.06 -5.83
C SER P 437 49.11 -11.91 -6.92
N VAL P 438 47.96 -11.44 -7.42
CA VAL P 438 47.27 -12.10 -8.51
C VAL P 438 47.37 -11.24 -9.77
N SER P 439 46.93 -11.80 -10.88
CA SER P 439 46.91 -11.06 -12.14
C SER P 439 45.85 -11.61 -13.09
N PRO P 440 44.56 -11.61 -12.70
CA PRO P 440 43.53 -12.14 -13.59
C PRO P 440 43.11 -11.12 -14.64
N TYR P 441 43.52 -11.30 -15.89
CA TYR P 441 43.15 -10.36 -16.93
C TYR P 441 41.74 -10.62 -17.46
N PRO P 442 41.39 -11.85 -17.90
CA PRO P 442 40.02 -12.09 -18.34
C PRO P 442 39.14 -12.74 -17.27
N ASP P 443 39.77 -13.20 -16.19
CA ASP P 443 39.05 -13.98 -15.19
C ASP P 443 37.95 -13.21 -14.45
N PRO P 444 38.15 -11.94 -13.99
CA PRO P 444 37.16 -11.30 -13.10
C PRO P 444 35.71 -11.46 -13.54
N LEU P 445 34.95 -12.20 -12.73
CA LEU P 445 33.51 -12.37 -12.92
C LEU P 445 32.82 -12.27 -11.56
N VAL P 446 33.24 -11.30 -10.76
CA VAL P 446 32.78 -11.08 -9.38
C VAL P 446 33.17 -12.27 -8.50
N LEU P 447 33.44 -11.99 -7.22
CA LEU P 447 33.84 -12.97 -6.21
C LEU P 447 35.21 -13.58 -6.49
N LEU P 448 35.95 -13.04 -7.46
CA LEU P 448 37.31 -13.49 -7.78
C LEU P 448 37.35 -14.97 -8.12
N THR P 449 36.27 -15.49 -8.69
CA THR P 449 36.18 -16.89 -9.12
C THR P 449 36.49 -17.85 -7.98
N THR P 450 37.76 -18.23 -7.85
CA THR P 450 38.19 -19.19 -6.84
C THR P 450 38.33 -18.49 -5.48
N TYR P 451 38.95 -19.19 -4.53
CA TYR P 451 39.18 -18.69 -3.18
C TYR P 451 37.85 -18.36 -2.49
N ASP P 452 37.01 -19.38 -2.37
CA ASP P 452 35.73 -19.26 -1.72
C ASP P 452 35.85 -19.60 -0.23
N GLU P 453 34.77 -19.31 0.51
CA GLU P 453 34.75 -19.60 1.94
C GLU P 453 34.75 -21.11 2.20
N LEU P 454 34.13 -21.89 1.32
CA LEU P 454 34.02 -23.34 1.45
C LEU P 454 33.36 -23.71 2.79
N SER P 455 32.07 -23.34 2.85
CA SER P 455 31.26 -23.53 4.06
C SER P 455 30.80 -24.98 4.18
N LYS P 456 29.79 -25.21 5.03
CA LYS P 456 29.31 -26.56 5.29
C LYS P 456 28.97 -27.31 4.01
N ILE P 457 28.50 -26.60 2.99
CA ILE P 457 28.25 -27.23 1.70
C ILE P 457 29.57 -27.72 1.10
N GLY P 458 29.55 -28.95 0.59
CA GLY P 458 30.76 -29.57 0.08
C GLY P 458 31.45 -30.43 1.10
N GLU P 459 31.90 -29.83 2.20
CA GLU P 459 32.51 -30.58 3.29
C GLU P 459 32.26 -29.83 4.60
N TYR P 460 32.33 -30.57 5.70
CA TYR P 460 32.00 -30.02 7.02
C TYR P 460 33.26 -29.56 7.76
N LEU P 461 33.91 -28.57 7.19
CA LEU P 461 35.07 -27.96 7.82
C LEU P 461 34.97 -26.45 7.95
N ALA P 462 34.42 -25.78 6.94
CA ALA P 462 34.18 -24.33 6.93
C ALA P 462 35.45 -23.51 7.08
N ASP P 463 36.63 -24.14 7.02
CA ASP P 463 37.88 -23.41 7.14
C ASP P 463 38.96 -23.90 6.18
N THR P 464 38.60 -24.72 5.18
CA THR P 464 39.58 -25.27 4.25
C THR P 464 39.75 -24.33 3.07
N THR P 465 41.00 -24.04 2.72
CA THR P 465 41.32 -23.18 1.60
C THR P 465 42.55 -23.73 0.88
N LYS P 466 42.79 -23.20 -0.32
CA LYS P 466 43.92 -23.63 -1.15
C LYS P 466 45.13 -22.72 -1.00
N ALA P 467 45.35 -22.15 0.18
CA ALA P 467 46.45 -21.24 0.44
C ALA P 467 47.69 -21.96 0.99
N ARG P 468 47.89 -23.23 0.62
CA ARG P 468 49.03 -23.99 1.14
C ARG P 468 50.35 -23.38 0.69
N LYS P 469 50.45 -22.97 -0.57
CA LYS P 469 51.66 -22.31 -1.07
C LYS P 469 51.69 -20.82 -0.74
N ALA P 470 50.54 -20.24 -0.37
CA ALA P 470 50.46 -18.82 -0.06
C ALA P 470 51.35 -18.42 1.12
N LEU P 471 51.80 -19.39 1.92
CA LEU P 471 52.75 -19.09 2.99
C LEU P 471 54.01 -18.43 2.45
N ASP P 472 54.33 -18.67 1.18
CA ASP P 472 55.45 -18.00 0.53
C ASP P 472 55.00 -17.10 -0.62
N ARG P 473 53.83 -16.46 -0.48
CA ARG P 473 53.27 -15.67 -1.57
C ARG P 473 52.92 -14.24 -1.19
N VAL P 474 52.79 -13.92 0.09
CA VAL P 474 52.33 -12.61 0.52
C VAL P 474 53.52 -11.68 0.70
N TYR P 475 53.26 -10.38 0.57
CA TYR P 475 54.28 -9.34 0.69
C TYR P 475 54.41 -8.92 2.16
N LYS P 476 55.14 -7.82 2.38
CA LYS P 476 55.32 -7.22 3.71
C LYS P 476 54.96 -5.75 3.60
N PHE P 477 53.69 -5.43 3.78
CA PHE P 477 53.17 -4.07 3.64
C PHE P 477 52.88 -3.50 5.02
N HIS P 478 53.36 -2.28 5.26
CA HIS P 478 53.14 -1.56 6.50
C HIS P 478 52.17 -0.42 6.27
N TYR P 479 51.20 -0.27 7.17
CA TYR P 479 50.16 0.74 7.02
C TYR P 479 50.75 2.12 7.35
N GLU P 480 51.00 2.92 6.31
CA GLU P 480 51.40 4.31 6.49
C GLU P 480 50.36 5.26 5.92
N ASN P 481 50.01 5.11 4.63
CA ASN P 481 48.98 5.93 4.00
C ASN P 481 48.46 5.17 2.80
N ASN P 482 47.14 5.24 2.59
CA ASN P 482 46.52 4.58 1.44
C ASN P 482 45.69 5.58 0.65
N ILE P 483 45.08 6.54 1.34
CA ILE P 483 44.26 7.58 0.72
C ILE P 483 43.09 6.96 -0.03
N VAL P 484 43.37 6.30 -1.15
CA VAL P 484 42.35 5.60 -1.92
C VAL P 484 42.86 4.20 -2.23
N PRO P 485 42.03 3.17 -2.06
CA PRO P 485 42.48 1.82 -2.39
C PRO P 485 42.75 1.66 -3.88
N LYS P 486 43.74 0.82 -4.19
CA LYS P 486 44.09 0.49 -5.57
C LYS P 486 44.01 -0.99 -5.87
N GLU P 487 44.13 -1.85 -4.87
CA GLU P 487 44.06 -3.30 -5.03
C GLU P 487 42.71 -3.83 -4.53
N PHE P 488 42.42 -5.07 -4.90
CA PHE P 488 41.13 -5.67 -4.57
C PHE P 488 41.06 -5.97 -3.08
N ALA P 489 40.13 -5.32 -2.39
CA ALA P 489 39.97 -5.52 -0.95
C ALA P 489 39.38 -6.89 -0.66
N SER P 490 39.48 -7.30 0.60
CA SER P 490 38.97 -8.59 1.06
C SER P 490 38.41 -8.44 2.46
N TYR P 491 37.50 -9.35 2.81
CA TYR P 491 36.90 -9.37 4.14
C TYR P 491 37.20 -10.66 4.90
N ILE P 492 36.92 -11.82 4.31
CA ILE P 492 37.19 -13.10 4.96
C ILE P 492 37.50 -14.15 3.90
N TYR P 493 38.67 -14.77 4.00
CA TYR P 493 39.13 -15.77 3.04
C TYR P 493 39.02 -15.25 1.61
N PHE P 494 39.57 -14.05 1.40
CA PHE P 494 39.55 -13.37 0.11
C PHE P 494 38.14 -13.07 -0.36
N LYS P 495 38.01 -12.70 -1.63
CA LYS P 495 36.74 -12.45 -2.32
C LYS P 495 35.84 -11.45 -1.61
N GLU P 496 34.63 -11.26 -2.13
CA GLU P 496 33.58 -10.40 -1.58
C GLU P 496 33.90 -8.92 -1.76
N LEU P 497 35.14 -8.63 -2.19
CA LEU P 497 35.64 -7.29 -2.50
C LEU P 497 35.14 -6.26 -1.47
N LYS P 498 34.17 -5.43 -1.86
CA LYS P 498 33.57 -4.36 -1.07
C LYS P 498 34.58 -3.61 -0.19
N LEU P 499 34.11 -3.07 0.94
CA LEU P 499 34.97 -2.39 1.92
C LEU P 499 35.65 -1.16 1.31
N PHE P 500 34.82 -0.21 0.89
CA PHE P 500 35.29 1.06 0.37
C PHE P 500 35.41 2.14 1.44
N SER P 501 35.04 1.84 2.68
CA SER P 501 35.02 2.81 3.76
C SER P 501 36.14 2.49 4.75
N ALA P 502 37.33 3.04 4.47
CA ALA P 502 38.50 2.93 5.34
C ALA P 502 38.79 1.49 5.72
N PRO P 503 39.33 0.68 4.81
CA PRO P 503 39.66 -0.71 5.16
C PRO P 503 40.68 -0.76 6.28
N PRO P 504 40.54 -1.70 7.20
CA PRO P 504 41.43 -1.76 8.37
C PRO P 504 42.72 -2.48 8.03
N GLU P 505 43.62 -2.52 9.01
CA GLU P 505 44.90 -3.19 8.85
C GLU P 505 44.72 -4.71 8.97
N TYR P 506 45.83 -5.42 8.78
CA TYR P 506 45.92 -6.88 8.91
C TYR P 506 45.12 -7.60 7.83
N GLU P 507 45.52 -8.85 7.54
CA GLU P 507 44.86 -9.75 6.60
C GLU P 507 44.44 -9.06 5.31
N LYS P 508 43.32 -9.52 4.72
CA LYS P 508 42.69 -8.95 3.53
C LYS P 508 43.69 -8.68 2.41
N ALA P 509 43.34 -7.74 1.52
CA ALA P 509 44.22 -7.22 0.47
C ALA P 509 44.47 -8.23 -0.64
N ALA P 510 44.50 -7.77 -1.88
CA ALA P 510 44.83 -8.63 -3.02
C ALA P 510 45.36 -7.72 -4.13
N ALA P 511 46.69 -7.70 -4.29
CA ALA P 511 47.33 -6.83 -5.26
C ALA P 511 47.30 -7.48 -6.64
N ALA P 512 46.69 -6.79 -7.60
CA ALA P 512 46.61 -7.29 -8.98
C ALA P 512 47.63 -6.61 -9.89
N ALA P 513 47.57 -5.29 -9.99
CA ALA P 513 48.49 -4.56 -10.87
C ALA P 513 49.88 -4.45 -10.27
N ALA P 514 49.99 -4.30 -8.95
CA ALA P 514 51.28 -4.14 -8.30
C ALA P 514 51.91 -5.50 -8.00
N ALA P 515 52.05 -6.34 -9.03
CA ALA P 515 52.65 -7.67 -8.88
C ALA P 515 53.55 -7.92 -10.08
N ALA P 516 54.86 -7.84 -9.86
CA ALA P 516 55.82 -8.10 -10.92
C ALA P 516 57.06 -8.76 -10.33
N ALA P 517 57.76 -9.53 -11.16
CA ALA P 517 58.97 -10.20 -10.70
C ALA P 517 60.08 -9.22 -10.36
N ALA P 518 60.24 -8.15 -11.16
CA ALA P 518 61.31 -7.20 -10.92
C ALA P 518 61.09 -6.43 -9.62
N ALA P 519 59.89 -5.87 -9.44
CA ALA P 519 59.58 -5.10 -8.25
C ALA P 519 58.08 -4.92 -8.15
N ALA P 520 57.63 -4.50 -6.97
CA ALA P 520 56.23 -4.23 -6.71
C ALA P 520 56.12 -2.80 -6.16
N ALA P 521 55.32 -1.97 -6.82
CA ALA P 521 55.13 -0.59 -6.41
C ALA P 521 53.81 -0.08 -6.96
N ALA P 522 53.46 1.14 -6.59
CA ALA P 522 52.22 1.76 -7.04
C ALA P 522 52.36 2.28 -8.47
N ALA P 523 72.97 24.71 12.67
CA ALA P 523 71.70 25.30 12.30
C ALA P 523 71.79 26.82 12.24
N ALA P 524 72.96 27.32 11.84
CA ALA P 524 73.23 28.74 11.71
C ALA P 524 72.95 29.48 13.02
N ALA P 525 72.00 30.41 13.00
CA ALA P 525 71.66 31.17 14.20
C ALA P 525 70.85 30.34 15.19
N ALA P 526 70.05 29.37 14.70
CA ALA P 526 69.22 28.56 15.58
C ALA P 526 70.05 27.65 16.48
N ALA P 527 71.29 27.34 16.10
CA ALA P 527 72.14 26.50 16.94
C ALA P 527 72.99 27.31 17.91
N ALA P 528 73.34 28.53 17.55
CA ALA P 528 74.16 29.39 18.40
C ALA P 528 73.34 30.32 19.28
N ALA P 529 72.02 30.38 19.09
CA ALA P 529 71.19 31.27 19.90
C ALA P 529 70.73 30.58 21.17
N ALA P 530 70.03 29.45 21.04
CA ALA P 530 69.51 28.73 22.18
C ALA P 530 69.38 27.26 21.82
N ALA P 531 68.81 26.48 22.73
CA ALA P 531 68.63 25.04 22.53
C ALA P 531 67.38 24.61 23.29
N ALA P 532 67.24 23.30 23.52
CA ALA P 532 66.12 22.72 24.24
C ALA P 532 64.79 23.04 23.55
N ALA P 533 64.66 22.56 22.32
CA ALA P 533 63.47 22.75 21.52
C ALA P 533 62.56 21.53 21.56
N ALA P 534 61.31 21.72 21.15
CA ALA P 534 60.33 20.65 21.14
C ALA P 534 60.39 19.91 19.79
N ALA P 535 59.41 19.05 19.54
CA ALA P 535 59.34 18.26 18.32
C ALA P 535 57.95 18.36 17.73
N ALA P 536 57.83 17.88 16.49
CA ALA P 536 56.57 17.87 15.74
C ALA P 536 56.01 19.28 15.55
N ALA P 537 54.80 19.38 15.02
CA ALA P 537 54.16 20.66 14.77
C ALA P 537 52.66 20.42 14.61
N ALA P 538 51.95 21.46 14.19
CA ALA P 538 50.51 21.39 13.95
C ALA P 538 50.12 21.63 12.51
N ALA P 539 50.65 22.68 11.88
CA ALA P 539 50.38 22.96 10.48
C ALA P 539 51.36 22.25 9.55
N ALA P 540 52.61 22.14 9.96
CA ALA P 540 53.63 21.45 9.19
C ALA P 540 53.82 20.03 9.72
N ALA P 541 54.46 19.20 8.90
CA ALA P 541 54.72 17.81 9.25
C ALA P 541 56.14 17.59 9.76
N ALA P 542 56.88 18.65 10.00
CA ALA P 542 58.25 18.58 10.48
C ALA P 542 58.32 19.09 11.92
N ALA P 543 59.52 19.01 12.50
CA ALA P 543 59.75 19.46 13.86
C ALA P 543 59.91 20.97 13.90
N ILE P 544 60.08 21.51 15.11
CA ILE P 544 60.28 22.94 15.32
C ILE P 544 61.47 23.12 16.23
N ASP P 545 62.46 23.92 15.79
CA ASP P 545 63.61 24.25 16.62
C ASP P 545 63.35 25.59 17.30
N ALA P 546 62.44 25.56 18.27
CA ALA P 546 62.04 26.77 18.98
C ALA P 546 63.10 27.22 19.96
N LYS P 547 63.99 28.12 19.52
CA LYS P 547 65.02 28.65 20.41
C LYS P 547 64.41 29.58 21.44
N TYR P 548 63.83 30.69 21.00
CA TYR P 548 63.11 31.59 21.89
C TYR P 548 61.63 31.66 21.56
N TYR P 549 61.27 32.05 20.34
CA TYR P 549 59.89 32.21 19.93
C TYR P 549 59.68 31.59 18.55
N ASN P 550 58.70 30.69 18.44
CA ASN P 550 58.33 30.07 17.17
C ASN P 550 59.55 29.42 16.49
N SER P 551 59.97 29.99 15.36
CA SER P 551 61.15 29.53 14.63
C SER P 551 61.03 28.05 14.24
N GLU P 552 60.06 27.80 13.38
CA GLU P 552 59.79 26.45 12.89
C GLU P 552 60.75 26.11 11.74
N LEU P 553 60.57 24.95 11.13
CA LEU P 553 61.39 24.50 10.00
C LEU P 553 60.68 24.86 8.71
N ALA P 554 60.91 26.10 8.23
CA ALA P 554 60.73 26.44 6.79
C ALA P 554 61.91 25.90 5.98
N ALA P 555 62.04 24.57 5.98
CA ALA P 555 63.12 23.90 5.28
C ALA P 555 62.69 22.46 5.01
N ALA P 556 63.66 21.63 4.62
CA ALA P 556 63.46 20.20 4.32
C ALA P 556 62.47 20.08 3.16
N ALA P 557 61.68 19.00 3.15
CA ALA P 557 60.71 18.77 2.10
C ALA P 557 59.29 19.19 2.46
N ALA P 558 59.02 19.43 3.75
CA ALA P 558 57.70 19.89 4.15
C ALA P 558 57.38 21.25 3.55
N ALA P 559 58.36 22.15 3.53
CA ALA P 559 58.14 23.46 2.93
C ALA P 559 57.86 23.34 1.43
N ALA P 560 58.60 22.48 0.74
CA ALA P 560 58.35 22.26 -0.68
C ALA P 560 56.96 21.68 -0.92
N ALA P 561 56.54 20.74 -0.08
CA ALA P 561 55.22 20.16 -0.22
C ALA P 561 54.13 21.19 0.03
N ALA P 562 54.30 22.05 1.04
CA ALA P 562 53.30 23.04 1.40
C ALA P 562 53.34 24.29 0.52
N ALA P 563 54.38 24.44 -0.31
CA ALA P 563 54.46 25.60 -1.19
C ALA P 563 53.39 25.59 -2.29
N ALA P 564 52.68 24.47 -2.47
CA ALA P 564 51.62 24.43 -3.46
C ALA P 564 50.46 25.36 -3.10
N ALA P 565 50.32 25.74 -1.84
CA ALA P 565 49.30 26.68 -1.42
C ALA P 565 49.84 28.06 -1.03
N ALA P 566 51.14 28.17 -0.77
CA ALA P 566 51.75 29.45 -0.43
C ALA P 566 53.21 29.39 -0.87
N ALA P 567 53.50 29.98 -2.03
CA ALA P 567 54.85 30.02 -2.57
C ALA P 567 55.51 31.39 -2.45
N ALA P 568 54.89 32.34 -1.77
CA ALA P 568 55.41 33.67 -1.62
C ALA P 568 56.05 33.84 -0.24
N ALA P 569 56.48 35.06 0.07
CA ALA P 569 57.10 35.39 1.35
C ALA P 569 58.33 34.53 1.62
N ALA P 570 59.11 34.26 0.57
CA ALA P 570 60.33 33.48 0.66
C ALA P 570 60.09 32.11 1.31
N ALA P 571 58.95 31.50 0.95
CA ALA P 571 58.56 30.19 1.48
C ALA P 571 58.52 30.21 3.00
N ALA P 572 57.98 31.29 3.57
CA ALA P 572 57.87 31.46 5.02
C ALA P 572 59.22 31.30 5.72
N SER Q 1 33.11 -45.59 31.31
CA SER Q 1 33.47 -45.70 29.90
C SER Q 1 32.79 -44.62 29.08
N CYS Q 2 33.02 -43.37 29.45
CA CYS Q 2 32.44 -42.23 28.74
C CYS Q 2 33.32 -41.86 27.55
N LYS Q 3 32.77 -42.00 26.34
CA LYS Q 3 33.52 -41.67 25.14
C LYS Q 3 33.77 -40.17 25.04
N ALA Q 4 34.96 -39.81 24.56
CA ALA Q 4 35.36 -38.41 24.46
C ALA Q 4 35.34 -37.85 23.04
N PHE Q 5 35.52 -38.69 22.04
CA PHE Q 5 35.52 -38.27 20.64
C PHE Q 5 34.37 -38.95 19.89
N GLN Q 6 34.35 -38.76 18.58
CA GLN Q 6 33.32 -39.39 17.76
C GLN Q 6 33.47 -40.90 17.77
N GLY Q 7 34.70 -41.41 17.71
CA GLY Q 7 34.94 -42.84 17.73
C GLY Q 7 36.00 -43.26 18.71
N GLN Q 8 36.59 -42.31 19.43
CA GLN Q 8 37.64 -42.58 20.40
C GLN Q 8 37.15 -42.22 21.80
N THR Q 9 37.33 -43.16 22.73
CA THR Q 9 36.90 -42.93 24.11
C THR Q 9 37.99 -42.21 24.90
N LEU Q 10 37.60 -41.71 26.07
CA LEU Q 10 38.53 -40.95 26.91
C LEU Q 10 39.62 -41.84 27.50
N ARG Q 11 39.31 -43.12 27.75
CA ARG Q 11 40.27 -44.04 28.33
C ARG Q 11 41.53 -44.12 27.49
N GLU Q 12 41.41 -44.61 26.26
CA GLU Q 12 42.56 -44.67 25.36
C GLU Q 12 43.07 -43.28 25.02
N HIS Q 13 42.22 -42.27 25.14
CA HIS Q 13 42.65 -40.89 24.92
C HIS Q 13 43.72 -40.47 25.93
N ILE Q 14 43.58 -40.89 27.19
CA ILE Q 14 44.56 -40.55 28.21
C ILE Q 14 45.91 -41.21 27.90
N GLU Q 15 45.89 -42.50 27.58
CA GLU Q 15 47.13 -43.18 27.23
C GLU Q 15 47.73 -42.66 25.94
N ALA Q 16 46.92 -42.10 25.04
CA ALA Q 16 47.47 -41.44 23.86
C ALA Q 16 48.31 -40.23 24.24
N MET Q 17 47.89 -39.47 25.25
CA MET Q 17 48.68 -38.34 25.73
C MET Q 17 49.91 -38.79 26.52
N LEU Q 18 49.77 -39.85 27.31
CA LEU Q 18 50.94 -40.37 28.03
C LEU Q 18 52.00 -40.89 27.05
N ALA Q 19 51.55 -41.58 25.99
CA ALA Q 19 52.45 -42.11 24.98
C ALA Q 19 53.04 -41.00 24.11
N ALA Q 20 52.39 -39.84 24.10
CA ALA Q 20 52.99 -38.66 23.49
C ALA Q 20 53.98 -37.98 24.42
N TRP Q 21 53.78 -38.08 25.72
CA TRP Q 21 54.50 -37.26 26.68
C TRP Q 21 55.72 -37.93 27.32
N GLU Q 22 55.88 -39.26 27.23
CA GLU Q 22 57.02 -39.86 27.94
C GLU Q 22 58.33 -39.28 27.45
N ILE Q 23 58.35 -38.75 26.21
CA ILE Q 23 59.56 -38.16 25.66
C ILE Q 23 59.60 -36.65 25.81
N VAL Q 24 58.45 -35.99 26.00
CA VAL Q 24 58.44 -34.54 26.13
C VAL Q 24 58.95 -34.10 27.49
N LYS Q 25 58.94 -34.99 28.48
CA LYS Q 25 59.34 -34.62 29.83
C LYS Q 25 60.81 -34.20 29.88
N ASN Q 26 61.65 -34.74 29.00
CA ASN Q 26 63.07 -34.48 29.03
C ASN Q 26 63.44 -33.28 28.14
N LYS Q 27 62.47 -32.44 27.82
CA LYS Q 27 62.73 -31.26 27.00
C LYS Q 27 62.20 -29.97 27.62
N TYR Q 28 61.06 -30.02 28.31
CA TYR Q 28 60.39 -28.83 28.79
C TYR Q 28 60.50 -28.61 30.29
N ILE Q 29 60.60 -29.68 31.07
CA ILE Q 29 60.59 -29.54 32.53
C ILE Q 29 61.75 -28.70 33.05
N PRO Q 30 63.00 -28.94 32.66
CA PRO Q 30 64.07 -28.01 33.06
C PRO Q 30 63.86 -26.60 32.53
N SER Q 31 63.14 -26.46 31.42
CA SER Q 31 62.81 -25.15 30.86
C SER Q 31 61.53 -24.57 31.43
N ILE Q 32 60.67 -25.39 32.05
CA ILE Q 32 59.45 -24.86 32.64
C ILE Q 32 59.66 -24.48 34.10
N ILE Q 33 60.59 -25.13 34.80
CA ILE Q 33 60.87 -24.78 36.19
C ILE Q 33 61.44 -23.37 36.28
N ARG Q 34 62.39 -23.04 35.40
CA ARG Q 34 63.06 -21.75 35.46
C ARG Q 34 62.13 -20.58 35.20
N VAL Q 35 61.04 -20.79 34.46
CA VAL Q 35 60.04 -19.76 34.26
C VAL Q 35 58.91 -19.84 35.30
N MET Q 36 58.66 -21.02 35.88
CA MET Q 36 57.67 -21.12 36.95
C MET Q 36 58.16 -20.44 38.23
N LYS Q 37 59.47 -20.46 38.47
CA LYS Q 37 60.00 -19.92 39.73
C LYS Q 37 59.67 -18.45 39.94
N THR Q 38 59.13 -17.75 38.94
CA THR Q 38 58.81 -16.34 39.09
C THR Q 38 57.60 -16.09 39.98
N VAL Q 39 56.75 -17.09 40.19
CA VAL Q 39 55.52 -16.88 40.95
C VAL Q 39 55.75 -16.93 42.46
N GLY Q 40 56.81 -17.59 42.91
CA GLY Q 40 57.11 -17.64 44.32
C GLY Q 40 57.30 -19.05 44.86
N VAL Q 41 56.52 -20.00 44.36
CA VAL Q 41 56.64 -21.39 44.78
C VAL Q 41 57.76 -22.05 44.00
N LYS Q 42 58.52 -22.92 44.66
CA LYS Q 42 59.67 -23.57 44.05
C LYS Q 42 59.70 -25.03 44.46
N PHE Q 43 60.01 -25.91 43.50
CA PHE Q 43 60.22 -27.32 43.79
C PHE Q 43 61.13 -27.90 42.72
N THR Q 44 61.61 -29.11 42.98
CA THR Q 44 62.54 -29.77 42.08
C THR Q 44 61.79 -30.34 40.88
N GLU Q 45 62.54 -31.03 40.00
CA GLU Q 45 61.94 -31.61 38.81
C GLU Q 45 61.00 -32.75 39.14
N GLU Q 46 61.22 -33.43 40.27
CA GLU Q 46 60.35 -34.54 40.65
C GLU Q 46 58.93 -34.06 40.92
N ASP Q 47 58.77 -32.93 41.62
CA ASP Q 47 57.45 -32.39 41.86
C ASP Q 47 56.83 -31.84 40.57
N ALA Q 48 57.66 -31.27 39.70
CA ALA Q 48 57.16 -30.82 38.41
C ALA Q 48 56.64 -31.98 37.56
N ASP Q 49 57.25 -33.16 37.71
CA ASP Q 49 56.75 -34.35 37.03
C ASP Q 49 55.29 -34.61 37.41
N LYS Q 50 55.01 -34.66 38.71
CA LYS Q 50 53.65 -34.93 39.16
C LYS Q 50 52.72 -33.78 38.82
N PHE Q 51 53.22 -32.55 38.84
CA PHE Q 51 52.40 -31.40 38.46
C PHE Q 51 51.93 -31.52 37.01
N MET Q 52 52.88 -31.76 36.10
CA MET Q 52 52.51 -31.87 34.69
C MET Q 52 51.64 -33.10 34.45
N LYS Q 53 51.88 -34.18 35.20
CA LYS Q 53 51.01 -35.35 35.10
C LYS Q 53 49.59 -35.03 35.53
N THR Q 54 49.43 -34.28 36.63
CA THR Q 54 48.09 -33.90 37.07
C THR Q 54 47.40 -32.98 36.07
N LEU Q 55 48.18 -32.11 35.42
CA LEU Q 55 47.57 -31.24 34.42
C LEU Q 55 47.17 -32.03 33.17
N ILE Q 56 48.00 -32.97 32.72
CA ILE Q 56 47.70 -33.71 31.50
C ILE Q 56 46.55 -34.69 31.74
N ILE Q 57 46.46 -35.24 32.96
CA ILE Q 57 45.45 -36.25 33.23
C ILE Q 57 44.05 -35.63 33.24
N LEU Q 58 43.91 -34.43 33.78
CA LEU Q 58 42.65 -33.68 33.76
C LEU Q 58 42.85 -32.42 32.93
N HIS Q 59 42.52 -32.49 31.64
CA HIS Q 59 42.55 -31.32 30.78
C HIS Q 59 41.19 -31.12 30.12
N ASP Q 60 40.49 -32.22 29.83
CA ASP Q 60 39.17 -32.17 29.20
C ASP Q 60 38.23 -33.15 29.88
N VAL Q 61 38.28 -33.20 31.21
CA VAL Q 61 37.40 -34.10 31.96
C VAL Q 61 35.95 -33.65 31.91
N GLY Q 62 35.69 -32.41 31.52
CA GLY Q 62 34.34 -31.90 31.43
C GLY Q 62 33.57 -32.34 30.21
N LYS Q 63 34.15 -33.19 29.37
CA LYS Q 63 33.48 -33.69 28.17
C LYS Q 63 32.37 -34.69 28.47
N CYS Q 64 32.24 -35.13 29.72
CA CYS Q 64 31.18 -36.05 30.14
C CYS Q 64 30.30 -35.32 31.15
N SER Q 65 29.35 -34.54 30.64
CA SER Q 65 28.42 -33.78 31.47
C SER Q 65 27.03 -33.83 30.88
N GLU Q 66 26.65 -35.00 30.34
CA GLU Q 66 25.34 -35.24 29.71
C GLU Q 66 24.94 -34.12 28.74
N VAL Q 67 25.94 -33.46 28.16
CA VAL Q 67 25.74 -32.42 27.16
C VAL Q 67 26.52 -32.73 25.88
N TYR Q 68 27.82 -33.00 26.02
CA TYR Q 68 28.61 -33.40 24.87
C TYR Q 68 28.12 -34.73 24.29
N GLN Q 69 27.74 -35.66 25.17
CA GLN Q 69 27.24 -36.95 24.70
C GLN Q 69 25.94 -36.80 23.92
N LYS Q 70 25.03 -35.94 24.38
CA LYS Q 70 23.77 -35.74 23.68
C LYS Q 70 23.92 -34.88 22.43
N HIS Q 71 25.07 -34.23 22.24
CA HIS Q 71 25.35 -33.44 21.04
C HIS Q 71 26.09 -34.25 19.99
N LEU Q 72 27.14 -34.97 20.38
CA LEU Q 72 27.92 -35.77 19.46
C LEU Q 72 27.32 -37.14 19.22
N SER Q 73 26.03 -37.34 19.48
CA SER Q 73 25.41 -38.64 19.30
C SER Q 73 25.33 -39.00 17.82
N ASN Q 74 24.53 -38.27 17.06
CA ASN Q 74 24.50 -38.45 15.61
C ASN Q 74 24.90 -37.19 14.85
N ASN Q 75 24.15 -36.08 15.01
CA ASN Q 75 24.49 -34.87 14.27
C ASN Q 75 24.20 -33.58 15.03
N GLU Q 76 23.94 -33.64 16.33
CA GLU Q 76 23.46 -32.46 17.05
C GLU Q 76 24.58 -31.43 17.17
N PRO Q 77 24.35 -30.18 16.80
CA PRO Q 77 25.38 -29.14 16.94
C PRO Q 77 25.61 -28.78 18.40
N LEU Q 78 26.80 -28.26 18.66
CA LEU Q 78 27.15 -27.85 20.02
C LEU Q 78 26.41 -26.59 20.47
N ARG Q 79 25.93 -25.79 19.52
CA ARG Q 79 25.24 -24.53 19.82
C ARG Q 79 26.09 -23.62 20.70
N GLY Q 80 27.38 -23.55 20.39
CA GLY Q 80 28.28 -22.71 21.15
C GLY Q 80 28.50 -23.14 22.58
N PHE Q 81 28.54 -24.45 22.84
CA PHE Q 81 28.79 -24.95 24.18
C PHE Q 81 30.28 -25.13 24.41
N ARG Q 82 30.71 -24.87 25.64
CA ARG Q 82 32.09 -25.06 26.05
C ARG Q 82 32.13 -26.25 27.01
N HIS Q 83 32.92 -27.27 26.66
CA HIS Q 83 32.92 -28.52 27.40
C HIS Q 83 33.93 -28.53 28.54
N GLU Q 84 35.01 -27.77 28.44
CA GLU Q 84 36.15 -27.92 29.33
C GLU Q 84 36.22 -26.87 30.44
N LEU Q 85 35.41 -25.81 30.37
CA LEU Q 85 35.50 -24.77 31.39
C LEU Q 85 35.17 -25.31 32.77
N VAL Q 86 34.18 -26.20 32.86
CA VAL Q 86 33.84 -26.81 34.14
C VAL Q 86 35.02 -27.61 34.69
N SER Q 87 35.83 -28.18 33.79
CA SER Q 87 37.02 -28.91 34.22
C SER Q 87 37.91 -28.03 35.07
N ALA Q 88 37.88 -26.71 34.83
CA ALA Q 88 38.65 -25.78 35.63
C ALA Q 88 38.32 -25.92 37.11
N TYR Q 89 37.03 -25.96 37.44
CA TYR Q 89 36.67 -26.10 38.86
C TYR Q 89 37.05 -27.47 39.39
N TYR Q 90 37.21 -28.46 38.51
CA TYR Q 90 37.78 -29.74 38.93
C TYR Q 90 39.28 -29.62 39.16
N ALA Q 91 39.96 -28.76 38.41
CA ALA Q 91 41.40 -28.62 38.53
C ALA Q 91 41.81 -27.59 39.57
N TYR Q 92 40.86 -26.95 40.25
CA TYR Q 92 41.19 -25.96 41.27
C TYR Q 92 41.39 -26.61 42.63
N ASN Q 93 40.42 -27.41 43.07
CA ASN Q 93 40.51 -28.02 44.40
C ASN Q 93 41.51 -29.17 44.45
N ILE Q 94 41.69 -29.90 43.36
CA ILE Q 94 42.59 -31.06 43.36
C ILE Q 94 44.02 -30.63 43.65
N LEU Q 95 44.43 -29.47 43.12
CA LEU Q 95 45.76 -28.96 43.42
C LEU Q 95 45.84 -28.28 44.78
N LYS Q 96 44.69 -27.97 45.38
CA LYS Q 96 44.68 -27.35 46.70
C LYS Q 96 45.15 -28.32 47.79
N ASP Q 97 44.83 -29.60 47.66
CA ASP Q 97 45.09 -30.56 48.71
C ASP Q 97 46.40 -31.32 48.53
N MET Q 98 46.85 -31.55 47.29
CA MET Q 98 48.07 -32.32 47.07
C MET Q 98 49.32 -31.44 47.01
N PHE Q 99 49.17 -30.13 46.87
CA PHE Q 99 50.27 -29.20 47.06
C PHE Q 99 50.19 -28.40 48.36
N LYS Q 100 49.01 -28.36 48.99
CA LYS Q 100 48.80 -27.64 50.24
C LYS Q 100 49.15 -26.15 50.11
N ASP Q 101 48.75 -25.55 49.00
CA ASP Q 101 48.94 -24.11 48.79
C ASP Q 101 47.91 -23.64 47.77
N GLU Q 102 48.06 -22.38 47.32
CA GLU Q 102 47.13 -21.79 46.37
C GLU Q 102 47.85 -21.19 45.17
N THR Q 103 49.09 -20.73 45.39
CA THR Q 103 49.82 -20.04 44.34
C THR Q 103 50.14 -20.95 43.15
N ILE Q 104 50.20 -22.27 43.38
CA ILE Q 104 50.40 -23.20 42.27
C ILE Q 104 49.10 -23.85 41.83
N ALA Q 105 48.06 -23.82 42.66
CA ALA Q 105 46.75 -24.32 42.26
C ALA Q 105 46.02 -23.35 41.34
N PHE Q 106 46.28 -22.04 41.48
CA PHE Q 106 45.63 -21.05 40.64
C PHE Q 106 46.09 -21.17 39.18
N ILE Q 107 47.40 -21.29 38.97
CA ILE Q 107 47.92 -21.38 37.61
C ILE Q 107 47.44 -22.66 36.93
N GLY Q 108 47.30 -23.75 37.68
CA GLY Q 108 46.75 -24.96 37.09
C GLY Q 108 45.31 -24.79 36.65
N ALA Q 109 44.49 -24.18 37.50
CA ALA Q 109 43.09 -23.92 37.16
C ALA Q 109 42.96 -22.97 35.98
N LEU Q 110 43.94 -22.11 35.75
CA LEU Q 110 43.92 -21.30 34.53
C LEU Q 110 44.39 -22.08 33.30
N VAL Q 111 45.51 -22.79 33.38
CA VAL Q 111 46.04 -23.48 32.20
C VAL Q 111 45.10 -24.58 31.75
N VAL Q 112 44.32 -25.14 32.67
CA VAL Q 112 43.41 -26.22 32.29
C VAL Q 112 42.28 -25.72 31.41
N MET Q 113 42.01 -24.42 31.40
CA MET Q 113 40.94 -23.85 30.59
C MET Q 113 41.42 -22.71 29.68
N MET Q 114 42.74 -22.56 29.55
CA MET Q 114 43.33 -21.79 28.46
C MET Q 114 43.42 -22.55 27.14
N HIS Q 115 43.09 -23.84 27.10
CA HIS Q 115 43.24 -24.60 25.87
C HIS Q 115 41.94 -24.57 25.07
N HIS Q 116 41.89 -25.35 24.00
CA HIS Q 116 40.71 -25.46 23.13
C HIS Q 116 40.31 -24.10 22.57
N GLU Q 117 39.37 -23.43 23.22
CA GLU Q 117 38.96 -22.08 22.83
C GLU Q 117 38.94 -21.20 24.07
N PRO Q 118 39.96 -20.37 24.28
CA PRO Q 118 39.98 -19.51 25.47
C PRO Q 118 38.89 -18.46 25.43
N ILE Q 119 38.55 -17.90 26.58
CA ILE Q 119 37.51 -16.88 26.70
C ILE Q 119 38.11 -15.53 26.37
N LEU Q 120 37.38 -14.72 25.63
CA LEU Q 120 37.83 -13.39 25.22
C LEU Q 120 37.26 -12.36 26.19
N MET Q 121 38.14 -11.70 26.94
CA MET Q 121 37.72 -10.77 27.98
C MET Q 121 37.55 -9.37 27.40
N GLY Q 122 36.52 -9.23 26.58
CA GLY Q 122 36.15 -7.93 26.05
C GLY Q 122 37.15 -7.38 25.03
N GLN Q 123 37.03 -6.07 24.82
CA GLN Q 123 37.93 -5.30 23.96
C GLN Q 123 37.97 -5.84 22.54
N ILE Q 124 36.82 -5.79 21.88
CA ILE Q 124 36.67 -6.22 20.51
C ILE Q 124 36.57 -4.98 19.61
N ARG Q 125 36.96 -5.13 18.35
CA ARG Q 125 36.96 -3.97 17.45
C ARG Q 125 35.56 -3.70 16.89
N SER Q 126 35.08 -4.58 16.01
CA SER Q 126 33.72 -4.46 15.50
C SER Q 126 33.05 -5.80 15.23
N LEU Q 127 33.72 -6.93 15.41
CA LEU Q 127 33.20 -8.19 14.91
C LEU Q 127 33.91 -9.34 15.58
N ASP Q 128 33.25 -10.50 15.58
CA ASP Q 128 33.84 -11.76 16.06
C ASP Q 128 33.15 -12.90 15.32
N LYS Q 129 33.84 -13.45 14.32
CA LYS Q 129 33.28 -14.57 13.57
C LYS Q 129 33.11 -15.80 14.46
N GLU Q 130 34.05 -16.06 15.35
CA GLU Q 130 34.00 -17.22 16.23
C GLU Q 130 33.07 -16.91 17.41
N GLU Q 131 33.07 -17.79 18.41
CA GLU Q 131 32.14 -17.71 19.54
C GLU Q 131 32.87 -17.50 20.87
N LEU Q 132 34.00 -16.82 20.86
CA LEU Q 132 34.73 -16.50 22.10
C LEU Q 132 34.00 -15.35 22.79
N THR Q 133 32.92 -15.71 23.49
CA THR Q 133 32.05 -14.73 24.14
C THR Q 133 31.53 -15.28 25.46
N PRO Q 134 31.79 -14.59 26.58
CA PRO Q 134 31.22 -15.05 27.86
C PRO Q 134 29.71 -15.00 27.90
N GLU Q 135 29.08 -14.04 27.22
CA GLU Q 135 27.63 -13.90 27.29
C GLU Q 135 26.92 -15.10 26.66
N VAL Q 136 27.44 -15.60 25.54
CA VAL Q 136 26.77 -16.73 24.89
C VAL Q 136 27.13 -18.05 25.55
N VAL Q 137 28.27 -18.15 26.23
CA VAL Q 137 28.60 -19.39 26.92
C VAL Q 137 27.95 -19.47 28.28
N LEU Q 138 27.58 -18.34 28.88
CA LEU Q 138 26.81 -18.39 30.12
C LEU Q 138 25.45 -19.03 29.89
N ASP Q 139 24.84 -18.78 28.73
CA ASP Q 139 23.55 -19.40 28.42
C ASP Q 139 23.67 -20.92 28.36
N LYS Q 140 24.73 -21.42 27.73
CA LYS Q 140 24.95 -22.86 27.67
C LYS Q 140 25.42 -23.43 29.00
N LEU Q 141 25.98 -22.59 29.87
CA LEU Q 141 26.33 -23.02 31.23
C LEU Q 141 25.09 -23.14 32.10
N ARG Q 142 24.08 -22.30 31.87
CA ARG Q 142 22.88 -22.30 32.71
C ARG Q 142 22.16 -23.64 32.72
N THR Q 143 22.34 -24.47 31.70
CA THR Q 143 21.68 -25.76 31.64
C THR Q 143 22.47 -26.87 32.33
N PHE Q 144 23.62 -26.55 32.93
CA PHE Q 144 24.42 -27.56 33.61
C PHE Q 144 23.75 -28.00 34.91
N ASN Q 145 22.99 -29.09 34.85
CA ASN Q 145 22.33 -29.64 36.03
C ASN Q 145 23.17 -30.75 36.65
N GLY Q 146 24.41 -30.39 37.02
CA GLY Q 146 25.30 -31.33 37.64
C GLY Q 146 25.97 -32.27 36.65
N VAL Q 147 26.52 -33.35 37.20
CA VAL Q 147 27.24 -34.36 36.43
C VAL Q 147 26.73 -35.73 36.86
N MET Q 148 26.87 -36.71 35.97
CA MET Q 148 26.34 -38.03 36.25
C MET Q 148 27.12 -38.72 37.37
N GLU Q 149 26.46 -39.68 38.02
CA GLU Q 149 27.12 -40.44 39.08
C GLU Q 149 28.25 -41.30 38.55
N GLY Q 150 28.22 -41.64 37.25
CA GLY Q 150 29.27 -42.46 36.67
C GLY Q 150 30.65 -41.86 36.75
N THR Q 151 30.75 -40.53 36.73
CA THR Q 151 32.01 -39.84 36.89
C THR Q 151 32.32 -39.50 38.34
N GLU Q 152 31.43 -39.84 39.28
CA GLU Q 152 31.70 -39.56 40.68
C GLU Q 152 32.89 -40.37 41.20
N SER Q 153 32.87 -41.68 40.96
CA SER Q 153 34.00 -42.54 41.32
C SER Q 153 34.99 -42.70 40.18
N PHE Q 154 34.60 -42.32 38.96
CA PHE Q 154 35.49 -42.47 37.81
C PHE Q 154 36.77 -41.66 37.98
N ILE Q 155 36.70 -40.51 38.66
CA ILE Q 155 37.89 -39.70 38.89
C ILE Q 155 38.89 -40.44 39.76
N LYS Q 156 38.44 -41.42 40.54
CA LYS Q 156 39.36 -42.24 41.31
C LYS Q 156 40.04 -43.32 40.47
N SER Q 157 39.66 -43.47 39.21
CA SER Q 157 40.07 -44.61 38.40
C SER Q 157 41.33 -44.35 37.57
N MET Q 158 41.77 -43.10 37.42
CA MET Q 158 43.00 -42.85 36.70
C MET Q 158 44.11 -42.24 37.54
N ILE Q 159 43.80 -41.67 38.70
CA ILE Q 159 44.86 -41.09 39.54
C ILE Q 159 45.56 -42.16 40.38
N LYS Q 160 44.83 -43.20 40.79
CA LYS Q 160 45.45 -44.27 41.58
C LYS Q 160 46.20 -45.27 40.73
N GLU Q 161 45.84 -45.39 39.45
CA GLU Q 161 46.43 -46.43 38.60
C GLU Q 161 47.82 -46.09 38.11
N LYS Q 162 48.26 -44.83 38.20
CA LYS Q 162 49.58 -44.44 37.71
C LYS Q 162 50.50 -44.02 38.85
N LEU Q 163 50.12 -43.04 39.66
CA LEU Q 163 50.95 -42.61 40.78
C LEU Q 163 50.26 -42.82 42.13
N GLY Q 164 49.13 -42.15 42.37
CA GLY Q 164 48.42 -42.29 43.63
C GLY Q 164 48.83 -41.23 44.63
N VAL Q 165 47.93 -40.29 44.93
CA VAL Q 165 48.23 -39.25 45.91
C VAL Q 165 47.17 -39.24 47.01
N ILE Q 166 45.93 -38.94 46.64
CA ILE Q 166 44.83 -38.82 47.61
C ILE Q 166 43.51 -38.84 46.86
N PRO Q 167 42.49 -39.55 47.35
CA PRO Q 167 41.18 -39.52 46.69
C PRO Q 167 40.35 -38.33 47.17
N LYS Q 168 39.86 -37.54 46.21
CA LYS Q 168 39.01 -36.39 46.52
C LYS Q 168 38.32 -35.92 45.25
N VAL Q 169 37.01 -35.72 45.34
CA VAL Q 169 36.22 -35.23 44.21
C VAL Q 169 35.23 -34.18 44.69
N PRO Q 170 34.92 -33.17 43.87
CA PRO Q 170 33.89 -32.19 44.24
C PRO Q 170 32.50 -32.59 43.76
N SER Q 171 31.48 -31.76 44.04
CA SER Q 171 30.09 -32.08 43.74
C SER Q 171 29.39 -30.89 43.08
N PRO Q 172 29.59 -30.70 41.77
CA PRO Q 172 28.97 -29.56 41.08
C PRO Q 172 27.46 -29.73 40.97
N THR Q 173 26.71 -28.71 41.43
CA THR Q 173 25.28 -28.67 41.13
C THR Q 173 24.90 -27.47 40.28
N GLN Q 174 25.04 -26.24 40.80
CA GLN Q 174 24.78 -25.07 39.97
C GLN Q 174 25.77 -23.92 40.18
N GLU Q 175 26.26 -23.70 41.40
CA GLU Q 175 26.86 -22.42 41.78
C GLU Q 175 28.30 -22.53 42.25
N ASP Q 176 28.71 -23.69 42.77
CA ASP Q 176 30.11 -23.87 43.16
C ASP Q 176 31.02 -23.75 41.96
N VAL Q 177 30.59 -24.25 40.80
CA VAL Q 177 31.33 -24.02 39.57
C VAL Q 177 31.29 -22.54 39.18
N LEU Q 178 30.15 -21.88 39.43
CA LEU Q 178 30.01 -20.48 39.04
C LEU Q 178 31.02 -19.58 39.75
N ARG Q 179 30.98 -19.56 41.08
CA ARG Q 179 31.78 -18.57 41.78
C ARG Q 179 33.26 -18.94 41.81
N GLU Q 180 33.62 -20.08 41.22
CA GLU Q 180 35.02 -20.45 41.02
C GLU Q 180 35.48 -20.10 39.62
N VAL Q 181 34.71 -20.45 38.59
CA VAL Q 181 35.11 -20.12 37.22
C VAL Q 181 35.10 -18.61 37.02
N ILE Q 182 34.28 -17.89 37.78
CA ILE Q 182 34.31 -16.43 37.67
C ILE Q 182 35.47 -15.85 38.47
N ARG Q 183 35.73 -16.39 39.67
CA ARG Q 183 36.77 -15.82 40.52
C ARG Q 183 38.15 -16.05 39.92
N LEU Q 184 38.39 -17.22 39.30
CA LEU Q 184 39.70 -17.46 38.72
C LEU Q 184 39.97 -16.49 37.57
N SER Q 185 38.97 -16.26 36.72
CA SER Q 185 39.14 -15.34 35.60
C SER Q 185 39.34 -13.92 36.10
N VAL Q 186 38.54 -13.49 37.08
CA VAL Q 186 38.65 -12.11 37.55
C VAL Q 186 39.98 -11.89 38.28
N LEU Q 187 40.51 -12.91 38.96
CA LEU Q 187 41.80 -12.77 39.60
C LEU Q 187 42.93 -12.80 38.60
N ALA Q 188 42.82 -13.61 37.54
CA ALA Q 188 43.86 -13.66 36.52
C ALA Q 188 43.90 -12.40 35.66
N ARG Q 189 42.76 -11.76 35.42
CA ARG Q 189 42.74 -10.59 34.56
C ARG Q 189 43.39 -9.36 35.17
N HIS Q 190 43.18 -9.10 36.45
CA HIS Q 190 43.61 -7.86 37.09
C HIS Q 190 44.53 -8.18 38.28
N ARG Q 191 45.83 -8.07 38.07
CA ARG Q 191 46.84 -8.23 39.09
C ARG Q 191 47.98 -7.26 38.78
N PRO Q 192 48.80 -6.92 39.79
CA PRO Q 192 49.90 -5.98 39.54
C PRO Q 192 50.85 -6.42 38.45
N ASP Q 193 51.16 -7.71 38.34
CA ASP Q 193 52.00 -8.20 37.26
C ASP Q 193 51.21 -8.17 35.96
N SER Q 194 51.79 -7.53 34.94
CA SER Q 194 51.06 -7.32 33.69
C SER Q 194 51.13 -8.55 32.78
N GLY Q 195 52.33 -8.92 32.37
CA GLY Q 195 52.48 -9.95 31.35
C GLY Q 195 52.83 -11.33 31.84
N LYS Q 196 53.12 -11.48 33.14
CA LYS Q 196 53.49 -12.79 33.66
C LYS Q 196 52.32 -13.76 33.58
N LEU Q 197 51.14 -13.32 34.03
CA LEU Q 197 49.92 -14.13 34.01
C LEU Q 197 49.45 -14.43 32.60
N ARG Q 198 50.21 -14.02 31.59
CA ARG Q 198 50.00 -14.43 30.21
C ARG Q 198 51.12 -15.33 29.70
N MET Q 199 52.37 -14.89 29.82
CA MET Q 199 53.46 -15.67 29.25
C MET Q 199 53.67 -16.98 30.02
N VAL Q 200 53.59 -16.94 31.36
CA VAL Q 200 53.79 -18.18 32.12
C VAL Q 200 52.62 -19.13 31.92
N VAL Q 201 51.39 -18.61 31.86
CA VAL Q 201 50.25 -19.49 31.64
C VAL Q 201 50.32 -20.13 30.27
N GLY Q 202 50.74 -19.38 29.24
CA GLY Q 202 51.00 -19.99 27.95
C GLY Q 202 52.14 -20.98 27.95
N ALA Q 203 53.19 -20.71 28.73
CA ALA Q 203 54.31 -21.64 28.83
C ALA Q 203 53.86 -22.97 29.41
N LEU Q 204 52.99 -22.92 30.42
CA LEU Q 204 52.42 -24.16 30.94
C LEU Q 204 51.46 -24.79 29.95
N LEU Q 205 50.78 -23.97 29.14
CA LEU Q 205 49.87 -24.50 28.11
C LEU Q 205 50.63 -25.29 27.06
N ILE Q 206 51.81 -24.82 26.66
CA ILE Q 206 52.47 -25.37 25.46
C ILE Q 206 52.68 -26.88 25.54
N PRO Q 207 53.21 -27.46 26.61
CA PRO Q 207 53.36 -28.92 26.64
C PRO Q 207 52.04 -29.68 26.72
N LEU Q 208 50.96 -29.02 27.12
CA LEU Q 208 49.67 -29.68 27.25
C LEU Q 208 48.97 -29.90 25.92
N VAL Q 209 49.35 -29.18 24.87
CA VAL Q 209 48.66 -29.22 23.59
C VAL Q 209 49.38 -30.12 22.58
N CYS Q 210 50.16 -31.08 23.06
CA CYS Q 210 50.76 -32.10 22.19
C CYS Q 210 49.78 -33.20 21.82
N ASP Q 211 48.48 -32.94 22.01
CA ASP Q 211 47.43 -33.93 21.75
C ASP Q 211 47.23 -34.23 20.28
N TYR Q 212 47.80 -33.42 19.38
CA TYR Q 212 47.56 -33.62 17.95
C TYR Q 212 48.05 -34.99 17.49
N LYS Q 213 49.22 -35.41 17.96
CA LYS Q 213 49.69 -36.76 17.65
C LYS Q 213 48.88 -37.82 18.39
N GLY Q 214 48.32 -37.47 19.54
CA GLY Q 214 47.51 -38.42 20.28
C GLY Q 214 46.22 -38.78 19.58
N ALA Q 215 45.54 -37.78 19.01
CA ALA Q 215 44.28 -37.99 18.33
C ALA Q 215 44.50 -38.03 16.82
N ALA Q 216 43.39 -38.13 16.07
CA ALA Q 216 43.47 -38.16 14.62
C ALA Q 216 43.85 -36.79 14.06
N ALA Q 217 44.62 -36.81 12.98
CA ALA Q 217 45.03 -35.58 12.32
C ALA Q 217 43.85 -34.92 11.60
N ALA Q 218 43.87 -33.60 11.57
CA ALA Q 218 42.80 -32.84 10.93
C ALA Q 218 43.29 -31.72 10.04
N ALA Q 219 44.60 -31.49 9.93
CA ALA Q 219 45.15 -30.44 9.09
C ALA Q 219 46.32 -30.98 8.29
N ALA Q 220 46.58 -30.34 7.15
CA ALA Q 220 47.66 -30.76 6.27
C ALA Q 220 49.02 -30.32 6.75
N ALA Q 221 49.08 -29.36 7.68
CA ALA Q 221 50.36 -28.87 8.20
C ALA Q 221 50.79 -29.64 9.44
N ALA Q 222 50.83 -30.97 9.33
CA ALA Q 222 51.25 -31.81 10.45
C ALA Q 222 52.77 -31.89 10.57
N ALA Q 223 53.49 -31.71 9.45
CA ALA Q 223 54.94 -31.76 9.51
C ALA Q 223 55.51 -30.64 10.37
N ALA Q 224 54.96 -29.43 10.23
CA ALA Q 224 55.40 -28.30 11.03
C ALA Q 224 54.79 -28.29 12.43
N ALA Q 225 53.77 -29.11 12.68
CA ALA Q 225 53.14 -29.19 13.98
C ALA Q 225 53.82 -30.19 14.92
N ALA Q 226 54.86 -30.88 14.44
CA ALA Q 226 55.57 -31.86 15.26
C ALA Q 226 57.08 -31.66 15.16
N ALA Q 227 57.52 -30.41 15.05
CA ALA Q 227 58.94 -30.13 14.97
C ALA Q 227 59.67 -30.52 16.26
N ALA Q 228 59.04 -30.25 17.40
CA ALA Q 228 59.63 -30.56 18.71
C ALA Q 228 59.32 -31.96 19.18
N ALA Q 229 58.59 -32.76 18.39
CA ALA Q 229 58.26 -34.12 18.81
C ALA Q 229 59.50 -35.01 18.87
N ALA Q 230 60.54 -34.68 18.11
CA ALA Q 230 61.76 -35.45 18.07
C ALA Q 230 62.81 -34.81 18.98
N ALA Q 231 64.00 -35.37 18.99
CA ALA Q 231 65.10 -34.87 19.80
C ALA Q 231 66.37 -34.92 18.97
N ALA Q 232 67.51 -34.59 19.61
CA ALA Q 232 68.79 -34.58 18.93
C ALA Q 232 69.32 -36.01 18.80
N ALA Q 233 70.46 -36.14 18.12
CA ALA Q 233 71.08 -37.44 17.92
C ALA Q 233 71.68 -37.94 19.23
N ALA Q 234 71.41 -39.21 19.55
CA ALA Q 234 71.95 -39.80 20.77
C ALA Q 234 73.36 -40.35 20.56
N ALA Q 235 73.51 -41.25 19.59
CA ALA Q 235 74.81 -41.84 19.29
C ALA Q 235 74.88 -42.08 17.79
N ALA Q 236 75.92 -42.81 17.37
CA ALA Q 236 76.12 -43.12 15.96
C ALA Q 236 75.43 -44.41 15.54
N ALA Q 237 75.52 -45.45 16.37
CA ALA Q 237 74.90 -46.73 16.06
C ALA Q 237 73.39 -46.69 16.31
NI NI T . 41.27 -31.90 24.11
NI NI U . 41.90 -32.78 24.98
#